data_1R4N
#
_entry.id   1R4N
#
_cell.length_a   135.000
_cell.length_b   197.900
_cell.length_c   211.000
_cell.angle_alpha   90.00
_cell.angle_beta   90.00
_cell.angle_gamma   90.00
#
_symmetry.space_group_name_H-M   'P 21 21 21'
#
loop_
_entity.id
_entity.type
_entity.pdbx_description
1 polymer 'amyloid beta precursor protein-binding protein 1'
2 polymer 'ubiquitin-activating enzyme E1C'
3 polymer 'Ubiquitin-like protein NEDD8'
4 non-polymer "ADENOSINE-5'-TRIPHOSPHATE"
5 non-polymer 'ZINC ION'
#
loop_
_entity_poly.entity_id
_entity_poly.type
_entity_poly.pdbx_seq_one_letter_code
_entity_poly.pdbx_strand_id
1 'polypeptide(L)'
;MAQLGKLLKEQKYDRQLRLWGDHGQEALESAHVCLINATATGTEILKNLVLPGIGSFTIIDGNQVSGEDAGNNFFLQRSS
IGKNRAEAAMEFLQELNSDVSGSFVEESPENLLDNDPSFFCRFTVVVATQLPESTSLRLADVLWNSQIPLLICRTYGLVG
YMRIIIKEHPVIESHPDNALEDLRLDKPFPELREHFQSYDLDHMEKKDHSHTPWIVIIAKYLAQWYSETNGRIPKTYKEK
EDFRDLIRQGILKPEDEENFEEAIKNVNTALNTTQIPSSIEDIFNDDRCINITKQTPSFWILARALKEFVAKEGQGNLPV
RGTIPDMIADSGKYIKLQNVYREKAKKDAAAVGNHVAKLLQSIGQAPESISEKELKLLCSNSAFLRVVRCRSLAEEYGLD
TINKDEIISSMDNPDNEIVLYLMLRAVDRFHKQQGRYPGVSNYQVEEDIGKLKSCLTGFLQEYGLSVMVKDDYVHEFCRY
GAAEPHTIAAFLGGAAAQEVIKIITKQFVIFNNTYIYSGMSQTSATFQL
;
A,C,E,G
2 'polypeptide(L)'
;DWEGRWNHVKKFLERSGPFTHPDFEPSTESLQFLLDTCKVLVIGAGGLGCELLKNLALSGFRQIHVIDMDTIDVSNLNRQ
FLFRPKDIGRPKAEVAAEFLNDRVPNCNVVPHFNKIQDFNDTFYRQFHIIVCGLDSIIARRWINGMLISLLNYEDGVLDP
SSIVPLIDGGTEGFKGNARVILPGMTACIECTLELYPPQVNFPMATIASMPRLPEHCIEYVRMLQWPKEQPFGEGVPLDG
DDPEHIQWIFQKSLERASQYNIRGVTYRLTQGVVKRIIPAVASTNAVIAAVCATEVFKIATSAYIPLNNYLVFNDVDGLY
TYTFEAERKENCPACSQLPQNIQFSPSAKLQEVLDYLTNSASLQMKSPAITATLEGKNRTLYLQSVTSIEERTRPNLSKT
LKELGLVDGQELAVADVTTPQTVLFKLHFTS
;
B,D,F,H
3 'polypeptide(L)' MLIKVKTLTGKEIEIDIEPTDKVERIKERVEEKEGIPPQQQRLIYSGKQMNDEKTAADYKILGGSVLHLVLALRGG I,J,K,L
#
# COMPACT_ATOMS: atom_id res chain seq x y z
N LYS A 6 10.62 13.04 5.54
CA LYS A 6 10.77 14.49 5.20
C LYS A 6 9.48 15.24 5.49
N LEU A 7 8.41 14.78 4.86
CA LEU A 7 7.08 15.36 5.01
C LEU A 7 6.39 14.68 6.20
N LEU A 8 7.17 13.89 6.93
CA LEU A 8 6.70 13.18 8.11
C LEU A 8 6.91 14.09 9.32
N LYS A 9 7.88 14.99 9.21
CA LYS A 9 8.17 15.95 10.28
C LYS A 9 7.01 16.97 10.42
N GLU A 10 6.55 17.50 9.29
CA GLU A 10 5.45 18.45 9.34
C GLU A 10 4.26 17.83 10.06
N GLN A 11 3.98 16.56 9.80
CA GLN A 11 2.87 15.86 10.44
C GLN A 11 3.11 15.77 11.95
N LYS A 12 4.36 15.58 12.33
CA LYS A 12 4.75 15.47 13.73
C LYS A 12 4.61 16.79 14.46
N TYR A 13 5.43 17.78 14.11
CA TYR A 13 5.34 19.06 14.80
C TYR A 13 4.24 19.99 14.31
N ASP A 14 3.08 19.48 13.92
CA ASP A 14 2.02 20.36 13.41
C ASP A 14 1.46 21.27 14.50
N ARG A 15 0.97 20.66 15.56
CA ARG A 15 0.38 21.44 16.63
C ARG A 15 1.24 22.55 17.19
N GLN A 16 2.55 22.51 16.94
CA GLN A 16 3.40 23.57 17.45
C GLN A 16 3.82 24.49 16.34
N LEU A 17 3.60 24.06 15.10
CA LEU A 17 3.99 24.89 13.98
C LEU A 17 2.95 25.97 13.88
N ARG A 18 1.76 25.69 14.44
CA ARG A 18 0.66 26.63 14.40
C ARG A 18 0.90 27.74 15.42
N LEU A 19 2.01 27.65 16.13
CA LEU A 19 2.32 28.67 17.10
C LEU A 19 3.47 29.52 16.62
N TRP A 20 4.58 28.89 16.26
CA TRP A 20 5.74 29.64 15.80
C TRP A 20 6.16 29.39 14.36
N GLY A 21 5.20 29.02 13.50
CA GLY A 21 5.49 28.79 12.09
C GLY A 21 6.68 27.92 11.72
N ASP A 22 6.83 27.66 10.42
CA ASP A 22 7.92 26.81 9.93
C ASP A 22 9.26 27.48 10.23
N HIS A 23 9.31 28.79 10.04
CA HIS A 23 10.55 29.52 10.26
C HIS A 23 11.02 29.43 11.71
N GLY A 24 10.06 29.45 12.63
CA GLY A 24 10.44 29.34 14.04
C GLY A 24 11.07 27.98 14.19
N GLN A 25 10.33 26.97 13.75
CA GLN A 25 10.81 25.60 13.80
C GLN A 25 12.21 25.58 13.21
N GLU A 26 12.39 26.15 12.03
CA GLU A 26 13.69 26.18 11.38
C GLU A 26 14.78 26.61 12.35
N ALA A 27 14.54 27.74 13.03
CA ALA A 27 15.51 28.28 13.99
C ALA A 27 15.70 27.32 15.15
N LEU A 28 14.60 26.81 15.65
CA LEU A 28 14.66 25.88 16.74
C LEU A 28 15.45 24.65 16.34
N GLU A 29 15.10 24.06 15.19
CA GLU A 29 15.78 22.86 14.73
C GLU A 29 17.25 23.09 14.44
N SER A 30 17.71 24.33 14.55
CA SER A 30 19.12 24.62 14.27
C SER A 30 19.90 25.15 15.47
N ALA A 31 19.28 25.11 16.65
CA ALA A 31 19.93 25.58 17.87
C ALA A 31 20.77 24.49 18.50
N HIS A 32 21.23 24.75 19.72
CA HIS A 32 22.02 23.78 20.44
C HIS A 32 22.05 24.22 21.89
N VAL A 33 21.29 23.52 22.73
CA VAL A 33 21.19 23.86 24.12
C VAL A 33 22.15 23.13 25.03
N CYS A 34 22.66 23.87 26.01
CA CYS A 34 23.58 23.31 26.97
C CYS A 34 22.91 23.29 28.33
N LEU A 35 22.58 22.10 28.80
CA LEU A 35 21.96 21.96 30.10
C LEU A 35 23.07 21.63 31.08
N ILE A 36 23.27 22.49 32.08
CA ILE A 36 24.32 22.24 33.05
C ILE A 36 24.01 21.00 33.89
N ASN A 37 23.38 21.17 35.06
CA ASN A 37 23.09 20.00 35.89
C ASN A 37 21.82 19.26 35.48
N ALA A 38 21.90 17.93 35.42
CA ALA A 38 20.78 17.10 35.00
C ALA A 38 19.95 16.47 36.11
N THR A 39 19.28 17.29 36.90
CA THR A 39 18.43 16.79 37.97
C THR A 39 17.03 16.76 37.40
N ALA A 40 16.06 16.73 38.31
CA ALA A 40 14.66 16.73 37.89
C ALA A 40 14.40 17.95 37.02
N THR A 41 14.70 19.12 37.57
CA THR A 41 14.50 20.38 36.89
C THR A 41 15.19 20.41 35.54
N GLY A 42 16.50 20.20 35.54
CA GLY A 42 17.24 20.22 34.30
C GLY A 42 16.63 19.26 33.28
N THR A 43 16.38 18.04 33.74
CA THR A 43 15.81 17.01 32.90
C THR A 43 14.47 17.42 32.32
N GLU A 44 13.57 17.94 33.16
CA GLU A 44 12.26 18.36 32.68
C GLU A 44 12.40 19.45 31.64
N ILE A 45 13.30 20.40 31.88
CA ILE A 45 13.51 21.48 30.93
C ILE A 45 13.89 20.90 29.57
N LEU A 46 14.99 20.17 29.54
CA LEU A 46 15.46 19.55 28.30
C LEU A 46 14.38 18.74 27.61
N LYS A 47 13.59 18.01 28.40
CA LYS A 47 12.51 17.20 27.86
C LYS A 47 11.56 18.07 27.04
N ASN A 48 11.14 19.20 27.62
CA ASN A 48 10.22 20.11 26.95
C ASN A 48 10.85 20.79 25.75
N LEU A 49 12.12 20.49 25.48
CA LEU A 49 12.80 21.08 24.34
C LEU A 49 13.04 20.01 23.30
N VAL A 50 13.49 18.85 23.77
CA VAL A 50 13.75 17.73 22.88
C VAL A 50 12.51 17.34 22.09
N LEU A 51 11.38 17.29 22.77
CA LEU A 51 10.12 16.95 22.10
C LEU A 51 9.87 17.91 20.96
N PRO A 52 9.89 19.23 21.22
CA PRO A 52 9.64 20.24 20.19
C PRO A 52 10.61 20.12 19.03
N GLY A 53 11.57 19.21 19.15
CA GLY A 53 12.51 19.00 18.07
C GLY A 53 13.77 19.83 18.06
N ILE A 54 14.03 20.53 19.15
CA ILE A 54 15.22 21.35 19.29
C ILE A 54 16.39 20.71 18.56
N GLY A 55 17.21 21.53 17.91
CA GLY A 55 18.35 21.00 17.18
C GLY A 55 19.18 19.92 17.88
N SER A 56 19.90 20.33 18.90
CA SER A 56 20.73 19.40 19.64
C SER A 56 21.02 19.88 21.05
N PHE A 57 21.47 18.98 21.91
CA PHE A 57 21.75 19.36 23.27
C PHE A 57 22.97 18.65 23.79
N THR A 58 23.57 19.21 24.83
CA THR A 58 24.74 18.65 25.46
C THR A 58 24.59 18.82 26.96
N ILE A 59 24.57 17.70 27.68
CA ILE A 59 24.41 17.71 29.12
C ILE A 59 25.77 17.66 29.80
N ILE A 60 26.06 18.67 30.60
CA ILE A 60 27.34 18.74 31.30
C ILE A 60 27.12 18.46 32.77
N ASP A 61 27.31 17.22 33.20
CA ASP A 61 27.13 16.93 34.61
C ASP A 61 28.28 16.10 35.13
N GLY A 62 28.78 16.44 36.31
CA GLY A 62 29.89 15.70 36.87
C GLY A 62 29.50 14.71 37.94
N ASN A 63 28.35 14.93 38.55
CA ASN A 63 27.87 14.06 39.62
C ASN A 63 27.55 12.63 39.20
N GLN A 64 27.24 11.81 40.21
CA GLN A 64 26.88 10.42 40.01
C GLN A 64 25.41 10.27 40.43
N VAL A 65 24.70 9.37 39.77
CA VAL A 65 23.29 9.15 40.08
C VAL A 65 23.04 8.59 41.47
N SER A 66 22.34 9.38 42.28
CA SER A 66 22.01 8.98 43.64
C SER A 66 20.67 8.26 43.64
N GLY A 67 20.40 7.52 44.70
CA GLY A 67 19.13 6.84 44.78
C GLY A 67 18.03 7.88 44.73
N GLU A 68 18.15 8.93 45.54
CA GLU A 68 17.14 9.96 45.56
C GLU A 68 17.03 10.66 44.21
N ASP A 69 18.00 10.44 43.33
CA ASP A 69 17.92 11.05 42.02
C ASP A 69 16.97 10.22 41.20
N ALA A 70 17.26 8.93 41.08
CA ALA A 70 16.40 8.04 40.32
C ALA A 70 14.98 8.08 40.87
N GLY A 71 14.84 8.68 42.05
CA GLY A 71 13.54 8.76 42.68
C GLY A 71 12.66 9.91 42.26
N ASN A 72 13.24 10.98 41.74
CA ASN A 72 12.44 12.12 41.33
C ASN A 72 12.69 12.49 39.88
N ASN A 73 13.31 11.58 39.15
CA ASN A 73 13.62 11.86 37.76
C ASN A 73 12.93 10.88 36.81
N PHE A 74 12.18 11.39 35.84
CA PHE A 74 11.49 10.52 34.92
C PHE A 74 12.44 10.08 33.83
N PHE A 75 13.70 10.44 33.98
CA PHE A 75 14.66 10.04 32.98
C PHE A 75 15.91 9.44 33.63
N LEU A 76 15.66 8.65 34.66
CA LEU A 76 16.73 7.97 35.37
C LEU A 76 16.11 6.81 36.10
N GLN A 77 16.51 5.59 35.73
CA GLN A 77 15.98 4.44 36.42
C GLN A 77 16.94 4.00 37.49
N ARG A 78 16.47 3.10 38.35
CA ARG A 78 17.28 2.56 39.41
C ARG A 78 18.55 2.03 38.76
N SER A 79 18.35 1.26 37.70
CA SER A 79 19.43 0.66 36.94
C SER A 79 20.58 1.62 36.63
N SER A 80 20.29 2.92 36.63
CA SER A 80 21.30 3.92 36.32
C SER A 80 21.98 4.51 37.57
N ILE A 81 21.58 4.05 38.76
CA ILE A 81 22.19 4.56 39.97
C ILE A 81 23.67 4.23 39.98
N GLY A 82 24.50 5.22 40.30
CA GLY A 82 25.93 5.00 40.35
C GLY A 82 26.66 5.51 39.12
N LYS A 83 26.04 5.39 37.95
CA LYS A 83 26.66 5.86 36.71
C LYS A 83 26.72 7.39 36.69
N ASN A 84 27.05 7.97 35.55
CA ASN A 84 27.13 9.42 35.46
C ASN A 84 25.79 10.07 35.11
N ARG A 85 25.20 10.73 36.09
CA ARG A 85 23.92 11.40 35.91
C ARG A 85 23.82 12.00 34.52
N ALA A 86 24.85 12.70 34.09
CA ALA A 86 24.87 13.32 32.78
C ALA A 86 24.62 12.28 31.69
N GLU A 87 25.53 11.32 31.58
CA GLU A 87 25.38 10.29 30.56
C GLU A 87 24.05 9.59 30.68
N ALA A 88 23.78 9.05 31.87
CA ALA A 88 22.54 8.34 32.14
C ALA A 88 21.30 9.08 31.62
N ALA A 89 21.14 10.32 32.05
CA ALA A 89 20.00 11.15 31.62
C ALA A 89 19.93 11.26 30.11
N MET A 90 21.06 11.63 29.51
CA MET A 90 21.14 11.78 28.07
C MET A 90 20.46 10.63 27.32
N GLU A 91 20.90 9.41 27.59
CA GLU A 91 20.36 8.24 26.93
C GLU A 91 18.84 8.13 26.92
N PHE A 92 18.19 8.65 27.97
CA PHE A 92 16.73 8.58 28.08
C PHE A 92 16.02 9.68 27.33
N LEU A 93 16.50 10.90 27.52
CA LEU A 93 15.91 12.02 26.81
C LEU A 93 16.13 11.73 25.34
N GLN A 94 17.33 11.25 25.03
CA GLN A 94 17.72 10.90 23.66
C GLN A 94 16.61 10.14 22.96
N GLU A 95 15.92 9.29 23.72
CA GLU A 95 14.82 8.49 23.20
C GLU A 95 13.58 9.26 22.82
N LEU A 96 13.33 10.38 23.51
CA LEU A 96 12.15 11.18 23.24
C LEU A 96 11.99 11.57 21.77
N ASN A 97 13.07 11.94 21.12
CA ASN A 97 12.98 12.36 19.73
C ASN A 97 14.20 11.96 18.89
N SER A 98 14.00 11.05 17.95
CA SER A 98 15.08 10.56 17.09
C SER A 98 15.64 11.60 16.14
N ASP A 99 15.12 12.83 16.19
CA ASP A 99 15.59 13.91 15.32
C ASP A 99 16.42 14.93 16.10
N VAL A 100 16.75 14.60 17.34
CA VAL A 100 17.56 15.46 18.18
C VAL A 100 18.89 14.76 18.42
N SER A 101 20.00 15.50 18.40
CA SER A 101 21.32 14.91 18.63
C SER A 101 21.83 15.18 20.04
N GLY A 102 21.94 14.13 20.84
CA GLY A 102 22.39 14.29 22.20
C GLY A 102 23.86 13.99 22.42
N SER A 103 24.46 14.72 23.35
CA SER A 103 25.87 14.59 23.70
C SER A 103 25.99 14.89 25.18
N PHE A 104 27.11 14.50 25.79
CA PHE A 104 27.31 14.75 27.21
C PHE A 104 28.77 14.95 27.58
N VAL A 105 28.96 15.44 28.80
CA VAL A 105 30.29 15.72 29.32
C VAL A 105 30.39 15.22 30.75
N GLU A 106 31.19 14.18 30.96
CA GLU A 106 31.33 13.61 32.30
C GLU A 106 32.09 14.49 33.28
N GLU A 107 32.09 15.81 33.08
CA GLU A 107 32.81 16.69 34.00
C GLU A 107 31.96 17.82 34.57
N SER A 108 32.36 18.38 35.70
CA SER A 108 31.60 19.44 36.36
C SER A 108 31.67 20.80 35.66
N PRO A 109 30.77 21.73 36.05
CA PRO A 109 30.77 23.06 35.44
C PRO A 109 32.03 23.77 35.91
N GLU A 110 32.28 23.68 37.21
CA GLU A 110 33.46 24.30 37.79
C GLU A 110 34.66 23.80 36.99
N ASN A 111 34.80 22.48 36.90
CA ASN A 111 35.89 21.84 36.17
C ASN A 111 36.05 22.40 34.75
N LEU A 112 34.99 22.97 34.20
CA LEU A 112 35.04 23.55 32.86
C LEU A 112 35.42 25.01 32.93
N LEU A 113 34.71 25.77 33.75
CA LEU A 113 34.99 27.19 33.91
C LEU A 113 36.45 27.38 34.30
N ASP A 114 37.13 26.27 34.61
CA ASP A 114 38.53 26.29 34.99
C ASP A 114 39.39 25.98 33.77
N ASN A 115 39.38 24.70 33.40
CA ASN A 115 40.18 24.20 32.29
C ASN A 115 39.78 24.58 30.87
N ASP A 116 38.62 25.18 30.67
CA ASP A 116 38.23 25.55 29.31
C ASP A 116 36.93 26.35 29.20
N PRO A 117 36.93 27.60 29.66
CA PRO A 117 35.75 28.47 29.60
C PRO A 117 35.20 28.69 28.21
N SER A 118 36.10 28.87 27.25
CA SER A 118 35.72 29.11 25.86
C SER A 118 34.82 28.02 25.26
N PHE A 119 34.48 27.04 26.08
CA PHE A 119 33.64 25.91 25.67
C PHE A 119 32.21 26.32 25.34
N PHE A 120 31.57 27.01 26.27
CA PHE A 120 30.19 27.46 26.11
C PHE A 120 29.91 28.37 24.93
N CYS A 121 30.94 28.78 24.19
CA CYS A 121 30.76 29.63 23.03
C CYS A 121 30.09 28.86 21.90
N ARG A 122 30.14 27.54 21.99
CA ARG A 122 29.55 26.67 20.97
C ARG A 122 28.04 26.60 21.08
N PHE A 123 27.51 26.97 22.25
CA PHE A 123 26.07 26.92 22.51
C PHE A 123 25.23 28.15 22.15
N THR A 124 23.94 27.89 21.91
CA THR A 124 22.98 28.90 21.56
C THR A 124 22.47 29.53 22.84
N VAL A 125 22.28 28.69 23.84
CA VAL A 125 21.78 29.11 25.14
C VAL A 125 22.26 28.09 26.16
N VAL A 126 22.68 28.58 27.33
CA VAL A 126 23.10 27.67 28.37
C VAL A 126 22.08 27.72 29.49
N VAL A 127 21.55 26.55 29.83
CA VAL A 127 20.57 26.44 30.88
C VAL A 127 21.20 25.74 32.07
N ALA A 128 21.43 26.50 33.14
CA ALA A 128 22.04 25.97 34.35
C ALA A 128 20.97 25.70 35.37
N THR A 129 21.04 24.54 36.00
CA THR A 129 20.05 24.17 36.99
C THR A 129 20.67 23.69 38.30
N GLN A 130 20.09 24.13 39.41
CA GLN A 130 20.56 23.74 40.74
C GLN A 130 22.04 24.05 40.95
N LEU A 131 22.39 25.32 40.97
CA LEU A 131 23.77 25.72 41.17
C LEU A 131 23.99 26.49 42.46
N PRO A 132 25.18 26.36 43.05
CA PRO A 132 25.51 27.05 44.30
C PRO A 132 26.00 28.46 43.93
N GLU A 133 25.87 29.43 44.82
CA GLU A 133 26.32 30.78 44.49
C GLU A 133 27.66 30.79 43.76
N SER A 134 28.71 30.41 44.48
CA SER A 134 30.05 30.39 43.90
C SER A 134 30.02 30.13 42.39
N THR A 135 29.43 29.00 41.99
CA THR A 135 29.38 28.65 40.58
C THR A 135 28.46 29.52 39.74
N SER A 136 27.28 29.86 40.26
CA SER A 136 26.35 30.69 39.51
C SER A 136 27.02 31.98 39.08
N LEU A 137 27.49 32.74 40.05
CA LEU A 137 28.14 34.00 39.76
C LEU A 137 29.28 33.81 38.78
N ARG A 138 30.15 32.86 39.09
CA ARG A 138 31.28 32.62 38.21
C ARG A 138 30.89 32.29 36.76
N LEU A 139 29.81 31.54 36.58
CA LEU A 139 29.37 31.18 35.23
C LEU A 139 28.66 32.33 34.55
N ALA A 140 27.69 32.92 35.25
CA ALA A 140 26.90 34.03 34.73
C ALA A 140 27.78 35.16 34.24
N ASP A 141 29.05 35.05 34.57
CA ASP A 141 30.05 36.04 34.19
C ASP A 141 30.73 35.59 32.91
N VAL A 142 31.43 34.47 32.98
CA VAL A 142 32.12 33.94 31.80
C VAL A 142 31.19 33.99 30.60
N LEU A 143 29.96 33.52 30.81
CA LEU A 143 28.97 33.50 29.75
C LEU A 143 28.61 34.90 29.30
N TRP A 144 28.49 35.82 30.25
CA TRP A 144 28.15 37.19 29.92
C TRP A 144 29.18 37.80 28.98
N ASN A 145 30.47 37.67 29.34
CA ASN A 145 31.53 38.21 28.50
C ASN A 145 31.54 37.53 27.14
N SER A 146 31.33 36.22 27.12
CA SER A 146 31.32 35.47 25.88
C SER A 146 30.07 35.76 25.03
N GLN A 147 29.16 36.57 25.55
CA GLN A 147 27.93 36.94 24.84
C GLN A 147 26.91 35.80 24.73
N ILE A 148 26.95 34.87 25.68
CA ILE A 148 26.05 33.72 25.70
C ILE A 148 24.86 33.93 26.62
N PRO A 149 23.65 33.53 26.18
CA PRO A 149 22.44 33.68 26.99
C PRO A 149 22.43 32.62 28.07
N LEU A 150 22.25 33.06 29.31
CA LEU A 150 22.24 32.14 30.41
C LEU A 150 20.87 32.11 31.04
N LEU A 151 20.44 30.91 31.43
CA LEU A 151 19.16 30.77 32.09
C LEU A 151 19.37 29.89 33.32
N ILE A 152 19.42 30.53 34.48
CA ILE A 152 19.63 29.83 35.72
C ILE A 152 18.28 29.46 36.34
N CYS A 153 18.04 28.17 36.41
CA CYS A 153 16.80 27.66 37.00
C CYS A 153 17.16 26.95 38.28
N ARG A 154 16.24 26.97 39.24
CA ARG A 154 16.49 26.32 40.51
C ARG A 154 15.21 25.91 41.23
N THR A 155 15.21 24.66 41.70
CA THR A 155 14.08 24.12 42.43
C THR A 155 14.52 23.88 43.85
N TYR A 156 13.79 24.48 44.78
CA TYR A 156 14.10 24.33 46.19
C TYR A 156 12.75 24.20 46.88
N GLY A 157 12.52 23.05 47.52
CA GLY A 157 11.25 22.83 48.18
C GLY A 157 10.10 23.11 47.23
N LEU A 158 9.22 24.02 47.61
CA LEU A 158 8.10 24.36 46.77
C LEU A 158 8.30 25.70 46.11
N VAL A 159 9.56 26.12 46.00
CA VAL A 159 9.88 27.40 45.38
C VAL A 159 10.60 27.18 44.05
N GLY A 160 10.07 27.80 43.00
CA GLY A 160 10.68 27.68 41.69
C GLY A 160 11.39 28.99 41.38
N TYR A 161 12.71 28.94 41.31
CA TYR A 161 13.48 30.14 41.03
C TYR A 161 13.99 30.07 39.60
N MET A 162 13.99 31.20 38.91
CA MET A 162 14.44 31.20 37.53
C MET A 162 14.83 32.59 37.04
N ARG A 163 16.13 32.81 36.84
CA ARG A 163 16.62 34.11 36.37
C ARG A 163 17.27 34.00 35.00
N ILE A 164 16.92 34.93 34.11
CA ILE A 164 17.45 34.95 32.74
C ILE A 164 18.51 36.02 32.57
N ILE A 165 19.56 35.74 31.80
CA ILE A 165 20.65 36.70 31.62
C ILE A 165 21.11 36.91 30.18
N ILE A 166 20.51 37.89 29.50
CA ILE A 166 20.87 38.22 28.12
C ILE A 166 21.07 39.72 28.07
N LYS A 167 22.27 40.16 27.71
CA LYS A 167 22.59 41.60 27.64
C LYS A 167 21.49 42.38 26.94
N GLU A 168 21.20 41.99 25.70
CA GLU A 168 20.15 42.64 24.91
C GLU A 168 19.50 41.60 24.01
N HIS A 169 18.16 41.63 23.96
CA HIS A 169 17.38 40.68 23.17
C HIS A 169 16.23 41.41 22.45
N PRO A 170 16.46 41.79 21.19
CA PRO A 170 15.43 42.48 20.41
C PRO A 170 14.56 41.49 19.68
N VAL A 171 13.27 41.77 19.60
CA VAL A 171 12.34 40.87 18.91
C VAL A 171 11.40 41.61 17.98
N ILE A 172 11.27 41.10 16.77
CA ILE A 172 10.40 41.74 15.82
C ILE A 172 9.04 41.11 15.88
N GLU A 173 8.95 39.82 15.62
CA GLU A 173 7.65 39.14 15.66
C GLU A 173 7.38 39.04 17.13
N SER A 174 6.48 39.87 17.62
CA SER A 174 6.19 39.90 19.04
C SER A 174 5.08 38.97 19.44
N HIS A 175 4.10 38.80 18.55
CA HIS A 175 2.94 37.94 18.81
C HIS A 175 2.16 38.48 19.98
N PRO A 176 1.37 39.51 19.75
CA PRO A 176 0.63 40.02 20.90
C PRO A 176 -0.86 39.62 20.97
N ASP A 177 -1.31 39.24 22.15
CA ASP A 177 -2.71 38.84 22.35
C ASP A 177 -3.59 40.07 22.39
N ASN A 178 -4.23 40.39 21.28
CA ASN A 178 -5.12 41.55 21.24
C ASN A 178 -4.37 42.88 21.11
N ALA A 179 -4.56 43.54 19.97
CA ALA A 179 -3.98 44.84 19.74
C ALA A 179 -5.02 45.61 18.94
N LEU A 180 -4.86 46.92 18.85
CA LEU A 180 -5.80 47.78 18.11
C LEU A 180 -5.52 47.78 16.62
N GLU A 181 -6.55 47.58 15.80
CA GLU A 181 -6.38 47.55 14.34
C GLU A 181 -5.81 48.85 13.83
N ASP A 182 -5.11 48.79 12.71
CA ASP A 182 -4.52 49.99 12.14
C ASP A 182 -5.38 50.37 10.95
N LEU A 183 -6.63 50.71 11.23
CA LEU A 183 -7.55 51.10 10.17
C LEU A 183 -7.20 52.52 9.75
N ARG A 184 -6.74 53.27 10.74
CA ARG A 184 -6.38 54.66 10.56
C ARG A 184 -7.40 55.47 9.75
N LEU A 185 -8.53 55.73 10.40
CA LEU A 185 -9.59 56.53 9.85
C LEU A 185 -9.31 57.96 10.29
N ASP A 186 -8.60 58.09 11.41
CA ASP A 186 -8.26 59.37 11.97
C ASP A 186 -7.30 60.09 11.04
N LYS A 187 -6.24 59.42 10.61
CA LYS A 187 -5.27 60.04 9.70
C LYS A 187 -5.17 59.20 8.43
N PRO A 188 -6.28 59.03 7.70
CA PRO A 188 -6.39 58.26 6.47
C PRO A 188 -5.39 58.66 5.41
N PHE A 189 -5.06 57.70 4.54
CA PHE A 189 -4.12 57.93 3.46
C PHE A 189 -4.91 58.07 2.16
N PRO A 190 -4.31 58.72 1.16
CA PRO A 190 -4.93 58.94 -0.15
C PRO A 190 -5.77 57.77 -0.66
N GLU A 191 -5.11 56.74 -1.19
CA GLU A 191 -5.79 55.58 -1.73
C GLU A 191 -7.05 55.21 -0.90
N LEU A 192 -6.89 55.11 0.42
CA LEU A 192 -8.01 54.77 1.32
C LEU A 192 -9.10 55.79 1.12
N ARG A 193 -8.70 57.05 1.28
CA ARG A 193 -9.61 58.18 1.11
C ARG A 193 -10.29 58.07 -0.25
N GLU A 194 -9.49 57.90 -1.30
CA GLU A 194 -10.03 57.79 -2.65
C GLU A 194 -11.01 56.64 -2.72
N HIS A 195 -10.73 55.58 -1.96
CA HIS A 195 -11.60 54.41 -1.92
C HIS A 195 -12.97 54.82 -1.37
N PHE A 196 -12.94 55.43 -0.19
CA PHE A 196 -14.18 55.89 0.45
C PHE A 196 -14.99 56.78 -0.49
N GLN A 197 -14.32 57.75 -1.13
CA GLN A 197 -15.00 58.67 -2.05
C GLN A 197 -15.80 57.88 -3.09
N SER A 198 -15.33 56.69 -3.41
CA SER A 198 -15.97 55.85 -4.41
C SER A 198 -17.38 55.37 -4.06
N TYR A 199 -17.80 55.56 -2.82
CA TYR A 199 -19.13 55.13 -2.41
C TYR A 199 -20.13 56.30 -2.43
N ASP A 208 -29.00 45.89 -1.29
CA ASP A 208 -27.57 45.76 -0.99
C ASP A 208 -27.10 46.93 -0.12
N HIS A 209 -27.38 46.85 1.18
CA HIS A 209 -26.96 47.89 2.10
C HIS A 209 -26.17 47.26 3.25
N SER A 210 -26.53 46.02 3.61
CA SER A 210 -25.84 45.30 4.68
C SER A 210 -24.50 44.84 4.13
N HIS A 211 -24.46 44.67 2.81
CA HIS A 211 -23.24 44.26 2.12
C HIS A 211 -22.23 45.40 2.01
N THR A 212 -22.08 46.18 3.08
CA THR A 212 -21.12 47.28 3.06
C THR A 212 -20.24 47.26 4.29
N PRO A 213 -18.92 47.15 4.07
CA PRO A 213 -17.94 47.11 5.15
C PRO A 213 -18.32 48.14 6.21
N TRP A 214 -18.19 47.78 7.48
CA TRP A 214 -18.52 48.71 8.53
C TRP A 214 -17.64 49.95 8.48
N ILE A 215 -16.40 49.82 8.06
CA ILE A 215 -15.51 50.96 8.02
C ILE A 215 -16.13 52.01 7.14
N VAL A 216 -16.33 51.67 5.88
CA VAL A 216 -16.92 52.61 4.95
C VAL A 216 -18.10 53.31 5.61
N ILE A 217 -18.97 52.53 6.24
CA ILE A 217 -20.14 53.08 6.93
C ILE A 217 -19.72 54.18 7.90
N ILE A 218 -18.72 53.91 8.73
CA ILE A 218 -18.24 54.90 9.68
C ILE A 218 -17.46 55.99 8.96
N ALA A 219 -16.75 55.63 7.90
CA ALA A 219 -15.95 56.59 7.15
C ALA A 219 -16.83 57.63 6.49
N LYS A 220 -17.98 57.18 6.00
CA LYS A 220 -18.93 58.06 5.34
C LYS A 220 -19.57 59.01 6.36
N TYR A 221 -20.20 58.42 7.37
CA TYR A 221 -20.84 59.21 8.42
C TYR A 221 -19.82 60.02 9.19
N LEU A 222 -18.55 59.74 8.98
CA LEU A 222 -17.50 60.48 9.66
C LEU A 222 -17.24 61.69 8.78
N ALA A 223 -17.13 61.43 7.49
CA ALA A 223 -16.88 62.46 6.51
C ALA A 223 -17.95 63.53 6.59
N GLN A 224 -19.17 63.10 6.87
CA GLN A 224 -20.28 64.03 6.98
C GLN A 224 -20.07 64.88 8.23
N TRP A 225 -19.85 64.22 9.36
CA TRP A 225 -19.62 64.93 10.61
C TRP A 225 -18.47 65.93 10.47
N TYR A 226 -17.64 65.76 9.45
CA TYR A 226 -16.54 66.68 9.25
C TYR A 226 -17.08 68.03 8.74
N SER A 227 -18.05 67.99 7.84
CA SER A 227 -18.62 69.23 7.32
C SER A 227 -19.43 69.98 8.37
N GLU A 228 -20.44 69.32 8.94
CA GLU A 228 -21.28 69.95 9.94
C GLU A 228 -20.51 70.37 11.19
N THR A 229 -19.18 70.35 11.14
CA THR A 229 -18.39 70.73 12.30
C THR A 229 -16.95 71.13 12.05
N ASN A 230 -16.20 70.24 11.42
CA ASN A 230 -14.76 70.41 11.15
C ASN A 230 -14.14 69.61 12.28
N GLY A 231 -15.03 69.11 13.14
CA GLY A 231 -14.65 68.32 14.29
C GLY A 231 -13.95 67.04 13.93
N ARG A 232 -13.74 66.20 14.94
CA ARG A 232 -13.04 64.95 14.74
C ARG A 232 -13.67 63.83 15.57
N ILE A 233 -14.52 64.21 16.52
CA ILE A 233 -15.17 63.28 17.45
C ILE A 233 -14.20 62.75 18.51
N PRO A 234 -13.05 63.45 18.71
CA PRO A 234 -12.02 63.06 19.67
C PRO A 234 -12.45 63.34 21.11
N LYS A 235 -13.45 64.19 21.29
CA LYS A 235 -13.97 64.48 22.62
C LYS A 235 -14.52 63.13 22.94
N THR A 236 -14.74 62.81 24.19
CA THR A 236 -15.10 61.44 24.36
C THR A 236 -16.15 61.01 25.33
N TYR A 237 -17.39 60.93 24.84
CA TYR A 237 -18.43 60.60 25.79
C TYR A 237 -19.69 61.21 25.27
N LYS A 238 -19.49 62.49 24.98
CA LYS A 238 -20.51 63.37 24.52
C LYS A 238 -20.56 63.30 23.01
N GLU A 239 -19.39 63.15 22.40
CA GLU A 239 -19.33 63.11 20.95
C GLU A 239 -19.49 61.72 20.36
N LYS A 240 -18.56 60.84 20.67
CA LYS A 240 -18.59 59.49 20.13
C LYS A 240 -20.01 58.96 20.20
N GLU A 241 -20.64 59.09 21.36
CA GLU A 241 -22.01 58.61 21.53
C GLU A 241 -22.95 59.21 20.48
N ASP A 242 -22.95 60.53 20.41
CA ASP A 242 -23.81 61.23 19.45
C ASP A 242 -23.48 60.83 18.02
N PHE A 243 -22.22 60.52 17.75
CA PHE A 243 -21.83 60.11 16.41
C PHE A 243 -22.65 58.86 16.06
N ARG A 244 -22.70 57.94 17.02
CA ARG A 244 -23.44 56.71 16.82
C ARG A 244 -24.87 57.04 16.43
N ASP A 245 -25.55 57.80 17.28
CA ASP A 245 -26.94 58.20 17.04
C ASP A 245 -27.08 58.70 15.61
N LEU A 246 -26.01 59.30 15.10
CA LEU A 246 -26.01 59.82 13.74
C LEU A 246 -26.02 58.67 12.76
N ILE A 247 -25.33 57.60 13.11
CA ILE A 247 -25.25 56.44 12.25
C ILE A 247 -26.59 55.69 12.19
N ARG A 248 -27.40 55.82 13.23
CA ARG A 248 -28.71 55.16 13.25
C ARG A 248 -29.64 55.89 12.29
N GLN A 249 -29.52 57.21 12.23
CA GLN A 249 -30.35 58.03 11.36
C GLN A 249 -30.01 57.78 9.90
N GLY A 250 -29.48 56.60 9.62
CA GLY A 250 -29.13 56.25 8.26
C GLY A 250 -29.69 54.90 7.87
N ILE A 251 -30.47 54.31 8.78
CA ILE A 251 -31.08 53.01 8.55
C ILE A 251 -32.25 53.09 7.56
N LEU A 252 -32.18 52.25 6.52
CA LEU A 252 -33.13 52.21 5.41
C LEU A 252 -34.64 52.01 5.64
N LYS A 253 -35.37 52.39 4.79
CA LYS A 253 -36.65 51.99 5.20
C LYS A 253 -36.54 50.37 5.87
N PRO A 254 -37.02 49.96 7.26
CA PRO A 254 -37.05 48.77 8.48
C PRO A 254 -36.58 47.30 8.41
N GLU A 255 -35.34 47.07 8.42
CA GLU A 255 -35.02 45.92 7.64
C GLU A 255 -33.98 45.02 8.23
N ASP A 256 -32.80 45.56 8.34
CA ASP A 256 -31.66 44.85 8.84
C ASP A 256 -30.77 46.00 9.25
N GLU A 257 -29.49 45.85 8.98
CA GLU A 257 -28.49 46.82 9.35
C GLU A 257 -27.81 46.20 10.56
N GLU A 258 -27.25 45.03 10.32
CA GLU A 258 -26.53 44.33 11.34
C GLU A 258 -25.16 44.99 11.27
N ASN A 259 -24.66 45.19 10.06
CA ASN A 259 -23.36 45.83 9.87
C ASN A 259 -23.39 47.26 10.43
N PHE A 260 -24.51 47.95 10.24
CA PHE A 260 -24.66 49.30 10.75
C PHE A 260 -24.47 49.26 12.25
N GLU A 261 -25.21 48.36 12.90
CA GLU A 261 -25.13 48.21 14.35
C GLU A 261 -23.69 47.83 14.70
N GLU A 262 -23.06 47.02 13.83
CA GLU A 262 -21.68 46.62 14.06
C GLU A 262 -20.84 47.88 13.99
N ALA A 263 -21.04 48.66 12.94
CA ALA A 263 -20.31 49.92 12.78
C ALA A 263 -20.38 50.67 14.10
N ILE A 264 -21.61 50.85 14.58
CA ILE A 264 -21.84 51.53 15.83
C ILE A 264 -20.92 51.02 16.92
N LYS A 265 -21.08 49.75 17.28
CA LYS A 265 -20.26 49.15 18.32
C LYS A 265 -18.79 49.46 18.09
N ASN A 266 -18.39 49.48 16.82
CA ASN A 266 -17.00 49.75 16.45
C ASN A 266 -16.54 51.18 16.68
N VAL A 267 -17.48 52.10 16.69
CA VAL A 267 -17.13 53.49 16.90
C VAL A 267 -16.37 53.71 18.20
N ASN A 268 -16.45 52.74 19.13
CA ASN A 268 -15.74 52.88 20.40
C ASN A 268 -14.24 52.75 20.16
N THR A 269 -13.86 52.14 19.04
CA THR A 269 -12.45 51.94 18.70
C THR A 269 -12.09 52.79 17.48
N ALA A 270 -12.62 52.36 16.34
CA ALA A 270 -12.43 52.95 15.04
C ALA A 270 -11.88 54.39 14.91
N LEU A 271 -12.30 55.30 15.78
CA LEU A 271 -11.85 56.68 15.70
C LEU A 271 -10.34 56.85 15.82
N ASN A 272 -9.79 56.87 17.02
CA ASN A 272 -8.34 57.01 17.10
C ASN A 272 -7.67 55.64 17.21
N THR A 273 -7.04 55.21 16.10
CA THR A 273 -6.31 53.93 16.03
C THR A 273 -4.87 54.20 15.62
N THR A 274 -4.60 55.44 15.19
CA THR A 274 -3.26 55.80 14.74
C THR A 274 -2.49 56.69 15.69
N GLN A 275 -1.30 56.22 16.04
CA GLN A 275 -0.37 56.92 16.92
C GLN A 275 0.76 55.94 17.18
N ILE A 276 1.99 56.47 17.29
CA ILE A 276 3.14 55.61 17.51
C ILE A 276 3.23 55.18 18.96
N PRO A 277 3.25 53.87 19.20
CA PRO A 277 3.32 53.21 20.50
C PRO A 277 4.54 53.61 21.32
N SER A 278 4.27 54.01 22.56
CA SER A 278 5.28 54.44 23.52
C SER A 278 6.53 53.57 23.44
N SER A 279 6.34 52.25 23.54
CA SER A 279 7.43 51.30 23.48
C SER A 279 8.36 51.53 22.29
N ILE A 280 7.79 51.83 21.14
CA ILE A 280 8.59 52.06 19.94
C ILE A 280 9.38 53.35 20.03
N GLU A 281 8.73 54.43 20.48
CA GLU A 281 9.42 55.70 20.62
C GLU A 281 10.71 55.43 21.39
N ASP A 282 10.59 54.78 22.54
CA ASP A 282 11.75 54.45 23.35
C ASP A 282 12.85 53.73 22.58
N ILE A 283 12.46 52.95 21.57
CA ILE A 283 13.44 52.24 20.76
C ILE A 283 14.11 53.29 19.90
N PHE A 284 13.27 54.01 19.17
CA PHE A 284 13.70 55.07 18.28
C PHE A 284 14.73 55.94 18.98
N ASN A 285 14.41 56.33 20.21
CA ASN A 285 15.28 57.20 21.01
C ASN A 285 16.49 56.54 21.65
N ASP A 286 16.66 55.25 21.42
CA ASP A 286 17.80 54.53 22.00
C ASP A 286 19.12 54.84 21.29
N ASP A 287 20.19 54.93 22.06
CA ASP A 287 21.51 55.22 21.52
C ASP A 287 21.88 54.25 20.38
N ARG A 288 21.54 52.98 20.53
CA ARG A 288 21.87 51.97 19.53
C ARG A 288 21.18 52.27 18.20
N CYS A 289 20.01 52.90 18.28
CA CYS A 289 19.20 53.27 17.12
C CYS A 289 19.69 54.55 16.45
N ILE A 290 20.22 55.46 17.26
CA ILE A 290 20.71 56.75 16.76
C ILE A 290 22.14 56.75 16.21
N ASN A 291 23.10 56.25 16.99
CA ASN A 291 24.48 56.20 16.53
C ASN A 291 24.75 54.82 15.95
N ILE A 292 24.74 54.72 14.62
CA ILE A 292 24.95 53.45 13.92
C ILE A 292 26.39 53.26 13.49
N THR A 293 26.80 52.01 13.36
CA THR A 293 28.17 51.69 12.95
C THR A 293 28.21 50.34 12.23
N LYS A 294 29.37 49.98 11.70
CA LYS A 294 29.51 48.69 11.00
C LYS A 294 29.24 47.62 12.05
N GLN A 295 29.31 48.03 13.32
CA GLN A 295 29.07 47.14 14.43
C GLN A 295 27.58 46.86 14.60
N THR A 296 26.77 47.92 14.53
CA THR A 296 25.32 47.81 14.67
C THR A 296 24.71 46.60 13.96
N PRO A 297 23.94 45.80 14.70
CA PRO A 297 23.24 44.59 14.28
C PRO A 297 22.03 44.84 13.39
N SER A 298 21.64 43.78 12.69
CA SER A 298 20.52 43.81 11.78
C SER A 298 19.31 44.56 12.32
N PHE A 299 18.79 44.12 13.46
CA PHE A 299 17.62 44.74 14.07
C PHE A 299 17.64 46.26 14.10
N TRP A 300 18.54 46.82 14.90
CA TRP A 300 18.64 48.25 15.06
C TRP A 300 18.64 49.05 13.77
N ILE A 301 19.32 48.56 12.74
CA ILE A 301 19.30 49.29 11.48
C ILE A 301 17.85 49.46 11.04
N LEU A 302 17.11 48.35 11.05
CA LEU A 302 15.71 48.37 10.67
C LEU A 302 14.94 49.34 11.56
N ALA A 303 15.37 49.47 12.80
CA ALA A 303 14.73 50.39 13.73
C ALA A 303 14.89 51.79 13.20
N ARG A 304 16.14 52.19 12.97
CA ARG A 304 16.43 53.50 12.43
C ARG A 304 15.69 53.61 11.09
N ALA A 305 15.88 52.59 10.25
CA ALA A 305 15.24 52.56 8.95
C ALA A 305 13.76 52.87 9.05
N LEU A 306 13.20 52.63 10.23
CA LEU A 306 11.78 52.86 10.49
C LEU A 306 11.61 54.30 10.90
N LYS A 307 12.40 54.71 11.88
CA LYS A 307 12.36 56.07 12.36
C LYS A 307 12.44 57.01 11.16
N GLU A 308 13.41 56.75 10.27
CA GLU A 308 13.61 57.56 9.06
C GLU A 308 12.37 57.61 8.21
N PHE A 309 11.65 56.49 8.18
CA PHE A 309 10.42 56.40 7.42
C PHE A 309 9.39 57.32 8.06
N VAL A 310 9.27 57.20 9.38
CA VAL A 310 8.33 58.02 10.11
C VAL A 310 8.58 59.49 9.80
N ALA A 311 9.82 59.94 9.99
CA ALA A 311 10.17 61.33 9.72
C ALA A 311 9.82 61.78 8.29
N LYS A 312 10.33 61.05 7.30
CA LYS A 312 10.07 61.37 5.89
C LYS A 312 8.68 60.91 5.42
N GLU A 313 8.61 60.12 4.35
CA GLU A 313 7.33 59.66 3.81
C GLU A 313 6.34 58.94 4.72
N GLY A 314 6.68 58.76 5.99
CA GLY A 314 5.76 58.10 6.90
C GLY A 314 4.80 59.14 7.43
N GLN A 315 5.11 60.40 7.12
CA GLN A 315 4.32 61.55 7.57
C GLN A 315 3.93 61.47 9.03
N GLY A 316 4.92 61.25 9.89
CA GLY A 316 4.67 61.18 11.32
C GLY A 316 4.43 59.82 11.94
N ASN A 317 3.84 58.89 11.20
CA ASN A 317 3.57 57.58 11.77
C ASN A 317 4.21 56.39 11.05
N LEU A 318 4.19 55.25 11.75
CA LEU A 318 4.76 54.01 11.25
C LEU A 318 4.11 53.57 9.95
N PRO A 319 4.66 52.52 9.32
CA PRO A 319 4.09 52.05 8.07
C PRO A 319 2.71 51.50 8.34
N VAL A 320 1.86 51.45 7.33
CA VAL A 320 0.53 50.90 7.48
C VAL A 320 0.63 49.37 7.62
N ARG A 321 -0.06 48.81 8.60
CA ARG A 321 -0.01 47.36 8.82
C ARG A 321 -0.56 46.65 7.61
N GLY A 322 -1.77 47.00 7.20
CA GLY A 322 -2.34 46.38 6.02
C GLY A 322 -3.23 45.19 6.26
N THR A 323 -3.64 44.99 7.50
CA THR A 323 -4.53 43.88 7.81
C THR A 323 -5.79 44.51 8.39
N ILE A 324 -6.95 44.03 7.97
CA ILE A 324 -8.18 44.56 8.50
C ILE A 324 -9.06 43.44 9.02
N PRO A 325 -9.73 43.67 10.16
CA PRO A 325 -10.61 42.68 10.76
C PRO A 325 -11.71 42.23 9.81
N ASP A 326 -12.25 41.04 10.03
CA ASP A 326 -13.32 40.56 9.19
C ASP A 326 -14.50 41.47 9.49
N MET A 327 -15.45 41.56 8.57
CA MET A 327 -16.63 42.37 8.79
C MET A 327 -17.72 42.07 7.77
N ILE A 328 -18.95 41.94 8.27
CA ILE A 328 -20.10 41.66 7.42
C ILE A 328 -20.03 42.57 6.21
N ALA A 329 -19.76 41.99 5.05
CA ALA A 329 -19.67 42.77 3.83
C ALA A 329 -19.76 41.90 2.58
N ASP A 330 -20.09 42.54 1.46
CA ASP A 330 -20.21 41.85 0.18
C ASP A 330 -18.86 41.19 -0.04
N SER A 331 -18.86 40.08 -0.78
CA SER A 331 -17.62 39.35 -1.06
C SER A 331 -16.54 40.26 -1.68
N GLY A 332 -16.75 40.67 -2.92
CA GLY A 332 -15.78 41.54 -3.58
C GLY A 332 -15.53 42.89 -2.92
N LYS A 333 -16.53 43.44 -2.24
CA LYS A 333 -16.41 44.73 -1.58
C LYS A 333 -15.41 44.69 -0.46
N TYR A 334 -15.48 43.64 0.37
CA TYR A 334 -14.58 43.50 1.52
C TYR A 334 -13.17 43.36 1.02
N ILE A 335 -13.00 42.50 0.04
CA ILE A 335 -11.69 42.29 -0.52
C ILE A 335 -11.10 43.61 -1.04
N LYS A 336 -11.78 44.26 -1.98
CA LYS A 336 -11.29 45.52 -2.53
C LYS A 336 -10.75 46.39 -1.39
N LEU A 337 -11.54 46.50 -0.32
CA LEU A 337 -11.14 47.30 0.84
C LEU A 337 -9.87 46.73 1.42
N GLN A 338 -9.82 45.41 1.51
CA GLN A 338 -8.63 44.75 2.05
C GLN A 338 -7.43 45.20 1.25
N ASN A 339 -7.50 44.98 -0.07
CA ASN A 339 -6.42 45.34 -0.98
C ASN A 339 -5.92 46.77 -0.83
N VAL A 340 -6.85 47.71 -0.66
CA VAL A 340 -6.49 49.11 -0.51
C VAL A 340 -5.41 49.19 0.54
N TYR A 341 -5.66 48.57 1.67
CA TYR A 341 -4.72 48.54 2.78
C TYR A 341 -3.48 47.74 2.45
N ARG A 342 -3.69 46.54 1.91
CA ARG A 342 -2.60 45.66 1.52
C ARG A 342 -1.61 46.44 0.67
N GLU A 343 -2.10 46.99 -0.44
CA GLU A 343 -1.25 47.77 -1.33
C GLU A 343 -0.52 48.91 -0.63
N LYS A 344 -1.24 49.73 0.13
CA LYS A 344 -0.61 50.84 0.84
C LYS A 344 0.52 50.27 1.68
N ALA A 345 0.24 49.22 2.42
CA ALA A 345 1.24 48.61 3.28
C ALA A 345 2.47 48.17 2.51
N LYS A 346 2.24 47.61 1.33
CA LYS A 346 3.33 47.15 0.48
C LYS A 346 4.20 48.33 0.03
N LYS A 347 3.57 49.49 -0.19
CA LYS A 347 4.31 50.67 -0.62
C LYS A 347 5.15 51.17 0.53
N ASP A 348 4.51 51.51 1.64
CA ASP A 348 5.24 51.97 2.82
C ASP A 348 6.35 50.95 3.04
N ALA A 349 6.05 49.69 2.72
CA ALA A 349 7.00 48.61 2.89
C ALA A 349 8.31 48.96 2.22
N ALA A 350 8.25 49.17 0.91
CA ALA A 350 9.44 49.53 0.13
C ALA A 350 10.09 50.78 0.69
N ALA A 351 9.27 51.79 0.99
CA ALA A 351 9.75 53.05 1.54
C ALA A 351 10.75 52.76 2.63
N VAL A 352 10.31 51.99 3.62
CA VAL A 352 11.18 51.61 4.73
C VAL A 352 12.34 50.82 4.17
N GLY A 353 12.06 50.08 3.10
CA GLY A 353 13.06 49.27 2.44
C GLY A 353 14.21 50.11 1.88
N ASN A 354 13.88 51.29 1.39
CA ASN A 354 14.88 52.18 0.84
C ASN A 354 15.77 52.67 1.96
N HIS A 355 15.17 53.31 2.96
CA HIS A 355 15.94 53.80 4.08
C HIS A 355 16.91 52.74 4.58
N VAL A 356 16.46 51.50 4.59
CA VAL A 356 17.33 50.42 5.02
C VAL A 356 18.59 50.44 4.16
N ALA A 357 18.41 50.18 2.86
CA ALA A 357 19.52 50.18 1.93
C ALA A 357 20.42 51.37 2.18
N LYS A 358 19.86 52.57 2.04
CA LYS A 358 20.65 53.77 2.26
C LYS A 358 21.52 53.62 3.50
N LEU A 359 20.92 53.15 4.61
CA LEU A 359 21.67 52.96 5.84
C LEU A 359 22.78 51.94 5.66
N LEU A 360 22.40 50.74 5.21
CA LEU A 360 23.37 49.70 4.98
C LEU A 360 24.56 50.24 4.17
N GLN A 361 24.26 51.13 3.22
CA GLN A 361 25.30 51.72 2.41
C GLN A 361 26.23 52.59 3.24
N SER A 362 25.67 53.58 3.93
CA SER A 362 26.47 54.48 4.75
C SER A 362 27.21 53.74 5.85
N ILE A 363 27.38 52.43 5.65
CA ILE A 363 28.08 51.61 6.62
C ILE A 363 28.99 50.60 5.93
N GLY A 364 28.63 50.19 4.73
CA GLY A 364 29.48 49.23 4.02
C GLY A 364 28.71 48.02 3.60
N GLN A 365 28.16 47.28 4.56
CA GLN A 365 27.39 46.08 4.28
C GLN A 365 26.51 46.30 3.05
N ALA A 366 26.49 45.31 2.16
CA ALA A 366 25.71 45.41 0.92
C ALA A 366 24.22 45.49 1.17
N PRO A 367 23.52 46.37 0.44
CA PRO A 367 22.07 46.56 0.56
C PRO A 367 21.26 45.26 0.49
N GLU A 368 21.95 44.17 0.16
CA GLU A 368 21.29 42.87 0.08
C GLU A 368 21.65 42.07 1.32
N SER A 369 22.23 42.74 2.32
CA SER A 369 22.62 42.10 3.57
C SER A 369 21.37 41.77 4.39
N ILE A 370 20.26 42.40 4.02
CA ILE A 370 18.99 42.18 4.70
C ILE A 370 17.91 41.72 3.71
N SER A 371 17.33 40.57 4.00
CA SER A 371 16.32 39.97 3.15
C SER A 371 15.00 40.72 3.07
N GLU A 372 14.31 40.56 1.95
CA GLU A 372 13.04 41.20 1.73
C GLU A 372 12.07 40.63 2.75
N LYS A 373 12.24 39.37 3.08
CA LYS A 373 11.39 38.70 4.06
C LYS A 373 11.51 39.41 5.42
N GLU A 374 12.74 39.64 5.86
CA GLU A 374 12.96 40.32 7.14
C GLU A 374 12.26 41.66 7.14
N LEU A 375 12.34 42.37 6.02
CA LEU A 375 11.73 43.68 5.86
C LEU A 375 10.21 43.63 5.94
N LYS A 376 9.59 42.91 5.01
CA LYS A 376 8.14 42.81 4.99
C LYS A 376 7.55 42.31 6.29
N LEU A 377 8.39 41.71 7.14
CA LEU A 377 7.93 41.22 8.43
C LEU A 377 8.04 42.36 9.42
N LEU A 378 9.25 42.92 9.52
CA LEU A 378 9.57 44.03 10.40
C LEU A 378 8.53 45.13 10.30
N CYS A 379 8.03 45.36 9.09
CA CYS A 379 7.02 46.37 8.88
C CYS A 379 5.70 45.95 9.51
N SER A 380 5.18 44.79 9.11
CA SER A 380 3.92 44.32 9.68
C SER A 380 3.93 44.39 11.22
N ASN A 381 5.04 44.05 11.85
CA ASN A 381 5.13 44.12 13.30
C ASN A 381 5.76 45.42 13.76
N SER A 382 5.78 46.42 12.90
CA SER A 382 6.39 47.69 13.25
C SER A 382 5.96 48.13 14.65
N ALA A 383 4.66 48.22 14.86
CA ALA A 383 4.11 48.66 16.15
C ALA A 383 4.25 47.69 17.33
N PHE A 384 4.83 46.53 17.09
CA PHE A 384 4.96 45.54 18.14
C PHE A 384 6.37 45.19 18.46
N LEU A 385 7.31 46.00 17.99
CA LEU A 385 8.72 45.74 18.25
C LEU A 385 8.92 45.79 19.75
N ARG A 386 9.86 45.00 20.26
CA ARG A 386 10.14 44.99 21.69
C ARG A 386 11.56 44.52 21.96
N VAL A 387 12.23 45.25 22.84
CA VAL A 387 13.61 44.95 23.21
C VAL A 387 13.74 44.71 24.70
N VAL A 388 14.56 43.72 25.05
CA VAL A 388 14.76 43.36 26.45
C VAL A 388 16.22 43.31 26.85
N ARG A 389 16.57 44.06 27.88
CA ARG A 389 17.94 44.06 28.36
C ARG A 389 17.94 43.57 29.81
N CYS A 390 18.80 42.61 30.11
CA CYS A 390 18.88 42.07 31.45
C CYS A 390 20.10 42.58 32.20
N ARG A 391 19.95 42.88 33.49
CA ARG A 391 21.07 43.34 34.28
C ARG A 391 21.97 42.13 34.46
N SER A 392 23.27 42.29 34.26
CA SER A 392 24.19 41.17 34.43
C SER A 392 23.92 40.56 35.80
N LEU A 393 24.30 39.30 36.01
CA LEU A 393 24.07 38.71 37.31
C LEU A 393 24.88 39.49 38.33
N ALA A 394 26.15 39.73 37.99
CA ALA A 394 27.04 40.48 38.85
C ALA A 394 26.40 41.76 39.40
N GLU A 395 25.75 42.55 38.53
CA GLU A 395 25.11 43.80 38.94
C GLU A 395 24.05 43.60 40.03
N GLU A 396 23.35 42.47 40.00
CA GLU A 396 22.30 42.19 40.97
C GLU A 396 22.90 41.74 42.30
N TYR A 397 24.12 41.22 42.23
CA TYR A 397 24.81 40.76 43.43
C TYR A 397 25.85 41.80 43.86
N GLY A 398 25.93 42.89 43.10
CA GLY A 398 26.87 43.94 43.43
C GLY A 398 26.36 44.68 44.65
N LEU A 399 27.26 45.13 45.51
CA LEU A 399 26.87 45.84 46.73
C LEU A 399 26.29 47.25 46.50
N ASP A 400 26.87 47.98 45.55
CA ASP A 400 26.40 49.33 45.26
C ASP A 400 25.25 49.27 44.25
N THR A 401 25.26 48.23 43.41
CA THR A 401 24.27 48.06 42.35
C THR A 401 22.96 47.30 42.67
N ILE A 402 22.93 46.54 43.75
CA ILE A 402 21.74 45.76 44.12
C ILE A 402 20.47 46.62 44.07
N ASN A 403 19.60 46.31 43.12
CA ASN A 403 18.34 47.04 42.95
C ASN A 403 17.49 46.85 44.20
N LYS A 404 17.93 47.44 45.30
CA LYS A 404 17.21 47.30 46.57
C LYS A 404 15.96 48.14 46.71
N ASP A 405 15.65 48.93 45.70
CA ASP A 405 14.46 49.74 45.76
C ASP A 405 13.29 48.77 45.55
N GLU A 406 13.41 47.98 44.48
CA GLU A 406 12.39 46.99 44.11
C GLU A 406 12.18 45.94 45.19
N ILE A 407 13.25 45.47 45.83
CA ILE A 407 13.11 44.46 46.88
C ILE A 407 12.22 44.95 47.99
N ILE A 408 12.56 46.11 48.55
CA ILE A 408 11.79 46.69 49.64
C ILE A 408 10.38 47.04 49.19
N SER A 409 10.30 47.65 48.01
CA SER A 409 9.01 48.03 47.45
C SER A 409 8.00 46.88 47.49
N SER A 410 8.48 45.67 47.18
CA SER A 410 7.63 44.49 47.17
C SER A 410 7.32 44.00 48.57
N MET A 411 8.35 43.90 49.39
CA MET A 411 8.22 43.42 50.75
C MET A 411 7.16 44.08 51.60
N ASP A 412 6.36 44.98 51.03
CA ASP A 412 5.30 45.65 51.77
C ASP A 412 4.10 44.72 51.94
N ASN A 413 4.39 43.43 51.81
CA ASN A 413 3.42 42.34 51.97
C ASN A 413 4.29 41.13 52.25
N PRO A 414 4.46 40.80 53.54
CA PRO A 414 5.27 39.66 53.97
C PRO A 414 5.00 38.34 53.25
N ASP A 415 3.95 38.31 52.43
CA ASP A 415 3.62 37.10 51.70
C ASP A 415 3.89 37.28 50.19
N ASN A 416 4.84 38.15 49.86
CA ASN A 416 5.18 38.41 48.47
C ASN A 416 6.34 37.53 48.03
N GLU A 417 6.12 36.80 46.94
CA GLU A 417 7.10 35.88 46.38
C GLU A 417 8.55 36.29 46.57
N ILE A 418 8.81 37.59 46.62
CA ILE A 418 10.19 38.07 46.79
C ILE A 418 10.84 37.58 48.09
N VAL A 419 10.01 37.30 49.07
CA VAL A 419 10.46 36.79 50.37
C VAL A 419 11.34 35.61 50.02
N LEU A 420 10.72 34.70 49.28
CA LEU A 420 11.36 33.49 48.83
C LEU A 420 12.70 33.77 48.19
N TYR A 421 12.80 34.88 47.47
CA TYR A 421 14.08 35.22 46.85
C TYR A 421 15.12 35.38 47.95
N LEU A 422 14.83 36.30 48.85
CA LEU A 422 15.70 36.60 49.97
C LEU A 422 16.07 35.28 50.65
N MET A 423 15.06 34.49 51.00
CA MET A 423 15.29 33.22 51.66
C MET A 423 16.33 32.40 50.92
N LEU A 424 16.21 32.31 49.60
CA LEU A 424 17.19 31.56 48.84
C LEU A 424 18.56 32.17 49.08
N ARG A 425 18.68 33.47 48.87
CA ARG A 425 19.93 34.16 49.09
C ARG A 425 20.44 33.73 50.45
N ALA A 426 19.53 33.75 51.43
CA ALA A 426 19.84 33.36 52.80
C ALA A 426 20.43 31.96 52.77
N VAL A 427 19.62 30.99 52.33
CA VAL A 427 20.05 29.61 52.24
C VAL A 427 21.40 29.52 51.57
N ASP A 428 21.52 30.12 50.40
CA ASP A 428 22.77 30.09 49.68
C ASP A 428 23.92 30.56 50.57
N ARG A 429 23.66 31.59 51.38
CA ARG A 429 24.68 32.11 52.30
C ARG A 429 24.98 30.98 53.28
N PHE A 430 23.92 30.54 53.95
CA PHE A 430 23.99 29.46 54.91
C PHE A 430 24.82 28.31 54.34
N HIS A 431 24.72 28.08 53.04
CA HIS A 431 25.48 26.99 52.44
C HIS A 431 26.95 27.31 52.36
N LYS A 432 27.31 28.38 51.68
CA LYS A 432 28.71 28.74 51.57
C LYS A 432 29.30 28.68 52.95
N GLN A 433 28.58 29.24 53.91
CA GLN A 433 29.02 29.28 55.30
C GLN A 433 29.12 27.91 55.98
N GLN A 434 28.07 27.10 55.88
CA GLN A 434 28.02 25.79 56.52
C GLN A 434 28.66 24.63 55.78
N GLY A 435 28.33 24.47 54.50
CA GLY A 435 28.87 23.37 53.74
C GLY A 435 27.75 22.40 53.38
N ARG A 436 26.55 22.71 53.85
CA ARG A 436 25.36 21.91 53.58
C ARG A 436 24.17 22.86 53.62
N TYR A 437 23.02 22.38 53.17
CA TYR A 437 21.83 23.23 53.18
C TYR A 437 20.99 23.10 54.44
N PRO A 438 20.16 24.11 54.72
CA PRO A 438 19.30 24.12 55.90
C PRO A 438 18.46 22.86 56.11
N GLY A 439 18.93 22.03 57.03
CA GLY A 439 18.22 20.81 57.38
C GLY A 439 17.97 19.73 56.36
N VAL A 440 19.03 19.22 55.74
CA VAL A 440 18.88 18.15 54.76
C VAL A 440 18.42 16.89 55.49
N SER A 441 19.09 16.56 56.59
CA SER A 441 18.72 15.38 57.38
C SER A 441 17.57 15.75 58.32
N ASN A 442 16.83 14.75 58.80
CA ASN A 442 15.69 15.01 59.66
C ASN A 442 15.94 15.58 61.04
N TYR A 443 17.18 15.54 61.51
CA TYR A 443 17.47 16.06 62.85
C TYR A 443 18.04 17.46 62.76
N GLN A 444 18.77 17.74 61.68
CA GLN A 444 19.38 19.05 61.48
C GLN A 444 18.33 20.18 61.48
N VAL A 445 17.06 19.84 61.33
CA VAL A 445 15.99 20.84 61.30
C VAL A 445 16.14 21.83 62.46
N GLU A 446 15.79 21.36 63.67
CA GLU A 446 15.85 22.17 64.89
C GLU A 446 17.10 23.05 64.90
N GLU A 447 18.24 22.40 65.05
CA GLU A 447 19.54 23.05 65.09
C GLU A 447 19.67 24.17 64.05
N ASP A 448 19.51 23.80 62.79
CA ASP A 448 19.63 24.73 61.65
C ASP A 448 18.70 25.94 61.60
N ILE A 449 17.46 25.77 62.05
CA ILE A 449 16.50 26.87 62.02
C ILE A 449 17.10 28.15 62.56
N GLY A 450 17.73 28.06 63.71
CA GLY A 450 18.36 29.24 64.28
C GLY A 450 19.51 29.67 63.40
N LYS A 451 20.41 28.72 63.12
CA LYS A 451 21.58 28.98 62.30
C LYS A 451 21.21 29.67 60.99
N LEU A 452 20.12 29.22 60.38
CA LEU A 452 19.68 29.80 59.12
C LEU A 452 19.34 31.29 59.29
N LYS A 453 18.44 31.59 60.22
CA LYS A 453 18.04 32.98 60.43
C LYS A 453 19.25 33.88 60.63
N SER A 454 20.25 33.39 61.36
CA SER A 454 21.47 34.16 61.59
C SER A 454 22.10 34.56 60.27
N CYS A 455 21.76 33.81 59.22
CA CYS A 455 22.29 34.09 57.89
C CYS A 455 21.34 34.96 57.09
N LEU A 456 20.04 34.78 57.32
CA LEU A 456 19.07 35.61 56.61
C LEU A 456 19.43 37.03 56.98
N THR A 457 19.61 37.25 58.28
CA THR A 457 19.97 38.56 58.78
C THR A 457 21.32 38.97 58.24
N GLY A 458 22.34 38.16 58.51
CA GLY A 458 23.67 38.46 58.02
C GLY A 458 23.62 38.99 56.59
N PHE A 459 22.80 38.33 55.77
CA PHE A 459 22.61 38.71 54.39
C PHE A 459 21.97 40.09 54.31
N LEU A 460 20.77 40.22 54.90
CA LEU A 460 20.04 41.48 54.90
C LEU A 460 20.85 42.69 55.33
N GLN A 461 21.86 42.49 56.18
CA GLN A 461 22.68 43.61 56.62
C GLN A 461 23.75 43.90 55.58
N GLU A 462 24.46 42.87 55.12
CA GLU A 462 25.51 43.08 54.13
C GLU A 462 25.04 44.00 53.02
N TYR A 463 23.75 43.93 52.69
CA TYR A 463 23.18 44.78 51.65
C TYR A 463 22.42 45.96 52.22
N GLY A 464 22.11 45.89 53.51
CA GLY A 464 21.39 46.98 54.13
C GLY A 464 19.95 47.03 53.66
N LEU A 465 19.22 45.97 53.98
CA LEU A 465 17.83 45.84 53.61
C LEU A 465 16.98 45.76 54.87
N SER A 466 16.28 46.84 55.16
CA SER A 466 15.42 46.90 56.34
C SER A 466 14.04 46.32 56.02
N VAL A 467 13.95 45.00 56.05
CA VAL A 467 12.70 44.30 55.76
C VAL A 467 12.36 43.22 56.79
N MET A 468 11.05 42.96 56.93
CA MET A 468 10.57 41.96 57.90
C MET A 468 10.20 40.63 57.24
N VAL A 469 10.96 39.59 57.58
CA VAL A 469 10.75 38.24 57.06
C VAL A 469 10.10 37.33 58.11
N LYS A 470 8.80 37.12 58.03
CA LYS A 470 8.12 36.25 58.99
C LYS A 470 9.02 35.08 59.35
N ASP A 471 9.17 34.78 60.62
CA ASP A 471 10.02 33.68 61.03
C ASP A 471 9.60 32.37 60.34
N ASP A 472 8.31 32.27 60.03
CA ASP A 472 7.78 31.08 59.39
C ASP A 472 8.60 30.67 58.18
N TYR A 473 8.92 31.63 57.31
CA TYR A 473 9.68 31.32 56.12
C TYR A 473 11.03 30.71 56.42
N VAL A 474 11.49 30.86 57.66
CA VAL A 474 12.78 30.29 58.00
C VAL A 474 12.57 28.81 58.31
N HIS A 475 11.54 28.51 59.09
CA HIS A 475 11.23 27.13 59.45
C HIS A 475 10.99 26.39 58.15
N GLU A 476 10.06 26.95 57.38
CA GLU A 476 9.69 26.37 56.12
C GLU A 476 10.90 25.89 55.33
N PHE A 477 11.74 26.82 54.89
CA PHE A 477 12.91 26.42 54.11
C PHE A 477 13.77 25.32 54.75
N CYS A 478 13.80 25.29 56.07
CA CYS A 478 14.58 24.25 56.74
C CYS A 478 13.84 22.95 56.51
N ARG A 479 12.52 23.06 56.45
CA ARG A 479 11.67 21.89 56.23
C ARG A 479 11.97 21.32 54.86
N TYR A 480 11.99 22.19 53.86
CA TYR A 480 12.27 21.79 52.47
C TYR A 480 13.48 20.89 52.39
N GLY A 481 14.47 21.14 53.25
CA GLY A 481 15.65 20.33 53.25
C GLY A 481 16.25 20.22 51.86
N ALA A 482 16.27 21.34 51.15
CA ALA A 482 16.82 21.38 49.80
C ALA A 482 16.26 20.28 48.90
N ALA A 483 15.04 19.87 49.18
CA ALA A 483 14.39 18.84 48.38
C ALA A 483 13.93 19.41 47.04
N GLU A 484 14.07 18.60 46.00
CA GLU A 484 13.67 19.00 44.65
C GLU A 484 12.41 18.21 44.27
N PRO A 485 11.25 18.61 44.80
CA PRO A 485 9.99 17.93 44.49
C PRO A 485 9.80 17.95 43.01
N HIS A 486 9.37 16.82 42.44
CA HIS A 486 9.17 16.73 41.00
C HIS A 486 8.10 17.68 40.44
N THR A 487 6.90 17.68 41.05
CA THR A 487 5.83 18.56 40.57
C THR A 487 6.28 20.02 40.49
N ILE A 488 7.31 20.37 41.25
CA ILE A 488 7.84 21.72 41.22
C ILE A 488 8.80 21.78 40.06
N ALA A 489 9.81 20.92 40.09
CA ALA A 489 10.78 20.87 39.02
C ALA A 489 10.07 20.84 37.69
N ALA A 490 8.93 20.14 37.63
CA ALA A 490 8.16 20.04 36.40
C ALA A 490 7.66 21.40 35.96
N PHE A 491 6.95 22.08 36.85
CA PHE A 491 6.42 23.42 36.56
C PHE A 491 7.50 24.32 35.99
N LEU A 492 8.59 24.40 36.75
CA LEU A 492 9.73 25.21 36.37
C LEU A 492 10.26 24.80 35.00
N GLY A 493 10.44 23.50 34.82
CA GLY A 493 10.95 23.00 33.55
C GLY A 493 10.05 23.37 32.39
N GLY A 494 8.77 23.58 32.70
CA GLY A 494 7.84 23.93 31.66
C GLY A 494 7.98 25.38 31.24
N ALA A 495 7.93 26.28 32.20
CA ALA A 495 8.04 27.70 31.93
C ALA A 495 9.39 28.06 31.36
N ALA A 496 10.42 27.40 31.90
CA ALA A 496 11.81 27.62 31.48
C ALA A 496 12.01 27.21 30.03
N ALA A 497 11.56 26.01 29.73
CA ALA A 497 11.69 25.48 28.40
C ALA A 497 11.20 26.47 27.37
N GLN A 498 10.04 27.06 27.64
CA GLN A 498 9.46 27.99 26.71
C GLN A 498 10.34 29.21 26.54
N GLU A 499 10.90 29.71 27.63
CA GLU A 499 11.76 30.88 27.52
C GLU A 499 12.90 30.55 26.59
N VAL A 500 13.53 29.39 26.83
CA VAL A 500 14.63 28.98 25.99
C VAL A 500 14.24 29.06 24.52
N ILE A 501 13.01 28.67 24.21
CA ILE A 501 12.54 28.75 22.84
C ILE A 501 12.37 30.20 22.42
N LYS A 502 11.69 30.97 23.25
CA LYS A 502 11.49 32.38 22.94
C LYS A 502 12.82 33.00 22.55
N ILE A 503 13.89 32.53 23.20
CA ILE A 503 15.24 33.02 22.96
C ILE A 503 15.76 32.50 21.64
N ILE A 504 15.63 31.20 21.41
CA ILE A 504 16.10 30.58 20.18
C ILE A 504 15.36 31.10 18.97
N THR A 505 14.05 31.19 19.05
CA THR A 505 13.27 31.65 17.92
C THR A 505 13.23 33.15 17.83
N LYS A 506 13.62 33.83 18.89
CA LYS A 506 13.55 35.29 18.91
C LYS A 506 12.13 35.57 18.50
N GLN A 507 11.21 34.71 18.93
CA GLN A 507 9.82 34.85 18.54
C GLN A 507 8.80 35.38 19.53
N PHE A 508 9.14 35.53 20.79
CA PHE A 508 8.14 36.08 21.69
C PHE A 508 8.86 36.98 22.65
N VAL A 509 8.18 37.39 23.72
CA VAL A 509 8.85 38.26 24.67
C VAL A 509 9.28 37.52 25.92
N ILE A 510 10.59 37.48 26.15
CA ILE A 510 11.14 36.81 27.32
C ILE A 510 10.79 37.57 28.57
N PHE A 511 10.60 36.86 29.69
CA PHE A 511 10.28 37.54 30.94
C PHE A 511 11.51 38.34 31.28
N ASN A 512 11.36 39.38 32.07
CA ASN A 512 12.54 40.15 32.37
C ASN A 512 13.03 40.05 33.78
N ASN A 513 14.27 39.56 33.91
CA ASN A 513 14.96 39.35 35.17
C ASN A 513 14.22 38.28 35.95
N THR A 514 14.72 37.93 37.13
CA THR A 514 14.13 36.89 37.97
C THR A 514 12.62 36.58 38.00
N TYR A 515 12.30 35.28 37.98
CA TYR A 515 10.92 34.80 38.05
C TYR A 515 10.80 33.90 39.28
N ILE A 516 9.72 34.06 40.05
CA ILE A 516 9.56 33.24 41.23
C ILE A 516 8.21 32.56 41.40
N TYR A 517 8.25 31.23 41.51
CA TYR A 517 7.04 30.42 41.66
C TYR A 517 6.93 29.78 43.03
N SER A 518 5.75 29.93 43.64
CA SER A 518 5.50 29.36 44.96
C SER A 518 4.51 28.22 44.89
N GLY A 519 4.95 27.04 45.35
CA GLY A 519 4.10 25.88 45.34
C GLY A 519 2.99 26.06 46.33
N MET A 520 3.34 26.41 47.55
CA MET A 520 2.35 26.59 48.59
C MET A 520 1.14 27.42 48.16
N SER A 521 1.40 28.63 47.70
CA SER A 521 0.31 29.49 47.28
C SER A 521 -0.12 29.28 45.83
N GLN A 522 0.70 28.55 45.06
CA GLN A 522 0.41 28.32 43.66
C GLN A 522 0.26 29.69 43.04
N THR A 523 1.34 30.47 43.13
CA THR A 523 1.38 31.82 42.59
C THR A 523 2.81 32.15 42.14
N SER A 524 2.94 33.14 41.26
CA SER A 524 4.24 33.54 40.74
C SER A 524 4.37 35.06 40.54
N ALA A 525 5.60 35.51 40.30
CA ALA A 525 5.85 36.92 40.05
C ALA A 525 7.24 37.10 39.43
N THR A 526 7.31 38.02 38.46
CA THR A 526 8.54 38.33 37.75
C THR A 526 9.11 39.52 38.49
N PHE A 527 10.39 39.78 38.37
CA PHE A 527 10.90 40.93 39.09
C PHE A 527 11.67 42.06 38.41
N GLN A 528 12.51 42.69 39.24
CA GLN A 528 13.36 43.85 38.95
C GLN A 528 13.88 44.21 37.57
N LEU A 529 13.08 44.93 36.78
CA LEU A 529 13.46 45.42 35.43
C LEU A 529 12.27 45.29 34.48
N ASP B 1 10.66 1.94 47.24
CA ASP B 1 11.10 0.53 47.40
C ASP B 1 12.60 0.31 47.52
N TRP B 2 13.40 1.37 47.43
CA TRP B 2 14.87 1.26 47.56
C TRP B 2 15.44 2.45 48.34
N GLU B 3 16.71 2.38 48.73
CA GLU B 3 17.29 3.45 49.52
C GLU B 3 17.37 4.85 48.95
N GLY B 4 16.72 5.79 49.64
CA GLY B 4 16.72 7.18 49.24
C GLY B 4 15.69 7.60 48.19
N ARG B 5 14.99 6.63 47.62
CA ARG B 5 14.02 6.90 46.59
C ARG B 5 13.03 8.02 46.89
N TRP B 6 12.21 7.84 47.92
CA TRP B 6 11.22 8.87 48.20
C TRP B 6 11.63 10.04 49.10
N ASN B 7 12.91 10.35 49.16
CA ASN B 7 13.35 11.45 50.01
C ASN B 7 12.72 12.78 49.66
N HIS B 8 12.49 13.01 48.37
CA HIS B 8 11.90 14.25 47.93
C HIS B 8 10.41 14.36 48.25
N VAL B 9 9.94 13.49 49.14
CA VAL B 9 8.55 13.48 49.52
C VAL B 9 8.44 13.32 51.02
N LYS B 10 9.30 12.49 51.57
CA LYS B 10 9.30 12.26 53.02
C LYS B 10 9.38 13.59 53.73
N LYS B 11 10.30 14.44 53.31
CA LYS B 11 10.50 15.73 53.93
C LYS B 11 9.24 16.58 54.09
N PHE B 12 8.19 16.28 53.33
CA PHE B 12 6.95 17.05 53.46
C PHE B 12 5.91 16.30 54.25
N LEU B 13 6.14 15.00 54.42
CA LEU B 13 5.21 14.17 55.14
C LEU B 13 5.72 13.82 56.53
N GLU B 14 7.03 13.64 56.64
CA GLU B 14 7.65 13.29 57.92
C GLU B 14 7.87 14.51 58.81
N ARG B 15 8.10 15.67 58.20
CA ARG B 15 8.33 16.90 58.94
C ARG B 15 7.12 17.81 59.08
N SER B 16 6.98 18.41 60.26
CA SER B 16 5.87 19.35 60.51
C SER B 16 6.23 20.67 59.85
N GLY B 17 5.31 21.62 59.85
CA GLY B 17 5.62 22.89 59.21
C GLY B 17 4.76 24.08 59.57
N PRO B 18 5.16 25.28 59.12
CA PRO B 18 4.45 26.54 59.38
C PRO B 18 3.17 26.70 58.56
N PHE B 19 3.28 26.49 57.25
CA PHE B 19 2.13 26.65 56.36
C PHE B 19 1.37 25.34 56.23
N THR B 20 1.78 24.35 57.01
CA THR B 20 1.13 23.05 57.00
C THR B 20 -0.38 23.17 57.24
N HIS B 21 -1.17 22.39 56.51
CA HIS B 21 -2.62 22.41 56.66
C HIS B 21 -2.98 21.94 58.07
N PRO B 22 -4.02 22.52 58.68
CA PRO B 22 -4.44 22.14 60.04
C PRO B 22 -4.45 20.64 60.34
N ASP B 23 -5.31 19.91 59.64
CA ASP B 23 -5.46 18.46 59.81
C ASP B 23 -4.18 17.66 59.52
N PHE B 24 -3.03 18.32 59.51
CA PHE B 24 -1.77 17.63 59.22
C PHE B 24 -1.11 16.95 60.39
N GLU B 25 -0.79 15.67 60.19
CA GLU B 25 -0.12 14.88 61.21
C GLU B 25 1.20 14.38 60.62
N PRO B 26 2.32 14.89 61.12
CA PRO B 26 3.67 14.52 60.67
C PRO B 26 4.03 13.10 61.06
N SER B 27 3.95 12.18 60.10
CA SER B 27 4.27 10.78 60.40
C SER B 27 5.20 10.09 59.42
N THR B 28 5.87 9.06 59.92
CA THR B 28 6.80 8.28 59.13
C THR B 28 6.02 7.27 58.30
N GLU B 29 4.77 7.05 58.70
CA GLU B 29 3.90 6.09 58.03
C GLU B 29 3.19 6.75 56.85
N SER B 30 2.86 8.03 57.01
CA SER B 30 2.16 8.81 55.98
C SER B 30 2.42 8.38 54.53
N LEU B 31 3.70 8.24 54.18
CA LEU B 31 4.10 7.86 52.83
C LEU B 31 3.57 6.51 52.36
N GLN B 32 4.04 5.45 53.00
CA GLN B 32 3.62 4.10 52.65
C GLN B 32 2.11 4.07 52.43
N PHE B 33 1.37 4.71 53.34
CA PHE B 33 -0.08 4.77 53.26
C PHE B 33 -0.49 5.26 51.88
N LEU B 34 -0.08 6.48 51.57
CA LEU B 34 -0.35 7.11 50.28
C LEU B 34 -0.12 6.10 49.13
N LEU B 35 1.07 5.51 49.14
CA LEU B 35 1.47 4.54 48.15
C LEU B 35 0.60 3.31 48.05
N ASP B 36 -0.01 2.92 49.15
CA ASP B 36 -0.84 1.71 49.13
C ASP B 36 -2.33 1.98 49.04
N THR B 37 -2.84 2.89 49.85
CA THR B 37 -4.27 3.12 49.86
C THR B 37 -4.88 4.17 48.94
N CYS B 38 -4.15 5.25 48.65
CA CYS B 38 -4.71 6.34 47.83
C CYS B 38 -4.99 6.07 46.35
N LYS B 39 -6.27 5.90 46.00
CA LYS B 39 -6.69 5.65 44.63
C LYS B 39 -6.98 6.97 43.92
N VAL B 40 -6.31 7.20 42.78
CA VAL B 40 -6.50 8.42 42.00
C VAL B 40 -6.80 8.18 40.53
N LEU B 41 -7.90 8.72 40.05
CA LEU B 41 -8.28 8.57 38.66
C LEU B 41 -7.77 9.77 37.88
N VAL B 42 -7.22 9.51 36.70
CA VAL B 42 -6.70 10.57 35.86
C VAL B 42 -7.43 10.55 34.55
N ILE B 43 -8.39 11.46 34.38
CA ILE B 43 -9.17 11.51 33.13
C ILE B 43 -8.43 12.18 31.98
N GLY B 44 -8.25 11.43 30.91
CA GLY B 44 -7.55 11.94 29.76
C GLY B 44 -6.10 11.48 29.78
N ALA B 45 -5.54 11.25 28.60
CA ALA B 45 -4.17 10.80 28.52
C ALA B 45 -3.55 11.31 27.25
N GLY B 46 -3.26 12.61 27.25
CA GLY B 46 -2.66 13.24 26.10
C GLY B 46 -2.30 14.62 26.62
N GLY B 47 -1.08 15.07 26.35
CA GLY B 47 -0.68 16.36 26.85
C GLY B 47 -0.75 16.28 28.36
N LEU B 48 -1.80 16.85 28.92
CA LEU B 48 -1.99 16.83 30.36
C LEU B 48 -1.88 15.44 30.96
N GLY B 49 -2.72 14.53 30.48
CA GLY B 49 -2.71 13.17 30.98
C GLY B 49 -1.30 12.66 31.22
N CYS B 50 -0.53 12.53 30.13
CA CYS B 50 0.83 12.03 30.24
C CYS B 50 1.55 12.73 31.37
N GLU B 51 1.70 14.05 31.25
CA GLU B 51 2.39 14.84 32.26
C GLU B 51 1.82 14.54 33.64
N LEU B 52 0.49 14.50 33.76
CA LEU B 52 -0.14 14.22 35.05
C LEU B 52 0.32 12.90 35.63
N LEU B 53 0.23 11.85 34.83
CA LEU B 53 0.64 10.53 35.26
C LEU B 53 2.05 10.54 35.77
N LYS B 54 2.95 11.15 35.02
CA LYS B 54 4.32 11.23 35.45
C LYS B 54 4.38 11.89 36.82
N ASN B 55 3.92 13.13 36.90
CA ASN B 55 3.94 13.85 38.16
C ASN B 55 3.38 13.04 39.33
N LEU B 56 2.17 12.51 39.17
CA LEU B 56 1.58 11.72 40.22
C LEU B 56 2.45 10.54 40.64
N ALA B 57 2.97 9.81 39.66
CA ALA B 57 3.80 8.64 39.91
C ALA B 57 5.01 8.91 40.80
N LEU B 58 5.68 10.02 40.54
CA LEU B 58 6.86 10.39 41.29
C LEU B 58 6.57 11.21 42.55
N SER B 59 5.29 11.49 42.79
CA SER B 59 4.93 12.25 43.97
C SER B 59 4.67 11.30 45.12
N GLY B 60 4.49 10.02 44.80
CA GLY B 60 4.23 9.04 45.82
C GLY B 60 2.90 8.35 45.65
N PHE B 61 2.40 8.28 44.44
CA PHE B 61 1.13 7.63 44.20
C PHE B 61 1.36 6.33 43.45
N ARG B 62 0.69 5.26 43.85
CA ARG B 62 0.85 3.98 43.17
C ARG B 62 -0.42 3.55 42.49
N GLN B 63 -1.55 3.66 43.19
CA GLN B 63 -2.84 3.26 42.66
C GLN B 63 -3.45 4.34 41.78
N ILE B 64 -3.19 4.25 40.48
CA ILE B 64 -3.65 5.24 39.51
C ILE B 64 -4.38 4.64 38.34
N HIS B 65 -5.51 5.22 37.99
CA HIS B 65 -6.27 4.72 36.87
C HIS B 65 -6.31 5.80 35.80
N VAL B 66 -6.21 5.40 34.55
CA VAL B 66 -6.25 6.36 33.47
C VAL B 66 -7.38 6.03 32.52
N ILE B 67 -8.22 7.02 32.22
CA ILE B 67 -9.31 6.82 31.29
C ILE B 67 -9.01 7.60 30.03
N ASP B 68 -9.39 7.07 28.88
CA ASP B 68 -9.15 7.79 27.65
C ASP B 68 -9.66 7.06 26.44
N MET B 69 -10.59 7.71 25.76
CA MET B 69 -11.24 7.18 24.58
C MET B 69 -10.44 7.19 23.29
N ASP B 70 -9.38 7.97 23.21
CA ASP B 70 -8.67 7.98 21.96
C ASP B 70 -7.52 7.01 21.78
N THR B 71 -7.11 6.92 20.52
CA THR B 71 -6.05 6.06 20.06
C THR B 71 -4.92 6.96 19.56
N ILE B 72 -3.68 6.66 19.95
CA ILE B 72 -2.52 7.46 19.56
C ILE B 72 -2.42 7.85 18.10
N ASP B 73 -2.11 9.11 17.86
CA ASP B 73 -1.97 9.62 16.51
C ASP B 73 -0.65 10.36 16.42
N VAL B 74 0.08 10.17 15.33
CA VAL B 74 1.37 10.82 15.15
C VAL B 74 1.45 12.24 15.68
N SER B 75 0.43 13.05 15.38
CA SER B 75 0.41 14.44 15.81
C SER B 75 0.32 14.67 17.32
N ASN B 76 0.62 13.64 18.10
CA ASN B 76 0.57 13.77 19.55
C ASN B 76 1.98 13.68 20.03
N LEU B 77 2.79 13.03 19.21
CA LEU B 77 4.18 12.79 19.54
C LEU B 77 5.03 14.00 19.78
N ASN B 78 4.43 15.19 19.69
CA ASN B 78 5.21 16.39 19.90
C ASN B 78 5.02 16.95 21.28
N ARG B 79 4.29 16.25 22.14
CA ARG B 79 4.04 16.73 23.50
C ARG B 79 3.54 15.68 24.46
N GLN B 80 3.10 14.55 23.91
CA GLN B 80 2.62 13.41 24.70
C GLN B 80 3.72 12.37 24.75
N PHE B 81 4.77 12.72 25.49
CA PHE B 81 5.95 11.89 25.62
C PHE B 81 5.79 10.40 25.90
N LEU B 82 4.67 9.97 26.44
CA LEU B 82 4.52 8.56 26.72
C LEU B 82 4.27 7.74 25.48
N PHE B 83 4.19 8.40 24.32
CA PHE B 83 3.93 7.66 23.09
C PHE B 83 5.09 7.75 22.11
N ARG B 84 5.37 6.66 21.40
CA ARG B 84 6.42 6.63 20.39
C ARG B 84 5.72 6.28 19.07
N PRO B 85 6.36 6.58 17.93
CA PRO B 85 5.75 6.28 16.62
C PRO B 85 5.30 4.84 16.46
N LYS B 86 6.07 3.90 17.01
CA LYS B 86 5.70 2.49 16.94
C LYS B 86 4.34 2.27 17.62
N ASP B 87 4.07 3.06 18.66
CA ASP B 87 2.84 2.96 19.43
C ASP B 87 1.63 3.54 18.71
N ILE B 88 1.87 4.28 17.64
CA ILE B 88 0.77 4.86 16.88
C ILE B 88 -0.30 3.82 16.59
N GLY B 89 -1.56 4.24 16.65
CA GLY B 89 -2.67 3.35 16.38
C GLY B 89 -3.13 2.59 17.62
N ARG B 90 -2.32 2.61 18.68
CA ARG B 90 -2.68 1.91 19.90
C ARG B 90 -3.55 2.73 20.80
N PRO B 91 -4.10 2.10 21.85
CA PRO B 91 -4.95 2.82 22.81
C PRO B 91 -4.11 3.75 23.69
N LYS B 92 -4.38 5.05 23.63
CA LYS B 92 -3.63 6.00 24.43
C LYS B 92 -3.58 5.51 25.85
N ALA B 93 -4.76 5.28 26.42
CA ALA B 93 -4.84 4.84 27.78
C ALA B 93 -3.94 3.65 28.05
N GLU B 94 -3.93 2.71 27.12
CA GLU B 94 -3.15 1.48 27.26
C GLU B 94 -1.68 1.79 27.33
N VAL B 95 -1.17 2.35 26.23
CA VAL B 95 0.24 2.69 26.14
C VAL B 95 0.66 3.54 27.33
N ALA B 96 -0.13 4.57 27.62
CA ALA B 96 0.18 5.45 28.75
C ALA B 96 0.58 4.61 29.94
N ALA B 97 -0.31 3.74 30.38
CA ALA B 97 -0.05 2.91 31.53
C ALA B 97 1.12 2.00 31.26
N GLU B 98 1.12 1.37 30.11
CA GLU B 98 2.20 0.46 29.75
C GLU B 98 3.55 1.08 30.07
N PHE B 99 3.79 2.23 29.44
CA PHE B 99 5.04 2.95 29.62
C PHE B 99 5.26 3.33 31.07
N LEU B 100 4.35 4.08 31.66
CA LEU B 100 4.54 4.51 33.03
C LEU B 100 4.78 3.40 34.05
N ASN B 101 4.03 2.31 33.96
CA ASN B 101 4.21 1.20 34.88
C ASN B 101 5.57 0.56 34.70
N ASP B 102 6.26 0.98 33.65
CA ASP B 102 7.59 0.45 33.36
C ASP B 102 8.67 1.42 33.83
N ARG B 103 8.59 2.68 33.38
CA ARG B 103 9.59 3.68 33.74
C ARG B 103 9.69 3.91 35.23
N VAL B 104 8.55 3.81 35.93
CA VAL B 104 8.54 4.02 37.36
C VAL B 104 8.35 2.73 38.11
N PRO B 105 9.46 2.10 38.54
CA PRO B 105 9.54 0.85 39.27
C PRO B 105 8.27 0.13 39.69
N ASN B 106 7.70 0.48 40.84
CA ASN B 106 6.52 -0.23 41.31
C ASN B 106 5.17 0.43 41.15
N CYS B 107 5.04 1.29 40.14
CA CYS B 107 3.77 1.96 39.91
C CYS B 107 2.76 0.91 39.49
N ASN B 108 1.48 1.21 39.66
CA ASN B 108 0.42 0.27 39.32
C ASN B 108 -0.71 0.98 38.58
N VAL B 109 -0.41 1.53 37.41
CA VAL B 109 -1.42 2.24 36.62
C VAL B 109 -2.35 1.32 35.85
N VAL B 110 -3.65 1.58 35.96
CA VAL B 110 -4.66 0.79 35.30
C VAL B 110 -5.33 1.58 34.23
N PRO B 111 -5.17 1.18 32.96
CA PRO B 111 -5.79 1.90 31.85
C PRO B 111 -7.26 1.54 31.65
N HIS B 112 -7.97 2.40 30.93
CA HIS B 112 -9.38 2.17 30.68
C HIS B 112 -9.72 2.75 29.33
N PHE B 113 -9.67 1.91 28.31
CA PHE B 113 -9.95 2.37 26.96
C PHE B 113 -11.43 2.71 26.88
N ASN B 114 -11.84 3.81 27.52
CA ASN B 114 -13.25 4.19 27.52
C ASN B 114 -13.39 5.69 27.47
N LYS B 115 -14.63 6.14 27.35
CA LYS B 115 -14.88 7.57 27.38
C LYS B 115 -15.64 7.71 28.69
N ILE B 116 -15.12 8.55 29.59
CA ILE B 116 -15.70 8.75 30.91
C ILE B 116 -17.17 8.48 31.04
N GLN B 117 -17.97 8.92 30.08
CA GLN B 117 -19.42 8.71 30.11
C GLN B 117 -19.82 7.24 29.99
N ASP B 118 -18.87 6.34 30.10
CA ASP B 118 -19.19 4.92 30.02
C ASP B 118 -19.49 4.40 31.41
N PHE B 119 -18.84 4.98 32.42
CA PHE B 119 -19.05 4.51 33.78
C PHE B 119 -20.14 5.26 34.52
N ASN B 120 -20.60 4.67 35.62
CA ASN B 120 -21.65 5.27 36.45
C ASN B 120 -21.19 5.35 37.90
N ASP B 121 -21.80 6.23 38.68
CA ASP B 121 -21.42 6.44 40.08
C ASP B 121 -20.61 5.32 40.69
N THR B 122 -21.18 4.11 40.65
CA THR B 122 -20.51 2.94 41.19
C THR B 122 -19.00 3.02 40.98
N PHE B 123 -18.61 3.26 39.73
CA PHE B 123 -17.21 3.33 39.33
C PHE B 123 -16.40 4.44 39.95
N TYR B 124 -16.92 5.65 39.84
CA TYR B 124 -16.20 6.79 40.36
C TYR B 124 -16.12 6.87 41.88
N ARG B 125 -17.08 6.31 42.58
CA ARG B 125 -17.02 6.34 44.04
C ARG B 125 -15.70 5.78 44.53
N GLN B 126 -15.10 4.90 43.72
CA GLN B 126 -13.83 4.24 44.04
C GLN B 126 -12.70 5.14 44.45
N PHE B 127 -12.48 6.20 43.68
CA PHE B 127 -11.38 7.12 43.90
C PHE B 127 -11.51 8.19 44.96
N HIS B 128 -10.36 8.63 45.47
CA HIS B 128 -10.29 9.68 46.48
C HIS B 128 -10.18 11.03 45.80
N ILE B 129 -9.44 11.08 44.70
CA ILE B 129 -9.24 12.30 43.94
C ILE B 129 -9.33 12.03 42.46
N ILE B 130 -9.68 13.04 41.68
CA ILE B 130 -9.79 12.89 40.24
C ILE B 130 -9.20 14.12 39.57
N VAL B 131 -8.33 13.93 38.58
CA VAL B 131 -7.73 15.06 37.88
C VAL B 131 -8.10 15.02 36.43
N CYS B 132 -8.52 16.15 35.88
CA CYS B 132 -8.88 16.18 34.48
C CYS B 132 -7.88 16.79 33.55
N GLY B 133 -7.97 16.39 32.29
CA GLY B 133 -7.07 16.89 31.29
C GLY B 133 -7.79 16.61 30.01
N LEU B 134 -9.06 16.99 30.00
CA LEU B 134 -9.95 16.80 28.87
C LEU B 134 -9.86 17.92 27.83
N ASP B 135 -10.17 17.61 26.58
CA ASP B 135 -10.08 18.63 25.55
C ASP B 135 -11.41 19.16 25.10
N SER B 136 -12.45 18.91 25.87
CA SER B 136 -13.78 19.41 25.50
C SER B 136 -14.39 20.05 26.74
N ILE B 137 -15.50 20.76 26.57
CA ILE B 137 -16.12 21.36 27.74
C ILE B 137 -17.14 20.38 28.31
N ILE B 138 -18.00 19.90 27.42
CA ILE B 138 -19.02 18.94 27.76
C ILE B 138 -18.42 17.95 28.74
N ALA B 139 -17.41 17.23 28.29
CA ALA B 139 -16.75 16.24 29.13
C ALA B 139 -16.54 16.79 30.52
N ARG B 140 -15.89 17.94 30.62
CA ARG B 140 -15.65 18.54 31.92
C ARG B 140 -16.97 18.65 32.64
N ARG B 141 -17.91 19.35 32.01
CA ARG B 141 -19.23 19.50 32.61
C ARG B 141 -19.78 18.15 33.06
N TRP B 142 -19.74 17.16 32.18
CA TRP B 142 -20.25 15.84 32.52
C TRP B 142 -19.62 15.26 33.76
N ILE B 143 -18.31 15.10 33.76
CA ILE B 143 -17.64 14.54 34.92
C ILE B 143 -17.92 15.40 36.14
N ASN B 144 -18.19 16.67 35.90
CA ASN B 144 -18.49 17.60 36.99
C ASN B 144 -19.76 17.14 37.66
N GLY B 145 -20.74 16.74 36.86
CA GLY B 145 -21.98 16.24 37.41
C GLY B 145 -21.70 14.96 38.19
N MET B 146 -21.33 13.91 37.46
CA MET B 146 -21.03 12.64 38.08
C MET B 146 -20.40 12.78 39.44
N LEU B 147 -19.44 13.71 39.60
CA LEU B 147 -18.79 13.86 40.89
C LEU B 147 -19.63 14.51 41.96
N ILE B 148 -20.76 15.09 41.56
CA ILE B 148 -21.65 15.74 42.51
C ILE B 148 -22.71 14.74 42.96
N SER B 149 -23.25 13.98 42.01
CA SER B 149 -24.25 12.99 42.33
C SER B 149 -23.79 12.07 43.47
N LEU B 150 -22.48 12.02 43.68
CA LEU B 150 -21.94 11.19 44.74
C LEU B 150 -22.18 11.83 46.09
N LEU B 151 -22.35 13.14 46.08
CA LEU B 151 -22.60 13.88 47.30
C LEU B 151 -23.79 13.29 48.02
N ASN B 152 -23.61 13.08 49.33
CA ASN B 152 -24.63 12.52 50.18
C ASN B 152 -25.12 13.58 51.17
N TYR B 153 -26.42 13.89 51.12
CA TYR B 153 -26.99 14.91 52.00
C TYR B 153 -27.83 14.39 53.17
N GLU B 154 -27.28 14.54 54.38
CA GLU B 154 -27.93 14.11 55.62
C GLU B 154 -28.92 15.19 56.09
N ASP B 155 -30.10 15.23 55.50
CA ASP B 155 -31.11 16.22 55.87
C ASP B 155 -30.55 17.64 55.80
N GLY B 156 -30.20 18.08 54.59
CA GLY B 156 -29.66 19.41 54.42
C GLY B 156 -28.17 19.55 54.67
N VAL B 157 -27.62 18.65 55.50
CA VAL B 157 -26.19 18.66 55.83
C VAL B 157 -25.37 17.78 54.88
N LEU B 158 -24.26 18.31 54.38
CA LEU B 158 -23.41 17.56 53.46
C LEU B 158 -22.42 16.68 54.21
N ASP B 159 -22.42 15.40 53.86
CA ASP B 159 -21.51 14.44 54.47
C ASP B 159 -20.13 14.68 53.87
N PRO B 160 -19.17 15.15 54.68
CA PRO B 160 -17.82 15.43 54.21
C PRO B 160 -17.18 14.29 53.40
N SER B 161 -17.38 13.05 53.84
CA SER B 161 -16.82 11.90 53.14
C SER B 161 -17.65 11.44 51.94
N SER B 162 -18.29 12.38 51.24
CA SER B 162 -19.09 12.05 50.05
C SER B 162 -18.65 13.01 48.97
N ILE B 163 -17.59 13.75 49.26
CA ILE B 163 -17.05 14.72 48.32
C ILE B 163 -15.75 14.19 47.75
N VAL B 164 -15.67 14.15 46.44
CA VAL B 164 -14.49 13.68 45.74
C VAL B 164 -13.83 14.89 45.07
N PRO B 165 -12.65 15.30 45.57
CA PRO B 165 -11.93 16.43 45.01
C PRO B 165 -11.68 16.25 43.52
N LEU B 166 -12.05 17.24 42.73
CA LEU B 166 -11.87 17.19 41.30
C LEU B 166 -10.96 18.30 40.87
N ILE B 167 -9.74 17.97 40.47
CA ILE B 167 -8.82 19.00 40.01
C ILE B 167 -8.86 19.04 38.48
N ASP B 168 -9.08 20.22 37.90
CA ASP B 168 -9.13 20.34 36.45
C ASP B 168 -7.99 21.13 35.82
N GLY B 169 -7.61 20.71 34.61
CA GLY B 169 -6.52 21.35 33.89
C GLY B 169 -6.98 21.81 32.53
N GLY B 170 -6.48 22.96 32.10
CA GLY B 170 -6.85 23.51 30.81
C GLY B 170 -5.65 24.07 30.10
N THR B 171 -5.62 23.88 28.80
CA THR B 171 -4.51 24.35 28.01
C THR B 171 -5.06 24.85 26.70
N GLU B 172 -4.28 25.66 26.01
CA GLU B 172 -4.70 26.21 24.74
C GLU B 172 -3.61 27.14 24.34
N GLY B 173 -2.67 26.64 23.54
CA GLY B 173 -1.57 27.46 23.09
C GLY B 173 -0.67 27.73 24.26
N PHE B 174 -0.32 29.00 24.48
CA PHE B 174 0.54 29.34 25.58
C PHE B 174 -0.22 29.70 26.83
N LYS B 175 -1.54 29.68 26.74
CA LYS B 175 -2.38 30.02 27.89
C LYS B 175 -2.85 28.73 28.53
N GLY B 176 -3.08 28.77 29.84
CA GLY B 176 -3.54 27.58 30.54
C GLY B 176 -4.23 27.98 31.83
N ASN B 177 -4.98 27.06 32.41
CA ASN B 177 -5.67 27.31 33.66
C ASN B 177 -5.84 26.02 34.45
N ALA B 178 -5.74 26.13 35.78
CA ALA B 178 -5.86 25.00 36.69
C ALA B 178 -6.77 25.41 37.83
N ARG B 179 -7.64 24.49 38.27
CA ARG B 179 -8.58 24.75 39.36
C ARG B 179 -8.79 23.56 40.27
N VAL B 180 -9.22 23.84 41.50
CA VAL B 180 -9.52 22.82 42.50
C VAL B 180 -11.02 22.88 42.82
N ILE B 181 -11.64 21.72 42.93
CA ILE B 181 -13.06 21.70 43.18
C ILE B 181 -13.41 20.74 44.30
N LEU B 182 -14.41 21.11 45.07
CA LEU B 182 -14.84 20.26 46.16
C LEU B 182 -16.35 20.33 46.04
N PRO B 183 -16.90 19.69 45.00
CA PRO B 183 -18.34 19.69 44.75
C PRO B 183 -19.16 19.76 46.03
N GLY B 184 -19.92 20.84 46.17
CA GLY B 184 -20.74 20.98 47.36
C GLY B 184 -20.07 21.85 48.42
N MET B 185 -19.13 22.67 47.97
CA MET B 185 -18.40 23.59 48.84
C MET B 185 -17.75 24.66 47.97
N THR B 186 -16.79 24.24 47.14
CA THR B 186 -16.12 25.17 46.25
C THR B 186 -16.91 25.27 44.96
N ALA B 187 -16.69 26.34 44.20
CA ALA B 187 -17.41 26.53 42.95
C ALA B 187 -17.10 25.39 41.98
N CYS B 188 -18.16 24.84 41.38
CA CYS B 188 -18.01 23.73 40.45
C CYS B 188 -17.63 24.21 39.06
N ILE B 189 -17.70 23.30 38.09
CA ILE B 189 -17.39 23.63 36.71
C ILE B 189 -18.54 24.47 36.12
N GLU B 190 -19.76 24.06 36.47
CA GLU B 190 -20.98 24.71 36.01
C GLU B 190 -21.12 26.11 36.62
N CYS B 191 -20.47 26.33 37.75
CA CYS B 191 -20.52 27.62 38.40
C CYS B 191 -19.77 28.61 37.50
N THR B 192 -18.47 28.43 37.37
CA THR B 192 -17.64 29.31 36.54
C THR B 192 -17.70 28.91 35.07
N LEU B 193 -18.90 28.61 34.60
CA LEU B 193 -19.11 28.20 33.24
C LEU B 193 -18.90 29.30 32.20
N GLU B 194 -19.10 30.55 32.59
CA GLU B 194 -18.95 31.66 31.65
C GLU B 194 -17.52 32.18 31.51
N LEU B 195 -16.57 31.57 32.22
CA LEU B 195 -15.19 31.99 32.10
C LEU B 195 -14.63 31.50 30.77
N TYR B 196 -15.38 30.63 30.10
CA TYR B 196 -14.94 30.13 28.81
C TYR B 196 -15.29 31.15 27.74
N PRO B 197 -14.37 31.39 26.80
CA PRO B 197 -14.58 32.35 25.72
C PRO B 197 -15.75 31.95 24.81
N PRO B 198 -16.15 32.85 23.90
CA PRO B 198 -17.26 32.56 22.99
C PRO B 198 -16.71 31.83 21.76
N GLN B 199 -17.26 30.66 21.46
CA GLN B 199 -16.82 29.89 20.31
C GLN B 199 -17.15 30.65 19.02
N VAL B 200 -16.12 30.96 18.24
CA VAL B 200 -16.32 31.68 17.00
C VAL B 200 -17.20 30.85 16.05
N ASN B 201 -18.44 31.31 15.85
CA ASN B 201 -19.36 30.61 14.96
C ASN B 201 -19.78 31.46 13.76
N PHE B 202 -19.40 30.99 12.57
CA PHE B 202 -19.69 31.66 11.29
C PHE B 202 -21.15 31.63 10.88
N PRO B 203 -21.74 32.79 10.55
CA PRO B 203 -23.15 32.81 10.15
C PRO B 203 -23.24 32.18 8.77
N MET B 204 -23.96 31.05 8.66
CA MET B 204 -24.07 30.36 7.38
C MET B 204 -24.23 31.30 6.20
N ALA B 205 -24.94 32.40 6.43
CA ALA B 205 -25.17 33.38 5.37
C ALA B 205 -23.87 33.68 4.61
N THR B 206 -22.90 34.25 5.33
CA THR B 206 -21.62 34.61 4.74
C THR B 206 -20.86 33.44 4.14
N ILE B 207 -20.99 32.27 4.77
CA ILE B 207 -20.31 31.07 4.30
C ILE B 207 -20.75 30.59 2.94
N ALA B 208 -21.98 30.94 2.55
CA ALA B 208 -22.51 30.53 1.26
C ALA B 208 -22.73 31.71 0.31
N SER B 209 -22.98 32.89 0.87
CA SER B 209 -23.24 34.07 0.07
C SER B 209 -22.09 35.04 -0.06
N MET B 210 -21.43 35.35 1.06
CA MET B 210 -20.34 36.32 1.03
C MET B 210 -19.12 35.93 1.85
N PRO B 211 -18.24 35.10 1.26
CA PRO B 211 -17.02 34.65 1.94
C PRO B 211 -16.05 35.81 1.93
N ARG B 212 -15.11 35.82 2.88
CA ARG B 212 -14.12 36.89 2.94
C ARG B 212 -12.77 36.34 3.35
N LEU B 213 -12.78 35.37 4.24
CA LEU B 213 -11.55 34.77 4.73
C LEU B 213 -11.37 33.35 4.19
N PRO B 214 -10.12 32.88 4.10
CA PRO B 214 -9.88 31.53 3.60
C PRO B 214 -10.70 30.54 4.43
N GLU B 215 -10.90 30.88 5.71
CA GLU B 215 -11.66 30.06 6.63
C GLU B 215 -13.07 29.86 6.08
N HIS B 216 -13.70 30.94 5.63
CA HIS B 216 -15.04 30.87 5.11
C HIS B 216 -15.19 29.97 3.92
N CYS B 217 -14.11 29.75 3.18
CA CYS B 217 -14.16 28.88 2.03
C CYS B 217 -14.13 27.46 2.52
N ILE B 218 -13.13 27.12 3.30
CA ILE B 218 -13.01 25.79 3.85
C ILE B 218 -14.33 25.40 4.55
N GLU B 219 -14.70 26.17 5.57
CA GLU B 219 -15.91 25.92 6.32
C GLU B 219 -17.10 25.62 5.42
N TYR B 220 -17.07 26.12 4.19
CA TYR B 220 -18.13 25.88 3.26
C TYR B 220 -17.96 24.47 2.70
N VAL B 221 -16.82 24.22 2.08
CA VAL B 221 -16.49 22.93 1.50
C VAL B 221 -16.66 21.83 2.54
N ARG B 222 -16.84 22.20 3.80
CA ARG B 222 -17.02 21.18 4.81
C ARG B 222 -18.44 21.11 5.29
N MET B 223 -18.93 22.22 5.82
CA MET B 223 -20.29 22.30 6.36
C MET B 223 -21.41 22.10 5.33
N LEU B 224 -21.10 22.28 4.05
CA LEU B 224 -22.10 22.13 3.01
C LEU B 224 -21.75 21.28 1.78
N GLN B 225 -20.68 21.65 1.08
CA GLN B 225 -20.29 20.94 -0.14
C GLN B 225 -20.11 19.43 -0.02
N TRP B 226 -19.63 18.96 1.13
CA TRP B 226 -19.43 17.54 1.30
C TRP B 226 -20.76 16.85 1.46
N PRO B 227 -21.58 17.29 2.42
CA PRO B 227 -22.88 16.68 2.66
C PRO B 227 -23.74 16.69 1.40
N LYS B 228 -23.41 17.60 0.48
CA LYS B 228 -24.18 17.68 -0.74
C LYS B 228 -23.77 16.58 -1.73
N GLU B 229 -22.61 16.73 -2.35
CA GLU B 229 -22.15 15.75 -3.34
C GLU B 229 -21.33 14.60 -2.76
N GLN B 230 -21.85 13.98 -1.71
CA GLN B 230 -21.20 12.83 -1.04
C GLN B 230 -19.88 12.45 -1.70
N PRO B 231 -18.79 13.10 -1.30
CA PRO B 231 -17.42 12.92 -1.79
C PRO B 231 -16.92 11.50 -1.96
N PHE B 232 -16.96 10.71 -0.89
CA PHE B 232 -16.51 9.34 -0.97
C PHE B 232 -17.67 8.39 -0.73
N GLY B 233 -18.59 8.31 -1.69
CA GLY B 233 -19.74 7.44 -1.55
C GLY B 233 -20.83 8.07 -0.69
N GLU B 234 -22.07 7.60 -0.84
CA GLU B 234 -23.19 8.13 -0.07
C GLU B 234 -23.14 7.71 1.39
N GLY B 235 -23.79 8.49 2.24
CA GLY B 235 -23.82 8.21 3.67
C GLY B 235 -22.50 8.36 4.41
N VAL B 236 -21.39 8.14 3.71
CA VAL B 236 -20.05 8.23 4.30
C VAL B 236 -19.77 9.61 4.91
N PRO B 237 -19.39 9.63 6.19
CA PRO B 237 -19.08 10.85 6.94
C PRO B 237 -17.72 11.42 6.59
N LEU B 238 -17.48 12.67 6.99
CA LEU B 238 -16.22 13.37 6.74
C LEU B 238 -15.22 13.07 7.86
N ASP B 239 -14.30 12.15 7.60
CA ASP B 239 -13.29 11.76 8.59
C ASP B 239 -12.17 12.76 8.61
N GLY B 240 -12.30 13.74 9.50
CA GLY B 240 -11.30 14.79 9.61
C GLY B 240 -9.85 14.34 9.58
N ASP B 241 -9.58 13.13 10.03
CA ASP B 241 -8.21 12.63 10.09
C ASP B 241 -7.73 11.95 8.82
N ASP B 242 -8.67 11.59 7.95
CA ASP B 242 -8.33 10.91 6.69
C ASP B 242 -7.79 11.87 5.63
N PRO B 243 -6.46 11.90 5.47
CA PRO B 243 -5.80 12.75 4.50
C PRO B 243 -6.60 12.97 3.23
N GLU B 244 -6.89 11.89 2.52
CA GLU B 244 -7.64 11.99 1.26
C GLU B 244 -8.88 12.85 1.38
N HIS B 245 -9.48 12.90 2.57
CA HIS B 245 -10.67 13.71 2.83
C HIS B 245 -10.27 15.18 2.88
N ILE B 246 -9.28 15.48 3.71
CA ILE B 246 -8.82 16.84 3.84
C ILE B 246 -8.28 17.30 2.49
N GLN B 247 -7.48 16.45 1.86
CA GLN B 247 -6.91 16.77 0.56
C GLN B 247 -8.02 17.22 -0.38
N TRP B 248 -9.14 16.50 -0.33
CA TRP B 248 -10.26 16.86 -1.17
C TRP B 248 -10.81 18.21 -0.73
N ILE B 249 -11.16 18.31 0.55
CA ILE B 249 -11.71 19.55 1.10
C ILE B 249 -10.77 20.69 0.81
N PHE B 250 -9.49 20.41 0.91
CA PHE B 250 -8.48 21.42 0.65
C PHE B 250 -8.67 21.86 -0.78
N GLN B 251 -8.61 20.89 -1.68
CA GLN B 251 -8.76 21.12 -3.12
C GLN B 251 -10.01 21.94 -3.44
N LYS B 252 -11.13 21.54 -2.85
CA LYS B 252 -12.40 22.23 -3.07
C LYS B 252 -12.44 23.61 -2.42
N SER B 253 -11.78 23.76 -1.28
CA SER B 253 -11.76 25.07 -0.63
C SER B 253 -10.84 25.93 -1.45
N LEU B 254 -9.87 25.30 -2.10
CA LEU B 254 -8.91 25.99 -2.93
C LEU B 254 -9.61 26.56 -4.14
N GLU B 255 -10.54 25.79 -4.69
CA GLU B 255 -11.29 26.22 -5.86
C GLU B 255 -12.30 27.30 -5.46
N ARG B 256 -12.95 27.13 -4.31
CA ARG B 256 -13.93 28.11 -3.82
C ARG B 256 -13.25 29.44 -3.60
N ALA B 257 -12.11 29.39 -2.93
CA ALA B 257 -11.33 30.59 -2.65
C ALA B 257 -11.12 31.32 -3.96
N SER B 258 -10.72 30.58 -4.98
CA SER B 258 -10.48 31.15 -6.29
C SER B 258 -11.73 31.84 -6.85
N GLN B 259 -12.91 31.24 -6.69
CA GLN B 259 -14.13 31.84 -7.20
C GLN B 259 -14.27 33.26 -6.70
N TYR B 260 -14.25 33.43 -5.39
CA TYR B 260 -14.39 34.76 -4.78
C TYR B 260 -13.03 35.38 -4.58
N ASN B 261 -12.04 34.77 -5.24
CA ASN B 261 -10.64 35.17 -5.18
C ASN B 261 -10.13 35.64 -3.79
N ILE B 262 -10.21 34.74 -2.83
CA ILE B 262 -9.74 35.00 -1.47
C ILE B 262 -8.46 34.17 -1.35
N ARG B 263 -7.34 34.84 -1.17
CA ARG B 263 -6.07 34.12 -1.05
C ARG B 263 -5.86 33.71 0.40
N GLY B 264 -5.05 32.67 0.59
CA GLY B 264 -4.76 32.26 1.95
C GLY B 264 -5.17 30.86 2.34
N VAL B 265 -5.46 30.01 1.37
CA VAL B 265 -5.87 28.65 1.70
C VAL B 265 -4.70 27.69 1.65
N THR B 266 -4.28 27.24 2.82
CA THR B 266 -3.18 26.31 2.92
C THR B 266 -3.72 24.99 3.47
N TYR B 267 -3.09 23.87 3.11
CA TYR B 267 -3.53 22.56 3.61
C TYR B 267 -3.64 22.64 5.12
N ARG B 268 -2.57 23.11 5.75
CA ARG B 268 -2.54 23.23 7.20
C ARG B 268 -3.78 23.94 7.74
N LEU B 269 -4.25 24.95 7.02
CA LEU B 269 -5.45 25.67 7.47
C LEU B 269 -6.69 24.84 7.22
N THR B 270 -6.71 24.10 6.13
CA THR B 270 -7.88 23.28 5.86
C THR B 270 -8.06 22.33 7.02
N GLN B 271 -6.95 21.86 7.58
CA GLN B 271 -7.02 20.97 8.72
C GLN B 271 -7.54 21.75 9.91
N GLY B 272 -6.95 22.93 10.13
CA GLY B 272 -7.36 23.77 11.25
C GLY B 272 -8.86 23.92 11.30
N VAL B 273 -9.43 24.46 10.23
CA VAL B 273 -10.86 24.67 10.11
C VAL B 273 -11.66 23.39 10.31
N VAL B 274 -11.28 22.33 9.58
CA VAL B 274 -11.97 21.04 9.64
C VAL B 274 -11.92 20.36 10.99
N LYS B 275 -10.72 20.21 11.56
CA LYS B 275 -10.61 19.55 12.85
C LYS B 275 -10.78 20.46 14.06
N ARG B 276 -10.99 21.76 13.82
CA ARG B 276 -11.13 22.70 14.95
C ARG B 276 -9.94 22.45 15.87
N ILE B 277 -8.74 22.55 15.30
CA ILE B 277 -7.48 22.28 16.01
C ILE B 277 -7.09 23.35 16.98
N ILE B 278 -6.45 22.96 18.07
CA ILE B 278 -5.97 23.92 19.07
C ILE B 278 -4.47 23.79 19.15
N PRO B 279 -3.75 24.84 18.77
CA PRO B 279 -2.28 24.86 18.80
C PRO B 279 -1.82 24.51 20.16
N ALA B 280 -0.82 23.64 20.27
CA ALA B 280 -0.35 23.26 21.60
C ALA B 280 1.08 22.79 21.54
N VAL B 281 1.76 22.88 22.67
CA VAL B 281 3.16 22.45 22.78
C VAL B 281 3.39 21.93 24.18
N ALA B 282 4.49 21.21 24.39
CA ALA B 282 4.82 20.65 25.70
C ALA B 282 4.82 21.71 26.79
N SER B 283 5.72 22.68 26.63
CA SER B 283 5.92 23.81 27.55
C SER B 283 4.74 24.00 28.49
N THR B 284 3.67 24.54 27.93
CA THR B 284 2.45 24.80 28.64
C THR B 284 1.88 23.63 29.44
N ASN B 285 1.52 22.57 28.74
CA ASN B 285 0.95 21.42 29.43
C ASN B 285 1.78 21.10 30.67
N ALA B 286 3.09 21.04 30.48
CA ALA B 286 3.99 20.74 31.58
C ALA B 286 3.60 21.55 32.80
N VAL B 287 3.52 22.86 32.61
CA VAL B 287 3.16 23.80 33.67
C VAL B 287 1.85 23.47 34.36
N ILE B 288 0.74 23.63 33.63
CA ILE B 288 -0.56 23.32 34.18
C ILE B 288 -0.58 21.97 34.89
N ALA B 289 -0.25 20.92 34.17
CA ALA B 289 -0.23 19.58 34.75
C ALA B 289 0.57 19.56 36.06
N ALA B 290 1.75 20.15 36.03
CA ALA B 290 2.59 20.19 37.21
C ALA B 290 1.90 20.91 38.38
N VAL B 291 0.96 21.77 38.07
CA VAL B 291 0.25 22.48 39.12
C VAL B 291 -0.79 21.54 39.70
N CYS B 292 -1.72 21.09 38.87
CA CYS B 292 -2.76 20.17 39.33
C CYS B 292 -2.14 19.04 40.14
N ALA B 293 -1.05 18.52 39.61
CA ALA B 293 -0.31 17.45 40.26
C ALA B 293 -0.12 17.78 41.73
N THR B 294 0.65 18.84 41.99
CA THR B 294 0.92 19.30 43.34
C THR B 294 -0.36 19.35 44.17
N GLU B 295 -1.37 20.05 43.67
CA GLU B 295 -2.65 20.16 44.37
C GLU B 295 -3.16 18.81 44.86
N VAL B 296 -3.17 17.83 43.96
CA VAL B 296 -3.61 16.50 44.34
C VAL B 296 -2.77 16.06 45.53
N PHE B 297 -1.45 16.07 45.37
CA PHE B 297 -0.56 15.68 46.45
C PHE B 297 -0.87 16.44 47.73
N LYS B 298 -1.26 17.70 47.60
CA LYS B 298 -1.59 18.49 48.77
C LYS B 298 -2.85 17.89 49.34
N ILE B 299 -3.90 17.90 48.54
CA ILE B 299 -5.18 17.35 48.96
C ILE B 299 -5.03 15.99 49.62
N ALA B 300 -4.33 15.09 48.95
CA ALA B 300 -4.14 13.75 49.47
C ALA B 300 -3.34 13.67 50.77
N THR B 301 -2.26 14.44 50.88
CA THR B 301 -1.45 14.37 52.09
C THR B 301 -1.81 15.44 53.11
N SER B 302 -2.39 16.54 52.65
CA SER B 302 -2.75 17.63 53.54
C SER B 302 -1.46 18.21 54.11
N ALA B 303 -0.43 18.29 53.26
CA ALA B 303 0.88 18.83 53.67
C ALA B 303 0.96 20.32 53.42
N TYR B 304 -0.10 20.85 52.82
CA TYR B 304 -0.21 22.28 52.52
C TYR B 304 -1.67 22.59 52.19
N ILE B 305 -1.98 23.87 52.12
CA ILE B 305 -3.34 24.28 51.81
C ILE B 305 -3.62 24.24 50.31
N PRO B 306 -4.66 23.51 49.93
CA PRO B 306 -5.08 23.36 48.53
C PRO B 306 -5.32 24.71 47.88
N LEU B 307 -4.86 24.85 46.64
CA LEU B 307 -5.04 26.09 45.90
C LEU B 307 -6.50 26.53 46.04
N ASN B 308 -6.77 27.82 45.90
CA ASN B 308 -8.15 28.26 46.00
C ASN B 308 -8.88 28.33 44.68
N ASN B 309 -9.32 27.16 44.24
CA ASN B 309 -10.06 26.97 43.02
C ASN B 309 -9.74 27.71 41.73
N TYR B 310 -8.51 28.20 41.54
CA TYR B 310 -8.19 28.85 40.27
C TYR B 310 -6.83 29.44 40.04
N LEU B 311 -6.44 29.41 38.77
CA LEU B 311 -5.15 29.92 38.32
C LEU B 311 -5.13 30.01 36.79
N VAL B 312 -4.66 31.15 36.29
CA VAL B 312 -4.56 31.32 34.86
C VAL B 312 -3.10 31.52 34.56
N PHE B 313 -2.63 30.98 33.43
CA PHE B 313 -1.21 31.05 33.06
C PHE B 313 -1.02 31.61 31.68
N ASN B 314 0.06 32.35 31.46
CA ASN B 314 0.31 32.90 30.12
C ASN B 314 1.78 33.16 29.81
N ASP B 315 2.27 32.49 28.76
CA ASP B 315 3.64 32.58 28.29
C ASP B 315 3.99 33.64 27.24
N VAL B 316 3.02 34.09 26.45
CA VAL B 316 3.30 35.06 25.40
C VAL B 316 4.13 36.27 25.76
N ASP B 317 3.81 36.93 26.87
CA ASP B 317 4.59 38.09 27.27
C ASP B 317 5.15 37.80 28.65
N GLY B 318 6.37 37.30 28.70
CA GLY B 318 6.95 36.97 29.98
C GLY B 318 6.14 35.86 30.64
N LEU B 319 6.22 35.73 31.95
CA LEU B 319 5.45 34.71 32.63
C LEU B 319 4.43 35.43 33.51
N TYR B 320 3.19 34.98 33.46
CA TYR B 320 2.15 35.62 34.26
C TYR B 320 1.17 34.59 34.79
N THR B 321 0.79 34.70 36.06
CA THR B 321 -0.17 33.76 36.63
C THR B 321 -1.04 34.35 37.72
N TYR B 322 -2.25 34.75 37.34
CA TYR B 322 -3.19 35.29 38.32
C TYR B 322 -3.82 34.11 39.02
N THR B 323 -3.90 34.20 40.35
CA THR B 323 -4.48 33.11 41.16
C THR B 323 -5.61 33.68 41.98
N PHE B 324 -6.84 33.29 41.70
CA PHE B 324 -7.94 33.83 42.48
C PHE B 324 -8.92 32.78 42.98
N GLU B 325 -9.81 33.19 43.89
CA GLU B 325 -10.83 32.31 44.47
C GLU B 325 -12.23 32.58 43.90
N ALA B 326 -12.57 31.93 42.79
CA ALA B 326 -13.88 32.12 42.17
C ALA B 326 -15.01 31.86 43.16
N GLU B 327 -16.07 32.66 43.06
CA GLU B 327 -17.21 32.52 43.95
C GLU B 327 -18.15 31.43 43.46
N ARG B 328 -18.73 30.68 44.40
CA ARG B 328 -19.67 29.61 44.05
C ARG B 328 -21.07 30.16 43.86
N LYS B 329 -21.52 30.25 42.61
CA LYS B 329 -22.86 30.76 42.35
C LYS B 329 -23.90 30.05 43.22
N GLU B 330 -24.58 30.81 44.06
CA GLU B 330 -25.59 30.25 44.96
C GLU B 330 -26.79 29.67 44.22
N ASN B 331 -26.77 29.77 42.89
CA ASN B 331 -27.84 29.25 42.06
C ASN B 331 -27.31 28.35 40.94
N CYS B 332 -26.15 27.75 41.17
CA CYS B 332 -25.51 26.87 40.18
C CYS B 332 -26.51 25.81 39.75
N PRO B 333 -26.82 25.76 38.45
CA PRO B 333 -27.77 24.77 37.94
C PRO B 333 -27.36 23.40 38.43
N ALA B 334 -26.08 23.25 38.75
CA ALA B 334 -25.54 21.98 39.20
C ALA B 334 -25.26 21.83 40.68
N CYS B 335 -24.33 22.60 41.23
CA CYS B 335 -24.02 22.46 42.65
C CYS B 335 -25.02 23.10 43.65
N SER B 336 -26.26 23.29 43.21
CA SER B 336 -27.31 23.88 44.04
C SER B 336 -28.00 22.86 44.93
N GLN B 337 -27.73 22.93 46.22
CA GLN B 337 -28.31 22.01 47.19
C GLN B 337 -29.78 21.73 46.84
N LEU B 338 -30.56 22.79 46.67
CA LEU B 338 -31.98 22.69 46.34
C LEU B 338 -32.19 22.88 44.86
N PRO B 339 -33.44 22.72 44.40
CA PRO B 339 -33.77 22.88 42.98
C PRO B 339 -33.51 24.31 42.51
N GLN B 340 -33.69 24.54 41.22
CA GLN B 340 -33.46 25.86 40.66
C GLN B 340 -34.77 26.62 40.66
N ASN B 341 -35.16 27.11 41.84
CA ASN B 341 -36.40 27.85 41.99
C ASN B 341 -36.33 29.08 41.12
N ILE B 342 -36.71 28.91 39.86
CA ILE B 342 -36.68 29.98 38.88
C ILE B 342 -37.75 29.84 37.81
N GLN B 343 -38.77 30.70 37.94
CA GLN B 343 -39.92 30.74 37.05
C GLN B 343 -39.69 31.61 35.85
N PHE B 344 -39.67 31.06 34.65
CA PHE B 344 -39.58 32.01 33.60
C PHE B 344 -40.85 32.19 32.85
N SER B 345 -41.77 32.84 33.59
CA SER B 345 -43.14 33.24 33.19
C SER B 345 -44.35 32.68 33.94
N PRO B 346 -45.50 33.37 33.77
CA PRO B 346 -46.85 33.17 34.27
C PRO B 346 -47.84 33.61 33.16
N SER B 347 -48.19 32.72 32.23
CA SER B 347 -49.09 33.01 31.10
C SER B 347 -48.33 32.69 29.83
N ALA B 348 -47.08 33.15 29.81
CA ALA B 348 -46.18 32.91 28.70
C ALA B 348 -45.86 31.43 28.86
N LYS B 349 -45.90 30.72 27.74
CA LYS B 349 -45.70 29.27 27.71
C LYS B 349 -44.40 28.57 27.96
N LEU B 350 -44.32 27.41 27.31
CA LEU B 350 -43.23 26.47 27.45
C LEU B 350 -42.21 26.28 26.33
N GLN B 351 -42.31 27.13 25.31
CA GLN B 351 -41.40 27.14 24.18
C GLN B 351 -40.33 28.08 24.77
N GLU B 352 -40.77 28.76 25.83
CA GLU B 352 -40.03 29.75 26.60
C GLU B 352 -39.30 29.11 27.78
N VAL B 353 -39.19 27.79 27.76
CA VAL B 353 -38.47 27.09 28.81
C VAL B 353 -37.38 26.26 28.12
N LEU B 354 -37.55 25.97 26.84
CA LEU B 354 -36.51 25.23 26.15
C LEU B 354 -35.46 26.24 25.74
N ASP B 355 -35.91 27.27 25.03
CA ASP B 355 -35.01 28.32 24.57
C ASP B 355 -34.27 28.97 25.73
N TYR B 356 -34.85 28.91 26.93
CA TYR B 356 -34.19 29.48 28.09
C TYR B 356 -33.02 28.58 28.48
N LEU B 357 -33.31 27.31 28.69
CA LEU B 357 -32.29 26.33 29.05
C LEU B 357 -31.21 26.24 27.99
N THR B 358 -31.62 26.22 26.73
CA THR B 358 -30.66 26.12 25.63
C THR B 358 -29.80 27.35 25.37
N ASN B 359 -30.33 28.55 25.60
CA ASN B 359 -29.55 29.75 25.33
C ASN B 359 -29.02 30.53 26.51
N SER B 360 -29.76 30.56 27.62
CA SER B 360 -29.33 31.30 28.80
C SER B 360 -27.86 31.01 29.06
N ALA B 361 -27.01 32.01 28.86
CA ALA B 361 -25.57 31.87 29.04
C ALA B 361 -25.16 31.27 30.39
N SER B 362 -26.13 30.86 31.19
CA SER B 362 -25.82 30.28 32.49
C SER B 362 -26.11 28.78 32.56
N LEU B 363 -26.70 28.24 31.48
CA LEU B 363 -27.05 26.81 31.42
C LEU B 363 -26.43 26.23 30.15
N GLN B 364 -26.60 26.96 29.06
CA GLN B 364 -26.07 26.57 27.77
C GLN B 364 -26.27 25.11 27.41
N MET B 365 -27.24 24.46 28.02
CA MET B 365 -27.47 23.05 27.72
C MET B 365 -27.61 22.82 26.22
N LYS B 366 -27.29 21.60 25.80
CA LYS B 366 -27.39 21.23 24.40
C LYS B 366 -28.56 20.26 24.33
N SER B 367 -29.40 20.40 23.30
CA SER B 367 -30.58 19.54 23.11
C SER B 367 -31.07 18.86 24.40
N PRO B 368 -31.63 19.64 25.34
CA PRO B 368 -32.15 19.13 26.62
C PRO B 368 -33.42 18.31 26.48
N ALA B 369 -34.05 18.05 27.63
CA ALA B 369 -35.30 17.29 27.70
C ALA B 369 -35.98 17.59 29.02
N ILE B 370 -37.27 17.92 28.95
CA ILE B 370 -38.00 18.23 30.16
C ILE B 370 -38.95 17.13 30.55
N THR B 371 -38.99 16.86 31.85
CA THR B 371 -39.85 15.84 32.41
C THR B 371 -40.73 16.56 33.42
N ALA B 372 -41.93 16.02 33.66
CA ALA B 372 -42.86 16.64 34.59
C ALA B 372 -43.59 15.57 35.42
N THR B 373 -44.45 16.03 36.32
CA THR B 373 -45.22 15.13 37.18
C THR B 373 -46.72 15.48 37.15
N ASN B 378 -45.27 10.87 35.71
CA ASN B 378 -44.04 11.30 35.06
C ASN B 378 -44.17 11.26 33.54
N ARG B 379 -44.62 12.39 32.97
CA ARG B 379 -44.81 12.50 31.53
C ARG B 379 -43.66 13.23 30.82
N THR B 380 -43.31 12.70 29.66
CA THR B 380 -42.20 13.22 28.88
C THR B 380 -42.59 14.38 27.98
N LEU B 381 -42.00 15.52 28.23
CA LEU B 381 -42.34 16.64 27.36
C LEU B 381 -41.14 16.83 26.45
N TYR B 382 -41.22 16.01 25.42
CA TYR B 382 -40.24 15.83 24.40
C TYR B 382 -38.75 16.03 24.68
N LEU B 383 -37.98 15.03 24.26
CA LEU B 383 -36.52 14.99 24.42
C LEU B 383 -35.95 14.66 23.06
N GLN B 384 -35.19 15.60 22.52
CA GLN B 384 -34.58 15.45 21.20
C GLN B 384 -33.63 14.26 21.12
N SER B 385 -33.47 13.55 22.23
CA SER B 385 -32.60 12.36 22.28
C SER B 385 -33.30 11.12 21.73
N VAL B 386 -34.85 9.74 19.61
CA VAL B 386 -35.04 10.23 18.25
C VAL B 386 -36.52 10.15 17.89
N THR B 387 -37.11 9.00 18.16
CA THR B 387 -38.52 8.76 17.86
C THR B 387 -39.38 9.12 19.08
N SER B 388 -38.75 9.27 20.23
CA SER B 388 -39.47 9.62 21.46
C SER B 388 -39.68 11.14 21.51
N ILE B 389 -39.05 11.84 20.57
CA ILE B 389 -39.16 13.29 20.48
C ILE B 389 -40.18 13.63 19.41
N GLU B 390 -40.14 12.89 18.31
CA GLU B 390 -41.07 13.09 17.21
C GLU B 390 -42.52 12.99 17.69
N GLU B 391 -42.76 12.16 18.70
CA GLU B 391 -44.10 11.99 19.25
C GLU B 391 -44.45 13.19 20.11
N ARG B 392 -43.59 14.20 20.08
CA ARG B 392 -43.81 15.41 20.85
C ARG B 392 -43.11 16.59 20.17
N THR B 393 -42.51 16.46 18.95
CA THR B 393 -41.88 17.65 18.28
C THR B 393 -43.00 18.61 17.98
N ARG B 394 -43.73 18.65 19.12
CA ARG B 394 -44.97 19.39 19.45
C ARG B 394 -45.29 19.31 20.96
N LYS B 402 -47.43 25.51 22.24
CA LYS B 402 -48.44 24.76 22.98
C LYS B 402 -48.67 25.30 24.41
N GLU B 403 -49.87 25.82 24.64
CA GLU B 403 -50.26 26.38 25.93
C GLU B 403 -51.12 25.40 26.72
N LEU B 404 -51.31 24.22 26.15
CA LEU B 404 -52.10 23.16 26.78
C LEU B 404 -51.48 22.80 28.13
N GLY B 405 -50.32 22.17 28.10
CA GLY B 405 -49.61 21.80 29.31
C GLY B 405 -48.86 23.03 29.83
N LEU B 406 -48.93 24.13 29.07
CA LEU B 406 -48.26 25.38 29.44
C LEU B 406 -48.92 25.89 30.72
N VAL B 407 -49.98 25.19 31.10
CA VAL B 407 -50.74 25.49 32.30
C VAL B 407 -50.80 24.21 33.13
N ASP B 408 -50.80 23.08 32.44
CA ASP B 408 -50.87 21.77 33.09
C ASP B 408 -49.82 21.62 34.19
N GLY B 409 -48.72 22.36 34.04
CA GLY B 409 -47.62 22.32 35.00
C GLY B 409 -47.99 22.93 36.36
N GLN B 410 -49.09 23.67 36.40
CA GLN B 410 -49.56 24.31 37.63
C GLN B 410 -48.69 25.52 38.04
N GLU B 411 -48.30 25.57 39.31
CA GLU B 411 -47.47 26.66 39.86
C GLU B 411 -47.37 26.54 41.37
N ALA B 413 -44.94 22.25 40.36
CA ALA B 413 -43.71 22.48 39.62
C ALA B 413 -42.62 21.50 40.03
N VAL B 414 -41.55 21.50 39.24
CA VAL B 414 -40.31 20.74 39.40
C VAL B 414 -40.10 19.99 38.07
N ALA B 415 -40.53 20.78 36.97
CA ALA B 415 -40.26 20.41 35.60
C ALA B 415 -38.90 19.83 35.83
N ASP B 416 -38.37 18.97 35.02
CA ASP B 416 -37.10 18.32 35.33
C ASP B 416 -36.33 18.07 34.02
N VAL B 417 -35.10 18.55 33.95
CA VAL B 417 -34.30 18.41 32.74
C VAL B 417 -33.12 17.45 32.83
N THR B 418 -32.56 17.15 31.66
CA THR B 418 -31.42 16.26 31.50
C THR B 418 -30.89 16.44 30.10
N THR B 419 -29.71 17.05 29.97
CA THR B 419 -29.12 17.30 28.65
C THR B 419 -28.12 16.25 28.20
N PRO B 420 -28.13 16.02 26.90
CA PRO B 420 -27.28 15.05 26.26
C PRO B 420 -25.84 15.22 26.73
N GLN B 421 -25.47 14.41 27.71
CA GLN B 421 -24.11 14.46 28.23
C GLN B 421 -23.75 15.79 28.86
N THR B 422 -24.59 16.81 28.75
CA THR B 422 -24.20 18.06 29.36
C THR B 422 -23.83 17.69 30.79
N VAL B 423 -24.72 17.02 31.52
CA VAL B 423 -24.44 16.55 32.89
C VAL B 423 -24.95 15.15 33.06
N LEU B 424 -24.29 14.40 33.93
CA LEU B 424 -24.68 13.04 34.19
C LEU B 424 -25.94 13.06 35.06
N PHE B 425 -26.11 14.15 35.82
CA PHE B 425 -27.25 14.31 36.73
C PHE B 425 -28.55 14.66 36.03
N LYS B 426 -29.62 14.74 36.81
CA LYS B 426 -30.95 15.12 36.31
C LYS B 426 -31.20 16.48 36.96
N LEU B 427 -31.25 17.53 36.15
CA LEU B 427 -31.46 18.88 36.67
C LEU B 427 -32.90 19.14 37.08
N HIS B 428 -33.08 19.64 38.30
CA HIS B 428 -34.40 19.92 38.85
C HIS B 428 -34.64 21.41 39.12
N PHE B 429 -35.30 22.10 38.19
CA PHE B 429 -35.61 23.52 38.32
C PHE B 429 -37.14 23.71 38.48
N THR B 430 -37.55 24.62 39.38
CA THR B 430 -38.98 24.90 39.66
C THR B 430 -39.51 26.20 39.07
N MET C 1 -13.62 58.57 39.24
CA MET C 1 -12.81 57.50 39.90
C MET C 1 -11.82 56.85 38.94
N LEU C 2 -10.65 56.51 39.47
CA LEU C 2 -9.58 55.92 38.66
C LEU C 2 -9.17 54.48 39.03
N ILE C 3 -9.70 53.49 38.31
CA ILE C 3 -9.39 52.08 38.55
C ILE C 3 -8.42 51.48 37.53
N LYS C 4 -7.76 50.40 37.93
CA LYS C 4 -6.80 49.72 37.07
C LYS C 4 -7.30 48.31 36.81
N VAL C 5 -7.35 47.91 35.55
CA VAL C 5 -7.80 46.57 35.18
C VAL C 5 -6.67 45.78 34.51
N LYS C 6 -5.91 45.08 35.34
CA LYS C 6 -4.79 44.26 34.90
C LYS C 6 -5.23 43.25 33.83
N THR C 7 -4.66 43.38 32.64
CA THR C 7 -4.98 42.52 31.52
C THR C 7 -4.59 41.06 31.78
N LEU C 8 -4.71 40.20 30.76
CA LEU C 8 -4.38 38.79 30.93
C LEU C 8 -2.92 38.46 30.73
N THR C 9 -2.09 39.50 30.76
CA THR C 9 -0.64 39.35 30.62
C THR C 9 -0.05 40.33 31.63
N GLY C 10 -0.88 40.68 32.60
CA GLY C 10 -0.49 41.59 33.67
C GLY C 10 -0.04 42.98 33.27
N LYS C 11 -0.48 43.48 32.11
CA LYS C 11 -0.06 44.81 31.67
C LYS C 11 -0.59 45.88 32.62
N GLU C 12 -1.86 45.77 32.99
CA GLU C 12 -2.50 46.72 33.90
C GLU C 12 -2.72 48.10 33.31
N ILE C 13 -3.91 48.32 32.78
CA ILE C 13 -4.25 49.60 32.20
C ILE C 13 -5.09 50.36 33.22
N GLU C 14 -5.02 51.68 33.15
CA GLU C 14 -5.76 52.53 34.09
C GLU C 14 -7.02 53.05 33.40
N ILE C 15 -8.12 53.16 34.14
CA ILE C 15 -9.37 53.65 33.55
C ILE C 15 -10.13 54.67 34.41
N ASP C 16 -10.89 55.53 33.75
CA ASP C 16 -11.70 56.53 34.42
C ASP C 16 -13.12 56.00 34.44
N ILE C 17 -13.63 55.67 35.63
CA ILE C 17 -14.99 55.15 35.75
C ILE C 17 -15.67 55.73 36.97
N GLU C 18 -16.92 56.16 36.79
CA GLU C 18 -17.71 56.71 37.89
C GLU C 18 -18.60 55.57 38.40
N PRO C 19 -18.71 55.41 39.73
CA PRO C 19 -19.52 54.36 40.35
C PRO C 19 -20.97 54.31 39.90
N THR C 20 -21.20 54.34 38.60
CA THR C 20 -22.53 54.28 38.04
C THR C 20 -22.45 53.68 36.65
N ASP C 21 -21.23 53.57 36.15
CA ASP C 21 -20.97 53.01 34.82
C ASP C 21 -21.24 51.51 34.89
N LYS C 22 -22.14 51.02 34.04
CA LYS C 22 -22.43 49.59 34.02
C LYS C 22 -21.10 48.84 33.80
N VAL C 23 -20.99 47.62 34.32
CA VAL C 23 -19.77 46.85 34.14
C VAL C 23 -19.48 46.83 32.65
N GLU C 24 -20.54 46.57 31.87
CA GLU C 24 -20.49 46.53 30.41
C GLU C 24 -19.64 47.65 29.81
N ARG C 25 -19.72 48.84 30.41
CA ARG C 25 -18.99 50.00 29.93
C ARG C 25 -17.54 49.86 30.38
N ILE C 26 -17.33 49.32 31.56
CA ILE C 26 -15.98 49.14 32.06
C ILE C 26 -15.17 48.37 31.04
N LYS C 27 -15.82 47.45 30.35
CA LYS C 27 -15.16 46.63 29.33
C LYS C 27 -14.82 47.45 28.08
N GLU C 28 -15.78 48.25 27.62
CA GLU C 28 -15.55 49.08 26.44
C GLU C 28 -14.34 49.97 26.70
N ARG C 29 -14.15 50.37 27.95
CA ARG C 29 -13.02 51.22 28.31
C ARG C 29 -11.73 50.46 28.08
N VAL C 30 -11.76 49.17 28.42
CA VAL C 30 -10.59 48.34 28.23
C VAL C 30 -10.33 48.16 26.74
N GLU C 31 -11.37 47.80 26.00
CA GLU C 31 -11.24 47.61 24.57
C GLU C 31 -10.74 48.86 23.88
N GLU C 32 -11.11 50.02 24.40
CA GLU C 32 -10.68 51.27 23.80
C GLU C 32 -9.17 51.36 23.90
N LYS C 33 -8.63 51.06 25.07
CA LYS C 33 -7.19 51.14 25.25
C LYS C 33 -6.39 49.93 24.77
N GLU C 34 -7.00 48.74 24.79
CA GLU C 34 -6.29 47.51 24.39
C GLU C 34 -6.73 46.75 23.15
N GLY C 35 -7.95 46.99 22.67
CA GLY C 35 -8.41 46.29 21.48
C GLY C 35 -8.82 44.87 21.79
N ILE C 36 -9.26 44.67 23.02
CA ILE C 36 -9.70 43.38 23.51
C ILE C 36 -11.20 43.34 23.40
N PRO C 37 -11.75 42.64 22.40
CA PRO C 37 -13.20 42.56 22.22
C PRO C 37 -13.94 42.35 23.54
N PRO C 38 -14.89 43.22 23.86
CA PRO C 38 -15.60 43.03 25.12
C PRO C 38 -16.18 41.63 25.21
N GLN C 39 -16.54 41.07 24.05
CA GLN C 39 -17.14 39.75 23.99
C GLN C 39 -16.37 38.73 24.80
N GLN C 40 -15.05 38.76 24.64
CA GLN C 40 -14.18 37.81 25.31
C GLN C 40 -13.42 38.34 26.52
N GLN C 41 -14.07 39.17 27.32
CA GLN C 41 -13.40 39.66 28.51
C GLN C 41 -14.16 39.09 29.70
N ARG C 42 -13.43 38.69 30.73
CA ARG C 42 -14.06 38.17 31.94
C ARG C 42 -13.35 38.86 33.09
N LEU C 43 -13.98 39.89 33.62
CA LEU C 43 -13.41 40.65 34.70
C LEU C 43 -13.62 39.96 36.03
N ILE C 44 -12.68 40.15 36.94
CA ILE C 44 -12.79 39.55 38.25
C ILE C 44 -12.29 40.46 39.36
N TYR C 45 -13.22 40.88 40.21
CA TYR C 45 -12.90 41.72 41.34
C TYR C 45 -13.07 40.89 42.62
N SER C 46 -11.96 40.67 43.33
CA SER C 46 -11.98 39.89 44.55
C SER C 46 -12.98 38.75 44.46
N GLY C 47 -12.62 37.71 43.72
CA GLY C 47 -13.51 36.58 43.58
C GLY C 47 -14.68 36.79 42.65
N LYS C 48 -15.60 37.66 43.04
CA LYS C 48 -16.77 37.91 42.22
C LYS C 48 -16.34 38.18 40.79
N GLN C 49 -17.09 37.66 39.83
CA GLN C 49 -16.76 37.93 38.43
C GLN C 49 -17.81 38.92 37.90
N MET C 50 -17.35 40.12 37.54
CA MET C 50 -18.24 41.17 37.05
C MET C 50 -19.26 40.78 36.00
N ASN C 51 -20.51 41.15 36.25
CA ASN C 51 -21.60 40.90 35.33
C ASN C 51 -21.73 42.21 34.57
N ASP C 52 -21.55 42.17 33.25
CA ASP C 52 -21.62 43.39 32.44
C ASP C 52 -22.99 44.07 32.38
N GLU C 53 -23.84 43.81 33.38
CA GLU C 53 -25.16 44.41 33.44
C GLU C 53 -25.31 45.26 34.70
N LYS C 54 -24.44 45.01 35.69
CA LYS C 54 -24.45 45.75 36.95
C LYS C 54 -23.57 46.99 36.85
N THR C 55 -23.32 47.63 37.98
CA THR C 55 -22.49 48.84 37.97
C THR C 55 -21.27 48.70 38.86
N ALA C 56 -20.23 49.46 38.52
CA ALA C 56 -18.98 49.46 39.27
C ALA C 56 -19.28 49.55 40.75
N ALA C 57 -20.29 50.33 41.10
CA ALA C 57 -20.69 50.49 42.48
C ALA C 57 -21.28 49.17 42.98
N ASP C 58 -22.10 48.54 42.15
CA ASP C 58 -22.74 47.28 42.51
C ASP C 58 -21.72 46.28 43.08
N TYR C 59 -20.46 46.36 42.64
CA TYR C 59 -19.42 45.45 43.14
C TYR C 59 -18.47 46.06 44.17
N LYS C 60 -18.81 47.25 44.66
CA LYS C 60 -18.00 47.94 45.66
C LYS C 60 -16.64 48.37 45.12
N ILE C 61 -16.57 48.65 43.82
CA ILE C 61 -15.33 49.07 43.18
C ILE C 61 -15.05 50.51 43.59
N LEU C 62 -13.87 50.76 44.15
CA LEU C 62 -13.53 52.09 44.61
C LEU C 62 -12.06 52.49 44.42
N GLY C 63 -11.85 53.77 44.18
CA GLY C 63 -10.50 54.28 44.00
C GLY C 63 -9.59 53.42 43.18
N GLY C 64 -8.37 53.20 43.68
CA GLY C 64 -7.40 52.40 42.96
C GLY C 64 -7.55 50.90 43.11
N SER C 65 -8.77 50.40 42.99
CA SER C 65 -9.04 48.97 43.11
C SER C 65 -8.63 48.29 41.81
N VAL C 66 -8.02 47.10 41.92
CA VAL C 66 -7.56 46.37 40.76
C VAL C 66 -8.51 45.26 40.28
N LEU C 67 -8.86 45.33 39.00
CA LEU C 67 -9.73 44.33 38.40
C LEU C 67 -8.84 43.43 37.55
N HIS C 68 -9.20 42.15 37.42
CA HIS C 68 -8.39 41.25 36.62
C HIS C 68 -9.13 40.60 35.48
N LEU C 69 -8.53 40.66 34.30
CA LEU C 69 -9.10 40.01 33.14
C LEU C 69 -8.68 38.58 33.36
N VAL C 70 -9.56 37.63 33.07
CA VAL C 70 -9.22 36.24 33.31
C VAL C 70 -9.79 35.36 32.22
N LEU C 71 -9.46 34.07 32.25
CA LEU C 71 -9.95 33.16 31.22
C LEU C 71 -9.94 31.69 31.59
N ALA C 72 -10.84 30.93 30.98
CA ALA C 72 -10.93 29.50 31.19
C ALA C 72 -10.61 28.90 29.84
N LEU C 73 -9.91 27.76 29.82
CA LEU C 73 -9.49 27.15 28.56
C LEU C 73 -10.04 25.75 28.27
N ARG C 74 -10.27 25.47 26.98
CA ARG C 74 -10.84 24.20 26.51
C ARG C 74 -9.88 22.99 26.34
N GLY C 75 -8.77 23.22 25.64
CA GLY C 75 -7.83 22.15 25.39
C GLY C 75 -7.20 21.44 26.58
N GLY C 76 -6.48 20.36 26.28
CA GLY C 76 -5.82 19.58 27.30
C GLY C 76 -4.93 18.50 26.73
N LYS D 6 6.38 -28.75 44.67
CA LYS D 6 5.78 -30.03 45.15
C LYS D 6 4.36 -29.78 45.64
N LEU D 7 4.23 -28.88 46.61
CA LEU D 7 2.95 -28.50 47.21
C LEU D 7 2.36 -27.36 46.38
N LEU D 8 2.99 -27.07 45.25
CA LEU D 8 2.55 -26.03 44.33
C LEU D 8 1.56 -26.67 43.37
N LYS D 9 1.71 -27.97 43.16
CA LYS D 9 0.81 -28.72 42.27
C LYS D 9 -0.59 -28.79 42.85
N GLU D 10 -0.70 -29.12 44.13
CA GLU D 10 -2.00 -29.19 44.78
C GLU D 10 -2.75 -27.86 44.60
N GLN D 11 -2.03 -26.75 44.72
CA GLN D 11 -2.61 -25.43 44.58
C GLN D 11 -3.12 -25.25 43.16
N LYS D 12 -2.38 -25.80 42.21
CA LYS D 12 -2.71 -25.70 40.80
C LYS D 12 -3.95 -26.53 40.44
N TYR D 13 -3.86 -27.84 40.57
CA TYR D 13 -5.00 -28.68 40.23
C TYR D 13 -6.05 -28.84 41.33
N ASP D 14 -6.28 -27.81 42.14
CA ASP D 14 -7.27 -27.93 43.22
C ASP D 14 -8.69 -28.11 42.70
N ARG D 15 -9.14 -27.16 41.90
CA ARG D 15 -10.48 -27.21 41.38
C ARG D 15 -10.86 -28.51 40.67
N GLN D 16 -9.88 -29.30 40.28
CA GLN D 16 -10.19 -30.55 39.62
C GLN D 16 -9.94 -31.72 40.54
N LEU D 17 -9.24 -31.48 41.65
CA LEU D 17 -9.00 -32.56 42.60
C LEU D 17 -10.26 -32.77 43.38
N ARG D 18 -11.12 -31.75 43.40
CA ARG D 18 -12.40 -31.84 44.11
C ARG D 18 -13.38 -32.66 43.30
N LEU D 19 -12.94 -33.13 42.14
CA LEU D 19 -13.81 -33.95 41.32
C LEU D 19 -13.35 -35.37 41.36
N TRP D 20 -12.09 -35.62 41.01
CA TRP D 20 -11.59 -36.98 41.01
C TRP D 20 -10.48 -37.29 42.02
N GLY D 21 -10.49 -36.60 43.17
CA GLY D 21 -9.51 -36.82 44.22
C GLY D 21 -8.04 -36.91 43.83
N ASP D 22 -7.16 -37.03 44.83
CA ASP D 22 -5.72 -37.11 44.58
C ASP D 22 -5.39 -38.38 43.80
N HIS D 23 -6.02 -39.48 44.17
CA HIS D 23 -5.78 -40.75 43.50
C HIS D 23 -6.13 -40.70 42.03
N GLY D 24 -7.19 -39.98 41.69
CA GLY D 24 -7.56 -39.88 40.29
C GLY D 24 -6.40 -39.18 39.63
N GLN D 25 -6.04 -38.04 40.19
CA GLN D 25 -4.93 -37.24 39.67
C GLN D 25 -3.73 -38.15 39.48
N GLU D 26 -3.41 -38.92 40.53
CA GLU D 26 -2.28 -39.84 40.48
C GLU D 26 -2.31 -40.67 39.19
N ALA D 27 -3.45 -41.30 38.93
CA ALA D 27 -3.60 -42.14 37.74
C ALA D 27 -3.45 -41.29 36.49
N LEU D 28 -4.11 -40.15 36.49
CA LEU D 28 -4.04 -39.27 35.36
C LEU D 28 -2.59 -38.86 35.10
N GLU D 29 -1.92 -38.38 36.14
CA GLU D 29 -0.54 -37.93 36.00
C GLU D 29 0.43 -39.04 35.59
N SER D 30 -0.08 -40.27 35.51
CA SER D 30 0.79 -41.40 35.14
C SER D 30 0.40 -42.07 33.84
N ALA D 31 -0.54 -41.47 33.11
CA ALA D 31 -1.00 -42.04 31.85
C ALA D 31 -0.09 -41.61 30.70
N HIS D 32 -0.53 -41.85 29.48
CA HIS D 32 0.23 -41.44 28.31
C HIS D 32 -0.71 -41.55 27.11
N VAL D 33 -1.17 -40.40 26.63
CA VAL D 33 -2.09 -40.34 25.52
C VAL D 33 -1.49 -40.21 24.14
N CYS D 34 -2.05 -40.94 23.19
CA CYS D 34 -1.56 -40.88 21.84
C CYS D 34 -2.62 -40.25 20.96
N LEU D 35 -2.36 -39.03 20.52
CA LEU D 35 -3.29 -38.33 19.65
C LEU D 35 -2.85 -38.57 18.23
N ILE D 36 -3.71 -39.18 17.43
CA ILE D 36 -3.36 -39.45 16.06
C ILE D 36 -3.21 -38.16 15.26
N ASN D 37 -4.25 -37.72 14.57
CA ASN D 37 -4.11 -36.50 13.79
C ASN D 37 -4.27 -35.23 14.62
N ALA D 38 -3.41 -34.24 14.36
CA ALA D 38 -3.42 -32.98 15.10
C ALA D 38 -4.11 -31.81 14.42
N THR D 39 -5.42 -31.92 14.22
CA THR D 39 -6.18 -30.84 13.63
C THR D 39 -6.81 -30.07 14.77
N ALA D 40 -7.84 -29.32 14.44
CA ALA D 40 -8.55 -28.55 15.45
C ALA D 40 -9.02 -29.48 16.54
N THR D 41 -9.79 -30.48 16.13
CA THR D 41 -10.35 -31.46 17.03
C THR D 41 -9.29 -32.13 17.87
N GLY D 42 -8.32 -32.74 17.21
CA GLY D 42 -7.26 -33.41 17.94
C GLY D 42 -6.59 -32.47 18.93
N THR D 43 -6.24 -31.29 18.44
CA THR D 43 -5.61 -30.28 19.25
C THR D 43 -6.43 -29.89 20.48
N GLU D 44 -7.72 -29.60 20.27
CA GLU D 44 -8.59 -29.24 21.39
C GLU D 44 -8.66 -30.35 22.41
N ILE D 45 -8.77 -31.59 21.94
CA ILE D 45 -8.84 -32.71 22.86
C ILE D 45 -7.61 -32.72 23.75
N LEU D 46 -6.44 -32.82 23.12
CA LEU D 46 -5.17 -32.84 23.85
C LEU D 46 -5.04 -31.67 24.83
N LYS D 47 -5.50 -30.50 24.39
CA LYS D 47 -5.46 -29.30 25.21
C LYS D 47 -6.21 -29.53 26.52
N ASN D 48 -7.42 -30.09 26.41
CA ASN D 48 -8.25 -30.37 27.58
C ASN D 48 -7.68 -31.47 28.45
N LEU D 49 -6.57 -32.05 28.01
CA LEU D 49 -5.95 -33.11 28.80
C LEU D 49 -4.66 -32.58 29.40
N VAL D 50 -3.88 -31.87 28.58
CA VAL D 50 -2.62 -31.32 29.04
C VAL D 50 -2.81 -30.41 30.24
N LEU D 51 -3.83 -29.55 30.17
CA LEU D 51 -4.12 -28.64 31.28
C LEU D 51 -4.32 -29.43 32.57
N PRO D 52 -5.25 -30.42 32.57
CA PRO D 52 -5.51 -31.24 33.76
C PRO D 52 -4.27 -31.93 34.27
N GLY D 53 -3.16 -31.79 33.54
CA GLY D 53 -1.92 -32.38 33.98
C GLY D 53 -1.60 -33.79 33.55
N ILE D 54 -2.35 -34.30 32.59
CA ILE D 54 -2.14 -35.64 32.07
C ILE D 54 -0.65 -35.97 32.02
N GLY D 55 -0.31 -37.21 32.37
CA GLY D 55 1.08 -37.62 32.36
C GLY D 55 1.91 -37.15 31.19
N SER D 56 1.65 -37.72 30.03
CA SER D 56 2.41 -37.37 28.84
C SER D 56 1.63 -37.68 27.57
N PHE D 57 2.07 -37.10 26.46
CA PHE D 57 1.38 -37.33 25.21
C PHE D 57 2.34 -37.41 24.06
N THR D 58 1.91 -38.04 22.99
CA THR D 58 2.72 -38.21 21.77
C THR D 58 1.82 -38.00 20.58
N ILE D 59 2.12 -36.99 19.79
CA ILE D 59 1.32 -36.67 18.62
C ILE D 59 1.90 -37.33 17.38
N ILE D 60 1.09 -38.16 16.73
CA ILE D 60 1.53 -38.85 15.52
C ILE D 60 0.88 -38.25 14.29
N ASP D 61 1.54 -37.32 13.63
CA ASP D 61 0.92 -36.76 12.44
C ASP D 61 1.92 -36.73 11.30
N GLY D 62 1.46 -37.06 10.10
CA GLY D 62 2.38 -37.07 8.98
C GLY D 62 2.23 -35.87 8.07
N ASN D 63 1.06 -35.25 8.13
CA ASN D 63 0.76 -34.10 7.28
C ASN D 63 1.63 -32.85 7.52
N GLN D 64 1.44 -31.87 6.65
CA GLN D 64 2.15 -30.59 6.74
C GLN D 64 1.11 -29.52 7.04
N VAL D 65 1.49 -28.50 7.79
CA VAL D 65 0.55 -27.44 8.16
C VAL D 65 0.07 -26.62 6.97
N SER D 66 -1.23 -26.65 6.74
CA SER D 66 -1.86 -25.91 5.66
C SER D 66 -2.29 -24.55 6.16
N GLY D 67 -2.53 -23.63 5.23
CA GLY D 67 -2.98 -22.33 5.65
C GLY D 67 -4.28 -22.47 6.41
N GLU D 68 -5.21 -23.23 5.83
CA GLU D 68 -6.49 -23.42 6.48
C GLU D 68 -6.34 -24.13 7.80
N ASP D 69 -5.17 -24.69 8.06
CA ASP D 69 -4.97 -25.36 9.35
C ASP D 69 -4.70 -24.26 10.38
N ALA D 70 -3.68 -23.45 10.11
CA ALA D 70 -3.33 -22.37 11.01
C ALA D 70 -4.54 -21.48 11.24
N GLY D 71 -5.53 -21.62 10.36
CA GLY D 71 -6.72 -20.81 10.46
C GLY D 71 -7.78 -21.26 11.43
N ASN D 72 -7.78 -22.52 11.80
CA ASN D 72 -8.80 -22.99 12.72
C ASN D 72 -8.19 -23.66 13.90
N ASN D 73 -6.89 -23.47 14.09
CA ASN D 73 -6.21 -24.12 15.20
C ASN D 73 -5.64 -23.10 16.17
N PHE D 74 -5.95 -23.23 17.45
CA PHE D 74 -5.43 -22.27 18.43
C PHE D 74 -4.04 -22.69 18.86
N PHE D 75 -3.50 -23.70 18.19
CA PHE D 75 -2.18 -24.15 18.53
C PHE D 75 -1.34 -24.33 17.28
N LEU D 76 -1.50 -23.38 16.36
CA LEU D 76 -0.76 -23.38 15.12
C LEU D 76 -0.81 -21.97 14.54
N GLN D 77 0.35 -21.32 14.48
CA GLN D 77 0.38 -19.97 13.93
C GLN D 77 0.77 -20.04 12.49
N ARG D 78 0.60 -18.92 11.81
CA ARG D 78 0.95 -18.81 10.41
C ARG D 78 2.40 -19.28 10.28
N SER D 79 3.23 -18.73 11.16
CA SER D 79 4.65 -19.04 11.22
C SER D 79 4.96 -20.53 11.12
N SER D 80 3.98 -21.37 11.48
CA SER D 80 4.19 -22.80 11.42
C SER D 80 3.69 -23.45 10.15
N ILE D 81 3.14 -22.66 9.23
CA ILE D 81 2.65 -23.22 7.98
C ILE D 81 3.78 -23.87 7.20
N GLY D 82 3.57 -25.08 6.70
CA GLY D 82 4.63 -25.75 5.97
C GLY D 82 5.39 -26.79 6.77
N LYS D 83 5.61 -26.53 8.06
CA LYS D 83 6.32 -27.48 8.91
C LYS D 83 5.43 -28.70 9.16
N ASN D 84 5.83 -29.55 10.10
CA ASN D 84 5.04 -30.75 10.39
C ASN D 84 3.95 -30.51 11.43
N ARG D 85 2.70 -30.49 10.97
CA ARG D 85 1.58 -30.28 11.86
C ARG D 85 1.80 -30.93 13.22
N ALA D 86 2.28 -32.17 13.21
CA ALA D 86 2.52 -32.88 14.45
C ALA D 86 3.50 -32.12 15.32
N GLU D 87 4.71 -31.92 14.82
CA GLU D 87 5.72 -31.21 15.58
C GLU D 87 5.22 -29.84 16.00
N ALA D 88 4.84 -29.05 15.01
CA ALA D 88 4.32 -27.70 15.26
C ALA D 88 3.33 -27.64 16.42
N ALA D 89 2.25 -28.42 16.31
CA ALA D 89 1.23 -28.45 17.35
C ALA D 89 1.84 -28.76 18.72
N MET D 90 2.65 -29.81 18.77
CA MET D 90 3.28 -30.23 20.01
C MET D 90 3.88 -29.06 20.77
N GLU D 91 4.75 -28.32 20.10
CA GLU D 91 5.43 -27.19 20.72
C GLU D 91 4.51 -26.21 21.44
N PHE D 92 3.31 -26.02 20.92
CA PHE D 92 2.36 -25.09 21.53
C PHE D 92 1.62 -25.64 22.71
N LEU D 93 1.08 -26.83 22.55
CA LEU D 93 0.36 -27.47 23.63
C LEU D 93 1.37 -27.63 24.73
N GLN D 94 2.58 -28.04 24.34
CA GLN D 94 3.68 -28.23 25.26
C GLN D 94 3.73 -27.10 26.27
N GLU D 95 3.46 -25.90 25.79
CA GLU D 95 3.48 -24.69 26.63
C GLU D 95 2.39 -24.61 27.68
N LEU D 96 1.25 -25.22 27.40
CA LEU D 96 0.12 -25.19 28.33
C LEU D 96 0.46 -25.65 29.74
N ASN D 97 1.26 -26.71 29.86
CA ASN D 97 1.62 -27.22 31.17
C ASN D 97 3.04 -27.78 31.23
N SER D 98 3.90 -27.12 32.00
CA SER D 98 5.29 -27.52 32.16
C SER D 98 5.49 -28.85 32.90
N ASP D 99 4.39 -29.48 33.31
CA ASP D 99 4.45 -30.75 34.03
C ASP D 99 4.02 -31.92 33.15
N VAL D 100 3.82 -31.65 31.87
CA VAL D 100 3.42 -32.65 30.89
C VAL D 100 4.57 -32.85 29.91
N SER D 101 4.85 -34.10 29.55
CA SER D 101 5.94 -34.41 28.63
C SER D 101 5.44 -34.69 27.22
N GLY D 102 5.76 -33.80 26.29
CA GLY D 102 5.32 -33.97 24.93
C GLY D 102 6.35 -34.58 24.00
N SER D 103 5.86 -35.36 23.05
CA SER D 103 6.71 -36.04 22.08
C SER D 103 5.92 -36.08 20.79
N PHE D 104 6.59 -36.33 19.66
CA PHE D 104 5.88 -36.40 18.39
C PHE D 104 6.51 -37.37 17.40
N VAL D 105 5.76 -37.67 16.34
CA VAL D 105 6.19 -38.60 15.31
C VAL D 105 5.88 -38.03 13.94
N GLU D 106 6.91 -37.66 13.19
CA GLU D 106 6.72 -37.10 11.88
C GLU D 106 6.21 -38.06 10.81
N GLU D 107 5.52 -39.12 11.21
CA GLU D 107 5.02 -40.08 10.22
C GLU D 107 3.52 -40.34 10.33
N SER D 108 2.90 -40.83 9.26
CA SER D 108 1.46 -41.08 9.26
C SER D 108 1.01 -42.31 10.06
N PRO D 109 -0.29 -42.43 10.31
CA PRO D 109 -0.81 -43.58 11.06
C PRO D 109 -0.64 -44.81 10.20
N GLU D 110 -1.04 -44.66 8.94
CA GLU D 110 -0.92 -45.75 8.00
C GLU D 110 0.52 -46.22 8.04
N ASN D 111 1.46 -45.29 7.82
CA ASN D 111 2.88 -45.57 7.84
C ASN D 111 3.33 -46.36 9.09
N LEU D 112 2.55 -46.26 10.16
CA LEU D 112 2.88 -46.98 11.38
C LEU D 112 2.21 -48.34 11.40
N LEU D 113 0.91 -48.35 11.16
CA LEU D 113 0.16 -49.60 11.12
C LEU D 113 0.81 -50.55 10.14
N ASP D 114 1.75 -50.04 9.37
CA ASP D 114 2.47 -50.85 8.39
C ASP D 114 3.79 -51.31 8.97
N ASN D 115 4.73 -50.36 9.07
CA ASN D 115 6.05 -50.64 9.56
C ASN D 115 6.25 -50.95 11.04
N ASP D 116 5.23 -50.75 11.88
CA ASP D 116 5.40 -51.04 13.30
C ASP D 116 4.14 -50.92 14.15
N PRO D 117 3.17 -51.82 13.95
CA PRO D 117 1.92 -51.78 14.71
C PRO D 117 2.11 -51.86 16.23
N SER D 118 3.04 -52.71 16.66
CA SER D 118 3.30 -52.91 18.09
C SER D 118 3.66 -51.63 18.83
N PHE D 119 3.62 -50.51 18.11
CA PHE D 119 3.94 -49.20 18.67
C PHE D 119 2.94 -48.74 19.71
N PHE D 120 1.68 -48.72 19.31
CA PHE D 120 0.60 -48.26 20.19
C PHE D 120 0.44 -49.01 21.50
N CYS D 121 1.21 -50.08 21.72
CA CYS D 121 1.11 -50.82 22.95
C CYS D 121 1.67 -50.01 24.11
N ARG D 122 2.45 -48.99 23.78
CA ARG D 122 3.07 -48.14 24.79
C ARG D 122 2.08 -47.16 25.41
N PHE D 123 0.98 -46.92 24.70
CA PHE D 123 -0.04 -45.98 25.15
C PHE D 123 -1.15 -46.49 26.07
N THR D 124 -1.70 -45.54 26.82
CA THR D 124 -2.77 -45.81 27.77
C THR D 124 -4.08 -45.79 27.03
N VAL D 125 -4.17 -44.86 26.08
CA VAL D 125 -5.36 -44.65 25.27
C VAL D 125 -4.95 -43.96 23.97
N VAL D 126 -5.50 -44.40 22.85
CA VAL D 126 -5.17 -43.75 21.60
C VAL D 126 -6.38 -43.00 21.11
N VAL D 127 -6.18 -41.71 20.87
CA VAL D 127 -7.25 -40.86 20.41
C VAL D 127 -6.99 -40.51 18.97
N ALA D 128 -7.81 -41.06 18.09
CA ALA D 128 -7.67 -40.80 16.66
C ALA D 128 -8.69 -39.76 16.23
N THR D 129 -8.24 -38.79 15.45
CA THR D 129 -9.12 -37.72 14.98
C THR D 129 -9.04 -37.50 13.48
N GLN D 130 -10.20 -37.31 12.87
CA GLN D 130 -10.28 -37.06 11.43
C GLN D 130 -9.60 -38.16 10.60
N LEU D 131 -10.17 -39.36 10.64
CA LEU D 131 -9.61 -40.47 9.88
C LEU D 131 -10.55 -40.98 8.80
N PRO D 132 -10.00 -41.48 7.70
CA PRO D 132 -10.79 -42.01 6.59
C PRO D 132 -11.13 -43.47 6.94
N GLU D 133 -12.22 -44.00 6.39
CA GLU D 133 -12.58 -45.37 6.72
C GLU D 133 -11.38 -46.30 6.71
N SER D 134 -10.82 -46.52 5.53
CA SER D 134 -9.67 -47.40 5.39
C SER D 134 -8.81 -47.44 6.66
N THR D 135 -8.33 -46.28 7.09
CA THR D 135 -7.50 -46.22 8.27
C THR D 135 -8.21 -46.50 9.58
N SER D 136 -9.41 -45.96 9.75
CA SER D 136 -10.17 -46.17 10.98
C SER D 136 -10.30 -47.65 11.27
N LEU D 137 -10.92 -48.36 10.33
CA LEU D 137 -11.12 -49.79 10.50
C LEU D 137 -9.81 -50.50 10.79
N ARG D 138 -8.81 -50.23 9.96
CA ARG D 138 -7.52 -50.86 10.12
C ARG D 138 -6.89 -50.62 11.50
N LEU D 139 -7.04 -49.41 12.04
CA LEU D 139 -6.48 -49.10 13.33
C LEU D 139 -7.31 -49.69 14.48
N ALA D 140 -8.63 -49.44 14.44
CA ALA D 140 -9.55 -49.92 15.46
C ALA D 140 -9.43 -51.41 15.66
N ASP D 141 -8.71 -52.04 14.74
CA ASP D 141 -8.48 -53.48 14.77
C ASP D 141 -7.16 -53.74 15.49
N VAL D 142 -6.07 -53.28 14.90
CA VAL D 142 -4.76 -53.48 15.49
C VAL D 142 -4.80 -53.15 16.98
N LEU D 143 -5.42 -52.03 17.30
CA LEU D 143 -5.53 -51.60 18.68
C LEU D 143 -6.39 -52.55 19.49
N TRP D 144 -7.48 -53.03 18.89
CA TRP D 144 -8.37 -53.96 19.59
C TRP D 144 -7.62 -55.24 20.02
N ASN D 145 -6.90 -55.85 19.08
CA ASN D 145 -6.14 -57.05 19.38
C ASN D 145 -5.09 -56.75 20.44
N SER D 146 -4.44 -55.61 20.31
CA SER D 146 -3.40 -55.23 21.26
C SER D 146 -3.96 -54.85 22.64
N GLN D 147 -5.29 -54.83 22.75
CA GLN D 147 -5.96 -54.49 24.02
C GLN D 147 -5.88 -53.01 24.41
N ILE D 148 -5.76 -52.15 23.39
CA ILE D 148 -5.64 -50.71 23.60
C ILE D 148 -6.95 -50.00 23.40
N PRO D 149 -7.28 -49.04 24.28
CA PRO D 149 -8.53 -48.28 24.17
C PRO D 149 -8.42 -47.29 23.04
N LEU D 150 -9.38 -47.31 22.14
CA LEU D 150 -9.35 -46.39 21.02
C LEU D 150 -10.51 -45.42 21.13
N LEU D 151 -10.26 -44.16 20.77
CA LEU D 151 -11.31 -43.16 20.78
C LEU D 151 -11.24 -42.40 19.47
N ILE D 152 -12.14 -42.73 18.56
CA ILE D 152 -12.17 -42.09 17.26
C ILE D 152 -13.10 -40.90 17.31
N CYS D 153 -12.52 -39.72 17.13
CA CYS D 153 -13.30 -38.49 17.11
C CYS D 153 -13.26 -37.93 15.71
N ARG D 154 -14.30 -37.21 15.34
CA ARG D 154 -14.35 -36.65 14.01
C ARG D 154 -15.25 -35.44 13.91
N THR D 155 -14.74 -34.39 13.29
CA THR D 155 -15.49 -33.17 13.11
C THR D 155 -15.75 -33.01 11.64
N TYR D 156 -17.02 -32.89 11.28
CA TYR D 156 -17.40 -32.71 9.89
C TYR D 156 -18.50 -31.66 9.90
N GLY D 157 -18.27 -30.52 9.28
CA GLY D 157 -19.26 -29.45 9.24
C GLY D 157 -19.73 -29.14 10.64
N LEU D 158 -21.02 -29.27 10.88
CA LEU D 158 -21.54 -29.00 12.22
C LEU D 158 -21.89 -30.28 12.94
N VAL D 159 -21.31 -31.38 12.49
CA VAL D 159 -21.57 -32.67 13.12
C VAL D 159 -20.36 -33.16 13.89
N GLY D 160 -20.58 -33.51 15.14
CA GLY D 160 -19.49 -34.01 15.97
C GLY D 160 -19.68 -35.51 16.11
N TYR D 161 -18.76 -36.29 15.55
CA TYR D 161 -18.84 -37.75 15.63
C TYR D 161 -17.78 -38.24 16.62
N MET D 162 -18.13 -39.24 17.41
CA MET D 162 -17.18 -39.73 18.40
C MET D 162 -17.53 -41.14 18.90
N ARG D 163 -16.75 -42.13 18.49
CA ARG D 163 -17.00 -43.51 18.89
C ARG D 163 -15.87 -44.06 19.75
N ILE D 164 -16.23 -44.72 20.85
CA ILE D 164 -15.24 -45.29 21.78
C ILE D 164 -15.12 -46.80 21.61
N ILE D 165 -13.91 -47.34 21.75
CA ILE D 165 -13.73 -48.77 21.56
C ILE D 165 -12.87 -49.47 22.61
N ILE D 166 -13.52 -49.97 23.66
CA ILE D 166 -12.84 -50.69 24.74
C ILE D 166 -13.58 -52.00 24.97
N LYS D 167 -12.90 -53.12 24.75
CA LYS D 167 -13.52 -54.43 24.91
C LYS D 167 -14.37 -54.49 26.19
N GLU D 168 -13.73 -54.24 27.34
CA GLU D 168 -14.42 -54.25 28.63
C GLU D 168 -13.80 -53.21 29.55
N HIS D 169 -14.64 -52.42 30.21
CA HIS D 169 -14.19 -51.36 31.08
C HIS D 169 -15.02 -51.35 32.36
N PRO D 170 -14.50 -51.97 33.42
CA PRO D 170 -15.22 -52.04 34.70
C PRO D 170 -14.85 -50.87 35.57
N VAL D 171 -15.80 -50.34 36.32
CA VAL D 171 -15.52 -49.21 37.18
C VAL D 171 -16.14 -49.38 38.55
N ILE D 172 -15.36 -49.11 39.58
CA ILE D 172 -15.86 -49.23 40.94
C ILE D 172 -16.40 -47.91 41.42
N GLU D 173 -15.56 -46.89 41.47
CA GLU D 173 -16.00 -45.57 41.91
C GLU D 173 -16.82 -45.07 40.74
N SER D 174 -18.13 -45.11 40.89
CA SER D 174 -19.00 -44.70 39.80
C SER D 174 -19.37 -43.23 39.82
N HIS D 175 -19.46 -42.66 41.02
CA HIS D 175 -19.81 -41.25 41.19
C HIS D 175 -21.19 -41.03 40.62
N PRO D 176 -22.21 -41.39 41.38
CA PRO D 176 -23.54 -41.15 40.80
C PRO D 176 -24.29 -39.92 41.37
N ASP D 177 -24.91 -39.12 40.51
CA ASP D 177 -25.66 -37.94 40.95
C ASP D 177 -27.00 -38.34 41.54
N ASN D 178 -27.08 -38.42 42.86
CA ASN D 178 -28.32 -38.79 43.51
C ASN D 178 -28.59 -40.31 43.52
N ALA D 179 -28.54 -40.90 44.71
CA ALA D 179 -28.81 -42.31 44.88
C ALA D 179 -29.57 -42.42 46.21
N LEU D 180 -30.22 -43.55 46.43
CA LEU D 180 -31.01 -43.77 47.63
C LEU D 180 -30.13 -44.21 48.78
N GLU D 181 -30.30 -43.57 49.94
CA GLU D 181 -29.49 -43.91 51.11
C GLU D 181 -29.65 -45.36 51.50
N ASP D 182 -28.63 -45.92 52.12
CA ASP D 182 -28.71 -47.30 52.56
C ASP D 182 -28.92 -47.28 54.06
N LEU D 183 -30.07 -46.77 54.49
CA LEU D 183 -30.40 -46.69 55.91
C LEU D 183 -30.84 -48.06 56.35
N ARG D 184 -31.46 -48.76 55.40
CA ARG D 184 -31.98 -50.10 55.63
C ARG D 184 -32.74 -50.25 56.95
N LEU D 185 -33.94 -49.67 56.96
CA LEU D 185 -34.84 -49.74 58.09
C LEU D 185 -35.73 -50.95 57.84
N ASP D 186 -35.87 -51.28 56.56
CA ASP D 186 -36.69 -52.42 56.13
C ASP D 186 -36.07 -53.72 56.60
N LYS D 187 -34.78 -53.90 56.35
CA LYS D 187 -34.07 -55.10 56.80
C LYS D 187 -32.89 -54.73 57.69
N PRO D 188 -33.17 -54.04 58.81
CA PRO D 188 -32.19 -53.57 59.79
C PRO D 188 -31.28 -54.67 60.30
N PHE D 189 -30.09 -54.28 60.74
CA PHE D 189 -29.13 -55.22 61.27
C PHE D 189 -29.10 -55.08 62.80
N PRO D 190 -28.62 -56.12 63.50
CA PRO D 190 -28.54 -56.13 64.96
C PRO D 190 -28.13 -54.79 65.59
N GLU D 191 -26.84 -54.50 65.57
CA GLU D 191 -26.32 -53.25 66.14
C GLU D 191 -27.30 -52.07 65.94
N LEU D 192 -27.76 -51.86 64.71
CA LEU D 192 -28.70 -50.78 64.41
C LEU D 192 -29.93 -50.96 65.29
N ARG D 193 -30.53 -52.14 65.17
CA ARG D 193 -31.70 -52.49 65.93
C ARG D 193 -31.43 -52.23 67.41
N GLU D 194 -30.33 -52.77 67.93
CA GLU D 194 -29.97 -52.57 69.32
C GLU D 194 -29.87 -51.09 69.63
N HIS D 195 -29.41 -50.31 68.66
CA HIS D 195 -29.28 -48.87 68.83
C HIS D 195 -30.67 -48.29 69.06
N PHE D 196 -31.59 -48.59 68.15
CA PHE D 196 -32.95 -48.10 68.26
C PHE D 196 -33.57 -48.46 69.61
N GLN D 197 -33.41 -49.72 70.02
CA GLN D 197 -33.97 -50.17 71.30
C GLN D 197 -33.53 -49.26 72.44
N SER D 198 -32.35 -48.68 72.30
CA SER D 198 -31.78 -47.80 73.32
C SER D 198 -32.56 -46.52 73.60
N TYR D 199 -33.54 -46.19 72.76
CA TYR D 199 -34.33 -44.98 72.94
C TYR D 199 -35.67 -45.30 73.61
N ASP D 208 -35.64 -31.65 75.01
CA ASP D 208 -34.80 -32.35 74.05
C ASP D 208 -35.60 -33.40 73.28
N HIS D 209 -36.34 -32.95 72.28
CA HIS D 209 -37.15 -33.84 71.45
C HIS D 209 -36.82 -33.63 69.98
N SER D 210 -36.47 -32.40 69.63
CA SER D 210 -36.10 -32.07 68.26
C SER D 210 -34.69 -32.61 68.03
N HIS D 211 -33.93 -32.75 69.12
CA HIS D 211 -32.57 -33.26 69.05
C HIS D 211 -32.56 -34.77 68.86
N THR D 212 -33.45 -35.29 68.02
CA THR D 212 -33.50 -36.73 67.77
C THR D 212 -33.49 -37.04 66.28
N PRO D 213 -32.46 -37.79 65.85
CA PRO D 213 -32.32 -38.18 64.44
C PRO D 213 -33.68 -38.58 63.88
N TRP D 214 -33.97 -38.15 62.65
CA TRP D 214 -35.24 -38.48 62.07
C TRP D 214 -35.42 -39.99 61.90
N ILE D 215 -34.33 -40.71 61.65
CA ILE D 215 -34.43 -42.16 61.46
C ILE D 215 -35.03 -42.76 62.71
N VAL D 216 -34.36 -42.59 63.84
CA VAL D 216 -34.86 -43.12 65.10
C VAL D 216 -36.36 -42.84 65.20
N ILE D 217 -36.75 -41.59 64.93
CA ILE D 217 -38.17 -41.18 64.97
C ILE D 217 -39.05 -42.11 64.14
N ILE D 218 -38.63 -42.39 62.91
CA ILE D 218 -39.37 -43.29 62.03
C ILE D 218 -39.15 -44.74 62.45
N ALA D 219 -37.97 -45.05 62.97
CA ALA D 219 -37.67 -46.40 63.40
C ALA D 219 -38.57 -46.81 64.58
N LYS D 220 -38.80 -45.86 65.48
CA LYS D 220 -39.63 -46.08 66.66
C LYS D 220 -41.09 -46.25 66.24
N TYR D 221 -41.63 -45.24 65.56
CA TYR D 221 -43.01 -45.28 65.09
C TYR D 221 -43.23 -46.36 64.06
N LEU D 222 -42.14 -46.98 63.61
CA LEU D 222 -42.23 -48.08 62.66
C LEU D 222 -42.37 -49.34 63.50
N ALA D 223 -41.51 -49.42 64.52
CA ALA D 223 -41.50 -50.56 65.44
C ALA D 223 -42.87 -50.71 66.07
N GLN D 224 -43.52 -49.59 66.33
CA GLN D 224 -44.86 -49.64 66.91
C GLN D 224 -45.84 -50.20 65.89
N TRP D 225 -45.82 -49.64 64.69
CA TRP D 225 -46.70 -50.12 63.63
C TRP D 225 -46.51 -51.62 63.37
N TYR D 226 -45.39 -52.16 63.84
CA TYR D 226 -45.13 -53.58 63.66
C TYR D 226 -46.05 -54.40 64.57
N SER D 227 -46.23 -53.93 65.80
CA SER D 227 -47.09 -54.64 66.76
C SER D 227 -48.56 -54.56 66.38
N GLU D 228 -49.09 -53.34 66.23
CA GLU D 228 -50.49 -53.14 65.87
C GLU D 228 -50.83 -53.71 64.50
N THR D 229 -49.94 -54.52 63.91
CA THR D 229 -50.21 -55.09 62.60
C THR D 229 -49.40 -56.32 62.20
N ASN D 230 -48.08 -56.18 62.24
CA ASN D 230 -47.13 -57.22 61.83
C ASN D 230 -46.77 -56.76 60.42
N GLY D 231 -47.45 -55.70 60.01
CA GLY D 231 -47.28 -55.12 58.69
C GLY D 231 -45.88 -54.59 58.45
N ARG D 232 -45.73 -53.91 57.33
CA ARG D 232 -44.42 -53.38 56.95
C ARG D 232 -44.56 -51.99 56.33
N ILE D 233 -45.79 -51.62 56.00
CA ILE D 233 -46.10 -50.35 55.34
C ILE D 233 -45.65 -50.34 53.86
N PRO D 234 -45.40 -51.53 53.27
CA PRO D 234 -44.96 -51.70 51.88
C PRO D 234 -46.08 -51.41 50.88
N LYS D 235 -47.32 -51.44 51.35
CA LYS D 235 -48.44 -51.11 50.50
C LYS D 235 -48.14 -49.67 50.25
N THR D 236 -48.70 -49.07 49.24
CA THR D 236 -48.15 -47.76 49.02
C THR D 236 -49.04 -46.64 48.61
N TYR D 237 -49.56 -45.92 49.61
CA TYR D 237 -50.47 -44.88 49.21
C TYR D 237 -51.42 -44.67 50.34
N LYS D 238 -51.93 -45.81 50.72
CA LYS D 238 -52.90 -45.96 51.75
C LYS D 238 -52.17 -46.15 53.06
N GLU D 239 -51.04 -46.85 53.01
CA GLU D 239 -50.29 -47.09 54.21
C GLU D 239 -49.30 -46.01 54.55
N LYS D 240 -48.31 -45.85 53.69
CA LYS D 240 -47.29 -44.86 53.94
C LYS D 240 -47.90 -43.57 54.45
N GLU D 241 -48.94 -43.11 53.78
CA GLU D 241 -49.60 -41.87 54.18
C GLU D 241 -50.06 -41.95 55.64
N ASP D 242 -50.82 -42.99 55.95
CA ASP D 242 -51.33 -43.17 57.30
C ASP D 242 -50.21 -43.33 58.33
N PHE D 243 -49.07 -43.87 57.89
CA PHE D 243 -47.95 -44.02 58.81
C PHE D 243 -47.56 -42.63 59.26
N ARG D 244 -47.50 -41.70 58.32
CA ARG D 244 -47.15 -40.30 58.63
C ARG D 244 -48.08 -39.76 59.70
N ASP D 245 -49.39 -39.81 59.41
CA ASP D 245 -50.39 -39.34 60.34
C ASP D 245 -50.11 -39.89 61.72
N LEU D 246 -49.56 -41.10 61.77
CA LEU D 246 -49.22 -41.74 63.04
C LEU D 246 -48.07 -41.00 63.69
N ILE D 247 -47.15 -40.52 62.86
CA ILE D 247 -45.98 -39.80 63.36
C ILE D 247 -46.36 -38.42 63.92
N ARG D 248 -47.46 -37.86 63.42
CA ARG D 248 -47.91 -36.56 63.91
C ARG D 248 -48.50 -36.71 65.31
N GLN D 249 -49.20 -37.83 65.53
CA GLN D 249 -49.81 -38.12 66.82
C GLN D 249 -48.75 -38.39 67.89
N GLY D 250 -47.56 -37.84 67.67
CA GLY D 250 -46.48 -38.02 68.61
C GLY D 250 -45.85 -36.69 68.98
N ILE D 251 -46.42 -35.61 68.47
CA ILE D 251 -45.93 -34.25 68.73
C ILE D 251 -46.27 -33.79 70.15
N LEU D 252 -45.23 -33.37 70.88
CA LEU D 252 -45.29 -32.94 72.28
C LEU D 252 -46.24 -31.85 72.74
N LYS D 253 -46.44 -31.81 73.91
CA LYS D 253 -47.32 -30.76 74.02
C LYS D 253 -46.81 -29.28 73.21
N PRO D 254 -47.23 -28.60 71.99
CA PRO D 254 -47.13 -27.28 70.91
C PRO D 254 -45.94 -26.51 70.40
N GLU D 255 -45.05 -27.09 69.82
CA GLU D 255 -43.77 -26.52 70.14
C GLU D 255 -42.85 -26.34 68.98
N ASP D 256 -42.45 -27.46 68.40
CA ASP D 256 -41.53 -27.49 67.30
C ASP D 256 -41.86 -28.84 66.72
N GLU D 257 -40.81 -29.55 66.32
CA GLU D 257 -40.91 -30.86 65.74
C GLU D 257 -40.67 -30.59 64.28
N GLU D 258 -39.50 -30.04 64.01
CA GLU D 258 -39.10 -29.77 62.65
C GLU D 258 -38.59 -31.12 62.17
N ASN D 259 -37.80 -31.78 63.03
CA ASN D 259 -37.27 -33.08 62.69
C ASN D 259 -38.40 -34.07 62.47
N PHE D 260 -39.45 -33.97 63.29
CA PHE D 260 -40.61 -34.86 63.14
C PHE D 260 -41.18 -34.69 61.74
N GLU D 261 -41.41 -33.44 61.37
CA GLU D 261 -41.95 -33.13 60.06
C GLU D 261 -40.98 -33.64 59.02
N GLU D 262 -39.68 -33.52 59.32
CA GLU D 262 -38.64 -33.99 58.41
C GLU D 262 -38.83 -35.49 58.28
N ALA D 263 -38.94 -36.17 59.42
CA ALA D 263 -39.15 -37.62 59.45
C ALA D 263 -40.27 -37.94 58.48
N ILE D 264 -41.38 -37.24 58.66
CA ILE D 264 -42.54 -37.43 57.82
C ILE D 264 -42.16 -37.39 56.35
N LYS D 265 -41.66 -36.25 55.91
CA LYS D 265 -41.26 -36.11 54.51
C LYS D 265 -40.38 -37.27 54.05
N ASN D 266 -39.55 -37.75 54.97
CA ASN D 266 -38.63 -38.86 54.68
C ASN D 266 -39.31 -40.20 54.52
N VAL D 267 -40.47 -40.35 55.11
CA VAL D 267 -41.19 -41.61 55.01
C VAL D 267 -41.44 -42.02 53.55
N ASN D 268 -41.35 -41.07 52.63
CA ASN D 268 -41.57 -41.38 51.22
C ASN D 268 -40.43 -42.24 50.68
N THR D 269 -39.28 -42.19 51.36
CA THR D 269 -38.09 -42.95 50.97
C THR D 269 -37.79 -44.04 52.00
N ALA D 270 -37.30 -43.58 53.15
CA ALA D 270 -36.92 -44.38 54.31
C ALA D 270 -37.38 -45.83 54.42
N LEU D 271 -38.61 -46.12 54.01
CA LEU D 271 -39.11 -47.48 54.12
C LEU D 271 -38.30 -48.50 53.35
N ASN D 272 -38.52 -48.66 52.05
CA ASN D 272 -37.72 -49.63 51.31
C ASN D 272 -36.51 -48.96 50.67
N THR D 273 -35.34 -49.18 51.25
CA THR D 273 -34.06 -48.63 50.75
C THR D 273 -33.09 -49.78 50.47
N THR D 274 -33.46 -50.98 50.91
CA THR D 274 -32.62 -52.15 50.74
C THR D 274 -33.12 -53.16 49.72
N GLN D 275 -32.22 -53.45 48.79
CA GLN D 275 -32.45 -54.38 47.70
C GLN D 275 -31.24 -54.27 46.78
N ILE D 276 -30.81 -55.39 46.21
CA ILE D 276 -29.66 -55.37 45.32
C ILE D 276 -30.03 -54.85 43.96
N PRO D 277 -29.36 -53.78 43.51
CA PRO D 277 -29.55 -53.10 42.22
C PRO D 277 -29.40 -53.99 41.00
N SER D 278 -30.39 -53.94 40.13
CA SER D 278 -30.44 -54.72 38.89
C SER D 278 -29.07 -54.81 38.22
N SER D 279 -28.46 -53.66 38.01
CA SER D 279 -27.15 -53.57 37.37
C SER D 279 -26.13 -54.52 38.00
N ILE D 280 -26.14 -54.59 39.32
CA ILE D 280 -25.21 -55.47 40.02
C ILE D 280 -25.52 -56.94 39.79
N GLU D 281 -26.79 -57.31 39.89
CA GLU D 281 -27.18 -58.70 39.67
C GLU D 281 -26.54 -59.13 38.36
N ASP D 282 -26.75 -58.34 37.31
CA ASP D 282 -26.20 -58.65 35.99
C ASP D 282 -24.69 -58.89 35.99
N ILE D 283 -23.98 -58.23 36.92
CA ILE D 283 -22.54 -58.41 37.04
C ILE D 283 -22.33 -59.77 37.67
N PHE D 284 -22.96 -59.95 38.83
CA PHE D 284 -22.90 -61.20 39.57
C PHE D 284 -23.10 -62.38 38.63
N ASN D 285 -24.15 -62.30 37.80
CA ASN D 285 -24.48 -63.37 36.85
C ASN D 285 -23.60 -63.44 35.62
N ASP D 286 -22.60 -62.58 35.51
CA ASP D 286 -21.72 -62.60 34.34
C ASP D 286 -20.72 -63.74 34.38
N ASP D 287 -20.45 -64.33 33.22
CA ASP D 287 -19.51 -65.45 33.12
C ASP D 287 -18.16 -65.13 33.76
N ARG D 288 -17.68 -63.90 33.56
CA ARG D 288 -16.39 -63.47 34.11
C ARG D 288 -16.39 -63.53 35.64
N CYS D 289 -17.55 -63.29 36.22
CA CYS D 289 -17.74 -63.29 37.66
C CYS D 289 -17.89 -64.69 38.23
N ILE D 290 -18.46 -65.60 37.45
CA ILE D 290 -18.70 -66.97 37.88
C ILE D 290 -17.52 -67.94 37.68
N ASN D 291 -16.96 -67.99 36.47
CA ASN D 291 -15.83 -68.86 36.20
C ASN D 291 -14.54 -68.05 36.33
N ILE D 292 -13.88 -68.20 37.47
CA ILE D 292 -12.66 -67.46 37.76
C ILE D 292 -11.40 -68.25 37.41
N THR D 293 -10.32 -67.54 37.10
CA THR D 293 -9.05 -68.18 36.76
C THR D 293 -7.87 -67.28 37.14
N LYS D 294 -6.65 -67.79 36.99
CA LYS D 294 -5.47 -66.99 37.30
C LYS D 294 -5.50 -65.80 36.34
N GLN D 295 -6.28 -65.94 35.27
CA GLN D 295 -6.43 -64.92 34.25
C GLN D 295 -7.30 -63.77 34.77
N THR D 296 -8.41 -64.13 35.41
CA THR D 296 -9.35 -63.15 35.95
C THR D 296 -8.69 -61.95 36.65
N PRO D 297 -9.07 -60.73 36.21
CA PRO D 297 -8.58 -59.45 36.70
C PRO D 297 -9.10 -59.07 38.08
N SER D 298 -8.40 -58.13 38.68
CA SER D 298 -8.70 -57.62 40.01
C SER D 298 -10.19 -57.40 40.25
N PHE D 299 -10.79 -56.54 39.44
CA PHE D 299 -12.21 -56.22 39.56
C PHE D 299 -13.11 -57.42 39.79
N TRP D 300 -13.25 -58.24 38.76
CA TRP D 300 -14.11 -59.41 38.82
C TRP D 300 -13.99 -60.25 40.08
N ILE D 301 -12.78 -60.44 40.57
CA ILE D 301 -12.63 -61.22 41.79
C ILE D 301 -13.46 -60.55 42.88
N LEU D 302 -13.28 -59.24 43.03
CA LEU D 302 -14.00 -58.48 44.04
C LEU D 302 -15.50 -58.64 43.79
N ALA D 303 -15.88 -58.77 42.54
CA ALA D 303 -17.29 -58.93 42.20
C ALA D 303 -17.75 -60.23 42.84
N ARG D 304 -17.09 -61.33 42.50
CA ARG D 304 -17.46 -62.61 43.07
C ARG D 304 -17.36 -62.47 44.59
N ALA D 305 -16.23 -61.95 45.04
CA ALA D 305 -16.01 -61.76 46.47
C ALA D 305 -17.20 -61.07 47.12
N LEU D 306 -17.97 -60.35 46.33
CA LEU D 306 -19.13 -59.64 46.83
C LEU D 306 -20.30 -60.59 46.82
N LYS D 307 -20.51 -61.21 45.67
CA LYS D 307 -21.59 -62.17 45.49
C LYS D 307 -21.54 -63.16 46.66
N GLU D 308 -20.34 -63.70 46.93
CA GLU D 308 -20.13 -64.66 48.01
C GLU D 308 -20.55 -64.09 49.35
N PHE D 309 -20.33 -62.80 49.52
CA PHE D 309 -20.70 -62.12 50.75
C PHE D 309 -22.21 -62.11 50.82
N VAL D 310 -22.84 -61.72 49.72
CA VAL D 310 -24.30 -61.67 49.66
C VAL D 310 -24.86 -63.01 50.09
N ALA D 311 -24.45 -64.06 49.40
CA ALA D 311 -24.91 -65.40 49.72
C ALA D 311 -24.72 -65.77 51.19
N LYS D 312 -23.49 -65.66 51.68
CA LYS D 312 -23.20 -66.01 53.07
C LYS D 312 -23.60 -64.89 54.04
N GLU D 313 -22.66 -64.42 54.87
CA GLU D 313 -22.96 -63.39 55.88
C GLU D 313 -23.58 -62.07 55.43
N GLY D 314 -23.86 -61.93 54.15
CA GLY D 314 -24.49 -60.71 53.69
C GLY D 314 -25.98 -60.85 53.86
N GLN D 315 -26.40 -62.07 54.19
CA GLN D 315 -27.80 -62.42 54.37
C GLN D 315 -28.71 -61.87 53.28
N GLY D 316 -28.34 -62.15 52.04
CA GLY D 316 -29.13 -61.71 50.91
C GLY D 316 -28.75 -60.39 50.25
N ASN D 317 -28.24 -59.43 51.00
CA ASN D 317 -27.88 -58.15 50.41
C ASN D 317 -26.43 -57.74 50.51
N LEU D 318 -26.07 -56.74 49.71
CA LEU D 318 -24.72 -56.20 49.66
C LEU D 318 -24.25 -55.69 51.03
N PRO D 319 -22.97 -55.30 51.12
CA PRO D 319 -22.46 -54.80 52.41
C PRO D 319 -23.16 -53.47 52.71
N VAL D 320 -23.18 -53.11 53.99
CA VAL D 320 -23.80 -51.85 54.38
C VAL D 320 -22.88 -50.71 53.94
N ARG D 321 -23.46 -49.68 53.33
CA ARG D 321 -22.67 -48.54 52.86
C ARG D 321 -21.99 -47.86 54.05
N GLY D 322 -22.79 -47.47 55.03
CA GLY D 322 -22.23 -46.85 56.22
C GLY D 322 -22.22 -45.34 56.21
N THR D 323 -22.96 -44.73 55.31
CA THR D 323 -23.00 -43.28 55.26
C THR D 323 -24.45 -42.90 55.44
N ILE D 324 -24.71 -41.90 56.26
CA ILE D 324 -26.08 -41.48 56.48
C ILE D 324 -26.22 -39.99 56.24
N PRO D 325 -27.32 -39.57 55.62
CA PRO D 325 -27.57 -38.16 55.35
C PRO D 325 -27.58 -37.32 56.61
N ASP D 326 -27.34 -36.03 56.46
CA ASP D 326 -27.36 -35.14 57.61
C ASP D 326 -28.80 -35.08 58.05
N MET D 327 -29.03 -34.74 59.32
CA MET D 327 -30.39 -34.64 59.84
C MET D 327 -30.41 -33.93 61.17
N ILE D 328 -31.37 -33.00 61.32
CA ILE D 328 -31.52 -32.23 62.54
C ILE D 328 -31.45 -33.20 63.71
N ALA D 329 -30.39 -33.09 64.51
CA ALA D 329 -30.22 -33.97 65.67
C ALA D 329 -29.16 -33.47 66.63
N ASP D 330 -29.22 -33.96 67.86
CA ASP D 330 -28.27 -33.57 68.88
C ASP D 330 -26.89 -33.90 68.34
N SER D 331 -25.88 -33.16 68.77
CA SER D 331 -24.52 -33.37 68.30
C SER D 331 -24.08 -34.83 68.49
N GLY D 332 -23.88 -35.24 69.73
CA GLY D 332 -23.46 -36.60 70.01
C GLY D 332 -24.41 -37.70 69.54
N LYS D 333 -25.70 -37.40 69.54
CA LYS D 333 -26.71 -38.38 69.12
C LYS D 333 -26.58 -38.76 67.65
N TYR D 334 -26.41 -37.75 66.79
CA TYR D 334 -26.28 -38.01 65.37
C TYR D 334 -25.05 -38.82 65.11
N ILE D 335 -23.96 -38.44 65.75
CA ILE D 335 -22.71 -39.16 65.58
C ILE D 335 -22.86 -40.62 65.96
N LYS D 336 -23.25 -40.87 67.20
CA LYS D 336 -23.43 -42.25 67.65
C LYS D 336 -24.14 -43.06 66.57
N LEU D 337 -25.25 -42.51 66.04
CA LEU D 337 -26.01 -43.18 64.99
C LEU D 337 -25.13 -43.40 63.78
N GLN D 338 -24.35 -42.37 63.44
CA GLN D 338 -23.46 -42.47 62.31
C GLN D 338 -22.57 -43.68 62.55
N ASN D 339 -21.86 -43.68 63.67
CA ASN D 339 -20.95 -44.77 64.00
C ASN D 339 -21.56 -46.15 63.89
N VAL D 340 -22.79 -46.30 64.35
CA VAL D 340 -23.47 -47.59 64.29
C VAL D 340 -23.29 -48.14 62.89
N TYR D 341 -23.64 -47.30 61.91
CA TYR D 341 -23.54 -47.66 60.51
C TYR D 341 -22.09 -47.82 60.09
N ARG D 342 -21.26 -46.86 60.44
CA ARG D 342 -19.85 -46.89 60.09
C ARG D 342 -19.28 -48.26 60.50
N GLU D 343 -19.42 -48.58 61.79
CA GLU D 343 -18.91 -49.84 62.31
C GLU D 343 -19.44 -51.05 61.56
N LYS D 344 -20.75 -51.12 61.40
CA LYS D 344 -21.34 -52.25 60.67
C LYS D 344 -20.65 -52.37 59.31
N ALA D 345 -20.58 -51.25 58.59
CA ALA D 345 -19.97 -51.22 57.27
C ALA D 345 -18.57 -51.75 57.31
N LYS D 346 -17.82 -51.37 58.34
CA LYS D 346 -16.44 -51.81 58.46
C LYS D 346 -16.39 -53.32 58.65
N LYS D 347 -17.39 -53.88 59.32
CA LYS D 347 -17.43 -55.33 59.56
C LYS D 347 -17.70 -56.03 58.25
N ASP D 348 -18.84 -55.71 57.64
CA ASP D 348 -19.20 -56.31 56.37
C ASP D 348 -18.00 -56.13 55.46
N ALA D 349 -17.27 -55.05 55.67
CA ALA D 349 -16.09 -54.75 54.88
C ALA D 349 -15.14 -55.93 54.92
N ALA D 350 -14.69 -56.27 56.12
CA ALA D 350 -13.77 -57.40 56.30
C ALA D 350 -14.36 -58.67 55.73
N ALA D 351 -15.64 -58.91 56.05
CA ALA D 351 -16.35 -60.09 55.56
C ALA D 351 -16.05 -60.29 54.09
N VAL D 352 -16.33 -59.25 53.30
CA VAL D 352 -16.07 -59.28 51.87
C VAL D 352 -14.57 -59.46 51.67
N GLY D 353 -13.80 -58.90 52.60
CA GLY D 353 -12.35 -58.99 52.53
C GLY D 353 -11.87 -60.42 52.62
N ASN D 354 -12.56 -61.23 53.42
CA ASN D 354 -12.18 -62.62 53.57
C ASN D 354 -12.42 -63.36 52.27
N HIS D 355 -13.66 -63.32 51.80
CA HIS D 355 -14.00 -63.99 50.55
C HIS D 355 -12.98 -63.66 49.50
N VAL D 356 -12.52 -62.42 49.48
CA VAL D 356 -11.53 -62.02 48.51
C VAL D 356 -10.32 -62.94 48.67
N ALA D 357 -9.67 -62.85 49.83
CA ALA D 357 -8.49 -63.67 50.10
C ALA D 357 -8.74 -65.11 49.68
N LYS D 358 -9.77 -65.72 50.25
CA LYS D 358 -10.10 -67.09 49.91
C LYS D 358 -10.03 -67.27 48.41
N LEU D 359 -10.67 -66.38 47.66
CA LEU D 359 -10.64 -66.48 46.20
C LEU D 359 -9.23 -66.38 45.66
N LEU D 360 -8.54 -65.29 46.02
CA LEU D 360 -7.18 -65.10 45.58
C LEU D 360 -6.37 -66.37 45.81
N GLN D 361 -6.66 -67.05 46.92
CA GLN D 361 -5.94 -68.28 47.23
C GLN D 361 -6.26 -69.38 46.23
N SER D 362 -7.54 -69.69 46.07
CA SER D 362 -7.95 -70.73 45.14
C SER D 362 -7.54 -70.41 43.71
N ILE D 363 -6.55 -69.54 43.57
CA ILE D 363 -6.07 -69.15 42.25
C ILE D 363 -4.55 -69.04 42.24
N GLY D 364 -3.96 -68.71 43.39
CA GLY D 364 -2.52 -68.59 43.44
C GLY D 364 -2.09 -67.24 43.96
N GLN D 365 -2.44 -66.18 43.24
CA GLN D 365 -2.08 -64.83 43.64
C GLN D 365 -2.21 -64.69 45.16
N ALA D 366 -1.21 -64.07 45.78
CA ALA D 366 -1.18 -63.88 47.22
C ALA D 366 -2.31 -62.98 47.73
N PRO D 367 -2.95 -63.38 48.84
CA PRO D 367 -4.05 -62.63 49.45
C PRO D 367 -3.75 -61.14 49.67
N GLU D 368 -2.49 -60.75 49.44
CA GLU D 368 -2.10 -59.36 49.59
C GLU D 368 -1.99 -58.74 48.20
N SER D 369 -2.47 -59.45 47.20
CA SER D 369 -2.42 -58.99 45.82
C SER D 369 -3.42 -57.83 45.65
N ILE D 370 -4.33 -57.71 46.60
CA ILE D 370 -5.35 -56.66 46.57
C ILE D 370 -5.28 -55.81 47.85
N SER D 371 -5.11 -54.51 47.67
CA SER D 371 -4.99 -53.58 48.78
C SER D 371 -6.27 -53.37 49.59
N GLU D 372 -6.08 -53.06 50.85
CA GLU D 372 -7.19 -52.80 51.76
C GLU D 372 -7.97 -51.60 51.22
N LYS D 373 -7.23 -50.65 50.66
CA LYS D 373 -7.85 -49.45 50.10
C LYS D 373 -8.84 -49.85 49.00
N GLU D 374 -8.40 -50.71 48.07
CA GLU D 374 -9.26 -51.17 46.98
C GLU D 374 -10.51 -51.77 47.55
N LEU D 375 -10.34 -52.56 48.61
CA LEU D 375 -11.45 -53.22 49.26
C LEU D 375 -12.44 -52.26 49.88
N LYS D 376 -11.96 -51.48 50.85
CA LYS D 376 -12.83 -50.53 51.54
C LYS D 376 -13.54 -49.57 50.60
N LEU D 377 -13.04 -49.48 49.37
CA LEU D 377 -13.66 -48.61 48.37
C LEU D 377 -14.75 -49.39 47.66
N LEU D 378 -14.34 -50.53 47.11
CA LEU D 378 -15.23 -51.45 46.39
C LEU D 378 -16.51 -51.69 47.17
N CYS D 379 -16.39 -51.77 48.48
CA CYS D 379 -17.55 -51.98 49.32
C CYS D 379 -18.44 -50.75 49.32
N SER D 380 -17.88 -49.60 49.70
CA SER D 380 -18.69 -48.38 49.72
C SER D 380 -19.46 -48.19 48.41
N ASN D 381 -18.82 -48.49 47.29
CA ASN D 381 -19.48 -48.36 45.99
C ASN D 381 -20.06 -49.67 45.49
N SER D 382 -20.25 -50.61 46.41
CA SER D 382 -20.81 -51.91 46.05
C SER D 382 -21.99 -51.75 45.11
N ALA D 383 -23.00 -50.99 45.56
CA ALA D 383 -24.23 -50.77 44.81
C ALA D 383 -24.11 -49.90 43.56
N PHE D 384 -22.92 -49.39 43.30
CA PHE D 384 -22.73 -48.51 42.15
C PHE D 384 -21.77 -49.05 41.15
N LEU D 385 -21.42 -50.31 41.26
CA LEU D 385 -20.49 -50.91 40.31
C LEU D 385 -21.11 -50.79 38.93
N ARG D 386 -20.26 -50.68 37.90
CA ARG D 386 -20.77 -50.59 36.54
C ARG D 386 -19.71 -51.05 35.56
N VAL D 387 -20.14 -51.85 34.59
CA VAL D 387 -19.22 -52.39 33.58
C VAL D 387 -19.68 -52.02 32.20
N VAL D 388 -18.73 -51.69 31.33
CA VAL D 388 -19.05 -51.29 29.98
C VAL D 388 -18.28 -52.07 28.92
N ARG D 389 -18.99 -52.69 27.99
CA ARG D 389 -18.32 -53.44 26.94
C ARG D 389 -18.71 -52.79 25.62
N CYS D 390 -17.72 -52.53 24.77
CA CYS D 390 -17.98 -51.92 23.47
C CYS D 390 -17.85 -52.93 22.34
N ARG D 391 -18.74 -52.85 21.36
CA ARG D 391 -18.67 -53.75 20.22
C ARG D 391 -17.44 -53.30 19.42
N SER D 392 -16.61 -54.26 19.01
CA SER D 392 -15.44 -53.90 18.23
C SER D 392 -15.89 -53.04 17.06
N LEU D 393 -14.99 -52.26 16.48
CA LEU D 393 -15.41 -51.44 15.37
C LEU D 393 -15.85 -52.37 14.25
N ALA D 394 -15.02 -53.38 13.99
CA ALA D 394 -15.31 -54.34 12.94
C ALA D 394 -16.75 -54.86 12.99
N GLU D 395 -17.21 -55.24 14.18
CA GLU D 395 -18.58 -55.75 14.34
C GLU D 395 -19.66 -54.76 13.87
N GLU D 396 -19.40 -53.47 14.03
CA GLU D 396 -20.36 -52.44 13.64
C GLU D 396 -20.33 -52.25 12.13
N TYR D 397 -19.20 -52.58 11.52
CA TYR D 397 -19.05 -52.45 10.08
C TYR D 397 -19.22 -53.79 9.40
N GLY D 398 -19.45 -54.83 10.21
CA GLY D 398 -19.65 -56.16 9.68
C GLY D 398 -21.00 -56.21 8.99
N LEU D 399 -21.09 -56.97 7.91
CA LEU D 399 -22.35 -57.07 7.17
C LEU D 399 -23.45 -57.84 7.89
N ASP D 400 -23.07 -58.92 8.55
CA ASP D 400 -24.04 -59.74 9.26
C ASP D 400 -24.27 -59.18 10.67
N THR D 401 -23.25 -58.53 11.21
CA THR D 401 -23.30 -57.98 12.56
C THR D 401 -23.83 -56.55 12.76
N ILE D 402 -23.90 -55.76 11.70
CA ILE D 402 -24.38 -54.39 11.80
C ILE D 402 -25.68 -54.29 12.61
N ASN D 403 -25.60 -53.68 13.79
CA ASN D 403 -26.77 -53.51 14.66
C ASN D 403 -27.80 -52.64 13.94
N LYS D 404 -28.41 -53.17 12.88
CA LYS D 404 -29.37 -52.41 12.10
C LYS D 404 -30.75 -52.29 12.73
N ASP D 405 -30.92 -52.89 13.88
CA ASP D 405 -32.21 -52.79 14.54
C ASP D 405 -32.27 -51.37 15.10
N GLU D 406 -31.22 -51.00 15.83
CA GLU D 406 -31.11 -49.68 16.45
C GLU D 406 -31.13 -48.53 15.43
N ILE D 407 -30.47 -48.72 14.29
CA ILE D 407 -30.44 -47.67 13.27
C ILE D 407 -31.85 -47.32 12.81
N ILE D 408 -32.59 -48.34 12.38
CA ILE D 408 -33.95 -48.16 11.90
C ILE D 408 -34.85 -47.65 13.01
N SER D 409 -34.73 -48.26 14.17
CA SER D 409 -35.52 -47.89 15.32
C SER D 409 -35.48 -46.38 15.57
N SER D 410 -34.31 -45.77 15.41
CA SER D 410 -34.15 -44.34 15.62
C SER D 410 -34.70 -43.52 14.47
N MET D 411 -34.37 -43.93 13.24
CA MET D 411 -34.81 -43.25 12.04
C MET D 411 -36.30 -42.98 11.92
N ASP D 412 -37.07 -43.30 12.96
CA ASP D 412 -38.51 -43.06 12.95
C ASP D 412 -38.80 -41.58 13.20
N ASN D 413 -37.77 -40.77 12.94
CA ASN D 413 -37.83 -39.32 13.06
C ASN D 413 -36.67 -38.84 12.20
N PRO D 414 -36.98 -38.47 10.95
CA PRO D 414 -35.98 -38.00 9.99
C PRO D 414 -35.01 -36.93 10.50
N ASP D 415 -35.27 -36.41 11.71
CA ASP D 415 -34.42 -35.39 12.30
C ASP D 415 -33.65 -35.95 13.50
N ASN D 416 -33.39 -37.26 13.49
CA ASN D 416 -32.67 -37.91 14.58
C ASN D 416 -31.19 -37.98 14.26
N GLU D 417 -30.37 -37.47 15.18
CA GLU D 417 -28.92 -37.44 15.04
C GLU D 417 -28.31 -38.59 14.25
N ILE D 418 -28.93 -39.77 14.32
CA ILE D 418 -28.44 -40.95 13.61
C ILE D 418 -28.38 -40.74 12.09
N VAL D 419 -29.20 -39.83 11.58
CA VAL D 419 -29.22 -39.49 10.17
C VAL D 419 -27.77 -39.17 9.84
N LEU D 420 -27.25 -38.21 10.62
CA LEU D 420 -25.89 -37.73 10.50
C LEU D 420 -24.89 -38.87 10.45
N TYR D 421 -25.14 -39.92 11.24
CA TYR D 421 -24.24 -41.06 11.21
C TYR D 421 -24.21 -41.62 9.82
N LEU D 422 -25.38 -42.02 9.35
CA LEU D 422 -25.51 -42.57 8.01
C LEU D 422 -24.80 -41.65 7.01
N MET D 423 -25.16 -40.38 7.04
CA MET D 423 -24.56 -39.41 6.15
C MET D 423 -23.04 -39.54 6.14
N LEU D 424 -22.44 -39.61 7.32
CA LEU D 424 -21.00 -39.74 7.39
C LEU D 424 -20.59 -41.00 6.64
N ARG D 425 -21.21 -42.11 6.99
CA ARG D 425 -20.92 -43.38 6.33
C ARG D 425 -20.98 -43.12 4.84
N ALA D 426 -22.03 -42.40 4.45
CA ALA D 426 -22.25 -42.04 3.05
C ALA D 426 -21.01 -41.32 2.54
N VAL D 427 -20.75 -40.16 3.13
CA VAL D 427 -19.60 -39.35 2.76
C VAL D 427 -18.36 -40.23 2.68
N ASP D 428 -18.07 -40.96 3.76
CA ASP D 428 -16.91 -41.82 3.77
C ASP D 428 -16.89 -42.72 2.56
N ARG D 429 -18.05 -43.23 2.16
CA ARG D 429 -18.14 -44.09 0.97
C ARG D 429 -17.74 -43.22 -0.22
N PHE D 430 -18.47 -42.11 -0.37
CA PHE D 430 -18.22 -41.16 -1.43
C PHE D 430 -16.73 -40.86 -1.53
N HIS D 431 -16.04 -40.83 -0.40
CA HIS D 431 -14.62 -40.55 -0.42
C HIS D 431 -13.82 -41.70 -1.00
N LYS D 432 -13.93 -42.87 -0.39
CA LYS D 432 -13.19 -44.02 -0.89
C LYS D 432 -13.41 -44.10 -2.38
N GLN D 433 -14.68 -43.92 -2.77
CA GLN D 433 -15.06 -43.98 -4.16
C GLN D 433 -14.49 -42.87 -5.04
N GLN D 434 -14.65 -41.62 -4.60
CA GLN D 434 -14.18 -40.45 -5.36
C GLN D 434 -12.71 -40.06 -5.23
N GLY D 435 -12.25 -39.96 -3.99
CA GLY D 435 -10.86 -39.57 -3.77
C GLY D 435 -10.83 -38.21 -3.10
N ARG D 436 -12.02 -37.64 -2.91
CA ARG D 436 -12.20 -36.33 -2.26
C ARG D 436 -13.55 -36.36 -1.57
N TYR D 437 -13.79 -35.37 -0.71
CA TYR D 437 -15.07 -35.32 0.00
C TYR D 437 -16.11 -34.49 -0.73
N PRO D 438 -17.39 -34.72 -0.39
CA PRO D 438 -18.52 -34.00 -1.00
C PRO D 438 -18.40 -32.48 -1.01
N GLY D 439 -18.04 -31.94 -2.18
CA GLY D 439 -17.94 -30.50 -2.36
C GLY D 439 -16.96 -29.67 -1.54
N VAL D 440 -15.68 -30.03 -1.58
CA VAL D 440 -14.66 -29.28 -0.84
C VAL D 440 -14.56 -27.89 -1.49
N SER D 441 -14.45 -27.86 -2.81
CA SER D 441 -14.35 -26.60 -3.55
C SER D 441 -15.74 -26.04 -3.75
N ASN D 442 -15.85 -24.74 -3.99
CA ASN D 442 -17.15 -24.09 -4.15
C ASN D 442 -17.97 -24.44 -5.38
N TYR D 443 -17.37 -25.08 -6.37
CA TYR D 443 -18.12 -25.43 -7.56
C TYR D 443 -18.56 -26.88 -7.50
N GLN D 444 -17.75 -27.71 -6.85
CA GLN D 444 -18.04 -29.14 -6.72
C GLN D 444 -19.38 -29.40 -6.06
N VAL D 445 -19.94 -28.38 -5.39
CA VAL D 445 -21.22 -28.53 -4.69
C VAL D 445 -22.28 -29.18 -5.59
N GLU D 446 -22.80 -28.41 -6.53
CA GLU D 446 -23.82 -28.87 -7.50
C GLU D 446 -23.55 -30.32 -7.93
N GLU D 447 -22.50 -30.46 -8.73
CA GLU D 447 -22.06 -31.74 -9.26
C GLU D 447 -22.16 -32.87 -8.22
N ASP D 448 -21.43 -32.70 -7.12
CA ASP D 448 -21.37 -33.69 -6.02
C ASP D 448 -22.66 -34.06 -5.32
N ILE D 449 -23.58 -33.11 -5.15
CA ILE D 449 -24.86 -33.40 -4.48
C ILE D 449 -25.51 -34.67 -5.01
N GLY D 450 -25.59 -34.79 -6.34
CA GLY D 450 -26.17 -35.99 -6.91
C GLY D 450 -25.26 -37.18 -6.62
N LYS D 451 -23.99 -37.04 -6.98
CA LYS D 451 -23.00 -38.08 -6.76
C LYS D 451 -23.03 -38.62 -5.35
N LEU D 452 -23.17 -37.73 -4.37
CA LEU D 452 -23.22 -38.13 -2.97
C LEU D 452 -24.41 -39.04 -2.69
N LYS D 453 -25.60 -38.58 -3.02
CA LYS D 453 -26.80 -39.38 -2.77
C LYS D 453 -26.64 -40.77 -3.36
N SER D 454 -26.05 -40.87 -4.55
CA SER D 454 -25.84 -42.16 -5.20
C SER D 454 -25.04 -43.08 -4.27
N CYS D 455 -24.32 -42.48 -3.34
CA CYS D 455 -23.52 -43.25 -2.41
C CYS D 455 -24.26 -43.49 -1.11
N LEU D 456 -25.11 -42.53 -0.73
CA LEU D 456 -25.90 -42.70 0.49
C LEU D 456 -26.70 -43.96 0.26
N THR D 457 -27.34 -44.03 -0.90
CA THR D 457 -28.13 -45.18 -1.27
C THR D 457 -27.24 -46.42 -1.38
N GLY D 458 -26.22 -46.35 -2.24
CA GLY D 458 -25.30 -47.47 -2.40
C GLY D 458 -24.98 -48.07 -1.04
N PHE D 459 -24.72 -47.21 -0.07
CA PHE D 459 -24.42 -47.64 1.28
C PHE D 459 -25.63 -48.34 1.89
N LEU D 460 -26.75 -47.63 1.97
CA LEU D 460 -27.97 -48.17 2.55
C LEU D 460 -28.39 -49.53 2.00
N GLN D 461 -28.03 -49.83 0.77
CA GLN D 461 -28.37 -51.11 0.20
C GLN D 461 -27.38 -52.17 0.64
N GLU D 462 -26.08 -51.87 0.52
CA GLU D 462 -25.07 -52.84 0.91
C GLU D 462 -25.42 -53.45 2.24
N TYR D 463 -26.04 -52.67 3.13
CA TYR D 463 -26.41 -53.17 4.45
C TYR D 463 -27.89 -53.54 4.52
N GLY D 464 -28.65 -53.09 3.53
CA GLY D 464 -30.06 -53.39 3.53
C GLY D 464 -30.80 -52.63 4.61
N LEU D 465 -30.77 -51.31 4.50
CA LEU D 465 -31.43 -50.44 5.46
C LEU D 465 -32.52 -49.65 4.76
N SER D 466 -33.77 -50.01 5.04
CA SER D 466 -34.91 -49.34 4.42
C SER D 466 -35.30 -48.12 5.25
N VAL D 467 -34.57 -47.02 5.04
CA VAL D 467 -34.82 -45.78 5.76
C VAL D 467 -34.89 -44.55 4.86
N MET D 468 -35.64 -43.54 5.29
CA MET D 468 -35.81 -42.32 4.50
C MET D 468 -34.93 -41.17 5.01
N VAL D 469 -33.98 -40.74 4.18
CA VAL D 469 -33.05 -39.67 4.51
C VAL D 469 -33.39 -38.40 3.74
N LYS D 470 -34.07 -37.45 4.38
CA LYS D 470 -34.45 -36.20 3.72
C LYS D 470 -33.32 -35.76 2.77
N ASP D 471 -33.67 -35.39 1.55
CA ASP D 471 -32.65 -34.98 0.60
C ASP D 471 -31.82 -33.84 1.17
N ASP D 472 -32.44 -33.03 2.02
CA ASP D 472 -31.77 -31.90 2.62
C ASP D 472 -30.42 -32.30 3.22
N TYR D 473 -30.39 -33.38 3.99
CA TYR D 473 -29.14 -33.79 4.59
C TYR D 473 -28.05 -34.09 3.59
N VAL D 474 -28.42 -34.26 2.34
CA VAL D 474 -27.42 -34.53 1.33
C VAL D 474 -26.80 -33.20 0.90
N HIS D 475 -27.66 -32.21 0.66
CA HIS D 475 -27.19 -30.87 0.25
C HIS D 475 -26.29 -30.37 1.36
N GLU D 476 -26.84 -30.38 2.57
CA GLU D 476 -26.14 -29.92 3.74
C GLU D 476 -24.71 -30.41 3.77
N PHE D 477 -24.51 -31.72 3.92
CA PHE D 477 -23.16 -32.26 3.96
C PHE D 477 -22.26 -31.81 2.81
N CYS D 478 -22.83 -31.60 1.64
CA CYS D 478 -22.02 -31.14 0.52
C CYS D 478 -21.60 -29.70 0.82
N ARG D 479 -22.48 -28.99 1.52
CA ARG D 479 -22.23 -27.60 1.91
C ARG D 479 -21.06 -27.58 2.86
N TYR D 480 -21.10 -28.44 3.88
CA TYR D 480 -20.03 -28.54 4.86
C TYR D 480 -18.65 -28.59 4.21
N GLY D 481 -18.58 -29.23 3.05
CA GLY D 481 -17.31 -29.32 2.35
C GLY D 481 -16.22 -29.83 3.25
N ALA D 482 -16.53 -30.84 4.05
CA ALA D 482 -15.56 -31.43 4.96
C ALA D 482 -14.85 -30.37 5.80
N ALA D 483 -15.53 -29.27 6.07
CA ALA D 483 -14.96 -28.20 6.87
C ALA D 483 -14.94 -28.58 8.34
N GLU D 484 -13.87 -28.23 9.04
CA GLU D 484 -13.74 -28.53 10.46
C GLU D 484 -13.90 -27.23 11.27
N PRO D 485 -15.14 -26.75 11.42
CA PRO D 485 -15.40 -25.51 12.16
C PRO D 485 -14.82 -25.66 13.55
N HIS D 486 -14.16 -24.63 14.06
CA HIS D 486 -13.55 -24.69 15.38
C HIS D 486 -14.56 -24.88 16.50
N THR D 487 -15.59 -24.04 16.56
CA THR D 487 -16.58 -24.17 17.62
C THR D 487 -17.12 -25.58 17.74
N ILE D 488 -17.04 -26.35 16.66
CA ILE D 488 -17.49 -27.73 16.69
C ILE D 488 -16.35 -28.56 17.26
N ALA D 489 -15.22 -28.48 16.59
CA ALA D 489 -14.07 -29.23 17.04
C ALA D 489 -13.89 -28.99 18.51
N ALA D 490 -14.16 -27.77 18.96
CA ALA D 490 -14.00 -27.46 20.38
C ALA D 490 -14.94 -28.29 21.23
N PHE D 491 -16.22 -28.25 20.92
CA PHE D 491 -17.22 -29.00 21.67
C PHE D 491 -16.79 -30.44 21.80
N LEU D 492 -16.49 -31.02 20.65
CA LEU D 492 -16.07 -32.40 20.58
C LEU D 492 -14.83 -32.63 21.42
N GLY D 493 -13.86 -31.76 21.28
CA GLY D 493 -12.63 -31.91 22.05
C GLY D 493 -12.89 -31.85 23.55
N GLY D 494 -13.98 -31.19 23.93
CA GLY D 494 -14.30 -31.07 25.34
C GLY D 494 -14.87 -32.36 25.89
N ALA D 495 -15.91 -32.88 25.23
CA ALA D 495 -16.56 -34.11 25.66
C ALA D 495 -15.62 -35.30 25.56
N ALA D 496 -14.84 -35.33 24.48
CA ALA D 496 -13.88 -36.41 24.24
C ALA D 496 -12.83 -36.45 25.33
N ALA D 497 -12.24 -35.29 25.58
CA ALA D 497 -11.21 -35.16 26.59
C ALA D 497 -11.62 -35.81 27.90
N GLN D 498 -12.86 -35.54 28.30
CA GLN D 498 -13.36 -36.09 29.54
C GLN D 498 -13.45 -37.59 29.49
N GLU D 499 -13.90 -38.14 28.37
CA GLU D 499 -14.01 -39.59 28.26
C GLU D 499 -12.64 -40.17 28.46
N VAL D 500 -11.66 -39.63 27.75
CA VAL D 500 -10.29 -40.12 27.90
C VAL D 500 -9.90 -40.19 29.36
N ILE D 501 -10.31 -39.20 30.15
CA ILE D 501 -9.99 -39.19 31.57
C ILE D 501 -10.78 -40.30 32.26
N LYS D 502 -12.07 -40.35 31.99
CA LYS D 502 -12.92 -41.37 32.59
C LYS D 502 -12.24 -42.71 32.41
N ILE D 503 -11.58 -42.87 31.26
CA ILE D 503 -10.88 -44.10 30.92
C ILE D 503 -9.61 -44.25 31.74
N ILE D 504 -8.79 -43.22 31.76
CA ILE D 504 -7.54 -43.26 32.49
C ILE D 504 -7.75 -43.41 33.99
N THR D 505 -8.69 -42.66 34.55
CA THR D 505 -8.94 -42.73 35.99
C THR D 505 -9.84 -43.88 36.36
N LYS D 506 -10.50 -44.46 35.38
CA LYS D 506 -11.44 -45.56 35.64
C LYS D 506 -12.32 -45.01 36.73
N GLN D 507 -12.63 -43.71 36.62
CA GLN D 507 -13.41 -43.05 37.64
C GLN D 507 -14.84 -42.67 37.36
N PHE D 508 -15.31 -42.79 36.14
CA PHE D 508 -16.70 -42.46 35.91
C PHE D 508 -17.22 -43.43 34.89
N VAL D 509 -18.41 -43.17 34.37
CA VAL D 509 -18.97 -44.08 33.38
C VAL D 509 -18.85 -43.55 31.96
N ILE D 510 -18.09 -44.25 31.16
CA ILE D 510 -17.87 -43.85 29.78
C ILE D 510 -19.16 -44.00 28.99
N PHE D 511 -19.37 -43.16 27.98
CA PHE D 511 -20.58 -43.28 27.17
C PHE D 511 -20.41 -44.58 26.42
N ASN D 512 -21.52 -45.18 26.00
CA ASN D 512 -21.37 -46.44 25.32
C ASN D 512 -21.65 -46.46 23.83
N ASN D 513 -20.60 -46.79 23.07
CA ASN D 513 -20.64 -46.83 21.62
C ASN D 513 -20.83 -45.40 21.10
N THR D 514 -20.85 -45.22 19.78
CA THR D 514 -21.02 -43.90 19.15
C THR D 514 -21.83 -42.75 19.80
N TYR D 515 -21.26 -41.54 19.74
CA TYR D 515 -21.89 -40.33 20.25
C TYR D 515 -22.01 -39.34 19.08
N ILE D 516 -23.15 -38.67 18.97
CA ILE D 516 -23.32 -37.74 17.86
C ILE D 516 -23.87 -36.37 18.23
N TYR D 517 -23.11 -35.33 17.88
CA TYR D 517 -23.45 -33.96 18.18
C TYR D 517 -23.78 -33.15 16.93
N SER D 518 -24.92 -32.48 16.96
CA SER D 518 -25.37 -31.65 15.85
C SER D 518 -25.30 -30.17 16.18
N GLY D 519 -24.51 -29.45 15.38
CA GLY D 519 -24.37 -28.03 15.60
C GLY D 519 -25.66 -27.33 15.31
N MET D 520 -26.22 -27.59 14.13
CA MET D 520 -27.46 -26.97 13.72
C MET D 520 -28.53 -26.96 14.82
N SER D 521 -28.86 -28.13 15.32
CA SER D 521 -29.88 -28.22 16.34
C SER D 521 -29.35 -28.03 17.75
N GLN D 522 -28.02 -28.10 17.89
CA GLN D 522 -27.40 -27.99 19.20
C GLN D 522 -28.01 -29.09 20.06
N THR D 523 -27.86 -30.33 19.60
CA THR D 523 -28.39 -31.50 20.30
C THR D 523 -27.46 -32.68 20.09
N SER D 524 -27.57 -33.68 20.96
CA SER D 524 -26.71 -34.86 20.85
C SER D 524 -27.44 -36.14 21.23
N ALA D 525 -26.81 -37.28 20.95
CA ALA D 525 -27.38 -38.59 21.28
C ALA D 525 -26.31 -39.66 21.21
N THR D 526 -26.35 -40.59 22.18
CA THR D 526 -25.39 -41.70 22.25
C THR D 526 -26.08 -42.85 21.54
N PHE D 527 -25.37 -43.87 21.11
CA PHE D 527 -26.08 -44.93 20.43
C PHE D 527 -25.94 -46.40 20.84
N GLN D 528 -26.17 -47.23 19.84
CA GLN D 528 -26.18 -48.70 19.88
C GLN D 528 -25.41 -49.52 20.91
N LEU D 529 -25.99 -49.77 22.09
CA LEU D 529 -25.42 -50.60 23.17
C LEU D 529 -25.62 -49.94 24.53
N ASP E 1 -6.64 -12.92 6.77
CA ASP E 1 -5.57 -12.06 6.18
C ASP E 1 -4.53 -12.80 5.32
N TRP E 2 -4.63 -14.12 5.20
CA TRP E 2 -3.68 -14.89 4.37
C TRP E 2 -4.42 -16.00 3.63
N GLU E 3 -3.76 -16.65 2.67
CA GLU E 3 -4.42 -17.69 1.89
C GLU E 3 -4.93 -18.93 2.60
N GLY E 4 -6.24 -19.13 2.48
CA GLY E 4 -6.90 -20.29 3.08
C GLY E 4 -7.29 -20.18 4.53
N ARG E 5 -6.88 -19.11 5.19
CA ARG E 5 -7.18 -18.92 6.60
C ARG E 5 -8.63 -19.15 7.00
N TRP E 6 -9.53 -18.33 6.48
CA TRP E 6 -10.93 -18.47 6.88
C TRP E 6 -11.80 -19.44 6.11
N ASN E 7 -11.20 -20.47 5.50
CA ASN E 7 -12.00 -21.43 4.75
C ASN E 7 -13.05 -22.14 5.59
N HIS E 8 -12.71 -22.41 6.85
CA HIS E 8 -13.62 -23.11 7.73
C HIS E 8 -14.78 -22.24 8.18
N VAL E 9 -14.99 -21.14 7.48
CA VAL E 9 -16.05 -20.22 7.83
C VAL E 9 -16.74 -19.73 6.56
N LYS E 10 -15.94 -19.53 5.52
CA LYS E 10 -16.49 -19.07 4.25
C LYS E 10 -17.60 -20.01 3.82
N LYS E 11 -17.32 -21.31 3.90
CA LYS E 11 -18.27 -22.32 3.49
C LYS E 11 -19.66 -22.19 4.08
N PHE E 12 -19.81 -21.47 5.19
CA PHE E 12 -21.12 -21.30 5.81
C PHE E 12 -21.69 -19.94 5.50
N LEU E 13 -20.85 -19.05 5.01
CA LEU E 13 -21.29 -17.70 4.70
C LEU E 13 -21.39 -17.48 3.20
N GLU E 14 -20.51 -18.13 2.45
CA GLU E 14 -20.49 -18.01 0.99
C GLU E 14 -21.51 -18.92 0.33
N ARG E 15 -21.79 -20.06 0.95
CA ARG E 15 -22.74 -21.02 0.40
C ARG E 15 -24.13 -20.98 1.02
N SER E 16 -25.15 -21.15 0.18
CA SER E 16 -26.53 -21.15 0.65
C SER E 16 -26.79 -22.52 1.27
N GLY E 17 -27.97 -22.70 1.87
CA GLY E 17 -28.23 -23.98 2.50
C GLY E 17 -29.67 -24.32 2.82
N PRO E 18 -29.93 -25.58 3.22
CA PRO E 18 -31.26 -26.08 3.57
C PRO E 18 -31.77 -25.59 4.91
N PHE E 19 -30.94 -25.73 5.94
CA PHE E 19 -31.35 -25.31 7.28
C PHE E 19 -30.99 -23.86 7.54
N THR E 20 -30.50 -23.20 6.50
CA THR E 20 -30.13 -21.80 6.58
C THR E 20 -31.28 -20.94 7.14
N HIS E 21 -30.97 -19.99 8.00
CA HIS E 21 -31.97 -19.11 8.57
C HIS E 21 -32.58 -18.27 7.44
N PRO E 22 -33.89 -17.97 7.52
CA PRO E 22 -34.58 -17.17 6.49
C PRO E 22 -33.81 -15.94 5.98
N ASP E 23 -33.59 -14.99 6.87
CA ASP E 23 -32.90 -13.75 6.51
C ASP E 23 -31.48 -13.96 6.01
N PHE E 24 -31.14 -15.18 5.59
CA PHE E 24 -29.77 -15.44 5.13
C PHE E 24 -29.47 -15.09 3.69
N GLU E 25 -28.40 -14.33 3.49
CA GLU E 25 -27.98 -13.95 2.16
C GLU E 25 -26.56 -14.47 1.96
N PRO E 26 -26.39 -15.44 1.07
CA PRO E 26 -25.10 -16.06 0.75
C PRO E 26 -24.17 -15.11 0.00
N SER E 27 -23.22 -14.50 0.70
CA SER E 27 -22.31 -13.55 0.06
C SER E 27 -20.83 -13.77 0.33
N THR E 28 -20.01 -13.28 -0.59
CA THR E 28 -18.56 -13.37 -0.49
C THR E 28 -18.05 -12.26 0.40
N GLU E 29 -18.90 -11.27 0.63
CA GLU E 29 -18.56 -10.11 1.46
C GLU E 29 -18.85 -10.42 2.92
N SER E 30 -19.90 -11.19 3.17
CA SER E 30 -20.34 -11.56 4.51
C SER E 30 -19.24 -11.64 5.57
N LEU E 31 -18.18 -12.37 5.25
CA LEU E 31 -17.06 -12.56 6.16
C LEU E 31 -16.35 -11.27 6.58
N GLN E 32 -15.71 -10.61 5.62
CA GLN E 32 -14.99 -9.38 5.89
C GLN E 32 -15.84 -8.49 6.78
N PHE E 33 -17.12 -8.38 6.44
CA PHE E 33 -18.03 -7.56 7.22
C PHE E 33 -17.90 -7.96 8.69
N LEU E 34 -18.26 -9.21 8.97
CA LEU E 34 -18.19 -9.75 10.33
C LEU E 34 -16.90 -9.32 11.02
N LEU E 35 -15.79 -9.56 10.34
CA LEU E 35 -14.46 -9.23 10.84
C LEU E 35 -14.22 -7.77 11.14
N ASP E 36 -14.90 -6.89 10.42
CA ASP E 36 -14.71 -5.45 10.62
C ASP E 36 -15.76 -4.77 11.46
N THR E 37 -17.03 -5.03 11.17
CA THR E 37 -18.08 -4.35 11.90
C THR E 37 -18.66 -4.95 13.16
N CYS E 38 -18.73 -6.28 13.25
CA CYS E 38 -19.34 -6.92 14.41
C CYS E 38 -18.65 -6.84 15.76
N LYS E 39 -19.20 -6.01 16.65
CA LYS E 39 -18.68 -5.81 18.00
C LYS E 39 -19.32 -6.78 18.98
N VAL E 40 -18.50 -7.54 19.69
CA VAL E 40 -19.00 -8.52 20.63
C VAL E 40 -18.34 -8.43 22.00
N LEU E 41 -19.15 -8.26 23.03
CA LEU E 41 -18.64 -8.17 24.38
C LEU E 41 -18.66 -9.56 25.03
N VAL E 42 -17.59 -9.90 25.73
CA VAL E 42 -17.50 -11.18 26.38
C VAL E 42 -17.35 -10.96 27.86
N ILE E 43 -18.43 -11.11 28.62
CA ILE E 43 -18.34 -10.89 30.06
C ILE E 43 -17.72 -12.07 30.80
N GLY E 44 -16.62 -11.80 31.50
CA GLY E 44 -15.94 -12.84 32.25
C GLY E 44 -14.75 -13.36 31.47
N ALA E 45 -13.71 -13.76 32.18
CA ALA E 45 -12.53 -14.25 31.53
C ALA E 45 -11.83 -15.22 32.43
N GLY E 46 -12.42 -16.40 32.52
CA GLY E 46 -11.89 -17.47 33.34
C GLY E 46 -12.73 -18.66 32.96
N GLY E 47 -12.11 -19.78 32.68
CA GLY E 47 -12.89 -20.94 32.27
C GLY E 47 -13.59 -20.56 30.99
N LEU E 48 -14.88 -20.28 31.08
CA LEU E 48 -15.68 -19.89 29.94
C LEU E 48 -15.05 -18.77 29.13
N GLY E 49 -14.77 -17.65 29.78
CA GLY E 49 -14.19 -16.51 29.11
C GLY E 49 -13.10 -16.91 28.14
N CYS E 50 -12.00 -17.44 28.68
CA CYS E 50 -10.89 -17.86 27.87
C CYS E 50 -11.39 -18.64 26.66
N GLU E 51 -12.02 -19.78 26.92
CA GLU E 51 -12.55 -20.63 25.86
C GLU E 51 -13.40 -19.82 24.90
N LEU E 52 -14.26 -18.96 25.43
CA LEU E 52 -15.13 -18.13 24.59
C LEU E 52 -14.31 -17.29 23.64
N LEU E 53 -13.34 -16.57 24.19
CA LEU E 53 -12.50 -15.71 23.40
C LEU E 53 -11.86 -16.46 22.25
N LYS E 54 -11.30 -17.63 22.58
CA LYS E 54 -10.66 -18.45 21.56
C LYS E 54 -11.66 -18.75 20.47
N ASN E 55 -12.76 -19.40 20.83
CA ASN E 55 -13.80 -19.76 19.87
C ASN E 55 -14.21 -18.58 19.01
N LEU E 56 -14.60 -17.47 19.63
CA LEU E 56 -15.00 -16.31 18.86
C LEU E 56 -13.92 -15.83 17.87
N ALA E 57 -12.69 -15.77 18.35
CA ALA E 57 -11.57 -15.31 17.54
C ALA E 57 -11.41 -16.07 16.23
N LEU E 58 -11.49 -17.39 16.32
CA LEU E 58 -11.32 -18.27 15.17
C LEU E 58 -12.61 -18.48 14.39
N SER E 59 -13.70 -17.89 14.83
CA SER E 59 -14.95 -18.06 14.12
C SER E 59 -15.11 -16.96 13.11
N GLY E 60 -14.28 -15.93 13.25
CA GLY E 60 -14.35 -14.82 12.33
C GLY E 60 -14.71 -13.51 13.00
N PHE E 61 -14.39 -13.38 14.27
CA PHE E 61 -14.69 -12.15 14.96
C PHE E 61 -13.40 -11.43 15.27
N ARG E 62 -13.38 -10.12 15.05
CA ARG E 62 -12.18 -9.34 15.34
C ARG E 62 -12.41 -8.34 16.47
N GLN E 63 -13.54 -7.64 16.42
CA GLN E 63 -13.85 -6.62 17.43
C GLN E 63 -14.46 -7.25 18.67
N ILE E 64 -13.62 -7.57 19.64
CA ILE E 64 -14.05 -8.22 20.86
C ILE E 64 -13.59 -7.50 22.11
N HIS E 65 -14.48 -7.38 23.08
CA HIS E 65 -14.14 -6.73 24.32
C HIS E 65 -14.33 -7.72 25.41
N VAL E 66 -13.42 -7.71 26.38
CA VAL E 66 -13.53 -8.63 27.49
C VAL E 66 -13.60 -7.86 28.80
N ILE E 67 -14.60 -8.17 29.63
CA ILE E 67 -14.71 -7.51 30.92
C ILE E 67 -14.39 -8.54 31.99
N ASP E 68 -13.76 -8.10 33.08
CA ASP E 68 -13.46 -9.03 34.14
C ASP E 68 -12.76 -8.38 35.31
N MET E 69 -13.44 -8.42 36.46
CA MET E 69 -12.96 -7.83 37.69
C MET E 69 -11.83 -8.55 38.42
N ASP E 70 -11.60 -9.82 38.13
CA ASP E 70 -10.55 -10.49 38.87
C ASP E 70 -9.15 -10.47 38.29
N THR E 71 -8.23 -10.87 39.16
CA THR E 71 -6.82 -10.94 38.88
C THR E 71 -6.42 -12.40 38.93
N ILE E 72 -5.65 -12.84 37.94
CA ILE E 72 -5.21 -14.23 37.87
C ILE E 72 -4.68 -14.85 39.16
N ASP E 73 -5.13 -16.08 39.44
CA ASP E 73 -4.71 -16.80 40.63
C ASP E 73 -4.29 -18.19 40.19
N VAL E 74 -3.18 -18.68 40.74
CA VAL E 74 -2.66 -19.99 40.39
C VAL E 74 -3.72 -21.05 40.13
N SER E 75 -4.71 -21.13 41.01
CA SER E 75 -5.78 -22.12 40.90
C SER E 75 -6.68 -21.94 39.69
N ASN E 76 -6.24 -21.19 38.70
CA ASN E 76 -7.05 -21.01 37.50
C ASN E 76 -6.32 -21.73 36.40
N LEU E 77 -5.02 -21.83 36.59
CA LEU E 77 -4.14 -22.42 35.61
C LEU E 77 -4.46 -23.86 35.22
N ASN E 78 -5.51 -24.42 35.78
CA ASN E 78 -5.83 -25.78 35.42
C ASN E 78 -6.94 -25.87 34.41
N ARG E 79 -7.40 -24.72 33.91
CA ARG E 79 -8.50 -24.71 32.95
C ARG E 79 -8.64 -23.41 32.16
N GLN E 80 -7.97 -22.37 32.64
CA GLN E 80 -7.98 -21.05 31.99
C GLN E 80 -6.68 -20.90 31.26
N PHE E 81 -6.57 -21.67 30.18
CA PHE E 81 -5.37 -21.72 29.38
C PHE E 81 -4.67 -20.44 28.94
N LEU E 82 -5.38 -19.31 28.93
CA LEU E 82 -4.76 -18.06 28.52
C LEU E 82 -3.83 -17.48 29.58
N PHE E 83 -3.72 -18.13 30.73
CA PHE E 83 -2.86 -17.63 31.78
C PHE E 83 -1.73 -18.59 32.08
N ARG E 84 -0.54 -18.03 32.37
CA ARG E 84 0.62 -18.84 32.74
C ARG E 84 1.01 -18.40 34.15
N PRO E 85 1.79 -19.22 34.87
CA PRO E 85 2.20 -18.87 36.24
C PRO E 85 2.86 -17.49 36.35
N LYS E 86 3.64 -17.12 35.33
CA LYS E 86 4.30 -15.82 35.33
C LYS E 86 3.25 -14.70 35.35
N ASP E 87 2.12 -14.96 34.71
CA ASP E 87 1.02 -13.99 34.65
C ASP E 87 0.25 -13.87 35.96
N ILE E 88 0.48 -14.77 36.91
CA ILE E 88 -0.23 -14.69 38.18
C ILE E 88 -0.16 -13.30 38.74
N GLY E 89 -1.23 -12.86 39.37
CA GLY E 89 -1.25 -11.53 39.97
C GLY E 89 -1.67 -10.45 39.01
N ARG E 90 -1.69 -10.75 37.72
CA ARG E 90 -2.08 -9.76 36.72
C ARG E 90 -3.57 -9.72 36.48
N PRO E 91 -4.03 -8.73 35.73
CA PRO E 91 -5.45 -8.61 35.44
C PRO E 91 -5.90 -9.67 34.44
N LYS E 92 -6.84 -10.52 34.86
CA LYS E 92 -7.31 -11.56 33.97
C LYS E 92 -7.66 -10.95 32.63
N ALA E 93 -8.53 -9.95 32.66
CA ALA E 93 -8.97 -9.31 31.44
C ALA E 93 -7.83 -8.90 30.58
N GLU E 94 -6.81 -8.33 31.21
CA GLU E 94 -5.62 -7.84 30.51
C GLU E 94 -4.88 -8.95 29.80
N VAL E 95 -4.38 -9.90 30.59
CA VAL E 95 -3.64 -11.02 30.06
C VAL E 95 -4.46 -11.71 28.98
N ALA E 96 -5.72 -11.97 29.29
CA ALA E 96 -6.60 -12.64 28.34
C ALA E 96 -6.41 -12.04 26.97
N ALA E 97 -6.67 -10.74 26.86
CA ALA E 97 -6.55 -10.04 25.61
C ALA E 97 -5.11 -10.08 25.11
N GLU E 98 -4.17 -9.82 26.01
CA GLU E 98 -2.77 -9.82 25.64
C GLU E 98 -2.45 -11.06 24.84
N PHE E 99 -2.67 -12.21 25.47
CA PHE E 99 -2.41 -13.49 24.83
C PHE E 99 -3.20 -13.65 23.53
N LEU E 100 -4.52 -13.59 23.60
CA LEU E 100 -5.31 -13.79 22.40
C LEU E 100 -4.95 -12.89 21.21
N ASN E 101 -4.74 -11.61 21.46
CA ASN E 101 -4.40 -10.68 20.39
C ASN E 101 -3.06 -11.05 19.79
N ASP E 102 -2.38 -12.00 20.42
CA ASP E 102 -1.07 -12.43 19.94
C ASP E 102 -1.19 -13.76 19.17
N ARG E 103 -1.78 -14.76 19.82
CA ARG E 103 -1.93 -16.08 19.22
C ARG E 103 -2.72 -16.03 17.93
N VAL E 104 -3.69 -15.14 17.88
CA VAL E 104 -4.53 -15.04 16.70
C VAL E 104 -4.23 -13.78 15.88
N PRO E 105 -3.33 -13.90 14.90
CA PRO E 105 -2.89 -12.85 14.00
C PRO E 105 -3.45 -11.45 14.13
N ASN E 106 -4.58 -11.18 13.48
CA ASN E 106 -5.11 -9.81 13.52
C ASN E 106 -6.30 -9.53 14.41
N CYS E 107 -6.44 -10.31 15.47
CA CYS E 107 -7.53 -10.12 16.39
C CYS E 107 -7.34 -8.75 17.06
N ASN E 108 -8.42 -8.19 17.57
CA ASN E 108 -8.37 -6.89 18.22
C ASN E 108 -9.18 -6.87 19.53
N VAL E 109 -8.75 -7.68 20.49
CA VAL E 109 -9.43 -7.77 21.76
C VAL E 109 -9.12 -6.62 22.72
N VAL E 110 -10.15 -6.01 23.26
CA VAL E 110 -9.99 -4.92 24.18
C VAL E 110 -10.40 -5.33 25.57
N PRO E 111 -9.44 -5.35 26.53
CA PRO E 111 -9.73 -5.74 27.92
C PRO E 111 -10.37 -4.60 28.71
N HIS E 112 -10.99 -4.96 29.84
CA HIS E 112 -11.65 -3.99 30.67
C HIS E 112 -11.57 -4.47 32.10
N PHE E 113 -10.53 -4.04 32.81
CA PHE E 113 -10.35 -4.45 34.17
C PHE E 113 -11.47 -3.84 35.01
N ASN E 114 -12.68 -4.33 34.83
CA ASN E 114 -13.82 -3.80 35.57
C ASN E 114 -14.81 -4.88 35.94
N LYS E 115 -15.80 -4.50 36.72
CA LYS E 115 -16.84 -5.44 37.07
C LYS E 115 -18.02 -4.85 36.31
N ILE E 116 -18.63 -5.66 35.46
CA ILE E 116 -19.75 -5.22 34.63
C ILE E 116 -20.59 -4.09 35.17
N GLN E 117 -20.94 -4.14 36.46
CA GLN E 117 -21.76 -3.09 37.10
C GLN E 117 -21.06 -1.71 37.15
N ASP E 118 -19.94 -1.57 36.44
CA ASP E 118 -19.24 -0.31 36.42
C ASP E 118 -19.77 0.53 35.27
N PHE E 119 -20.19 -0.13 34.20
CA PHE E 119 -20.69 0.60 33.04
C PHE E 119 -22.20 0.83 33.07
N ASN E 120 -22.67 1.74 32.22
CA ASN E 120 -24.10 2.05 32.13
C ASN E 120 -24.54 1.97 30.67
N ASP E 121 -25.84 1.79 30.43
CA ASP E 121 -26.39 1.66 29.08
C ASP E 121 -25.48 2.17 27.99
N THR E 122 -25.08 3.43 28.08
CA THR E 122 -24.19 4.04 27.09
C THR E 122 -23.18 3.03 26.56
N PHE E 123 -22.45 2.40 27.49
CA PHE E 123 -21.41 1.41 27.18
C PHE E 123 -21.87 0.14 26.44
N TYR E 124 -22.88 -0.52 26.98
CA TYR E 124 -23.38 -1.74 26.39
C TYR E 124 -24.13 -1.57 25.08
N ARG E 125 -24.71 -0.41 24.82
CA ARG E 125 -25.41 -0.19 23.55
C ARG E 125 -24.45 -0.47 22.41
N GLN E 126 -23.16 -0.28 22.66
CA GLN E 126 -22.10 -0.48 21.67
C GLN E 126 -22.14 -1.80 20.91
N PHE E 127 -22.26 -2.89 21.66
CA PHE E 127 -22.22 -4.24 21.11
C PHE E 127 -23.44 -4.80 20.44
N HIS E 128 -23.22 -5.74 19.52
CA HIS E 128 -24.29 -6.41 18.81
C HIS E 128 -24.72 -7.64 19.57
N ILE E 129 -23.74 -8.32 20.17
CA ILE E 129 -24.01 -9.52 20.94
C ILE E 129 -23.20 -9.52 22.22
N ILE E 130 -23.66 -10.27 23.22
CA ILE E 130 -22.94 -10.34 24.48
C ILE E 130 -22.97 -11.77 24.97
N VAL E 131 -21.83 -12.31 25.37
CA VAL E 131 -21.81 -13.68 25.89
C VAL E 131 -21.32 -13.69 27.33
N CYS E 132 -22.02 -14.41 28.20
CA CYS E 132 -21.60 -14.45 29.58
C CYS E 132 -20.90 -15.71 30.00
N GLY E 133 -20.12 -15.59 31.07
CA GLY E 133 -19.38 -16.71 31.59
C GLY E 133 -19.06 -16.29 32.99
N LEU E 134 -20.10 -15.81 33.67
CA LEU E 134 -19.99 -15.32 35.04
C LEU E 134 -20.12 -16.42 36.07
N ASP E 135 -19.55 -16.21 37.26
CA ASP E 135 -19.61 -17.25 38.28
C ASP E 135 -20.56 -16.93 39.42
N SER E 136 -21.47 -15.98 39.20
CA SER E 136 -22.44 -15.64 40.23
C SER E 136 -23.80 -15.53 39.57
N ILE E 137 -24.86 -15.45 40.36
CA ILE E 137 -26.18 -15.34 39.76
C ILE E 137 -26.49 -13.87 39.58
N ILE E 138 -26.31 -13.13 40.67
CA ILE E 138 -26.55 -11.70 40.70
C ILE E 138 -26.04 -11.11 39.39
N ALA E 139 -24.74 -11.25 39.17
CA ALA E 139 -24.12 -10.72 37.97
C ALA E 139 -24.99 -11.00 36.76
N ARG E 140 -25.29 -12.28 36.54
CA ARG E 140 -26.14 -12.66 35.42
C ARG E 140 -27.39 -11.82 35.46
N ARG E 141 -28.11 -11.90 36.56
CA ARG E 141 -29.33 -11.13 36.72
C ARG E 141 -29.09 -9.67 36.36
N TRP E 142 -28.05 -9.09 36.93
CA TRP E 142 -27.73 -7.70 36.66
C TRP E 142 -27.57 -7.40 35.18
N ILE E 143 -26.63 -8.07 34.53
CA ILE E 143 -26.42 -7.83 33.11
C ILE E 143 -27.70 -8.11 32.33
N ASN E 144 -28.54 -8.98 32.89
CA ASN E 144 -29.80 -9.31 32.26
C ASN E 144 -30.66 -8.08 32.21
N GLY E 145 -30.63 -7.31 33.29
CA GLY E 145 -31.42 -6.08 33.34
C GLY E 145 -30.83 -5.11 32.33
N MET E 146 -29.60 -4.68 32.58
CA MET E 146 -28.92 -3.75 31.68
C MET E 146 -29.25 -3.98 30.22
N LEU E 147 -29.29 -5.24 29.80
CA LEU E 147 -29.57 -5.52 28.40
C LEU E 147 -31.03 -5.33 28.00
N ILE E 148 -31.89 -5.18 28.99
CA ILE E 148 -33.31 -4.97 28.70
C ILE E 148 -33.59 -3.47 28.65
N SER E 149 -33.03 -2.72 29.59
CA SER E 149 -33.22 -1.29 29.64
C SER E 149 -32.91 -0.67 28.28
N LEU E 150 -32.14 -1.38 27.46
CA LEU E 150 -31.79 -0.88 26.15
C LEU E 150 -32.99 -0.98 25.21
N LEU E 151 -33.89 -1.89 25.53
CA LEU E 151 -35.07 -2.09 24.71
C LEU E 151 -35.80 -0.79 24.54
N ASN E 152 -36.21 -0.51 23.30
CA ASN E 152 -36.91 0.72 22.98
C ASN E 152 -38.33 0.38 22.54
N TYR E 153 -39.33 0.89 23.26
CA TYR E 153 -40.72 0.60 22.94
C TYR E 153 -41.50 1.72 22.24
N GLU E 154 -41.82 1.50 20.98
CA GLU E 154 -42.57 2.44 20.15
C GLU E 154 -44.07 2.29 20.39
N ASP E 155 -44.57 2.87 21.48
CA ASP E 155 -46.00 2.78 21.81
C ASP E 155 -46.47 1.33 21.85
N GLY E 156 -45.93 0.56 22.79
CA GLY E 156 -46.31 -0.84 22.92
C GLY E 156 -45.56 -1.79 22.01
N VAL E 157 -45.06 -1.28 20.89
CA VAL E 157 -44.32 -2.10 19.93
C VAL E 157 -42.81 -2.07 20.21
N LEU E 158 -42.18 -3.24 20.19
CA LEU E 158 -40.75 -3.35 20.44
C LEU E 158 -39.94 -3.12 19.18
N ASP E 159 -39.00 -2.18 19.25
CA ASP E 159 -38.13 -1.88 18.12
C ASP E 159 -37.10 -3.00 18.02
N PRO E 160 -37.17 -3.81 16.95
CA PRO E 160 -36.24 -4.93 16.74
C PRO E 160 -34.77 -4.58 16.95
N SER E 161 -34.36 -3.42 16.45
CA SER E 161 -32.98 -3.00 16.58
C SER E 161 -32.65 -2.36 17.92
N SER E 162 -33.29 -2.83 18.99
CA SER E 162 -33.04 -2.30 20.34
C SER E 162 -32.81 -3.51 21.24
N ILE E 163 -32.74 -4.67 20.62
CA ILE E 163 -32.53 -5.92 21.32
C ILE E 163 -31.10 -6.39 21.10
N VAL E 164 -30.41 -6.65 22.19
CA VAL E 164 -29.04 -7.12 22.13
C VAL E 164 -29.04 -8.55 22.61
N PRO E 165 -28.78 -9.52 21.70
CA PRO E 165 -28.74 -10.95 22.03
C PRO E 165 -27.76 -11.23 23.16
N LEU E 166 -28.24 -11.90 24.20
CA LEU E 166 -27.41 -12.22 25.33
C LEU E 166 -27.29 -13.71 25.46
N ILE E 167 -26.13 -14.27 25.15
CA ILE E 167 -25.93 -15.72 25.29
C ILE E 167 -25.24 -15.99 26.64
N ASP E 168 -25.83 -16.87 27.45
CA ASP E 168 -25.23 -17.18 28.73
C ASP E 168 -24.69 -18.60 28.85
N GLY E 169 -23.62 -18.73 29.63
CA GLY E 169 -22.99 -20.02 29.84
C GLY E 169 -22.91 -20.36 31.31
N GLY E 170 -23.08 -21.63 31.63
CA GLY E 170 -23.02 -22.04 33.02
C GLY E 170 -22.25 -23.33 33.16
N THR E 171 -21.50 -23.44 34.25
CA THR E 171 -20.71 -24.62 34.48
C THR E 171 -20.74 -24.91 35.96
N GLU E 172 -20.42 -26.15 36.31
CA GLU E 172 -20.41 -26.55 37.70
C GLU E 172 -20.08 -28.00 37.70
N GLY E 173 -18.80 -28.31 37.86
CA GLY E 173 -18.38 -29.70 37.86
C GLY E 173 -18.52 -30.23 36.45
N PHE E 174 -19.17 -31.38 36.31
CA PHE E 174 -19.35 -31.97 34.99
C PHE E 174 -20.66 -31.57 34.35
N LYS E 175 -21.45 -30.78 35.05
CA LYS E 175 -22.74 -30.34 34.53
C LYS E 175 -22.54 -28.92 33.99
N GLY E 176 -23.33 -28.56 32.98
CA GLY E 176 -23.23 -27.23 32.40
C GLY E 176 -24.52 -26.91 31.70
N ASN E 177 -24.73 -25.63 31.38
CA ASN E 177 -25.93 -25.19 30.67
C ASN E 177 -25.66 -23.94 29.85
N ALA E 178 -26.27 -23.86 28.67
CA ALA E 178 -26.09 -22.73 27.78
C ALA E 178 -27.45 -22.29 27.30
N ARG E 179 -27.65 -20.97 27.17
CA ARG E 179 -28.94 -20.42 26.74
C ARG E 179 -28.80 -19.19 25.85
N VAL E 180 -29.85 -18.95 25.04
CA VAL E 180 -29.89 -17.79 24.16
C VAL E 180 -31.03 -16.89 24.61
N ILE E 181 -30.79 -15.61 24.60
CA ILE E 181 -31.79 -14.68 25.06
C ILE E 181 -31.96 -13.52 24.11
N LEU E 182 -33.19 -13.07 23.97
CA LEU E 182 -33.47 -11.94 23.11
C LEU E 182 -34.41 -11.10 23.94
N PRO E 183 -33.87 -10.47 25.00
CA PRO E 183 -34.67 -9.63 25.89
C PRO E 183 -35.84 -8.95 25.20
N GLY E 184 -37.05 -9.31 25.61
CA GLY E 184 -38.23 -8.72 25.00
C GLY E 184 -38.82 -9.60 23.93
N MET E 185 -38.52 -10.89 24.01
CA MET E 185 -39.02 -11.88 23.06
C MET E 185 -38.84 -13.26 23.68
N THR E 186 -37.59 -13.68 23.86
CA THR E 186 -37.28 -14.97 24.47
C THR E 186 -37.24 -14.79 25.98
N ALA E 187 -37.39 -15.88 26.71
CA ALA E 187 -37.36 -15.82 28.17
C ALA E 187 -36.02 -15.29 28.65
N CYS E 188 -36.07 -14.33 29.58
CA CYS E 188 -34.86 -13.73 30.13
C CYS E 188 -34.24 -14.59 31.24
N ILE E 189 -33.29 -14.01 31.95
CA ILE E 189 -32.63 -14.70 33.05
C ILE E 189 -33.57 -14.75 34.23
N GLU E 190 -34.30 -13.66 34.42
CA GLU E 190 -35.24 -13.50 35.51
C GLU E 190 -36.45 -14.39 35.30
N CYS E 191 -36.72 -14.75 34.04
CA CYS E 191 -37.84 -15.62 33.74
C CYS E 191 -37.56 -17.01 34.34
N THR E 192 -36.56 -17.68 33.79
CA THR E 192 -36.16 -19.01 34.27
C THR E 192 -35.27 -18.94 35.51
N LEU E 193 -35.62 -18.05 36.43
CA LEU E 193 -34.83 -17.85 37.63
C LEU E 193 -34.87 -19.02 38.61
N GLU E 194 -35.95 -19.80 38.58
CA GLU E 194 -36.08 -20.91 39.50
C GLU E 194 -35.40 -22.20 39.04
N LEU E 195 -34.79 -22.17 37.87
CA LEU E 195 -34.10 -23.35 37.37
C LEU E 195 -32.81 -23.55 38.18
N TYR E 196 -32.46 -22.55 38.97
CA TYR E 196 -31.26 -22.65 39.79
C TYR E 196 -31.60 -23.43 41.04
N PRO E 197 -30.70 -24.34 41.46
CA PRO E 197 -30.89 -25.16 42.66
C PRO E 197 -30.96 -24.31 43.92
N PRO E 198 -31.34 -24.93 45.06
CA PRO E 198 -31.43 -24.20 46.32
C PRO E 198 -30.06 -24.18 46.99
N GLN E 199 -29.56 -22.99 47.30
CA GLN E 199 -28.25 -22.87 47.96
C GLN E 199 -28.31 -23.48 49.35
N VAL E 200 -27.49 -24.49 49.58
CA VAL E 200 -27.45 -25.16 50.88
C VAL E 200 -27.07 -24.15 51.97
N ASN E 201 -28.02 -23.79 52.81
CA ASN E 201 -27.79 -22.84 53.89
C ASN E 201 -27.99 -23.47 55.28
N PHE E 202 -26.89 -23.55 56.05
CA PHE E 202 -26.89 -24.12 57.39
C PHE E 202 -27.61 -23.27 58.44
N PRO E 203 -28.54 -23.87 59.20
CA PRO E 203 -29.27 -23.12 60.24
C PRO E 203 -28.28 -22.83 61.35
N MET E 204 -27.99 -21.56 61.61
CA MET E 204 -27.02 -21.20 62.64
C MET E 204 -27.13 -22.04 63.90
N ALA E 205 -28.35 -22.43 64.24
CA ALA E 205 -28.59 -23.25 65.42
C ALA E 205 -27.60 -24.39 65.50
N THR E 206 -27.65 -25.29 64.52
CA THR E 206 -26.78 -26.46 64.47
C THR E 206 -25.28 -26.11 64.42
N ILE E 207 -24.96 -25.00 63.75
CA ILE E 207 -23.57 -24.58 63.62
C ILE E 207 -22.91 -24.19 64.94
N ALA E 208 -23.72 -23.79 65.91
CA ALA E 208 -23.20 -23.38 67.20
C ALA E 208 -23.61 -24.31 68.34
N SER E 209 -24.75 -24.98 68.18
CA SER E 209 -25.28 -25.88 69.19
C SER E 209 -25.08 -27.37 68.91
N MET E 210 -25.38 -27.80 67.68
CA MET E 210 -25.25 -29.21 67.33
C MET E 210 -24.62 -29.50 65.97
N PRO E 211 -23.27 -29.50 65.91
CA PRO E 211 -22.55 -29.76 64.67
C PRO E 211 -22.64 -31.24 64.40
N ARG E 212 -22.48 -31.65 63.15
CA ARG E 212 -22.53 -33.07 62.82
C ARG E 212 -21.53 -33.39 61.72
N LEU E 213 -21.37 -32.45 60.79
CA LEU E 213 -20.46 -32.63 59.67
C LEU E 213 -19.23 -31.73 59.80
N PRO E 214 -18.11 -32.15 59.21
CA PRO E 214 -16.89 -31.35 59.29
C PRO E 214 -17.22 -29.95 58.79
N GLU E 215 -18.16 -29.87 57.86
CA GLU E 215 -18.58 -28.60 57.30
C GLU E 215 -19.09 -27.68 58.39
N HIS E 216 -19.93 -28.21 59.26
CA HIS E 216 -20.51 -27.44 60.36
C HIS E 216 -19.49 -26.86 61.30
N CYS E 217 -18.32 -27.49 61.39
CA CYS E 217 -17.29 -26.98 62.26
C CYS E 217 -16.63 -25.79 61.57
N ILE E 218 -16.16 -26.03 60.35
CA ILE E 218 -15.53 -24.96 59.59
C ILE E 218 -16.46 -23.75 59.58
N GLU E 219 -17.63 -23.93 58.96
CA GLU E 219 -18.61 -22.85 58.87
C GLU E 219 -18.77 -22.07 60.17
N TYR E 220 -18.45 -22.71 61.29
CA TYR E 220 -18.55 -22.03 62.57
C TYR E 220 -17.32 -21.16 62.72
N VAL E 221 -16.15 -21.79 62.67
CA VAL E 221 -14.88 -21.07 62.79
C VAL E 221 -14.80 -19.91 61.81
N ARG E 222 -15.74 -19.86 60.87
CA ARG E 222 -15.74 -18.78 59.90
C ARG E 222 -16.84 -17.77 60.16
N MET E 223 -18.08 -18.25 60.11
CA MET E 223 -19.25 -17.40 60.32
C MET E 223 -19.34 -16.76 61.70
N LEU E 224 -18.62 -17.32 62.68
CA LEU E 224 -18.68 -16.80 64.04
C LEU E 224 -17.37 -16.56 64.79
N GLN E 225 -16.58 -17.62 64.96
CA GLN E 225 -15.32 -17.53 65.70
C GLN E 225 -14.33 -16.45 65.24
N TRP E 226 -14.27 -16.18 63.94
CA TRP E 226 -13.37 -15.15 63.45
C TRP E 226 -13.90 -13.77 63.82
N PRO E 227 -15.15 -13.45 63.44
CA PRO E 227 -15.72 -12.14 63.77
C PRO E 227 -15.68 -11.87 65.26
N LYS E 228 -15.58 -12.92 66.06
CA LYS E 228 -15.54 -12.75 67.50
C LYS E 228 -14.14 -12.32 67.99
N GLU E 229 -13.20 -13.25 67.97
CA GLU E 229 -11.84 -12.95 68.43
C GLU E 229 -10.88 -12.44 67.35
N GLN E 230 -11.32 -11.44 66.58
CA GLN E 230 -10.54 -10.83 65.49
C GLN E 230 -9.14 -11.47 65.37
N PRO E 231 -9.04 -12.57 64.62
CA PRO E 231 -7.82 -13.35 64.35
C PRO E 231 -6.55 -12.57 64.03
N PHE E 232 -6.61 -11.73 63.00
CA PHE E 232 -5.46 -10.94 62.61
C PHE E 232 -5.74 -9.45 62.78
N GLY E 233 -5.83 -9.02 64.03
CA GLY E 233 -6.10 -7.62 64.30
C GLY E 233 -7.59 -7.31 64.19
N GLU E 234 -8.03 -6.23 64.82
CA GLU E 234 -9.43 -5.84 64.80
C GLU E 234 -9.83 -5.27 63.44
N GLY E 235 -11.13 -5.35 63.16
CA GLY E 235 -11.65 -4.83 61.90
C GLY E 235 -11.27 -5.61 60.66
N VAL E 236 -10.09 -6.24 60.69
CA VAL E 236 -9.58 -7.01 59.57
C VAL E 236 -10.50 -8.15 59.14
N PRO E 237 -10.91 -8.16 57.86
CA PRO E 237 -11.80 -9.16 57.27
C PRO E 237 -11.10 -10.48 57.02
N LEU E 238 -11.90 -11.51 56.76
CA LEU E 238 -11.39 -12.85 56.50
C LEU E 238 -11.10 -13.02 55.01
N ASP E 239 -9.82 -12.91 54.65
CA ASP E 239 -9.43 -13.03 53.25
C ASP E 239 -9.34 -14.50 52.87
N GLY E 240 -10.43 -15.01 52.31
CA GLY E 240 -10.49 -16.41 51.91
C GLY E 240 -9.30 -16.95 51.17
N ASP E 241 -8.61 -16.10 50.42
CA ASP E 241 -7.45 -16.54 49.64
C ASP E 241 -6.11 -16.54 50.39
N ASP E 242 -6.07 -15.84 51.54
CA ASP E 242 -4.85 -15.74 52.33
C ASP E 242 -4.57 -16.99 53.15
N PRO E 243 -3.67 -17.86 52.66
CA PRO E 243 -3.30 -19.10 53.33
C PRO E 243 -3.33 -19.03 54.85
N GLU E 244 -2.53 -18.14 55.42
CA GLU E 244 -2.49 -18.00 56.87
C GLU E 244 -3.86 -17.88 57.51
N HIS E 245 -4.83 -17.32 56.78
CA HIS E 245 -6.21 -17.19 57.28
C HIS E 245 -6.88 -18.55 57.30
N ILE E 246 -6.83 -19.25 56.17
CA ILE E 246 -7.42 -20.57 56.05
C ILE E 246 -6.72 -21.49 57.03
N GLN E 247 -5.39 -21.44 57.04
CA GLN E 247 -4.59 -22.27 57.94
C GLN E 247 -5.12 -22.11 59.36
N TRP E 248 -5.42 -20.87 59.75
CA TRP E 248 -5.95 -20.62 61.08
C TRP E 248 -7.34 -21.23 61.18
N ILE E 249 -8.24 -20.86 60.27
CA ILE E 249 -9.60 -21.39 60.28
C ILE E 249 -9.57 -22.91 60.26
N PHE E 250 -8.63 -23.47 59.51
CA PHE E 250 -8.47 -24.91 59.43
C PHE E 250 -8.17 -25.40 60.82
N GLN E 251 -7.12 -24.83 61.41
CA GLN E 251 -6.66 -25.16 62.75
C GLN E 251 -7.80 -25.09 63.76
N LYS E 252 -8.55 -24.00 63.73
CA LYS E 252 -9.67 -23.82 64.65
C LYS E 252 -10.84 -24.75 64.35
N SER E 253 -11.07 -25.05 63.08
CA SER E 253 -12.16 -25.96 62.73
C SER E 253 -11.72 -27.35 63.14
N LEU E 254 -10.41 -27.56 63.12
CA LEU E 254 -9.83 -28.84 63.48
C LEU E 254 -10.02 -29.08 64.97
N GLU E 255 -9.90 -28.01 65.76
CA GLU E 255 -10.08 -28.09 67.19
C GLU E 255 -11.56 -28.26 67.52
N ARG E 256 -12.41 -27.51 66.82
CA ARG E 256 -13.85 -27.59 67.05
C ARG E 256 -14.33 -29.00 66.75
N ALA E 257 -13.89 -29.54 65.61
CA ALA E 257 -14.27 -30.88 65.22
C ALA E 257 -13.96 -31.82 66.37
N SER E 258 -12.77 -31.66 66.93
CA SER E 258 -12.34 -32.50 68.04
C SER E 258 -13.28 -32.39 69.24
N GLN E 259 -13.74 -31.18 69.56
CA GLN E 259 -14.65 -30.99 70.69
C GLN E 259 -15.84 -31.92 70.58
N TYR E 260 -16.56 -31.82 69.47
CA TYR E 260 -17.74 -32.65 69.24
C TYR E 260 -17.32 -33.92 68.49
N ASN E 261 -16.01 -34.16 68.49
CA ASN E 261 -15.38 -35.31 67.84
C ASN E 261 -16.02 -35.73 66.51
N ILE E 262 -15.98 -34.81 65.55
CA ILE E 262 -16.50 -35.06 64.21
C ILE E 262 -15.26 -35.16 63.34
N ARG E 263 -15.04 -36.34 62.74
CA ARG E 263 -13.87 -36.52 61.90
C ARG E 263 -14.16 -36.08 60.48
N GLY E 264 -13.11 -35.73 59.74
CA GLY E 264 -13.30 -35.33 58.36
C GLY E 264 -12.90 -33.92 58.00
N VAL E 265 -12.11 -33.25 58.85
CA VAL E 265 -11.71 -31.90 58.52
C VAL E 265 -10.34 -31.86 57.84
N THR E 266 -10.35 -31.56 56.54
CA THR E 266 -9.14 -31.47 55.77
C THR E 266 -8.94 -30.02 55.31
N TYR E 267 -7.69 -29.60 55.17
CA TYR E 267 -7.40 -28.23 54.72
C TYR E 267 -8.25 -27.96 53.49
N ARG E 268 -8.15 -28.85 52.51
CA ARG E 268 -8.90 -28.72 51.26
C ARG E 268 -10.38 -28.41 51.50
N LEU E 269 -10.96 -29.03 52.52
CA LEU E 269 -12.35 -28.79 52.83
C LEU E 269 -12.53 -27.44 53.48
N THR E 270 -11.58 -27.04 54.32
CA THR E 270 -11.68 -25.76 54.99
C THR E 270 -11.78 -24.70 53.92
N GLN E 271 -11.05 -24.91 52.82
CA GLN E 271 -11.10 -23.96 51.72
C GLN E 271 -12.48 -24.05 51.08
N GLY E 272 -12.91 -25.27 50.79
CA GLY E 272 -14.20 -25.46 50.18
C GLY E 272 -15.29 -24.67 50.88
N VAL E 273 -15.43 -24.93 52.17
CA VAL E 273 -16.44 -24.25 52.98
C VAL E 273 -16.25 -22.74 52.96
N VAL E 274 -15.02 -22.29 53.23
CA VAL E 274 -14.72 -20.87 53.28
C VAL E 274 -14.90 -20.12 51.99
N LYS E 275 -14.33 -20.62 50.90
CA LYS E 275 -14.47 -19.96 49.62
C LYS E 275 -15.71 -20.35 48.81
N ARG E 276 -16.53 -21.27 49.33
CA ARG E 276 -17.72 -21.70 48.60
C ARG E 276 -17.25 -22.05 47.19
N ILE E 277 -16.27 -22.95 47.13
CA ILE E 277 -15.65 -23.39 45.88
C ILE E 277 -16.52 -24.30 45.03
N ILE E 278 -16.38 -24.17 43.72
CA ILE E 278 -17.13 -25.01 42.80
C ILE E 278 -16.14 -25.80 42.01
N PRO E 279 -16.13 -27.11 42.18
CA PRO E 279 -15.21 -28.00 41.46
C PRO E 279 -15.35 -27.74 39.97
N ALA E 280 -14.24 -27.67 39.26
CA ALA E 280 -14.33 -27.43 37.82
C ALA E 280 -13.11 -27.94 37.09
N VAL E 281 -13.27 -28.22 35.81
CA VAL E 281 -12.18 -28.72 34.99
C VAL E 281 -12.38 -28.21 33.58
N ALA E 282 -11.34 -28.28 32.75
CA ALA E 282 -11.42 -27.81 31.37
C ALA E 282 -12.57 -28.45 30.60
N SER E 283 -12.51 -29.77 30.46
CA SER E 283 -13.52 -30.60 29.78
C SER E 283 -14.85 -29.87 29.56
N THR E 284 -15.58 -29.70 30.66
CA THR E 284 -16.87 -29.04 30.69
C THR E 284 -16.92 -27.66 30.08
N ASN E 285 -16.17 -26.73 30.66
CA ASN E 285 -16.13 -25.38 30.13
C ASN E 285 -16.00 -25.39 28.61
N ALA E 286 -15.06 -26.18 28.13
CA ALA E 286 -14.82 -26.30 26.69
C ALA E 286 -16.14 -26.49 25.97
N VAL E 287 -16.90 -27.49 26.41
CA VAL E 287 -18.19 -27.82 25.84
C VAL E 287 -19.15 -26.64 25.83
N ILE E 288 -19.60 -26.23 27.00
CA ILE E 288 -20.51 -25.11 27.10
C ILE E 288 -20.06 -23.93 26.25
N ALA E 289 -18.86 -23.44 26.52
CA ALA E 289 -18.31 -22.30 25.79
C ALA E 289 -18.38 -22.51 24.27
N ALA E 290 -17.99 -23.69 23.82
CA ALA E 290 -18.02 -24.00 22.42
C ALA E 290 -19.46 -23.93 21.88
N VAL E 291 -20.44 -24.11 22.75
CA VAL E 291 -21.83 -24.03 22.33
C VAL E 291 -22.19 -22.57 22.14
N CYS E 292 -22.14 -21.82 23.23
CA CYS E 292 -22.46 -20.40 23.18
C CYS E 292 -21.76 -19.78 21.99
N ALA E 293 -20.50 -20.15 21.82
CA ALA E 293 -19.67 -19.64 20.74
C ALA E 293 -20.45 -19.72 19.46
N THR E 294 -20.74 -20.95 19.04
CA THR E 294 -21.50 -21.22 17.82
C THR E 294 -22.74 -20.33 17.70
N GLU E 295 -23.58 -20.36 18.73
CA GLU E 295 -24.78 -19.54 18.76
C GLU E 295 -24.50 -18.10 18.34
N VAL E 296 -23.50 -17.48 18.98
CA VAL E 296 -23.14 -16.13 18.63
C VAL E 296 -22.92 -16.09 17.12
N PHE E 297 -22.01 -16.95 16.64
CA PHE E 297 -21.72 -17.00 15.21
C PHE E 297 -22.99 -17.13 14.40
N LYS E 298 -23.93 -17.93 14.91
CA LYS E 298 -25.18 -18.11 14.21
C LYS E 298 -25.90 -16.78 14.22
N ILE E 299 -26.22 -16.29 15.41
CA ILE E 299 -26.89 -15.02 15.55
C ILE E 299 -26.29 -13.94 14.67
N ALA E 300 -24.97 -13.79 14.76
CA ALA E 300 -24.27 -12.76 14.00
C ALA E 300 -24.34 -12.94 12.49
N THR E 301 -24.16 -14.17 12.01
CA THR E 301 -24.17 -14.39 10.57
C THR E 301 -25.53 -14.82 10.05
N SER E 302 -26.34 -15.40 10.91
CA SER E 302 -27.66 -15.87 10.49
C SER E 302 -27.45 -16.99 9.49
N ALA E 303 -26.44 -17.82 9.73
CA ALA E 303 -26.13 -18.95 8.84
C ALA E 303 -26.87 -20.21 9.30
N TYR E 304 -27.60 -20.11 10.41
CA TYR E 304 -28.38 -21.20 10.97
C TYR E 304 -29.34 -20.64 12.00
N ILE E 305 -30.28 -21.46 12.45
CA ILE E 305 -31.25 -21.00 13.42
C ILE E 305 -30.70 -21.06 14.84
N PRO E 306 -30.73 -19.92 15.53
CA PRO E 306 -30.24 -19.81 16.91
C PRO E 306 -30.91 -20.83 17.82
N LEU E 307 -30.11 -21.45 18.69
CA LEU E 307 -30.63 -22.43 19.63
C LEU E 307 -31.88 -21.87 20.28
N ASN E 308 -32.77 -22.75 20.75
CA ASN E 308 -33.96 -22.23 21.39
C ASN E 308 -33.83 -22.09 22.90
N ASN E 309 -33.21 -20.98 23.29
CA ASN E 309 -32.97 -20.58 24.66
C ASN E 309 -32.61 -21.59 25.75
N TYR E 310 -32.04 -22.74 25.41
CA TYR E 310 -31.62 -23.66 26.47
C TYR E 310 -30.97 -24.98 26.13
N LEU E 311 -30.12 -25.42 27.04
CA LEU E 311 -29.38 -26.66 26.88
C LEU E 311 -28.69 -27.05 28.18
N VAL E 312 -28.86 -28.29 28.59
CA VAL E 312 -28.22 -28.77 29.80
C VAL E 312 -27.28 -29.87 29.39
N PHE E 313 -26.12 -29.95 30.05
CA PHE E 313 -25.08 -30.91 29.70
C PHE E 313 -24.63 -31.72 30.91
N ASN E 314 -24.27 -32.98 30.70
CA ASN E 314 -23.82 -33.79 31.83
C ASN E 314 -22.90 -34.94 31.45
N ASP E 315 -21.70 -34.91 32.03
CA ASP E 315 -20.66 -35.89 31.77
C ASP E 315 -20.56 -37.09 32.69
N VAL E 316 -21.10 -37.00 33.90
CA VAL E 316 -21.00 -38.12 34.84
C VAL E 316 -21.36 -39.51 34.34
N ASP E 317 -22.49 -39.63 33.66
CA ASP E 317 -22.91 -40.93 33.13
C ASP E 317 -23.03 -40.78 31.62
N GLY E 318 -21.97 -41.14 30.90
CA GLY E 318 -21.98 -41.00 29.45
C GLY E 318 -22.15 -39.54 29.08
N LEU E 319 -22.66 -39.26 27.89
CA LEU E 319 -22.87 -37.87 27.49
C LEU E 319 -24.36 -37.65 27.35
N TYR E 320 -24.85 -36.56 27.92
CA TYR E 320 -26.27 -36.25 27.87
C TYR E 320 -26.53 -34.76 27.70
N THR E 321 -27.44 -34.39 26.81
CA THR E 321 -27.75 -32.98 26.62
C THR E 321 -29.19 -32.71 26.21
N TYR E 322 -30.03 -32.37 27.18
CA TYR E 322 -31.42 -32.06 26.87
C TYR E 322 -31.44 -30.64 26.35
N THR E 323 -32.18 -30.42 25.27
CA THR E 323 -32.27 -29.09 24.67
C THR E 323 -33.73 -28.69 24.60
N PHE E 324 -34.15 -27.68 25.35
CA PHE E 324 -35.55 -27.30 25.30
C PHE E 324 -35.78 -25.82 25.16
N GLU E 325 -37.03 -25.43 24.88
CA GLU E 325 -37.40 -24.01 24.70
C GLU E 325 -38.16 -23.48 25.91
N ALA E 326 -37.47 -22.98 26.92
CA ALA E 326 -38.13 -22.45 28.12
C ALA E 326 -39.17 -21.39 27.78
N GLU E 327 -40.28 -21.40 28.51
CA GLU E 327 -41.35 -20.43 28.24
C GLU E 327 -41.05 -19.09 28.92
N ARG E 328 -41.41 -18.00 28.26
CA ARG E 328 -41.19 -16.67 28.83
C ARG E 328 -42.33 -16.30 29.77
N LYS E 329 -42.08 -16.30 31.07
CA LYS E 329 -43.12 -15.93 32.04
C LYS E 329 -43.75 -14.60 31.67
N GLU E 330 -45.06 -14.60 31.39
CA GLU E 330 -45.79 -13.40 31.00
C GLU E 330 -45.85 -12.36 32.12
N ASN E 331 -45.26 -12.69 33.26
CA ASN E 331 -45.25 -11.78 34.39
C ASN E 331 -43.84 -11.62 34.94
N CYS E 332 -42.83 -11.81 34.09
CA CYS E 332 -41.42 -11.70 34.49
C CYS E 332 -41.19 -10.34 35.15
N PRO E 333 -40.76 -10.35 36.41
CA PRO E 333 -40.52 -9.11 37.13
C PRO E 333 -39.65 -8.19 36.28
N ALA E 334 -38.91 -8.79 35.36
CA ALA E 334 -38.01 -8.05 34.50
C ALA E 334 -38.45 -7.83 33.06
N CYS E 335 -38.58 -8.91 32.27
CA CYS E 335 -38.96 -8.71 30.88
C CYS E 335 -40.45 -8.44 30.61
N SER E 336 -41.15 -7.91 31.63
CA SER E 336 -42.57 -7.60 31.51
C SER E 336 -42.81 -6.22 30.89
N GLN E 337 -43.31 -6.20 29.67
CA GLN E 337 -43.60 -4.96 28.95
C GLN E 337 -44.18 -3.93 29.91
N LEU E 338 -45.25 -4.31 30.60
CA LEU E 338 -45.92 -3.42 31.54
C LEU E 338 -45.47 -3.71 32.96
N PRO E 339 -45.94 -2.90 33.93
CA PRO E 339 -45.56 -3.09 35.34
C PRO E 339 -46.05 -4.45 35.86
N GLN E 340 -45.70 -4.75 37.10
CA GLN E 340 -46.09 -6.02 37.70
C GLN E 340 -47.39 -5.81 38.46
N ASN E 341 -48.49 -5.74 37.72
CA ASN E 341 -49.81 -5.53 38.31
C ASN E 341 -50.10 -6.69 39.25
N ILE E 342 -49.62 -6.57 40.49
CA ILE E 342 -49.79 -7.60 41.50
C ILE E 342 -49.87 -7.03 42.91
N GLN E 343 -51.11 -7.06 43.43
CA GLN E 343 -51.50 -6.56 44.74
C GLN E 343 -51.28 -7.56 45.82
N PHE E 344 -50.34 -7.38 46.73
CA PHE E 344 -50.36 -8.37 47.76
C PHE E 344 -50.94 -7.86 49.05
N SER E 345 -52.27 -7.71 48.97
CA SER E 345 -53.18 -7.26 50.03
C SER E 345 -53.97 -5.95 49.88
N PRO E 346 -55.02 -5.81 50.70
CA PRO E 346 -56.01 -4.75 50.88
C PRO E 346 -56.38 -4.70 52.38
N SER E 347 -55.62 -3.98 53.21
CA SER E 347 -55.85 -3.85 54.67
C SER E 347 -54.57 -4.30 55.34
N ALA E 348 -54.04 -5.40 54.83
CA ALA E 348 -52.79 -5.95 55.31
C ALA E 348 -51.75 -4.98 54.75
N LYS E 349 -50.81 -4.60 55.62
CA LYS E 349 -49.81 -3.61 55.29
C LYS E 349 -48.67 -3.81 54.32
N LEU E 350 -47.61 -3.08 54.64
CA LEU E 350 -46.39 -2.96 53.85
C LEU E 350 -45.10 -3.64 54.31
N GLN E 351 -45.19 -4.42 55.36
CA GLN E 351 -44.08 -5.19 55.90
C GLN E 351 -44.26 -6.45 55.05
N GLU E 352 -45.47 -6.53 54.48
CA GLU E 352 -45.95 -7.62 53.63
C GLU E 352 -45.65 -7.36 52.16
N VAL E 353 -44.78 -6.38 51.89
CA VAL E 353 -44.39 -6.07 50.52
C VAL E 353 -42.87 -6.23 50.44
N LEU E 354 -42.20 -6.13 51.57
CA LEU E 354 -40.76 -6.31 51.54
C LEU E 354 -40.50 -7.80 51.56
N ASP E 355 -41.06 -8.46 52.57
CA ASP E 355 -40.90 -9.89 52.73
C ASP E 355 -41.39 -10.63 51.48
N TYR E 356 -42.28 -10.01 50.72
CA TYR E 356 -42.77 -10.64 49.49
C TYR E 356 -41.66 -10.60 48.44
N LEU E 357 -41.18 -9.39 48.19
CA LEU E 357 -40.11 -9.18 47.23
C LEU E 357 -38.87 -9.97 47.60
N THR E 358 -38.53 -9.94 48.88
CA THR E 358 -37.33 -10.63 49.36
C THR E 358 -37.40 -12.14 49.38
N ASN E 359 -38.57 -12.71 49.62
CA ASN E 359 -38.68 -14.18 49.70
C ASN E 359 -39.38 -14.89 48.57
N SER E 360 -40.39 -14.26 47.97
CA SER E 360 -41.13 -14.88 46.88
C SER E 360 -40.13 -15.50 45.90
N ALA E 361 -40.13 -16.83 45.84
CA ALA E 361 -39.21 -17.55 44.97
C ALA E 361 -39.21 -17.09 43.52
N SER E 362 -39.96 -16.04 43.22
CA SER E 362 -40.02 -15.53 41.85
C SER E 362 -39.34 -14.17 41.68
N LEU E 363 -38.87 -13.60 42.79
CA LEU E 363 -38.20 -12.30 42.77
C LEU E 363 -36.85 -12.43 43.46
N GLN E 364 -36.88 -13.11 44.59
CA GLN E 364 -35.68 -13.37 45.38
C GLN E 364 -34.75 -12.17 45.54
N MET E 365 -35.24 -10.96 45.33
CA MET E 365 -34.40 -9.79 45.46
C MET E 365 -33.64 -9.79 46.78
N LYS E 366 -32.51 -9.11 46.79
CA LYS E 366 -31.67 -9.02 47.98
C LYS E 366 -31.79 -7.56 48.44
N SER E 367 -31.92 -7.36 49.75
CA SER E 367 -32.08 -6.02 50.33
C SER E 367 -32.59 -4.96 49.33
N PRO E 368 -33.87 -5.04 48.94
CA PRO E 368 -34.50 -4.13 47.99
C PRO E 368 -34.74 -2.75 48.58
N ALA E 369 -35.53 -1.95 47.85
CA ALA E 369 -35.89 -0.59 48.26
C ALA E 369 -37.14 -0.18 47.52
N ILE E 370 -38.12 0.32 48.24
CA ILE E 370 -39.35 0.74 47.61
C ILE E 370 -39.47 2.25 47.53
N THR E 371 -39.96 2.72 46.39
CA THR E 371 -40.16 4.13 46.14
C THR E 371 -41.65 4.30 45.84
N ALA E 372 -42.18 5.47 46.10
CA ALA E 372 -43.60 5.73 45.84
C ALA E 372 -43.82 7.14 45.30
N THR E 373 -45.07 7.47 45.02
CA THR E 373 -45.42 8.78 44.48
C THR E 373 -46.57 9.40 45.28
N ASN E 378 -42.17 11.88 45.02
CA ASN E 378 -41.34 10.68 45.07
C ASN E 378 -40.68 10.50 46.45
N ARG E 379 -41.37 9.79 47.34
CA ARG E 379 -40.87 9.56 48.69
C ARG E 379 -40.25 8.18 48.86
N THR E 380 -39.15 8.14 49.60
CA THR E 380 -38.41 6.91 49.84
C THR E 380 -38.96 6.08 51.00
N LEU E 381 -39.45 4.88 50.68
CA LEU E 381 -39.93 3.97 51.70
C LEU E 381 -38.77 3.02 52.02
N TYR E 382 -37.83 3.57 52.78
CA TYR E 382 -36.58 2.94 53.23
C TYR E 382 -35.90 1.92 52.30
N LEU E 383 -34.61 2.16 52.09
CA LEU E 383 -33.73 1.35 51.27
C LEU E 383 -32.51 1.00 52.11
N GLN E 384 -32.35 -0.28 52.40
CA GLN E 384 -31.23 -0.77 53.21
C GLN E 384 -29.85 -0.43 52.61
N SER E 385 -29.84 0.21 51.45
CA SER E 385 -28.60 0.61 50.80
C SER E 385 -28.07 1.92 51.38
N VAL E 386 -27.20 3.55 53.69
CA VAL E 386 -26.97 3.03 55.04
C VAL E 386 -27.68 3.92 56.05
N THR E 387 -27.49 5.22 55.91
CA THR E 387 -28.10 6.19 56.80
C THR E 387 -29.45 6.65 56.23
N SER E 388 -29.69 6.36 54.96
CA SER E 388 -30.94 6.74 54.31
C SER E 388 -32.01 5.70 54.63
N ILE E 389 -31.59 4.62 55.27
CA ILE E 389 -32.49 3.54 55.64
C ILE E 389 -32.85 3.69 57.10
N GLU E 390 -31.84 4.05 57.91
CA GLU E 390 -32.04 4.25 59.33
C GLU E 390 -33.12 5.29 59.59
N GLU E 391 -33.26 6.27 58.69
CA GLU E 391 -34.27 7.31 58.83
C GLU E 391 -35.64 6.75 58.46
N ARG E 392 -35.68 5.44 58.26
CA ARG E 392 -36.92 4.76 57.90
C ARG E 392 -36.87 3.30 58.36
N THR E 393 -36.11 2.97 59.31
CA THR E 393 -36.57 1.64 59.69
C THR E 393 -38.18 1.45 60.19
N ARG E 394 -39.52 1.61 59.42
CA ARG E 394 -41.08 1.16 60.00
C ARG E 394 -42.82 1.60 59.67
N LYS E 402 -44.11 0.63 59.70
CA LYS E 402 -45.88 0.89 59.78
C LYS E 402 -47.41 0.68 58.85
N GLU E 403 -48.91 1.03 59.33
CA GLU E 403 -50.10 1.06 58.50
C GLU E 403 -50.42 2.50 58.06
N LEU E 404 -49.56 3.43 58.44
CA LEU E 404 -49.74 4.83 58.10
C LEU E 404 -49.77 4.98 56.58
N GLY E 405 -48.61 4.76 55.95
CA GLY E 405 -48.51 4.83 54.51
C GLY E 405 -49.02 3.52 53.92
N LEU E 406 -49.38 2.58 54.80
CA LEU E 406 -49.90 1.28 54.36
C LEU E 406 -51.22 1.50 53.68
N VAL E 407 -51.67 2.76 53.74
CA VAL E 407 -52.90 3.20 53.13
C VAL E 407 -52.56 4.38 52.21
N ASP E 408 -51.54 5.15 52.61
CA ASP E 408 -51.10 6.32 51.84
C ASP E 408 -50.86 5.99 50.37
N GLY E 409 -50.54 4.72 50.10
CA GLY E 409 -50.27 4.26 48.74
C GLY E 409 -51.52 4.27 47.85
N GLN E 410 -52.70 4.35 48.47
CA GLN E 410 -53.97 4.37 47.74
C GLN E 410 -54.36 2.98 47.20
N GLU E 411 -54.72 2.93 45.91
CA GLU E 411 -55.11 1.70 45.23
C GLU E 411 -55.70 1.99 43.85
N ALA E 413 -51.08 3.66 42.82
CA ALA E 413 -50.09 2.60 42.93
C ALA E 413 -49.00 2.79 41.88
N VAL E 414 -47.91 2.02 42.10
CA VAL E 414 -46.70 2.03 41.37
C VAL E 414 -45.64 2.40 42.39
N ALA E 415 -45.69 1.52 43.45
CA ALA E 415 -44.67 1.41 44.47
C ALA E 415 -43.61 1.10 43.45
N ASP E 416 -42.36 1.27 43.71
CA ASP E 416 -41.29 1.06 42.73
C ASP E 416 -40.03 0.56 43.44
N VAL E 417 -39.52 -0.58 43.00
CA VAL E 417 -38.35 -1.18 43.64
C VAL E 417 -37.06 -1.13 42.84
N THR E 418 -35.98 -1.42 43.54
CA THR E 418 -34.64 -1.45 42.96
C THR E 418 -33.73 -2.16 43.97
N THR E 419 -33.28 -3.37 43.62
CA THR E 419 -32.43 -4.16 44.50
C THR E 419 -30.95 -4.02 44.21
N PRO E 420 -30.19 -4.10 45.29
CA PRO E 420 -28.74 -3.98 45.26
C PRO E 420 -28.15 -4.89 44.20
N GLN E 421 -27.88 -4.32 43.05
CA GLN E 421 -27.30 -5.07 41.96
C GLN E 421 -28.17 -6.21 41.46
N THR E 422 -29.27 -6.52 42.15
CA THR E 422 -30.10 -7.60 41.65
C THR E 422 -30.30 -7.28 40.16
N VAL E 423 -30.81 -6.08 39.86
CA VAL E 423 -31.01 -5.67 38.47
C VAL E 423 -30.56 -4.24 38.33
N LEU E 424 -30.10 -3.88 37.14
CA LEU E 424 -29.65 -2.54 36.87
C LEU E 424 -30.88 -1.64 36.74
N PHE E 425 -31.99 -2.24 36.34
CA PHE E 425 -33.25 -1.54 36.13
C PHE E 425 -33.97 -1.13 37.42
N LYS E 426 -35.06 -0.41 37.26
CA LYS E 426 -35.91 0.03 38.38
C LYS E 426 -37.20 -0.76 38.19
N LEU E 427 -37.48 -1.69 39.09
CA LEU E 427 -38.67 -2.54 39.00
C LEU E 427 -39.96 -1.80 39.38
N HIS E 428 -40.95 -1.85 38.48
CA HIS E 428 -42.22 -1.17 38.69
C HIS E 428 -43.42 -2.13 38.83
N PHE E 429 -43.80 -2.42 40.07
CA PHE E 429 -44.92 -3.31 40.35
C PHE E 429 -46.10 -2.52 40.96
N THR E 430 -47.33 -2.81 40.54
CA THR E 430 -48.53 -2.11 41.03
C THR E 430 -49.39 -2.91 42.03
N MET F 1 -52.60 -43.58 35.12
CA MET F 1 -51.75 -43.10 33.99
C MET F 1 -50.26 -43.38 34.20
N LEU F 2 -49.56 -43.72 33.13
CA LEU F 2 -48.14 -44.06 33.21
C LEU F 2 -47.20 -43.12 32.45
N ILE F 3 -46.58 -42.19 33.17
CA ILE F 3 -45.64 -41.24 32.56
C ILE F 3 -44.18 -41.56 32.85
N LYS F 4 -43.29 -41.03 32.01
CA LYS F 4 -41.86 -41.24 32.16
C LYS F 4 -41.18 -39.89 32.38
N VAL F 5 -40.38 -39.78 33.43
CA VAL F 5 -39.68 -38.55 33.74
C VAL F 5 -38.16 -38.74 33.62
N LYS F 6 -37.65 -38.49 32.43
CA LYS F 6 -36.23 -38.61 32.12
C LYS F 6 -35.39 -37.77 33.07
N THR F 7 -34.53 -38.45 33.84
CA THR F 7 -33.67 -37.78 34.82
C THR F 7 -32.66 -36.83 34.15
N LEU F 8 -31.72 -36.29 34.94
CA LEU F 8 -30.73 -35.36 34.41
C LEU F 8 -29.50 -36.01 33.81
N THR F 9 -29.62 -37.31 33.55
CA THR F 9 -28.56 -38.09 32.93
C THR F 9 -29.26 -39.02 31.95
N GLY F 10 -30.48 -38.61 31.57
CA GLY F 10 -31.29 -39.35 30.63
C GLY F 10 -31.66 -40.78 30.98
N LYS F 11 -31.69 -41.11 32.27
CA LYS F 11 -32.02 -42.48 32.69
C LYS F 11 -33.45 -42.81 32.30
N GLU F 12 -34.37 -41.89 32.60
CA GLU F 12 -35.78 -42.09 32.27
C GLU F 12 -36.48 -43.14 33.12
N ILE F 13 -37.11 -42.69 34.20
CA ILE F 13 -37.83 -43.59 35.08
C ILE F 13 -39.32 -43.47 34.73
N GLU F 14 -40.05 -44.54 34.99
CA GLU F 14 -41.49 -44.60 34.70
C GLU F 14 -42.27 -44.39 35.99
N ILE F 15 -43.39 -43.66 35.91
CA ILE F 15 -44.19 -43.40 37.09
C ILE F 15 -45.71 -43.58 36.89
N ASP F 16 -46.40 -43.90 37.97
CA ASP F 16 -47.85 -44.07 37.96
C ASP F 16 -48.45 -42.80 38.56
N ILE F 17 -49.11 -42.01 37.72
CA ILE F 17 -49.71 -40.76 38.19
C ILE F 17 -51.08 -40.56 37.57
N GLU F 18 -52.05 -40.19 38.40
CA GLU F 18 -53.40 -39.94 37.93
C GLU F 18 -53.52 -38.43 37.74
N PRO F 19 -54.12 -37.98 36.62
CA PRO F 19 -54.30 -36.56 36.30
C PRO F 19 -54.98 -35.72 37.39
N THR F 20 -54.53 -35.87 38.62
CA THR F 20 -55.07 -35.12 39.75
C THR F 20 -53.98 -34.96 40.81
N ASP F 21 -52.89 -35.71 40.62
CA ASP F 21 -51.76 -35.68 41.52
C ASP F 21 -51.04 -34.34 41.34
N LYS F 22 -50.92 -33.58 42.42
CA LYS F 22 -50.22 -32.30 42.34
C LYS F 22 -48.84 -32.56 41.77
N VAL F 23 -48.29 -31.58 41.06
CA VAL F 23 -46.96 -31.73 40.49
C VAL F 23 -46.03 -32.18 41.64
N GLU F 24 -46.18 -31.50 42.77
CA GLU F 24 -45.41 -31.77 43.99
C GLU F 24 -45.26 -33.26 44.28
N ARG F 25 -46.33 -34.02 44.01
CA ARG F 25 -46.34 -35.45 44.25
C ARG F 25 -45.55 -36.14 43.15
N ILE F 26 -45.65 -35.63 41.93
CA ILE F 26 -44.92 -36.20 40.82
C ILE F 26 -43.44 -36.28 41.15
N LYS F 27 -42.96 -35.30 41.92
CA LYS F 27 -41.57 -35.25 42.33
C LYS F 27 -41.26 -36.31 43.38
N GLU F 28 -42.14 -36.46 44.37
CA GLU F 28 -41.92 -37.45 45.41
C GLU F 28 -41.80 -38.82 44.76
N ARG F 29 -42.54 -39.02 43.67
CA ARG F 29 -42.51 -40.29 42.96
C ARG F 29 -41.12 -40.52 42.39
N VAL F 30 -40.51 -39.45 41.88
CA VAL F 30 -39.17 -39.55 41.32
C VAL F 30 -38.18 -39.84 42.46
N GLU F 31 -38.29 -39.07 43.54
CA GLU F 31 -37.41 -39.25 44.68
C GLU F 31 -37.51 -40.67 45.24
N GLU F 32 -38.71 -41.23 45.17
CA GLU F 32 -38.91 -42.58 45.69
C GLU F 32 -38.04 -43.55 44.90
N LYS F 33 -38.07 -43.43 43.57
CA LYS F 33 -37.30 -44.32 42.72
C LYS F 33 -35.83 -43.94 42.54
N GLU F 34 -35.50 -42.65 42.61
CA GLU F 34 -34.13 -42.21 42.40
C GLU F 34 -33.34 -41.59 43.55
N GLY F 35 -34.01 -41.14 44.61
CA GLY F 35 -33.30 -40.53 45.73
C GLY F 35 -32.85 -39.12 45.43
N ILE F 36 -33.60 -38.47 44.56
CA ILE F 36 -33.36 -37.11 44.11
C ILE F 36 -34.24 -36.19 44.95
N PRO F 37 -33.67 -35.52 45.96
CA PRO F 37 -34.45 -34.61 46.80
C PRO F 37 -35.42 -33.75 45.98
N PRO F 38 -36.71 -33.77 46.33
CA PRO F 38 -37.66 -32.97 45.55
C PRO F 38 -37.24 -31.52 45.53
N GLN F 39 -36.57 -31.08 46.59
CA GLN F 39 -36.10 -29.71 46.71
C GLN F 39 -35.37 -29.23 45.47
N GLN F 40 -34.47 -30.08 44.96
CA GLN F 40 -33.66 -29.73 43.80
C GLN F 40 -34.08 -30.36 42.49
N GLN F 41 -35.37 -30.47 42.26
CA GLN F 41 -35.83 -31.05 41.02
C GLN F 41 -36.54 -29.93 40.25
N ARG F 42 -36.32 -29.86 38.95
CA ARG F 42 -36.99 -28.86 38.13
C ARG F 42 -37.53 -29.60 36.93
N LEU F 43 -38.81 -29.91 36.97
CA LEU F 43 -39.43 -30.63 35.87
C LEU F 43 -39.77 -29.73 34.71
N ILE F 44 -39.72 -30.28 33.50
CA ILE F 44 -40.05 -29.50 32.33
C ILE F 44 -40.81 -30.30 31.30
N TYR F 45 -42.07 -29.91 31.09
CA TYR F 45 -42.91 -30.56 30.10
C TYR F 45 -43.12 -29.56 28.96
N SER F 46 -42.64 -29.92 27.78
CA SER F 46 -42.75 -29.07 26.59
C SER F 46 -42.66 -27.59 26.96
N GLY F 47 -41.45 -27.14 27.24
CA GLY F 47 -41.26 -25.75 27.59
C GLY F 47 -41.68 -25.40 29.00
N LYS F 48 -42.98 -25.43 29.26
CA LYS F 48 -43.48 -25.10 30.59
C LYS F 48 -42.69 -25.86 31.66
N GLN F 49 -42.38 -25.18 32.76
CA GLN F 49 -41.66 -25.84 33.85
C GLN F 49 -42.66 -26.08 34.97
N MET F 50 -42.93 -27.34 35.26
CA MET F 50 -43.90 -27.72 36.29
C MET F 50 -43.81 -26.99 37.62
N ASN F 51 -44.96 -26.49 38.06
CA ASN F 51 -45.07 -25.80 39.34
C ASN F 51 -45.58 -26.89 40.29
N ASP F 52 -44.80 -27.22 41.32
CA ASP F 52 -45.19 -28.27 42.26
C ASP F 52 -46.44 -27.97 43.09
N GLU F 53 -47.30 -27.09 42.59
CA GLU F 53 -48.53 -26.73 43.29
C GLU F 53 -49.76 -27.07 42.42
N LYS F 54 -49.53 -27.20 41.12
CA LYS F 54 -50.60 -27.54 40.18
C LYS F 54 -50.73 -29.05 40.04
N THR F 55 -51.51 -29.50 39.07
CA THR F 55 -51.71 -30.94 38.88
C THR F 55 -51.28 -31.40 37.50
N ALA F 56 -50.90 -32.68 37.41
CA ALA F 56 -50.46 -33.28 36.15
C ALA F 56 -51.43 -32.88 35.03
N ALA F 57 -52.71 -32.82 35.35
CA ALA F 57 -53.73 -32.45 34.39
C ALA F 57 -53.56 -30.98 34.04
N ASP F 58 -53.29 -30.16 35.04
CA ASP F 58 -53.09 -28.73 34.82
C ASP F 58 -52.13 -28.45 33.67
N TYR F 59 -51.16 -29.34 33.44
CA TYR F 59 -50.17 -29.17 32.36
C TYR F 59 -50.44 -30.02 31.12
N LYS F 60 -51.60 -30.66 31.06
CA LYS F 60 -51.99 -31.50 29.92
C LYS F 60 -51.13 -32.76 29.80
N ILE F 61 -50.64 -33.24 30.93
CA ILE F 61 -49.80 -34.45 30.96
C ILE F 61 -50.70 -35.65 30.70
N LEU F 62 -50.37 -36.44 29.67
CA LEU F 62 -51.20 -37.60 29.35
C LEU F 62 -50.41 -38.83 28.88
N GLY F 63 -50.94 -40.02 29.18
CA GLY F 63 -50.31 -41.25 28.77
C GLY F 63 -48.81 -41.29 28.89
N GLY F 64 -48.14 -41.74 27.83
CA GLY F 64 -46.68 -41.85 27.84
C GLY F 64 -45.93 -40.57 27.52
N SER F 65 -46.35 -39.46 28.14
CA SER F 65 -45.70 -38.17 27.93
C SER F 65 -44.40 -38.13 28.73
N VAL F 66 -43.37 -37.54 28.14
CA VAL F 66 -42.06 -37.48 28.78
C VAL F 66 -41.77 -36.15 29.46
N LEU F 67 -41.42 -36.21 30.75
CA LEU F 67 -41.07 -35.03 31.53
C LEU F 67 -39.57 -35.01 31.66
N HIS F 68 -38.98 -33.83 31.75
CA HIS F 68 -37.53 -33.77 31.89
C HIS F 68 -37.05 -33.03 33.12
N LEU F 69 -36.14 -33.66 33.85
CA LEU F 69 -35.53 -33.04 35.00
C LEU F 69 -34.50 -32.15 34.36
N VAL F 70 -34.33 -30.94 34.88
CA VAL F 70 -33.40 -30.01 34.27
C VAL F 70 -32.69 -29.20 35.33
N LEU F 71 -31.72 -28.39 34.93
CA LEU F 71 -31.00 -27.59 35.89
C LEU F 71 -30.27 -26.37 35.31
N ALA F 72 -30.09 -25.37 36.16
CA ALA F 72 -29.40 -24.13 35.80
C ALA F 72 -28.16 -24.11 36.70
N LEU F 73 -27.02 -23.67 36.18
CA LEU F 73 -25.78 -23.68 36.95
C LEU F 73 -25.15 -22.31 37.23
N ARG F 74 -24.50 -22.20 38.39
CA ARG F 74 -23.86 -20.96 38.85
C ARG F 74 -22.48 -20.65 38.34
N GLY F 75 -21.56 -21.63 38.42
CA GLY F 75 -20.19 -21.42 37.99
C GLY F 75 -19.91 -21.02 36.55
N GLY F 76 -18.66 -20.67 36.29
CA GLY F 76 -18.26 -20.26 34.95
C GLY F 76 -16.77 -20.06 34.82
N LYS G 6 25.76 33.93 -30.85
CA LYS G 6 25.31 35.07 -31.71
C LYS G 6 24.71 34.54 -33.01
N LEU G 7 25.54 33.78 -33.73
CA LEU G 7 25.16 33.18 -35.01
C LEU G 7 24.53 31.82 -34.72
N LEU G 8 24.27 31.58 -33.44
CA LEU G 8 23.65 30.34 -33.00
C LEU G 8 22.14 30.55 -33.01
N LYS G 9 21.72 31.80 -32.88
CA LYS G 9 20.31 32.15 -32.89
C LYS G 9 19.73 31.93 -34.28
N GLU G 10 20.42 32.41 -35.30
CA GLU G 10 19.95 32.23 -36.66
C GLU G 10 19.70 30.74 -36.94
N GLN G 11 20.59 29.89 -36.45
CA GLN G 11 20.45 28.46 -36.66
C GLN G 11 19.19 27.97 -35.96
N LYS G 12 18.90 28.56 -34.81
CA LYS G 12 17.74 28.18 -34.00
C LYS G 12 16.44 28.60 -34.66
N TYR G 13 16.20 29.89 -34.78
CA TYR G 13 14.96 30.35 -35.37
C TYR G 13 14.96 30.38 -36.91
N ASP G 14 15.62 29.43 -37.56
CA ASP G 14 15.63 29.47 -39.01
C ASP G 14 14.26 29.22 -39.62
N ARG G 15 13.69 28.06 -39.30
CA ARG G 15 12.40 27.69 -39.85
C ARG G 15 11.29 28.73 -39.70
N GLN G 16 11.47 29.70 -38.81
CA GLN G 16 10.46 30.73 -38.63
C GLN G 16 10.94 32.03 -39.23
N LEU G 17 12.24 32.11 -39.52
CA LEU G 17 12.76 33.32 -40.13
C LEU G 17 12.34 33.33 -41.58
N ARG G 18 12.07 32.15 -42.11
CA ARG G 18 11.65 32.02 -43.50
C ARG G 18 10.20 32.43 -43.62
N LEU G 19 9.58 32.85 -42.52
CA LEU G 19 8.19 33.28 -42.58
C LEU G 19 8.12 34.76 -42.41
N TRP G 20 8.71 35.27 -41.32
CA TRP G 20 8.67 36.70 -41.08
C TRP G 20 10.02 37.43 -41.08
N GLY G 21 10.97 36.92 -41.85
CA GLY G 21 12.29 37.53 -41.97
C GLY G 21 13.01 37.96 -40.70
N ASP G 22 14.24 38.42 -40.85
CA ASP G 22 15.04 38.83 -39.70
C ASP G 22 14.40 40.02 -39.02
N HIS G 23 13.87 40.94 -39.81
CA HIS G 23 13.26 42.14 -39.26
C HIS G 23 12.05 41.79 -38.40
N GLY G 24 11.29 40.79 -38.82
CA GLY G 24 10.13 40.39 -38.06
C GLY G 24 10.67 39.95 -36.72
N GLN G 25 11.60 39.00 -36.79
CA GLN G 25 12.24 38.48 -35.61
C GLN G 25 12.70 39.65 -34.74
N GLU G 26 13.40 40.60 -35.34
CA GLU G 26 13.87 41.77 -34.60
C GLU G 26 12.75 42.37 -33.75
N ALA G 27 11.62 42.64 -34.37
CA ALA G 27 10.49 43.25 -33.68
C ALA G 27 9.99 42.31 -32.59
N LEU G 28 9.85 41.04 -32.95
CA LEU G 28 9.39 40.06 -32.00
C LEU G 28 10.33 40.00 -30.82
N GLU G 29 11.63 39.86 -31.07
CA GLU G 29 12.60 39.77 -29.99
C GLU G 29 12.66 41.04 -29.13
N SER G 30 11.91 42.07 -29.51
CA SER G 30 11.95 43.31 -28.74
C SER G 30 10.63 43.68 -28.11
N ALA G 31 9.65 42.78 -28.18
CA ALA G 31 8.33 43.04 -27.60
C ALA G 31 8.31 42.70 -26.11
N HIS G 32 7.11 42.63 -25.55
CA HIS G 32 6.94 42.27 -24.15
C HIS G 32 5.47 41.97 -23.93
N VAL G 33 5.15 40.69 -23.81
CA VAL G 33 3.78 40.26 -23.62
C VAL G 33 3.32 40.12 -22.20
N CYS G 34 2.09 40.51 -21.96
CA CYS G 34 1.53 40.40 -20.62
C CYS G 34 0.43 39.41 -20.67
N LEU G 35 0.63 38.25 -20.05
CA LEU G 35 -0.40 37.22 -20.01
C LEU G 35 -1.12 37.38 -18.68
N ILE G 36 -2.43 37.62 -18.74
CA ILE G 36 -3.17 37.79 -17.52
C ILE G 36 -3.26 36.49 -16.73
N ASN G 37 -4.30 35.69 -16.92
CA ASN G 37 -4.40 34.44 -16.15
C ASN G 37 -3.62 33.29 -16.76
N ALA G 38 -2.90 32.56 -15.92
CA ALA G 38 -2.07 31.45 -16.37
C ALA G 38 -2.66 30.06 -16.24
N THR G 39 -3.71 29.80 -17.00
CA THR G 39 -4.33 28.49 -16.99
C THR G 39 -3.77 27.76 -18.19
N ALA G 40 -4.49 26.72 -18.61
CA ALA G 40 -4.08 25.92 -19.76
C ALA G 40 -3.94 26.83 -20.95
N THR G 41 -5.03 27.55 -21.24
CA THR G 41 -5.06 28.46 -22.36
C THR G 41 -3.97 29.50 -22.31
N GLY G 42 -3.92 30.25 -21.21
CA GLY G 42 -2.89 31.27 -21.09
C GLY G 42 -1.50 30.66 -21.28
N THR G 43 -1.26 29.58 -20.57
CA THR G 43 0.02 28.89 -20.66
C THR G 43 0.36 28.48 -22.08
N GLU G 44 -0.58 27.84 -22.78
CA GLU G 44 -0.33 27.40 -24.14
C GLU G 44 0.01 28.59 -25.02
N ILE G 45 -0.74 29.68 -24.87
CA ILE G 45 -0.47 30.85 -25.68
C ILE G 45 0.97 31.29 -25.47
N LEU G 46 1.33 31.59 -24.22
CA LEU G 46 2.67 32.05 -23.91
C LEU G 46 3.73 31.09 -24.44
N LYS G 47 3.44 29.79 -24.36
CA LYS G 47 4.37 28.77 -24.83
C LYS G 47 4.68 28.98 -26.31
N ASN G 48 3.64 29.14 -27.11
CA ASN G 48 3.79 29.37 -28.55
C ASN G 48 4.44 30.73 -28.87
N LEU G 49 4.76 31.50 -27.84
CA LEU G 49 5.40 32.79 -28.06
C LEU G 49 6.83 32.71 -27.57
N VAL G 50 7.01 32.10 -26.39
CA VAL G 50 8.33 31.98 -25.82
C VAL G 50 9.26 31.21 -26.75
N LEU G 51 8.76 30.14 -27.35
CA LEU G 51 9.56 29.35 -28.27
C LEU G 51 10.06 30.21 -29.42
N PRO G 52 9.16 30.95 -30.09
CA PRO G 52 9.54 31.82 -31.21
C PRO G 52 10.53 32.86 -30.79
N GLY G 53 10.87 32.89 -29.51
CA GLY G 53 11.85 33.85 -29.03
C GLY G 53 11.39 35.22 -28.60
N ILE G 54 10.08 35.39 -28.46
CA ILE G 54 9.50 36.65 -28.04
C ILE G 54 10.39 37.33 -27.03
N GLY G 55 10.47 38.64 -27.12
CA GLY G 55 11.33 39.37 -26.22
C GLY G 55 11.24 39.00 -24.75
N SER G 56 10.12 39.32 -24.14
CA SER G 56 9.94 39.02 -22.73
C SER G 56 8.47 38.95 -22.36
N PHE G 57 8.19 38.34 -21.22
CA PHE G 57 6.82 38.23 -20.79
C PHE G 57 6.69 38.42 -19.30
N THR G 58 5.48 38.76 -18.88
CA THR G 58 5.18 38.96 -17.47
C THR G 58 3.81 38.33 -17.19
N ILE G 59 3.78 37.35 -16.31
CA ILE G 59 2.53 36.67 -15.99
C ILE G 59 1.92 37.29 -14.76
N ILE G 60 0.69 37.78 -14.88
CA ILE G 60 -0.01 38.41 -13.76
C ILE G 60 -1.10 37.47 -13.27
N ASP G 61 -0.84 36.68 -12.25
CA ASP G 61 -1.89 35.82 -11.76
C ASP G 61 -1.96 35.89 -10.23
N GLY G 62 -3.17 35.96 -9.70
CA GLY G 62 -3.30 36.02 -8.26
C GLY G 62 -3.71 34.71 -7.61
N ASN G 63 -4.28 33.81 -8.40
CA ASN G 63 -4.74 32.52 -7.90
C ASN G 63 -3.65 31.59 -7.40
N GLN G 64 -4.09 30.47 -6.81
CA GLN G 64 -3.19 29.46 -6.29
C GLN G 64 -3.39 28.22 -7.12
N VAL G 65 -2.34 27.44 -7.33
CA VAL G 65 -2.45 26.24 -8.14
C VAL G 65 -3.34 25.16 -7.54
N SER G 66 -4.40 24.82 -8.27
CA SER G 66 -5.35 23.80 -7.86
C SER G 66 -4.93 22.46 -8.43
N GLY G 67 -5.43 21.39 -7.85
CA GLY G 67 -5.09 20.08 -8.35
C GLY G 67 -5.53 19.97 -9.79
N GLU G 68 -6.76 20.39 -10.07
CA GLU G 68 -7.27 20.34 -11.43
C GLU G 68 -6.47 21.23 -12.35
N ASP G 69 -5.66 22.11 -11.78
CA ASP G 69 -4.83 22.98 -12.61
C ASP G 69 -3.67 22.15 -13.08
N ALA G 70 -2.92 21.60 -12.13
CA ALA G 70 -1.78 20.77 -12.45
C ALA G 70 -2.22 19.66 -13.37
N GLY G 71 -3.52 19.42 -13.42
CA GLY G 71 -4.03 18.35 -14.24
C GLY G 71 -4.21 18.63 -15.72
N ASN G 72 -4.35 19.89 -16.10
CA ASN G 72 -4.54 20.19 -17.50
C ASN G 72 -3.51 21.17 -17.99
N ASN G 73 -2.44 21.31 -17.24
CA ASN G 73 -1.40 22.26 -17.62
C ASN G 73 -0.06 21.56 -17.84
N PHE G 74 0.54 21.78 -19.01
CA PHE G 74 1.80 21.13 -19.28
C PHE G 74 2.93 21.92 -18.67
N PHE G 75 2.58 22.96 -17.92
CA PHE G 75 3.58 23.81 -17.28
C PHE G 75 3.28 24.03 -15.80
N LEU G 76 2.83 22.95 -15.18
CA LEU G 76 2.50 22.94 -13.77
C LEU G 76 2.48 21.50 -13.30
N GLN G 77 3.40 21.16 -12.41
CA GLN G 77 3.42 19.81 -11.89
C GLN G 77 2.68 19.77 -10.57
N ARG G 78 2.44 18.57 -10.10
CA ARG G 78 1.77 18.37 -8.83
C ARG G 78 2.53 19.17 -7.80
N SER G 79 3.84 18.99 -7.83
CA SER G 79 4.77 19.67 -6.93
C SER G 79 4.47 21.15 -6.75
N SER G 80 3.83 21.75 -7.74
CA SER G 80 3.53 23.17 -7.67
C SER G 80 2.14 23.50 -7.14
N ILE G 81 1.38 22.47 -6.78
CA ILE G 81 0.03 22.71 -6.24
C ILE G 81 0.13 23.49 -4.95
N GLY G 82 -0.69 24.53 -4.83
CA GLY G 82 -0.65 25.34 -3.63
C GLY G 82 0.11 26.65 -3.78
N LYS G 83 1.19 26.64 -4.57
CA LYS G 83 1.98 27.86 -4.78
C LYS G 83 1.21 28.84 -5.66
N ASN G 84 1.88 29.88 -6.13
CA ASN G 84 1.20 30.85 -6.97
C ASN G 84 1.22 30.52 -8.46
N ARG G 85 0.07 30.10 -8.98
CA ARG G 85 -0.05 29.73 -10.39
C ARG G 85 0.83 30.59 -11.26
N ALA G 86 0.80 31.88 -11.04
CA ALA G 86 1.60 32.79 -11.83
C ALA G 86 3.08 32.43 -11.73
N GLU G 87 3.63 32.48 -10.52
CA GLU G 87 5.03 32.18 -10.33
C GLU G 87 5.34 30.80 -10.86
N ALA G 88 4.64 29.80 -10.34
CA ALA G 88 4.84 28.41 -10.75
C ALA G 88 4.94 28.25 -12.27
N ALA G 89 3.93 28.73 -13.00
CA ALA G 89 3.92 28.65 -14.45
C ALA G 89 5.16 29.28 -15.07
N MET G 90 5.47 30.49 -14.65
CA MET G 90 6.62 31.22 -15.16
C MET G 90 7.88 30.36 -15.20
N GLU G 91 8.24 29.79 -14.06
CA GLU G 91 9.43 28.97 -13.96
C GLU G 91 9.56 27.88 -15.02
N PHE G 92 8.42 27.33 -15.46
CA PHE G 92 8.43 26.26 -16.47
C PHE G 92 8.54 26.76 -17.88
N LEU G 93 7.73 27.75 -18.23
CA LEU G 93 7.80 28.32 -19.55
C LEU G 93 9.20 28.90 -19.67
N GLN G 94 9.64 29.53 -18.59
CA GLN G 94 10.96 30.14 -18.54
C GLN G 94 12.00 29.20 -19.14
N GLU G 95 11.84 27.90 -18.88
CA GLU G 95 12.75 26.87 -19.37
C GLU G 95 12.71 26.66 -20.88
N LEU G 96 11.57 26.91 -21.50
CA LEU G 96 11.45 26.71 -22.94
C LEU G 96 12.51 27.43 -23.78
N ASN G 97 12.86 28.65 -23.39
CA ASN G 97 13.83 29.42 -24.16
C ASN G 97 14.70 30.33 -23.30
N SER G 98 15.98 30.00 -23.19
CA SER G 98 16.92 30.79 -22.40
C SER G 98 17.17 32.21 -22.91
N ASP G 99 16.51 32.59 -24.00
CA ASP G 99 16.69 33.92 -24.57
C ASP G 99 15.48 34.82 -24.33
N VAL G 100 14.57 34.33 -23.49
CA VAL G 100 13.35 35.06 -23.15
C VAL G 100 13.45 35.44 -21.69
N SER G 101 13.04 36.64 -21.32
CA SER G 101 13.10 37.08 -19.93
C SER G 101 11.72 37.03 -19.26
N GLY G 102 11.56 36.15 -18.28
CA GLY G 102 10.29 36.01 -17.61
C GLY G 102 10.19 36.72 -16.30
N SER G 103 8.99 37.20 -15.99
CA SER G 103 8.71 37.92 -14.75
C SER G 103 7.29 37.59 -14.36
N PHE G 104 6.92 37.86 -13.11
CA PHE G 104 5.57 37.57 -12.69
C PHE G 104 5.07 38.52 -11.62
N VAL G 105 3.76 38.47 -11.39
CA VAL G 105 3.11 39.33 -10.42
C VAL G 105 2.13 38.51 -9.58
N GLU G 106 2.45 38.32 -8.30
CA GLU G 106 1.58 37.54 -7.43
C GLU G 106 0.25 38.20 -7.09
N GLU G 107 -0.26 39.10 -7.93
CA GLU G 107 -1.53 39.76 -7.62
C GLU G 107 -2.55 39.64 -8.74
N SER G 108 -3.84 39.80 -8.43
CA SER G 108 -4.90 39.66 -9.44
C SER G 108 -5.00 40.83 -10.41
N PRO G 109 -5.77 40.65 -11.50
CA PRO G 109 -5.93 41.71 -12.48
C PRO G 109 -6.75 42.80 -11.84
N GLU G 110 -7.83 42.38 -11.19
CA GLU G 110 -8.68 43.33 -10.51
C GLU G 110 -7.81 44.16 -9.58
N ASN G 111 -7.06 43.49 -8.71
CA ASN G 111 -6.15 44.14 -7.77
C ASN G 111 -5.23 45.15 -8.44
N LEU G 112 -5.02 45.01 -9.75
CA LEU G 112 -4.17 45.94 -10.50
C LEU G 112 -4.98 47.09 -11.07
N LEU G 113 -6.03 46.74 -11.80
CA LEU G 113 -6.90 47.74 -12.37
C LEU G 113 -7.40 48.67 -11.27
N ASP G 114 -7.13 48.32 -10.02
CA ASP G 114 -7.53 49.13 -8.88
C ASP G 114 -6.36 49.99 -8.45
N ASN G 115 -5.39 49.34 -7.81
CA ASN G 115 -4.25 50.03 -7.28
C ASN G 115 -3.23 50.58 -8.26
N ASP G 116 -3.30 50.22 -9.55
CA ASP G 116 -2.30 50.75 -10.47
C ASP G 116 -2.54 50.41 -11.93
N PRO G 117 -3.59 50.99 -12.54
CA PRO G 117 -3.93 50.74 -13.93
C PRO G 117 -2.80 51.07 -14.91
N SER G 118 -2.13 52.19 -14.69
CA SER G 118 -1.04 52.65 -15.55
C SER G 118 0.06 51.61 -15.75
N PHE G 119 -0.12 50.44 -15.15
CA PHE G 119 0.85 49.36 -15.23
C PHE G 119 0.99 48.80 -16.62
N PHE G 120 -0.14 48.39 -17.19
CA PHE G 120 -0.17 47.80 -18.53
C PHE G 120 0.39 48.65 -19.66
N CYS G 121 0.76 49.89 -19.38
CA CYS G 121 1.33 50.75 -20.43
C CYS G 121 2.72 50.27 -20.82
N ARG G 122 3.34 49.47 -19.95
CA ARG G 122 4.68 48.95 -20.19
C ARG G 122 4.70 47.84 -21.24
N PHE G 123 3.54 47.23 -21.46
CA PHE G 123 3.39 46.12 -22.40
C PHE G 123 3.10 46.45 -23.85
N THR G 124 3.49 45.51 -24.71
CA THR G 124 3.32 45.62 -26.16
C THR G 124 1.93 45.15 -26.52
N VAL G 125 1.48 44.13 -25.81
CA VAL G 125 0.18 43.50 -26.01
C VAL G 125 -0.23 42.77 -24.74
N VAL G 126 -1.48 42.89 -24.34
CA VAL G 126 -1.91 42.19 -23.14
C VAL G 126 -2.83 41.09 -23.57
N VAL G 127 -2.52 39.87 -23.12
CA VAL G 127 -3.30 38.72 -23.46
C VAL G 127 -3.99 38.23 -22.22
N ALA G 128 -5.30 38.44 -22.15
CA ALA G 128 -6.09 38.02 -20.99
C ALA G 128 -6.78 36.71 -21.28
N THR G 129 -6.75 35.79 -20.33
CA THR G 129 -7.37 34.50 -20.53
C THR G 129 -8.27 34.10 -19.38
N GLN G 130 -9.43 33.54 -19.71
CA GLN G 130 -10.37 33.08 -18.70
C GLN G 130 -10.80 34.18 -17.72
N LEU G 131 -11.47 35.20 -18.22
CA LEU G 131 -11.90 36.29 -17.38
C LEU G 131 -13.41 36.40 -17.26
N PRO G 132 -13.90 36.89 -16.13
CA PRO G 132 -15.34 37.04 -15.91
C PRO G 132 -15.74 38.38 -16.50
N GLU G 133 -17.00 38.54 -16.90
CA GLU G 133 -17.43 39.81 -17.48
C GLU G 133 -16.88 41.00 -16.73
N SER G 134 -17.34 41.19 -15.51
CA SER G 134 -16.90 42.31 -14.70
C SER G 134 -15.48 42.75 -15.03
N THR G 135 -14.53 41.81 -14.93
CA THR G 135 -13.13 42.14 -15.21
C THR G 135 -12.82 42.38 -16.67
N SER G 136 -13.38 41.59 -17.57
CA SER G 136 -13.12 41.78 -19.00
C SER G 136 -13.45 43.19 -19.42
N LEU G 137 -14.70 43.59 -19.23
CA LEU G 137 -15.13 44.92 -19.61
C LEU G 137 -14.23 45.98 -18.98
N ARG G 138 -14.02 45.86 -17.67
CA ARG G 138 -13.21 46.84 -16.95
C ARG G 138 -11.79 46.94 -17.50
N LEU G 139 -11.21 45.83 -17.91
CA LEU G 139 -9.85 45.83 -18.45
C LEU G 139 -9.81 46.32 -19.89
N ALA G 140 -10.68 45.75 -20.73
CA ALA G 140 -10.76 46.11 -22.14
C ALA G 140 -10.97 47.61 -22.34
N ASP G 141 -11.26 48.29 -21.23
CA ASP G 141 -11.49 49.73 -21.21
C ASP G 141 -10.18 50.41 -20.85
N VAL G 142 -9.69 50.17 -19.64
CA VAL G 142 -8.44 50.78 -19.18
C VAL G 142 -7.40 50.65 -20.26
N LEU G 143 -7.30 49.45 -20.83
CA LEU G 143 -6.32 49.20 -21.87
C LEU G 143 -6.63 50.02 -23.13
N TRP G 144 -7.91 50.11 -23.47
CA TRP G 144 -8.30 50.85 -24.64
C TRP G 144 -7.86 52.31 -24.54
N ASN G 145 -8.16 52.95 -23.42
CA ASN G 145 -7.76 54.35 -23.22
C ASN G 145 -6.26 54.48 -23.25
N SER G 146 -5.57 53.53 -22.62
CA SER G 146 -4.11 53.56 -22.59
C SER G 146 -3.47 53.23 -23.95
N GLN G 147 -4.30 52.90 -24.94
CA GLN G 147 -3.82 52.59 -26.28
C GLN G 147 -3.09 51.24 -26.38
N ILE G 148 -3.42 50.31 -25.49
CA ILE G 148 -2.81 48.99 -25.45
C ILE G 148 -3.65 47.93 -26.15
N PRO G 149 -3.02 47.07 -26.96
CA PRO G 149 -3.75 46.01 -27.67
C PRO G 149 -4.15 44.93 -26.69
N LEU G 150 -5.42 44.56 -26.69
CA LEU G 150 -5.89 43.54 -25.78
C LEU G 150 -6.34 42.34 -26.57
N LEU G 151 -6.06 41.15 -26.05
CA LEU G 151 -6.50 39.94 -26.70
C LEU G 151 -7.09 39.07 -25.63
N ILE G 152 -8.42 39.00 -25.61
CA ILE G 152 -9.14 38.21 -24.63
C ILE G 152 -9.43 36.84 -25.20
N CYS G 153 -8.83 35.82 -24.59
CA CYS G 153 -9.04 34.46 -25.02
C CYS G 153 -9.78 33.74 -23.92
N ARG G 154 -10.56 32.74 -24.30
CA ARG G 154 -11.32 32.00 -23.31
C ARG G 154 -11.66 30.60 -23.76
N THR G 155 -11.44 29.63 -22.87
CA THR G 155 -11.73 28.26 -23.16
C THR G 155 -12.85 27.81 -22.26
N TYR G 156 -13.92 27.33 -22.86
CA TYR G 156 -15.06 26.87 -22.08
C TYR G 156 -15.54 25.60 -22.75
N GLY G 157 -15.48 24.48 -22.03
CA GLY G 157 -15.88 23.21 -22.61
C GLY G 157 -15.16 22.97 -23.91
N LEU G 158 -15.90 22.80 -24.99
CA LEU G 158 -15.27 22.58 -26.28
C LEU G 158 -15.39 23.82 -27.13
N VAL G 159 -15.63 24.96 -26.50
CA VAL G 159 -15.73 26.19 -27.25
C VAL G 159 -14.50 27.06 -27.01
N GLY G 160 -13.90 27.55 -28.11
CA GLY G 160 -12.74 28.40 -28.01
C GLY G 160 -13.18 29.80 -28.36
N TYR G 161 -13.16 30.72 -27.38
CA TYR G 161 -13.57 32.11 -27.62
C TYR G 161 -12.34 33.00 -27.65
N MET G 162 -12.33 33.95 -28.57
CA MET G 162 -11.17 34.80 -28.69
C MET G 162 -11.48 36.12 -29.38
N ARG G 163 -11.51 37.23 -28.62
CA ARG G 163 -11.78 38.54 -29.20
C ARG G 163 -10.58 39.47 -29.11
N ILE G 164 -10.28 40.18 -30.20
CA ILE G 164 -9.14 41.10 -30.25
C ILE G 164 -9.58 42.56 -30.15
N ILE G 165 -8.80 43.41 -29.49
CA ILE G 165 -9.20 44.80 -29.35
C ILE G 165 -8.09 45.82 -29.58
N ILE G 166 -7.97 46.28 -30.81
CA ILE G 166 -6.98 47.28 -31.19
C ILE G 166 -7.68 48.36 -31.95
N LYS G 167 -7.68 49.59 -31.44
CA LYS G 167 -8.37 50.71 -32.09
C LYS G 167 -8.13 50.74 -33.59
N GLU G 168 -6.85 50.81 -33.97
CA GLU G 168 -6.47 50.80 -35.38
C GLU G 168 -5.15 50.08 -35.53
N HIS G 169 -5.04 49.22 -36.54
CA HIS G 169 -3.83 48.42 -36.79
C HIS G 169 -3.55 48.39 -38.28
N PRO G 170 -2.65 49.27 -38.75
CA PRO G 170 -2.31 49.31 -40.17
C PRO G 170 -1.14 48.42 -40.45
N VAL G 171 -1.16 47.75 -41.60
CA VAL G 171 -0.07 46.86 -41.95
C VAL G 171 0.40 47.06 -43.38
N ILE G 172 1.72 47.12 -43.56
CA ILE G 172 2.25 47.31 -44.89
C ILE G 172 2.55 45.97 -45.50
N GLU G 173 3.48 45.23 -44.89
CA GLU G 173 3.83 43.91 -45.42
C GLU G 173 2.64 43.06 -45.09
N SER G 174 1.82 42.78 -46.10
CA SER G 174 0.61 42.03 -45.87
C SER G 174 0.79 40.53 -46.02
N HIS G 175 1.70 40.12 -46.91
CA HIS G 175 1.97 38.71 -47.16
C HIS G 175 0.71 38.05 -47.67
N PRO G 176 0.40 38.23 -48.95
CA PRO G 176 -0.82 37.58 -49.43
C PRO G 176 -0.61 36.30 -50.25
N ASP G 177 -1.40 35.27 -49.97
CA ASP G 177 -1.29 34.01 -50.70
C ASP G 177 -1.94 34.15 -52.08
N ASN G 178 -1.12 34.35 -53.10
CA ASN G 178 -1.65 34.48 -54.46
C ASN G 178 -2.25 35.85 -54.76
N ALA G 179 -1.59 36.58 -55.64
CA ALA G 179 -2.06 37.88 -56.07
C ALA G 179 -1.72 37.95 -57.55
N LEU G 180 -2.33 38.91 -58.24
CA LEU G 180 -2.10 39.11 -59.69
C LEU G 180 -0.83 39.91 -59.96
N GLU G 181 0.01 39.41 -60.87
CA GLU G 181 1.26 40.10 -61.19
C GLU G 181 1.00 41.51 -61.69
N ASP G 182 1.98 42.38 -61.50
CA ASP G 182 1.83 43.74 -61.97
C ASP G 182 2.71 43.87 -63.20
N LEU G 183 2.32 43.16 -64.26
CA LEU G 183 3.08 43.18 -65.51
C LEU G 183 2.71 44.45 -66.24
N ARG G 184 1.45 44.83 -66.05
CA ARG G 184 0.85 46.00 -66.66
C ARG G 184 1.17 46.13 -68.14
N LEU G 185 0.52 45.27 -68.92
CA LEU G 185 0.64 45.26 -70.36
C LEU G 185 -0.47 46.14 -70.87
N ASP G 186 -1.53 46.26 -70.07
CA ASP G 186 -2.68 47.07 -70.41
C ASP G 186 -2.30 48.55 -70.44
N LYS G 187 -1.63 49.02 -69.39
CA LYS G 187 -1.21 50.42 -69.34
C LYS G 187 0.31 50.47 -69.15
N PRO G 188 1.06 49.92 -70.12
CA PRO G 188 2.53 49.86 -70.12
C PRO G 188 3.20 51.19 -69.96
N PHE G 189 4.41 51.17 -69.42
CA PHE G 189 5.17 52.40 -69.23
C PHE G 189 6.24 52.48 -70.31
N PRO G 190 6.76 53.70 -70.57
CA PRO G 190 7.79 53.92 -71.58
C PRO G 190 8.86 52.85 -71.64
N GLU G 191 9.81 52.89 -70.72
CA GLU G 191 10.90 51.90 -70.68
C GLU G 191 10.44 50.50 -71.11
N LEU G 192 9.36 50.01 -70.53
CA LEU G 192 8.82 48.69 -70.87
C LEU G 192 8.52 48.67 -72.36
N ARG G 193 7.69 49.63 -72.76
CA ARG G 193 7.30 49.78 -74.16
C ARG G 193 8.55 49.78 -75.03
N GLU G 194 9.50 50.65 -74.69
CA GLU G 194 10.75 50.75 -75.45
C GLU G 194 11.45 49.40 -75.48
N HIS G 195 11.32 48.64 -74.40
CA HIS G 195 11.93 47.31 -74.33
C HIS G 195 11.29 46.43 -75.39
N PHE G 196 9.97 46.36 -75.38
CA PHE G 196 9.25 45.56 -76.35
C PHE G 196 9.62 45.94 -77.78
N GLN G 197 9.66 47.23 -78.08
CA GLN G 197 10.01 47.70 -79.42
C GLN G 197 11.33 47.10 -79.88
N SER G 198 12.21 46.82 -78.93
CA SER G 198 13.53 46.27 -79.22
C SER G 198 13.54 44.86 -79.84
N TYR G 199 12.39 44.20 -79.87
CA TYR G 199 12.32 42.86 -80.45
C TYR G 199 11.76 42.91 -81.87
N ASP G 208 16.53 30.04 -81.78
CA ASP G 208 16.27 30.81 -80.56
C ASP G 208 14.91 31.49 -80.64
N HIS G 209 13.85 30.73 -80.38
CA HIS G 209 12.50 31.28 -80.40
C HIS G 209 11.80 30.96 -79.08
N SER G 210 12.15 29.82 -78.48
CA SER G 210 11.57 29.42 -77.21
C SER G 210 12.21 30.27 -76.13
N HIS G 211 13.43 30.74 -76.41
CA HIS G 211 14.19 31.58 -75.48
C HIS G 211 13.65 33.00 -75.46
N THR G 212 12.33 33.15 -75.49
CA THR G 212 11.72 34.47 -75.46
C THR G 212 10.64 34.58 -74.40
N PRO G 213 10.83 35.50 -73.43
CA PRO G 213 9.87 35.71 -72.35
C PRO G 213 8.46 35.66 -72.91
N TRP G 214 7.55 35.02 -72.18
CA TRP G 214 6.18 34.93 -72.66
C TRP G 214 5.53 36.31 -72.76
N ILE G 215 5.93 37.24 -71.90
CA ILE G 215 5.33 38.57 -71.94
C ILE G 215 5.56 39.15 -73.32
N VAL G 216 6.82 39.33 -73.66
CA VAL G 216 7.19 39.87 -74.95
C VAL G 216 6.31 39.24 -76.02
N ILE G 217 6.21 37.91 -76.01
CA ILE G 217 5.40 37.16 -76.96
C ILE G 217 3.98 37.71 -77.01
N ILE G 218 3.38 37.95 -75.84
CA ILE G 218 2.03 38.48 -75.78
C ILE G 218 2.03 39.96 -76.08
N ALA G 219 3.10 40.64 -75.68
CA ALA G 219 3.22 42.07 -75.91
C ALA G 219 3.27 42.39 -77.40
N LYS G 220 4.00 41.56 -78.13
CA LYS G 220 4.15 41.71 -79.58
C LYS G 220 2.82 41.42 -80.28
N TYR G 221 2.29 40.22 -80.09
CA TYR G 221 1.02 39.85 -80.69
C TYR G 221 -0.12 40.70 -80.16
N LEU G 222 0.15 41.51 -79.14
CA LEU G 222 -0.87 42.40 -78.59
C LEU G 222 -0.75 43.68 -79.40
N ALA G 223 0.49 44.12 -79.57
CA ALA G 223 0.81 45.33 -80.32
C ALA G 223 0.23 45.22 -81.73
N GLN G 224 0.29 44.02 -82.29
CA GLN G 224 -0.24 43.80 -83.62
C GLN G 224 -1.76 43.95 -83.57
N TRP G 225 -2.40 43.26 -82.62
CA TRP G 225 -3.85 43.33 -82.48
C TRP G 225 -4.31 44.77 -82.30
N TYR G 226 -3.37 45.64 -81.92
CA TYR G 226 -3.72 47.05 -81.73
C TYR G 226 -3.96 47.71 -83.09
N SER G 227 -3.13 47.39 -84.08
CA SER G 227 -3.28 47.97 -85.41
C SER G 227 -4.53 47.47 -86.14
N GLU G 228 -4.64 46.15 -86.28
CA GLU G 228 -5.79 45.55 -86.96
C GLU G 228 -7.12 45.83 -86.26
N THR G 229 -7.13 46.75 -85.29
CA THR G 229 -8.37 47.05 -84.56
C THR G 229 -8.42 48.37 -83.81
N ASN G 230 -7.45 48.59 -82.93
CA ASN G 230 -7.35 49.76 -82.05
C ASN G 230 -7.94 49.23 -80.75
N GLY G 231 -8.39 47.99 -80.83
CA GLY G 231 -8.99 47.30 -79.71
C GLY G 231 -8.04 47.11 -78.54
N ARG G 232 -8.49 46.35 -77.56
CA ARG G 232 -7.70 46.13 -76.36
C ARG G 232 -7.81 44.68 -75.88
N ILE G 233 -8.79 43.96 -76.45
CA ILE G 233 -9.08 42.58 -76.09
C ILE G 233 -9.77 42.48 -74.72
N PRO G 234 -10.32 43.61 -74.21
CA PRO G 234 -11.01 43.69 -72.93
C PRO G 234 -12.37 42.98 -72.94
N LYS G 235 -12.91 42.74 -74.13
CA LYS G 235 -14.17 42.03 -74.24
C LYS G 235 -13.72 40.70 -73.75
N THR G 236 -14.62 39.86 -73.30
CA THR G 236 -14.03 38.71 -72.69
C THR G 236 -14.60 37.36 -72.91
N TYR G 237 -14.11 36.65 -73.92
CA TYR G 237 -14.71 35.36 -74.17
C TYR G 237 -14.51 35.07 -75.62
N LYS G 238 -14.93 36.10 -76.34
CA LYS G 238 -14.93 36.14 -77.76
C LYS G 238 -13.61 36.68 -78.23
N GLU G 239 -13.06 37.64 -77.50
CA GLU G 239 -11.80 38.23 -77.88
C GLU G 239 -10.59 37.50 -77.37
N LYS G 240 -10.44 37.49 -76.05
CA LYS G 240 -9.30 36.83 -75.45
C LYS G 240 -9.00 35.51 -76.14
N GLU G 241 -10.05 34.70 -76.33
CA GLU G 241 -9.88 33.40 -76.96
C GLU G 241 -9.25 33.57 -78.33
N ASP G 242 -9.85 34.42 -79.16
CA ASP G 242 -9.35 34.65 -80.51
C ASP G 242 -7.94 35.21 -80.50
N PHE G 243 -7.60 35.96 -79.46
CA PHE G 243 -6.25 36.52 -79.37
C PHE G 243 -5.29 35.35 -79.32
N ARG G 244 -5.63 34.34 -78.53
CA ARG G 244 -4.81 33.16 -78.40
C ARG G 244 -4.56 32.55 -79.77
N ASP G 245 -5.65 32.21 -80.45
CA ASP G 245 -5.58 31.61 -81.78
C ASP G 245 -4.61 32.41 -82.66
N LEU G 246 -4.54 33.71 -82.39
CA LEU G 246 -3.65 34.58 -83.14
C LEU G 246 -2.20 34.27 -82.77
N ILE G 247 -1.99 33.93 -81.50
CA ILE G 247 -0.66 33.61 -81.02
C ILE G 247 -0.15 32.27 -81.56
N ARG G 248 -1.07 31.38 -81.92
CA ARG G 248 -0.70 30.08 -82.47
C ARG G 248 -0.21 30.27 -83.90
N GLN G 249 -0.85 31.17 -84.62
CA GLN G 249 -0.48 31.48 -86.00
C GLN G 249 0.88 32.14 -86.08
N GLY G 250 1.71 31.89 -85.07
CA GLY G 250 3.04 32.48 -85.03
C GLY G 250 4.08 31.42 -84.75
N ILE G 251 3.64 30.16 -84.69
CA ILE G 251 4.54 29.04 -84.43
C ILE G 251 5.40 28.70 -85.66
N LEU G 252 6.71 28.67 -85.44
CA LEU G 252 7.73 28.42 -86.47
C LEU G 252 7.69 27.19 -87.38
N LYS G 253 8.35 27.20 -88.41
CA LYS G 253 8.20 25.89 -89.02
C LYS G 253 8.40 24.63 -87.78
N PRO G 254 7.41 23.56 -87.41
CA PRO G 254 7.01 22.38 -86.29
C PRO G 254 7.87 21.93 -85.11
N GLU G 255 7.91 22.64 -84.05
CA GLU G 255 9.13 22.40 -83.40
C GLU G 255 9.04 22.31 -81.93
N ASP G 256 8.61 23.38 -81.30
CA ASP G 256 8.49 23.47 -79.88
C ASP G 256 7.48 24.61 -79.78
N GLU G 257 7.71 25.51 -78.83
CA GLU G 257 6.88 26.68 -78.57
C GLU G 257 6.15 26.29 -77.33
N GLU G 258 6.94 26.03 -76.29
CA GLU G 258 6.37 25.68 -75.01
C GLU G 258 6.03 27.04 -74.41
N ASN G 259 6.95 27.99 -74.56
CA ASN G 259 6.74 29.34 -74.04
C ASN G 259 5.54 29.96 -74.74
N PHE G 260 5.41 29.71 -76.04
CA PHE G 260 4.27 30.23 -76.79
C PHE G 260 2.98 29.71 -76.15
N GLU G 261 2.94 28.41 -75.94
CA GLU G 261 1.77 27.79 -75.33
C GLU G 261 1.60 28.40 -73.94
N GLU G 262 2.72 28.66 -73.27
CA GLU G 262 2.68 29.26 -71.95
C GLU G 262 2.04 30.64 -72.10
N ALA G 263 2.56 31.42 -73.04
CA ALA G 263 2.02 32.75 -73.30
C ALA G 263 0.49 32.62 -73.41
N ILE G 264 0.05 31.71 -74.25
CA ILE G 264 -1.37 31.48 -74.45
C ILE G 264 -2.10 31.34 -73.11
N LYS G 265 -1.74 30.32 -72.35
CA LYS G 265 -2.36 30.08 -71.05
C LYS G 265 -2.39 31.36 -70.23
N ASN G 266 -1.33 32.14 -70.33
CA ASN G 266 -1.20 33.41 -69.60
C ASN G 266 -2.16 34.51 -70.05
N VAL G 267 -2.61 34.43 -71.29
CA VAL G 267 -3.51 35.45 -71.81
C VAL G 267 -4.76 35.57 -70.95
N ASN G 268 -5.07 34.55 -70.16
CA ASN G 268 -6.25 34.60 -69.31
C ASN G 268 -6.07 35.64 -68.20
N THR G 269 -4.82 35.98 -67.91
CA THR G 269 -4.48 36.95 -66.86
C THR G 269 -3.87 38.20 -67.50
N ALA G 270 -2.64 38.05 -67.96
CA ALA G 270 -1.82 39.07 -68.62
C ALA G 270 -2.46 40.37 -69.13
N LEU G 271 -3.67 40.27 -69.68
CA LEU G 271 -4.33 41.45 -70.21
C LEU G 271 -4.58 42.54 -69.17
N ASN G 272 -5.66 42.46 -68.40
CA ASN G 272 -5.86 43.50 -67.39
C ASN G 272 -5.28 43.09 -66.04
N THR G 273 -4.14 43.67 -65.69
CA THR G 273 -3.46 43.40 -64.42
C THR G 273 -3.30 44.71 -63.64
N THR G 274 -3.57 45.82 -64.32
CA THR G 274 -3.44 47.13 -63.71
C THR G 274 -4.75 47.82 -63.37
N GLN G 275 -4.85 48.22 -62.11
CA GLN G 275 -6.00 48.90 -61.56
C GLN G 275 -5.76 48.98 -60.06
N ILE G 276 -6.18 50.08 -59.44
CA ILE G 276 -6.00 50.24 -58.01
C ILE G 276 -7.02 49.46 -57.21
N PRO G 277 -6.53 48.57 -56.34
CA PRO G 277 -7.34 47.71 -55.47
C PRO G 277 -8.31 48.44 -54.58
N SER G 278 -9.58 48.03 -54.63
CA SER G 278 -10.66 48.60 -53.83
C SER G 278 -10.19 48.93 -52.40
N SER G 279 -9.59 47.94 -51.74
CA SER G 279 -9.10 48.10 -50.37
C SER G 279 -8.24 49.35 -50.22
N ILE G 280 -7.38 49.60 -51.18
CA ILE G 280 -6.51 50.76 -51.11
C ILE G 280 -7.29 52.05 -51.29
N GLU G 281 -8.20 52.09 -52.25
CA GLU G 281 -9.00 53.28 -52.45
C GLU G 281 -9.57 53.70 -51.10
N ASP G 282 -10.22 52.76 -50.42
CA ASP G 282 -10.81 53.02 -49.12
C ASP G 282 -9.82 53.65 -48.13
N ILE G 283 -8.54 53.31 -48.26
CA ILE G 283 -7.52 53.86 -47.38
C ILE G 283 -7.34 55.29 -47.81
N PHE G 284 -7.05 55.46 -49.09
CA PHE G 284 -6.86 56.76 -49.68
C PHE G 284 -7.96 57.71 -49.23
N ASN G 285 -9.21 57.25 -49.31
CA ASN G 285 -10.36 58.06 -48.94
C ASN G 285 -10.62 58.20 -47.46
N ASP G 286 -9.76 57.60 -46.63
CA ASP G 286 -9.94 57.70 -45.18
C ASP G 286 -9.54 59.06 -44.63
N ASP G 287 -10.30 59.53 -43.65
CA ASP G 287 -10.04 60.83 -43.01
C ASP G 287 -8.59 60.97 -42.54
N ARG G 288 -8.06 59.89 -41.96
CA ARG G 288 -6.70 59.88 -41.44
C ARG G 288 -5.69 60.16 -42.54
N CYS G 289 -6.03 59.70 -43.75
CA CYS G 289 -5.18 59.85 -44.93
C CYS G 289 -5.29 61.22 -45.56
N ILE G 290 -6.47 61.83 -45.45
CA ILE G 290 -6.72 63.15 -46.03
C ILE G 290 -6.31 64.34 -45.16
N ASN G 291 -6.76 64.38 -43.91
CA ASN G 291 -6.41 65.47 -43.01
C ASN G 291 -5.21 65.03 -42.18
N ILE G 292 -4.03 65.48 -42.57
CA ILE G 292 -2.78 65.13 -41.87
C ILE G 292 -2.36 66.17 -40.84
N THR G 293 -1.64 65.74 -39.82
CA THR G 293 -1.18 66.63 -38.76
C THR G 293 0.13 66.12 -38.14
N LYS G 294 0.74 66.91 -37.26
CA LYS G 294 1.97 66.47 -36.61
C LYS G 294 1.63 65.20 -35.85
N GLN G 295 0.33 64.99 -35.60
CA GLN G 295 -0.16 63.84 -34.87
C GLN G 295 -0.09 62.60 -35.76
N THR G 296 -0.53 62.73 -37.01
CA THR G 296 -0.54 61.63 -37.97
C THR G 296 0.70 60.76 -37.93
N PRO G 297 0.50 59.44 -37.77
CA PRO G 297 1.53 58.40 -37.70
C PRO G 297 2.22 58.10 -39.01
N SER G 298 3.38 57.46 -38.88
CA SER G 298 4.19 57.06 -40.02
C SER G 298 3.39 56.49 -41.19
N PHE G 299 2.68 55.40 -40.94
CA PHE G 299 1.87 54.76 -41.99
C PHE G 299 1.07 55.69 -42.86
N TRP G 300 0.05 56.31 -42.27
CA TRP G 300 -0.80 57.19 -43.01
C TRP G 300 -0.10 58.20 -43.90
N ILE G 301 1.00 58.75 -43.42
CA ILE G 301 1.72 59.70 -44.26
C ILE G 301 2.06 59.02 -45.59
N LEU G 302 2.67 57.85 -45.48
CA LEU G 302 3.02 57.06 -46.64
C LEU G 302 1.80 56.78 -47.49
N ALA G 303 0.64 56.66 -46.85
CA ALA G 303 -0.58 56.41 -47.56
C ALA G 303 -0.85 57.61 -48.44
N ARG G 304 -0.93 58.79 -47.84
CA ARG G 304 -1.15 60.00 -48.61
C ARG G 304 -0.02 60.10 -49.63
N ALA G 305 1.21 59.96 -49.15
CA ALA G 305 2.38 60.01 -50.03
C ALA G 305 2.20 59.14 -51.26
N LEU G 306 1.33 58.14 -51.16
CA LEU G 306 1.06 57.23 -52.26
C LEU G 306 -0.02 57.85 -53.11
N LYS G 307 -1.11 58.23 -52.47
CA LYS G 307 -2.22 58.86 -53.16
C LYS G 307 -1.67 59.98 -54.05
N GLU G 308 -0.82 60.82 -53.46
CA GLU G 308 -0.22 61.94 -54.19
C GLU G 308 0.55 61.48 -55.41
N PHE G 309 1.17 60.31 -55.28
CA PHE G 309 1.93 59.74 -56.38
C PHE G 309 0.93 59.35 -57.45
N VAL G 310 -0.12 58.65 -57.06
CA VAL G 310 -1.12 58.22 -58.01
C VAL G 310 -1.61 59.42 -58.80
N ALA G 311 -2.07 60.46 -58.10
CA ALA G 311 -2.56 61.66 -58.76
C ALA G 311 -1.56 62.28 -59.74
N LYS G 312 -0.35 62.55 -59.26
CA LYS G 312 0.69 63.14 -60.09
C LYS G 312 1.39 62.11 -60.98
N GLU G 313 2.73 62.01 -60.90
CA GLU G 313 3.49 61.08 -61.75
C GLU G 313 3.14 59.60 -61.75
N GLY G 314 2.11 59.21 -61.01
CA GLY G 314 1.72 57.81 -61.01
C GLY G 314 0.76 57.59 -62.15
N GLN G 315 0.36 58.70 -62.76
CA GLN G 315 -0.57 58.69 -63.88
C GLN G 315 -1.78 57.80 -63.65
N GLY G 316 -2.45 57.99 -62.53
CA GLY G 316 -3.63 57.20 -62.22
C GLY G 316 -3.44 55.95 -61.37
N ASN G 317 -2.31 55.26 -61.49
CA ASN G 317 -2.10 54.05 -60.72
C ASN G 317 -0.92 54.05 -59.76
N LEU G 318 -0.91 53.07 -58.87
CA LEU G 318 0.12 52.89 -57.86
C LEU G 318 1.50 52.72 -58.49
N PRO G 319 2.54 52.68 -57.66
CA PRO G 319 3.88 52.50 -58.19
C PRO G 319 3.99 51.11 -58.80
N VAL G 320 4.95 50.92 -59.70
CA VAL G 320 5.15 49.61 -60.32
C VAL G 320 5.78 48.69 -59.29
N ARG G 321 5.25 47.49 -59.16
CA ARG G 321 5.79 46.54 -58.18
C ARG G 321 7.24 46.22 -58.51
N GLY G 322 7.47 45.76 -59.74
CA GLY G 322 8.82 45.47 -60.18
C GLY G 322 9.27 44.03 -60.03
N THR G 323 8.31 43.13 -59.83
CA THR G 323 8.65 41.72 -59.71
C THR G 323 7.87 41.02 -60.80
N ILE G 324 8.53 40.10 -61.50
CA ILE G 324 7.86 39.38 -62.57
C ILE G 324 8.03 37.89 -62.38
N PRO G 325 6.97 37.13 -62.63
CA PRO G 325 7.01 35.68 -62.50
C PRO G 325 8.10 35.05 -63.36
N ASP G 326 8.53 33.86 -62.99
CA ASP G 326 9.55 33.17 -63.76
C ASP G 326 8.87 32.79 -65.06
N MET G 327 9.67 32.56 -66.10
CA MET G 327 9.12 32.18 -67.39
C MET G 327 10.19 31.68 -68.32
N ILE G 328 9.88 30.58 -69.01
CA ILE G 328 10.82 29.97 -69.94
C ILE G 328 11.39 31.07 -70.83
N ALA G 329 12.68 31.34 -70.68
CA ALA G 329 13.33 32.39 -71.47
C ALA G 329 14.84 32.31 -71.40
N ASP G 330 15.48 32.93 -72.38
CA ASP G 330 16.94 32.95 -72.44
C ASP G 330 17.42 33.54 -71.13
N SER G 331 18.62 33.14 -70.69
CA SER G 331 19.17 33.63 -69.45
C SER G 331 19.19 35.17 -69.41
N GLY G 332 20.06 35.79 -70.21
CA GLY G 332 20.15 37.25 -70.23
C GLY G 332 18.88 37.97 -70.64
N LYS G 333 18.06 37.35 -71.49
CA LYS G 333 16.81 37.97 -71.95
C LYS G 333 15.79 38.17 -70.82
N TYR G 334 15.61 37.14 -70.00
CA TYR G 334 14.67 37.22 -68.89
C TYR G 334 15.12 38.30 -67.93
N ILE G 335 16.40 38.28 -67.60
CA ILE G 335 16.95 39.27 -66.70
C ILE G 335 16.69 40.68 -67.20
N LYS G 336 17.19 40.99 -68.40
CA LYS G 336 17.00 42.32 -68.96
C LYS G 336 15.55 42.76 -68.73
N LEU G 337 14.60 41.87 -69.03
CA LEU G 337 13.18 42.17 -68.84
C LEU G 337 12.91 42.44 -67.38
N GLN G 338 13.49 41.63 -66.53
CA GLN G 338 13.31 41.79 -65.11
C GLN G 338 13.75 43.21 -64.76
N ASN G 339 14.99 43.54 -65.09
CA ASN G 339 15.53 44.87 -64.80
C ASN G 339 14.66 46.03 -65.25
N VAL G 340 14.07 45.91 -66.43
CA VAL G 340 13.20 46.95 -66.96
C VAL G 340 12.21 47.32 -65.86
N TYR G 341 11.56 46.29 -65.32
CA TYR G 341 10.59 46.46 -64.25
C TYR G 341 11.25 46.96 -62.97
N ARG G 342 12.31 46.28 -62.57
CA ARG G 342 13.06 46.64 -61.38
C ARG G 342 13.34 48.15 -61.40
N GLU G 343 14.02 48.61 -62.44
CA GLU G 343 14.35 50.02 -62.58
C GLU G 343 13.15 50.93 -62.49
N LYS G 344 12.12 50.65 -63.28
CA LYS G 344 10.92 51.47 -63.25
C LYS G 344 10.43 51.57 -61.81
N ALA G 345 10.33 50.42 -61.14
CA ALA G 345 9.86 50.38 -59.75
C ALA G 345 10.71 51.26 -58.85
N LYS G 346 12.01 51.22 -59.05
CA LYS G 346 12.91 52.01 -58.24
C LYS G 346 12.66 53.50 -58.48
N LYS G 347 12.29 53.87 -59.70
CA LYS G 347 12.02 55.27 -60.01
C LYS G 347 10.74 55.68 -59.29
N ASP G 348 9.64 55.01 -59.62
CA ASP G 348 8.37 55.32 -58.98
C ASP G 348 8.62 55.35 -57.49
N ALA G 349 9.57 54.51 -57.06
CA ALA G 349 9.94 54.43 -55.65
C ALA G 349 10.28 55.81 -55.12
N ALA G 350 11.31 56.42 -55.71
CA ALA G 350 11.75 57.76 -55.30
C ALA G 350 10.60 58.76 -55.40
N ALA G 351 9.85 58.69 -56.50
CA ALA G 351 8.72 59.57 -56.73
C ALA G 351 7.88 59.63 -55.48
N VAL G 352 7.46 58.45 -55.01
CA VAL G 352 6.67 58.35 -53.80
C VAL G 352 7.50 58.87 -52.63
N GLY G 353 8.81 58.66 -52.75
CA GLY G 353 9.74 59.12 -51.74
C GLY G 353 9.73 60.62 -51.59
N ASN G 354 9.57 61.33 -52.71
CA ASN G 354 9.53 62.78 -52.67
C ASN G 354 8.29 63.24 -51.94
N HIS G 355 7.12 62.84 -52.44
CA HIS G 355 5.87 63.23 -51.83
C HIS G 355 5.96 63.04 -50.32
N VAL G 356 6.61 61.96 -49.91
CA VAL G 356 6.75 61.70 -48.50
C VAL G 356 7.42 62.90 -47.85
N ALA G 357 8.66 63.15 -48.25
CA ALA G 357 9.42 64.26 -47.70
C ALA G 357 8.56 65.52 -47.68
N LYS G 358 8.06 65.92 -48.84
CA LYS G 358 7.22 67.11 -48.92
C LYS G 358 6.20 67.10 -47.79
N LEU G 359 5.51 65.98 -47.62
CA LEU G 359 4.53 65.86 -46.57
C LEU G 359 5.19 66.06 -45.21
N LEU G 360 6.19 65.26 -44.91
CA LEU G 360 6.89 65.37 -43.65
C LEU G 360 7.23 66.82 -43.36
N GLN G 361 7.60 67.55 -44.42
CA GLN G 361 7.95 68.95 -44.27
C GLN G 361 6.75 69.79 -43.83
N SER G 362 5.68 69.74 -44.63
CA SER G 362 4.49 70.51 -44.31
C SER G 362 3.91 70.10 -42.97
N ILE G 363 4.73 69.49 -42.12
CA ILE G 363 4.28 69.07 -40.81
C ILE G 363 5.34 69.37 -39.76
N GLY G 364 6.60 69.33 -40.16
CA GLY G 364 7.64 69.61 -39.19
C GLY G 364 8.67 68.50 -39.15
N GLN G 365 8.24 67.30 -38.78
CA GLN G 365 9.14 66.16 -38.72
C GLN G 365 10.13 66.20 -39.90
N ALA G 366 11.40 65.94 -39.61
CA ALA G 366 12.46 65.96 -40.64
C ALA G 366 12.27 64.89 -41.71
N PRO G 367 12.48 65.25 -42.99
CA PRO G 367 12.35 64.33 -44.12
C PRO G 367 13.11 63.02 -43.95
N GLU G 368 13.91 62.94 -42.89
CA GLU G 368 14.67 61.73 -42.62
C GLU G 368 14.01 60.97 -41.48
N SER G 369 12.79 61.38 -41.15
CA SER G 369 12.01 60.75 -40.07
C SER G 369 11.54 59.38 -40.53
N ILE G 370 11.58 59.16 -41.84
CA ILE G 370 11.17 57.90 -42.43
C ILE G 370 12.30 57.29 -43.25
N SER G 371 12.66 56.05 -42.90
CA SER G 371 13.74 55.34 -43.57
C SER G 371 13.47 54.93 -45.00
N GLU G 372 14.55 54.82 -45.77
CA GLU G 372 14.48 54.42 -47.17
C GLU G 372 13.93 53.00 -47.22
N LYS G 373 14.30 52.21 -46.23
CA LYS G 373 13.83 50.83 -46.13
C LYS G 373 12.31 50.81 -46.06
N GLU G 374 11.75 51.60 -45.14
CA GLU G 374 10.30 51.67 -44.96
C GLU G 374 9.66 52.00 -46.28
N LEU G 375 10.26 52.95 -47.00
CA LEU G 375 9.75 53.39 -48.29
C LEU G 375 9.75 52.32 -49.35
N LYS G 376 10.95 51.80 -49.65
CA LYS G 376 11.08 50.79 -50.67
C LYS G 376 10.23 49.56 -50.39
N LEU G 377 9.78 49.42 -49.15
CA LEU G 377 8.94 48.29 -48.78
C LEU G 377 7.48 48.65 -49.05
N LEU G 378 7.07 49.79 -48.48
CA LEU G 378 5.74 50.34 -48.62
C LEU G 378 5.32 50.34 -50.09
N CYS G 379 6.26 50.64 -50.96
CA CYS G 379 5.96 50.66 -52.38
C CYS G 379 5.69 49.24 -52.88
N SER G 380 6.65 48.34 -52.70
CA SER G 380 6.47 46.97 -53.15
C SER G 380 5.11 46.42 -52.73
N ASN G 381 4.70 46.71 -51.49
CA ASN G 381 3.42 46.23 -51.00
C ASN G 381 2.31 47.26 -51.16
N SER G 382 2.53 48.23 -52.03
CA SER G 382 1.54 49.28 -52.24
C SER G 382 0.14 48.70 -52.37
N ALA G 383 -0.03 47.79 -53.31
CA ALA G 383 -1.32 47.17 -53.57
C ALA G 383 -1.83 46.18 -52.53
N PHE G 384 -1.05 45.99 -51.47
CA PHE G 384 -1.43 45.04 -50.43
C PHE G 384 -1.60 45.65 -49.06
N LEU G 385 -1.66 46.97 -49.01
CA LEU G 385 -1.81 47.64 -47.75
C LEU G 385 -3.14 47.19 -47.16
N ARG G 386 -3.23 47.18 -45.84
CA ARG G 386 -4.46 46.77 -45.18
C ARG G 386 -4.51 47.34 -43.79
N VAL G 387 -5.67 47.88 -43.44
CA VAL G 387 -5.90 48.48 -42.12
C VAL G 387 -7.05 47.82 -41.39
N VAL G 388 -6.88 47.63 -40.09
CA VAL G 388 -7.89 46.98 -39.28
C VAL G 388 -8.28 47.78 -38.06
N ARG G 389 -9.57 48.07 -37.91
CA ARG G 389 -10.04 48.80 -36.74
C ARG G 389 -11.03 47.92 -35.99
N CYS G 390 -10.85 47.78 -34.68
CA CYS G 390 -11.74 46.93 -33.90
C CYS G 390 -12.69 47.78 -33.07
N ARG G 391 -13.93 47.34 -32.95
CA ARG G 391 -14.89 48.08 -32.14
C ARG G 391 -14.47 47.88 -30.70
N SER G 392 -14.45 48.95 -29.90
CA SER G 392 -14.06 48.82 -28.49
C SER G 392 -14.91 47.71 -27.87
N LEU G 393 -14.46 47.11 -26.78
CA LEU G 393 -15.27 46.05 -26.20
C LEU G 393 -16.58 46.68 -25.73
N ALA G 394 -16.46 47.81 -25.06
CA ALA G 394 -17.63 48.52 -24.57
C ALA G 394 -18.71 48.66 -25.65
N GLU G 395 -18.33 49.05 -26.85
CA GLU G 395 -19.30 49.22 -27.94
C GLU G 395 -20.09 47.95 -28.24
N GLU G 396 -19.45 46.79 -28.07
CA GLU G 396 -20.10 45.51 -28.37
C GLU G 396 -21.02 45.11 -27.24
N TYR G 397 -20.77 45.64 -26.07
CA TYR G 397 -21.59 45.34 -24.91
C TYR G 397 -22.56 46.51 -24.64
N GLY G 398 -22.45 47.55 -25.46
CA GLY G 398 -23.32 48.70 -25.30
C GLY G 398 -24.71 48.32 -25.73
N LEU G 399 -25.72 48.86 -25.06
CA LEU G 399 -27.09 48.54 -25.39
C LEU G 399 -27.58 49.11 -26.73
N ASP G 400 -27.19 50.34 -27.03
CA ASP G 400 -27.61 50.95 -28.28
C ASP G 400 -26.66 50.55 -29.42
N THR G 401 -25.41 50.25 -29.07
CA THR G 401 -24.38 49.89 -30.04
C THR G 401 -24.19 48.43 -30.42
N ILE G 402 -24.75 47.51 -29.64
CA ILE G 402 -24.62 46.07 -29.93
C ILE G 402 -24.94 45.73 -31.39
N ASN G 403 -23.92 45.35 -32.16
CA ASN G 403 -24.10 45.00 -33.56
C ASN G 403 -25.03 43.81 -33.69
N LYS G 404 -26.31 44.02 -33.37
CA LYS G 404 -27.29 42.95 -33.40
C LYS G 404 -27.79 42.58 -34.78
N ASP G 405 -27.31 43.26 -35.80
CA ASP G 405 -27.73 42.91 -37.13
C ASP G 405 -26.98 41.61 -37.47
N GLU G 406 -25.67 41.62 -37.27
CA GLU G 406 -24.81 40.48 -37.54
C GLU G 406 -25.18 39.24 -36.71
N ILE G 407 -25.56 39.44 -35.46
CA ILE G 407 -25.92 38.30 -34.61
C ILE G 407 -27.08 37.53 -35.21
N ILE G 408 -28.17 38.24 -35.46
CA ILE G 408 -29.37 37.65 -36.02
C ILE G 408 -29.10 37.09 -37.41
N SER G 409 -28.39 37.87 -38.22
CA SER G 409 -28.06 37.47 -39.58
C SER G 409 -27.46 36.06 -39.59
N SER G 410 -26.59 35.78 -38.63
CA SER G 410 -25.93 34.49 -38.55
C SER G 410 -26.86 33.42 -38.05
N MET G 411 -27.56 33.71 -36.97
CA MET G 411 -28.48 32.78 -36.34
C MET G 411 -29.51 32.09 -37.24
N ASP G 412 -29.45 32.37 -38.54
CA ASP G 412 -30.36 31.76 -39.50
C ASP G 412 -29.97 30.31 -39.75
N ASN G 413 -29.22 29.77 -38.81
CA ASN G 413 -28.77 28.38 -38.83
C ASN G 413 -28.44 28.10 -37.38
N PRO G 414 -29.38 27.51 -36.64
CA PRO G 414 -29.20 27.19 -35.22
C PRO G 414 -27.90 26.47 -34.86
N ASP G 415 -27.11 26.09 -35.87
CA ASP G 415 -25.85 25.41 -35.62
C ASP G 415 -24.67 26.29 -36.02
N ASN G 416 -24.86 27.61 -35.95
CA ASN G 416 -23.81 28.55 -36.29
C ASN G 416 -23.04 28.97 -35.06
N GLU G 417 -21.72 28.81 -35.13
CA GLU G 417 -20.81 29.14 -34.03
C GLU G 417 -21.25 30.31 -33.14
N ILE G 418 -21.97 31.27 -33.71
CA ILE G 418 -22.44 32.42 -32.95
C ILE G 418 -23.35 32.03 -31.79
N VAL G 419 -23.98 30.87 -31.91
CA VAL G 419 -24.85 30.36 -30.86
C VAL G 419 -24.00 30.39 -29.61
N LEU G 420 -22.87 29.71 -29.75
CA LEU G 420 -21.89 29.57 -28.70
C LEU G 420 -21.55 30.92 -28.09
N TYR G 421 -21.49 31.96 -28.90
CA TYR G 421 -21.19 33.28 -28.35
C TYR G 421 -22.28 33.64 -27.37
N LEU G 422 -23.51 33.64 -27.85
CA LEU G 422 -24.64 33.95 -27.01
C LEU G 422 -24.57 33.13 -25.74
N MET G 423 -24.43 31.83 -25.91
CA MET G 423 -24.35 30.95 -24.76
C MET G 423 -23.34 31.45 -23.73
N LEU G 424 -22.15 31.83 -24.17
CA LEU G 424 -21.16 32.33 -23.24
C LEU G 424 -21.74 33.52 -22.53
N ARG G 425 -22.26 34.48 -23.30
CA ARG G 425 -22.86 35.69 -22.73
C ARG G 425 -23.83 35.23 -21.68
N ALA G 426 -24.62 34.22 -22.03
CA ALA G 426 -25.60 33.64 -21.13
C ALA G 426 -24.90 33.17 -19.85
N VAL G 427 -24.00 32.21 -20.00
CA VAL G 427 -23.23 31.69 -18.89
C VAL G 427 -22.67 32.85 -18.08
N ASP G 428 -21.96 33.75 -18.72
CA ASP G 428 -21.38 34.89 -18.01
C ASP G 428 -22.44 35.59 -17.17
N ARG G 429 -23.66 35.71 -17.71
CA ARG G 429 -24.75 36.35 -16.98
C ARG G 429 -25.03 35.46 -15.77
N PHE G 430 -25.33 34.21 -16.08
CA PHE G 430 -25.59 33.22 -15.07
C PHE G 430 -24.56 33.31 -13.97
N HIS G 431 -23.32 33.62 -14.31
CA HIS G 431 -22.29 33.69 -13.29
C HIS G 431 -22.45 34.93 -12.42
N LYS G 432 -22.45 36.11 -13.04
CA LYS G 432 -22.59 37.33 -12.27
C LYS G 432 -23.77 37.14 -11.34
N GLN G 433 -24.84 36.59 -11.90
CA GLN G 433 -26.07 36.35 -11.15
C GLN G 433 -25.95 35.30 -10.02
N GLN G 434 -25.41 34.13 -10.34
CA GLN G 434 -25.27 33.03 -9.39
C GLN G 434 -24.07 33.04 -8.48
N GLY G 435 -22.89 33.25 -9.04
CA GLY G 435 -21.70 33.23 -8.21
C GLY G 435 -20.86 32.04 -8.58
N ARG G 436 -21.38 31.22 -9.48
CA ARG G 436 -20.68 30.04 -9.97
C ARG G 436 -21.14 29.81 -11.40
N TYR G 437 -20.46 28.91 -12.11
CA TYR G 437 -20.83 28.62 -13.48
C TYR G 437 -21.82 27.47 -13.61
N PRO G 438 -22.53 27.41 -14.73
CA PRO G 438 -23.50 26.37 -14.97
C PRO G 438 -22.99 24.95 -14.76
N GLY G 439 -23.38 24.36 -13.63
CA GLY G 439 -23.04 22.99 -13.30
C GLY G 439 -21.60 22.54 -13.17
N VAL G 440 -20.84 23.19 -12.30
CA VAL G 440 -19.45 22.84 -12.09
C VAL G 440 -19.40 21.47 -11.44
N SER G 441 -20.22 21.28 -10.41
CA SER G 441 -20.29 19.99 -9.70
C SER G 441 -21.23 19.06 -10.47
N ASN G 442 -21.09 17.75 -10.26
CA ASN G 442 -21.90 16.79 -10.99
C ASN G 442 -23.38 16.75 -10.70
N TYR G 443 -23.81 17.39 -9.61
CA TYR G 443 -25.23 17.37 -9.30
C TYR G 443 -25.90 18.65 -9.75
N GLN G 444 -25.14 19.73 -9.73
CA GLN G 444 -25.67 21.03 -10.13
C GLN G 444 -26.21 21.01 -11.54
N VAL G 445 -25.85 19.99 -12.32
CA VAL G 445 -26.31 19.90 -13.71
C VAL G 445 -27.82 20.13 -13.83
N GLU G 446 -28.60 19.13 -13.45
CA GLU G 446 -30.06 19.18 -13.49
C GLU G 446 -30.57 20.58 -13.10
N GLU G 447 -30.44 20.88 -11.83
CA GLU G 447 -30.86 22.15 -11.25
C GLU G 447 -30.54 23.34 -12.16
N ASP G 448 -29.25 23.53 -12.46
CA ASP G 448 -28.76 24.63 -13.27
C ASP G 448 -29.28 24.75 -14.69
N ILE G 449 -29.53 23.63 -15.36
CA ILE G 449 -30.02 23.67 -16.74
C ILE G 449 -31.17 24.65 -16.90
N GLY G 450 -32.15 24.57 -16.01
CA GLY G 450 -33.27 25.49 -16.08
C GLY G 450 -32.80 26.89 -15.76
N LYS G 451 -32.12 27.04 -14.63
CA LYS G 451 -31.60 28.32 -14.19
C LYS G 451 -30.80 29.01 -15.29
N LEU G 452 -30.00 28.24 -16.02
CA LEU G 452 -29.20 28.80 -17.10
C LEU G 452 -30.08 29.39 -18.17
N LYS G 453 -31.00 28.60 -18.72
CA LYS G 453 -31.89 29.10 -19.77
C LYS G 453 -32.56 30.41 -19.36
N SER G 454 -32.99 30.49 -18.09
CA SER G 454 -33.64 31.70 -17.61
C SER G 454 -32.73 32.90 -17.80
N CYS G 455 -31.44 32.64 -17.93
CA CYS G 455 -30.46 33.71 -18.13
C CYS G 455 -30.18 33.92 -19.60
N LEU G 456 -30.24 32.84 -20.38
CA LEU G 456 -30.02 32.96 -21.82
C LEU G 456 -31.07 33.94 -22.30
N THR G 457 -32.30 33.68 -21.88
CA THR G 457 -33.40 34.53 -22.25
C THR G 457 -33.21 35.91 -21.66
N GLY G 458 -33.07 36.00 -20.34
CA GLY G 458 -32.87 37.28 -19.70
C GLY G 458 -31.92 38.14 -20.52
N PHE G 459 -30.83 37.51 -20.98
CA PHE G 459 -29.84 38.17 -21.79
C PHE G 459 -30.46 38.61 -23.10
N LEU G 460 -30.99 37.65 -23.86
CA LEU G 460 -31.59 37.93 -25.15
C LEU G 460 -32.63 39.04 -25.17
N GLN G 461 -33.28 39.28 -24.04
CA GLN G 461 -34.26 40.34 -23.97
C GLN G 461 -33.57 41.67 -23.69
N GLU G 462 -32.69 41.70 -22.69
CA GLU G 462 -32.00 42.94 -22.36
C GLU G 462 -31.49 43.61 -23.63
N TYR G 463 -31.10 42.83 -24.63
CA TYR G 463 -30.62 43.39 -25.88
C TYR G 463 -31.68 43.37 -26.97
N GLY G 464 -32.74 42.61 -26.73
CA GLY G 464 -33.80 42.54 -27.71
C GLY G 464 -33.36 41.78 -28.94
N LEU G 465 -33.05 40.51 -28.74
CA LEU G 465 -32.61 39.64 -29.82
C LEU G 465 -33.61 38.51 -29.97
N SER G 466 -34.40 38.57 -31.05
CA SER G 466 -35.40 37.55 -31.33
C SER G 466 -34.76 36.37 -32.09
N VAL G 467 -34.10 35.49 -31.36
CA VAL G 467 -33.43 34.33 -31.96
C VAL G 467 -33.75 33.02 -31.25
N MET G 468 -33.68 31.93 -31.99
CA MET G 468 -33.99 30.61 -31.44
C MET G 468 -32.73 29.81 -31.12
N VAL G 469 -32.53 29.53 -29.84
CA VAL G 469 -31.36 28.77 -29.37
C VAL G 469 -31.75 27.36 -28.96
N LYS G 470 -31.51 26.36 -29.81
CA LYS G 470 -31.86 24.98 -29.48
C LYS G 470 -31.60 24.74 -28.00
N ASP G 471 -32.54 24.12 -27.30
CA ASP G 471 -32.37 23.87 -25.87
C ASP G 471 -31.10 23.06 -25.62
N ASP G 472 -30.75 22.23 -26.60
CA ASP G 472 -29.55 21.42 -26.49
C ASP G 472 -28.35 22.24 -26.06
N TYR G 473 -28.11 23.39 -26.69
CA TYR G 473 -26.96 24.18 -26.30
C TYR G 473 -26.99 24.60 -24.85
N VAL G 474 -28.12 24.47 -24.20
CA VAL G 474 -28.18 24.86 -22.81
C VAL G 474 -27.69 23.69 -21.97
N HIS G 475 -28.17 22.49 -22.28
CA HIS G 475 -27.73 21.28 -21.56
C HIS G 475 -26.23 21.20 -21.72
N GLU G 476 -25.80 21.21 -22.98
CA GLU G 476 -24.42 21.12 -23.32
C GLU G 476 -23.56 21.98 -22.40
N PHE G 477 -23.70 23.30 -22.49
CA PHE G 477 -22.88 24.16 -21.64
C PHE G 477 -22.90 23.80 -20.16
N CYS G 478 -24.03 23.28 -19.67
CA CYS G 478 -24.10 22.88 -18.28
C CYS G 478 -23.21 21.67 -18.11
N ARG G 479 -23.13 20.87 -19.16
CA ARG G 479 -22.32 19.67 -19.14
C ARG G 479 -20.86 20.09 -19.03
N TYR G 480 -20.45 21.05 -19.86
CA TYR G 480 -19.07 21.55 -19.85
C TYR G 480 -18.59 21.84 -18.45
N GLY G 481 -19.49 22.33 -17.62
CA GLY G 481 -19.13 22.64 -16.25
C GLY G 481 -17.92 23.53 -16.19
N ALA G 482 -17.87 24.51 -17.09
CA ALA G 482 -16.75 25.44 -17.12
C ALA G 482 -15.38 24.75 -17.16
N ALA G 483 -15.36 23.54 -17.71
CA ALA G 483 -14.13 22.79 -17.81
C ALA G 483 -13.24 23.39 -18.91
N GLU G 484 -11.93 23.39 -18.67
CA GLU G 484 -10.98 23.91 -19.65
C GLU G 484 -10.21 22.74 -20.23
N PRO G 485 -10.82 21.98 -21.14
CA PRO G 485 -10.13 20.84 -21.75
C PRO G 485 -8.84 21.31 -22.40
N HIS G 486 -7.75 20.57 -22.20
CA HIS G 486 -6.47 20.96 -22.77
C HIS G 486 -6.45 21.03 -24.30
N THR G 487 -6.89 19.98 -24.98
CA THR G 487 -6.89 19.98 -26.45
C THR G 487 -7.59 21.21 -27.02
N ILE G 488 -8.48 21.81 -26.23
CA ILE G 488 -9.16 23.01 -26.66
C ILE G 488 -8.25 24.19 -26.35
N ALA G 489 -7.88 24.33 -25.09
CA ALA G 489 -6.99 25.40 -24.71
C ALA G 489 -5.79 25.41 -25.64
N ALA G 490 -5.35 24.24 -26.08
CA ALA G 490 -4.21 24.16 -26.96
C ALA G 490 -4.50 24.85 -28.28
N PHE G 491 -5.57 24.42 -28.94
CA PHE G 491 -5.98 24.99 -30.23
C PHE G 491 -5.98 26.50 -30.14
N LEU G 492 -6.73 26.99 -29.16
CA LEU G 492 -6.87 28.40 -28.94
C LEU G 492 -5.52 29.05 -28.71
N GLY G 493 -4.69 28.43 -27.88
CA GLY G 493 -3.38 28.99 -27.60
C GLY G 493 -2.55 29.06 -28.84
N GLY G 494 -2.86 28.21 -29.81
CA GLY G 494 -2.11 28.24 -31.05
C GLY G 494 -2.48 29.41 -31.95
N ALA G 495 -3.77 29.54 -32.23
CA ALA G 495 -4.27 30.59 -33.09
C ALA G 495 -4.02 31.96 -32.46
N ALA G 496 -4.23 32.04 -31.16
CA ALA G 496 -4.04 33.27 -30.42
C ALA G 496 -2.59 33.73 -30.48
N ALA G 497 -1.68 32.81 -30.20
CA ALA G 497 -0.26 33.11 -30.19
C ALA G 497 0.14 33.80 -31.47
N GLN G 498 -0.36 33.28 -32.59
CA GLN G 498 -0.03 33.84 -33.88
C GLN G 498 -0.54 35.25 -34.03
N GLU G 499 -1.76 35.50 -33.58
CA GLU G 499 -2.29 36.85 -33.68
C GLU G 499 -1.39 37.77 -32.92
N VAL G 500 -1.05 37.41 -31.69
CA VAL G 500 -0.16 38.26 -30.91
C VAL G 500 1.08 38.63 -31.72
N ILE G 501 1.61 37.68 -32.49
CA ILE G 501 2.78 37.96 -33.30
C ILE G 501 2.40 38.91 -34.41
N LYS G 502 1.33 38.59 -35.12
CA LYS G 502 0.86 39.43 -36.21
C LYS G 502 0.82 40.85 -35.73
N ILE G 503 0.47 41.02 -34.46
CA ILE G 503 0.37 42.33 -33.85
C ILE G 503 1.74 42.91 -33.58
N ILE G 504 2.61 42.11 -32.99
CA ILE G 504 3.96 42.57 -32.65
C ILE G 504 4.79 42.87 -33.88
N THR G 505 4.72 42.00 -34.86
CA THR G 505 5.50 42.21 -36.07
C THR G 505 4.81 43.13 -37.05
N LYS G 506 3.52 43.38 -36.84
CA LYS G 506 2.74 44.22 -37.75
C LYS G 506 3.00 43.60 -39.10
N GLN G 507 3.09 42.27 -39.13
CA GLN G 507 3.42 41.59 -40.34
C GLN G 507 2.37 40.82 -41.09
N PHE G 508 1.19 40.65 -40.54
CA PHE G 508 0.20 39.94 -41.33
C PHE G 508 -1.10 40.60 -41.03
N VAL G 509 -2.21 39.97 -41.41
CA VAL G 509 -3.51 40.57 -41.13
C VAL G 509 -4.24 39.89 -39.99
N ILE G 510 -4.45 40.64 -38.91
CA ILE G 510 -5.12 40.14 -37.73
C ILE G 510 -6.57 39.86 -38.02
N PHE G 511 -7.15 38.85 -37.38
CA PHE G 511 -8.56 38.56 -37.63
C PHE G 511 -9.33 39.74 -37.11
N ASN G 512 -10.54 39.96 -37.59
CA ASN G 512 -11.26 41.10 -37.09
C ASN G 512 -12.47 40.84 -36.22
N ASN G 513 -12.36 41.32 -34.99
CA ASN G 513 -13.36 41.15 -33.95
C ASN G 513 -13.43 39.68 -33.58
N THR G 514 -14.30 39.32 -32.64
CA THR G 514 -14.46 37.92 -32.18
C THR G 514 -14.27 36.68 -33.09
N TYR G 515 -13.56 35.69 -32.58
CA TYR G 515 -13.30 34.42 -33.26
C TYR G 515 -13.87 33.28 -32.42
N ILE G 516 -14.55 32.34 -33.05
CA ILE G 516 -15.14 31.25 -32.28
C ILE G 516 -14.88 29.85 -32.83
N TYR G 517 -14.31 29.01 -31.97
CA TYR G 517 -13.95 27.66 -32.32
C TYR G 517 -14.80 26.64 -31.58
N SER G 518 -15.37 25.68 -32.33
CA SER G 518 -16.19 24.63 -31.75
C SER G 518 -15.49 23.29 -31.84
N GLY G 519 -15.31 22.68 -30.68
CA GLY G 519 -14.66 21.39 -30.61
C GLY G 519 -15.57 20.36 -31.20
N MET G 520 -16.82 20.33 -30.77
CA MET G 520 -17.76 19.33 -31.25
C MET G 520 -17.75 19.19 -32.76
N SER G 521 -17.97 20.30 -33.46
CA SER G 521 -18.01 20.26 -34.91
C SER G 521 -16.64 20.42 -35.54
N GLN G 522 -15.66 20.85 -34.76
CA GLN G 522 -14.32 21.08 -35.28
C GLN G 522 -14.47 22.08 -36.40
N THR G 523 -15.05 23.22 -36.06
CA THR G 523 -15.27 24.30 -37.03
C THR G 523 -15.10 25.66 -36.35
N SER G 524 -14.86 26.71 -37.11
CA SER G 524 -14.67 28.04 -36.54
C SER G 524 -15.26 29.14 -37.41
N ALA G 525 -15.35 30.35 -36.87
CA ALA G 525 -15.88 31.50 -37.60
C ALA G 525 -15.49 32.80 -36.92
N THR G 526 -15.14 33.79 -37.72
CA THR G 526 -14.73 35.09 -37.21
C THR G 526 -16.00 35.91 -37.25
N PHE G 527 -16.09 37.00 -36.49
CA PHE G 527 -17.31 37.77 -36.60
C PHE G 527 -17.36 39.27 -36.89
N GLN G 528 -18.45 39.87 -36.45
CA GLN G 528 -18.82 41.28 -36.59
C GLN G 528 -17.84 42.43 -36.88
N LEU G 529 -17.51 42.67 -38.15
CA LEU G 529 -16.62 43.76 -38.60
C LEU G 529 -15.66 43.24 -39.68
N ASP H 1 -4.10 10.41 -10.77
CA ASP H 1 -3.53 9.80 -9.54
C ASP H 1 -3.61 10.65 -8.26
N TRP H 2 -4.12 11.89 -8.36
CA TRP H 2 -4.24 12.75 -7.17
C TRP H 2 -5.54 13.54 -7.23
N GLU H 3 -5.91 14.19 -6.13
CA GLU H 3 -7.19 14.91 -6.09
C GLU H 3 -7.44 16.04 -7.07
N GLY H 4 -8.48 15.88 -7.88
CA GLY H 4 -8.86 16.89 -8.86
C GLY H 4 -8.12 16.88 -10.18
N ARG H 5 -7.08 16.07 -10.29
CA ARG H 5 -6.29 16.00 -11.52
C ARG H 5 -7.08 15.86 -12.83
N TRP H 6 -7.82 14.79 -12.99
CA TRP H 6 -8.52 14.62 -14.24
C TRP H 6 -9.92 15.23 -14.33
N ASN H 7 -10.21 16.26 -13.56
CA ASN H 7 -11.54 16.86 -13.64
C ASN H 7 -11.88 17.40 -15.02
N HIS H 8 -10.88 17.89 -15.74
CA HIS H 8 -11.12 18.44 -17.05
C HIS H 8 -11.37 17.37 -18.08
N VAL H 9 -11.67 16.16 -17.63
CA VAL H 9 -11.91 15.07 -18.54
C VAL H 9 -13.10 14.27 -18.03
N LYS H 10 -13.19 14.12 -16.72
CA LYS H 10 -14.29 13.38 -16.13
C LYS H 10 -15.61 13.94 -16.64
N LYS H 11 -15.73 15.27 -16.64
CA LYS H 11 -16.94 15.93 -17.07
C LYS H 11 -17.45 15.52 -18.44
N PHE H 12 -16.59 14.97 -19.28
CA PHE H 12 -17.04 14.53 -20.60
C PHE H 12 -17.27 13.03 -20.65
N LEU H 13 -16.75 12.32 -19.65
CA LEU H 13 -16.90 10.88 -19.60
C LEU H 13 -17.92 10.44 -18.57
N GLU H 14 -18.00 11.20 -17.47
CA GLU H 14 -18.93 10.90 -16.39
C GLU H 14 -20.33 11.42 -16.67
N ARG H 15 -20.42 12.50 -17.43
CA ARG H 15 -21.70 13.10 -17.74
C ARG H 15 -22.24 12.77 -19.13
N SER H 16 -23.55 12.57 -19.22
CA SER H 16 -24.20 12.28 -20.50
C SER H 16 -24.36 13.59 -21.25
N GLY H 17 -24.82 13.55 -22.49
CA GLY H 17 -24.95 14.79 -23.22
C GLY H 17 -25.82 14.78 -24.45
N PRO H 18 -26.07 15.95 -25.03
CA PRO H 18 -26.88 16.13 -26.24
C PRO H 18 -26.18 15.70 -27.51
N PHE H 19 -24.97 16.20 -27.73
CA PHE H 19 -24.21 15.88 -28.94
C PHE H 19 -23.39 14.61 -28.77
N THR H 20 -23.57 13.96 -27.63
CA THR H 20 -22.86 12.74 -27.32
C THR H 20 -23.05 11.69 -28.42
N HIS H 21 -21.98 10.99 -28.78
CA HIS H 21 -22.05 9.95 -29.79
C HIS H 21 -22.99 8.85 -29.32
N PRO H 22 -23.74 8.23 -30.24
CA PRO H 22 -24.68 7.14 -29.88
C PRO H 22 -24.16 6.10 -28.90
N ASP H 23 -23.13 5.37 -29.32
CA ASP H 23 -22.54 4.32 -28.50
C ASP H 23 -21.96 4.82 -27.16
N PHE H 24 -22.35 6.01 -26.72
CA PHE H 24 -21.78 6.56 -25.49
C PHE H 24 -22.45 6.11 -24.21
N GLU H 25 -21.64 5.64 -23.27
CA GLU H 25 -22.14 5.21 -21.98
C GLU H 25 -21.45 6.04 -20.91
N PRO H 26 -22.21 6.89 -20.23
CA PRO H 26 -21.71 7.77 -19.18
C PRO H 26 -21.32 7.00 -17.91
N SER H 27 -20.03 6.77 -17.72
CA SER H 27 -19.58 6.02 -16.56
C SER H 27 -18.43 6.64 -15.78
N THR H 28 -18.35 6.27 -14.51
CA THR H 28 -17.32 6.75 -13.61
C THR H 28 -16.05 5.93 -13.83
N GLU H 29 -16.21 4.79 -14.48
CA GLU H 29 -15.10 3.91 -14.75
C GLU H 29 -14.39 4.31 -16.05
N SER H 30 -15.18 4.79 -17.01
CA SER H 30 -14.66 5.22 -18.32
C SER H 30 -13.22 5.73 -18.35
N LEU H 31 -12.91 6.66 -17.45
CA LEU H 31 -11.58 7.25 -17.36
C LEU H 31 -10.46 6.27 -17.07
N GLN H 32 -10.49 5.67 -15.89
CA GLN H 32 -9.47 4.72 -15.49
C GLN H 32 -9.19 3.78 -16.64
N PHE H 33 -10.25 3.29 -17.27
CA PHE H 33 -10.13 2.37 -18.40
C PHE H 33 -9.17 2.97 -19.42
N LEU H 34 -9.57 4.12 -19.96
CA LEU H 34 -8.77 4.84 -20.96
C LEU H 34 -7.30 4.85 -20.53
N LEU H 35 -7.08 5.28 -19.30
CA LEU H 35 -5.75 5.36 -18.74
C LEU H 35 -4.97 4.07 -18.67
N ASP H 36 -5.67 2.96 -18.52
CA ASP H 36 -4.99 1.68 -18.42
C ASP H 36 -4.94 0.87 -19.70
N THR H 37 -6.08 0.74 -20.37
CA THR H 37 -6.14 -0.09 -21.57
C THR H 37 -5.87 0.51 -22.92
N CYS H 38 -6.21 1.77 -23.15
CA CYS H 38 -6.03 2.39 -24.46
C CYS H 38 -4.61 2.66 -24.98
N LYS H 39 -4.18 1.83 -25.93
CA LYS H 39 -2.86 1.95 -26.53
C LYS H 39 -2.91 2.85 -27.74
N VAL H 40 -2.09 3.89 -27.76
CA VAL H 40 -2.06 4.83 -28.89
C VAL H 40 -0.67 5.11 -29.43
N LEU H 41 -0.48 4.87 -30.72
CA LEU H 41 0.80 5.10 -31.37
C LEU H 41 0.83 6.49 -31.97
N VAL H 42 1.94 7.20 -31.79
CA VAL H 42 2.07 8.54 -32.31
C VAL H 42 3.24 8.56 -33.26
N ILE H 43 2.98 8.52 -34.56
CA ILE H 43 4.07 8.52 -35.54
C ILE H 43 4.66 9.88 -35.76
N GLY H 44 5.97 10.00 -35.52
CA GLY H 44 6.65 11.28 -35.68
C GLY H 44 6.79 11.98 -34.34
N ALA H 45 7.86 12.73 -34.19
CA ALA H 45 8.09 13.43 -32.94
C ALA H 45 8.89 14.69 -33.18
N GLY H 46 8.22 15.67 -33.75
CA GLY H 46 8.83 16.95 -34.06
C GLY H 46 7.66 17.79 -34.46
N GLY H 47 7.58 19.01 -33.93
CA GLY H 47 6.45 19.85 -34.25
C GLY H 47 5.21 19.12 -33.78
N LEU H 48 4.48 18.53 -34.70
CA LEU H 48 3.28 17.80 -34.38
C LEU H 48 3.47 16.78 -33.27
N GLY H 49 4.40 15.85 -33.48
CA GLY H 49 4.65 14.84 -32.49
C GLY H 49 4.66 15.40 -31.09
N CYS H 50 5.61 16.27 -30.80
CA CYS H 50 5.72 16.86 -29.47
C CYS H 50 4.36 17.32 -29.02
N GLU H 51 3.78 18.26 -29.74
CA GLU H 51 2.48 18.78 -29.38
C GLU H 51 1.47 17.64 -29.17
N LEU H 52 1.45 16.66 -30.09
CA LEU H 52 0.53 15.53 -29.96
C LEU H 52 0.69 14.79 -28.64
N LEU H 53 1.93 14.44 -28.32
CA LEU H 53 2.21 13.73 -27.09
C LEU H 53 1.68 14.50 -25.89
N LYS H 54 1.95 15.80 -25.87
CA LYS H 54 1.48 16.61 -24.77
C LYS H 54 -0.02 16.49 -24.69
N ASN H 55 -0.71 16.88 -25.75
CA ASN H 55 -2.16 16.81 -25.76
C ASN H 55 -2.68 15.45 -25.30
N LEU H 56 -2.22 14.39 -25.92
CA LEU H 56 -2.69 13.08 -25.53
C LEU H 56 -2.49 12.77 -24.04
N ALA H 57 -1.30 13.09 -23.55
CA ALA H 57 -0.96 12.83 -22.15
C ALA H 57 -1.92 13.44 -21.17
N LEU H 58 -2.29 14.69 -21.43
CA LEU H 58 -3.19 15.42 -20.57
C LEU H 58 -4.66 15.19 -20.88
N SER H 59 -4.95 14.40 -21.90
CA SER H 59 -6.35 14.13 -22.23
C SER H 59 -6.81 12.89 -21.49
N GLY H 60 -5.87 12.15 -20.93
CA GLY H 60 -6.22 10.95 -20.21
C GLY H 60 -5.64 9.71 -20.81
N PHE H 61 -4.53 9.84 -21.53
CA PHE H 61 -3.92 8.68 -22.14
C PHE H 61 -2.62 8.36 -21.43
N ARG H 62 -2.39 7.08 -21.15
CA ARG H 62 -1.16 6.69 -20.49
C ARG H 62 -0.30 5.83 -21.38
N GLN H 63 -0.91 4.84 -22.03
CA GLN H 63 -0.16 3.94 -22.90
C GLN H 63 0.08 4.54 -24.29
N ILE H 64 1.23 5.18 -24.44
CA ILE H 64 1.56 5.86 -25.68
C ILE H 64 2.91 5.48 -26.23
N HIS H 65 2.97 5.21 -27.53
CA HIS H 65 4.23 4.87 -28.13
C HIS H 65 4.57 5.92 -29.15
N VAL H 66 5.85 6.26 -29.25
CA VAL H 66 6.26 7.27 -30.21
C VAL H 66 7.29 6.70 -31.13
N ILE H 67 7.09 6.84 -32.43
CA ILE H 67 8.07 6.35 -33.40
C ILE H 67 8.73 7.55 -34.05
N ASP H 68 10.01 7.45 -34.36
CA ASP H 68 10.66 8.56 -35.03
C ASP H 68 12.12 8.26 -35.34
N MET H 69 12.40 8.29 -36.64
CA MET H 69 13.72 8.02 -37.17
C MET H 69 14.77 9.09 -36.98
N ASP H 70 14.40 10.34 -36.75
CA ASP H 70 15.42 11.35 -36.62
C ASP H 70 16.01 11.61 -35.26
N THR H 71 17.09 12.37 -35.30
CA THR H 71 17.86 12.75 -34.15
C THR H 71 17.75 14.26 -34.02
N ILE H 72 17.50 14.75 -32.81
CA ILE H 72 17.37 16.20 -32.57
C ILE H 72 18.41 17.10 -33.21
N ASP H 73 17.95 18.17 -33.82
CA ASP H 73 18.83 19.14 -34.46
C ASP H 73 18.44 20.52 -33.97
N VAL H 74 19.43 21.34 -33.63
CA VAL H 74 19.19 22.69 -33.15
C VAL H 74 17.98 23.40 -33.79
N SER H 75 17.87 23.33 -35.11
CA SER H 75 16.79 23.98 -35.84
C SER H 75 15.41 23.42 -35.54
N ASN H 76 15.25 22.68 -34.46
CA ASN H 76 13.94 22.14 -34.12
C ASN H 76 13.52 22.85 -32.87
N LEU H 77 14.50 23.33 -32.15
CA LEU H 77 14.26 23.99 -30.88
C LEU H 77 13.39 25.23 -30.93
N ASN H 78 12.89 25.57 -32.09
CA ASN H 78 12.04 26.75 -32.18
C ASN H 78 10.58 26.40 -32.21
N ARG H 79 10.25 25.12 -32.09
CA ARG H 79 8.85 24.70 -32.12
C ARG H 79 8.60 23.32 -31.52
N GLN H 80 9.68 22.56 -31.31
CA GLN H 80 9.63 21.21 -30.75
C GLN H 80 10.07 21.31 -29.31
N PHE H 81 9.21 21.91 -28.52
CA PHE H 81 9.46 22.17 -27.11
C PHE H 81 9.98 21.05 -26.22
N LEU H 82 9.82 19.80 -26.61
CA LEU H 82 10.31 18.71 -25.79
C LEU H 82 11.84 18.54 -25.87
N PHE H 83 12.49 19.33 -26.69
CA PHE H 83 13.93 19.24 -26.84
C PHE H 83 14.66 20.49 -26.36
N ARG H 84 15.81 20.30 -25.73
CA ARG H 84 16.62 21.42 -25.28
C ARG H 84 17.95 21.29 -26.01
N PRO H 85 18.76 22.36 -26.05
CA PRO H 85 20.06 22.32 -26.73
C PRO H 85 20.96 21.19 -26.25
N LYS H 86 20.91 20.93 -24.95
CA LYS H 86 21.73 19.85 -24.40
C LYS H 86 21.34 18.52 -25.03
N ASP H 87 20.06 18.36 -25.35
CA ASP H 87 19.53 17.15 -25.97
C ASP H 87 19.93 16.99 -27.44
N ILE H 88 20.46 18.04 -28.05
CA ILE H 88 20.84 17.95 -29.45
C ILE H 88 21.67 16.71 -29.69
N GLY H 89 21.48 16.10 -30.86
CA GLY H 89 22.24 14.92 -31.20
C GLY H 89 21.59 13.65 -30.71
N ARG H 90 20.66 13.76 -29.79
CA ARG H 90 19.99 12.57 -29.26
C ARG H 90 18.82 12.12 -30.10
N PRO H 91 18.28 10.94 -29.78
CA PRO H 91 17.14 10.41 -30.53
C PRO H 91 15.86 11.17 -30.20
N LYS H 92 15.26 11.81 -31.20
CA LYS H 92 14.04 12.55 -30.97
C LYS H 92 13.06 11.70 -30.18
N ALA H 93 12.74 10.55 -30.72
CA ALA H 93 11.81 9.66 -30.05
C ALA H 93 12.16 9.44 -28.59
N GLU H 94 13.45 9.25 -28.32
CA GLU H 94 13.93 8.99 -26.96
C GLU H 94 13.64 10.13 -26.04
N VAL H 95 14.26 11.28 -26.35
CA VAL H 95 14.08 12.48 -25.56
C VAL H 95 12.60 12.78 -25.40
N ALA H 96 11.87 12.74 -26.50
CA ALA H 96 10.45 13.02 -26.45
C ALA H 96 9.84 12.32 -25.28
N ALA H 97 9.96 10.99 -25.27
CA ALA H 97 9.39 10.18 -24.20
C ALA H 97 10.03 10.52 -22.86
N GLU H 98 11.34 10.63 -22.86
CA GLU H 98 12.06 10.95 -21.63
C GLU H 98 11.39 12.12 -20.96
N PHE H 99 11.34 13.25 -21.64
CA PHE H 99 10.73 14.46 -21.13
C PHE H 99 9.27 14.23 -20.72
N LEU H 100 8.44 13.86 -21.67
CA LEU H 100 7.04 13.67 -21.34
C LEU H 100 6.74 12.76 -20.15
N ASN H 101 7.42 11.62 -20.08
CA ASN H 101 7.19 10.68 -18.99
C ASN H 101 7.59 11.31 -17.68
N ASP H 102 8.22 12.46 -17.77
CA ASP H 102 8.67 13.16 -16.58
C ASP H 102 7.72 14.28 -16.20
N ARG H 103 7.44 15.16 -17.17
CA ARG H 103 6.56 16.32 -16.93
C ARG H 103 5.17 15.91 -16.52
N VAL H 104 4.70 14.79 -17.05
CA VAL H 104 3.37 14.32 -16.73
C VAL H 104 3.39 13.09 -15.84
N PRO H 105 3.32 13.29 -14.52
CA PRO H 105 3.33 12.27 -13.49
C PRO H 105 3.40 10.81 -13.86
N ASN H 106 2.27 10.18 -14.10
CA ASN H 106 2.32 8.75 -14.38
C ASN H 106 2.19 8.29 -15.82
N CYS H 107 2.61 9.12 -16.76
CA CYS H 107 2.53 8.76 -18.15
C CYS H 107 3.49 7.61 -18.39
N ASN H 108 3.26 6.85 -19.45
CA ASN H 108 4.11 5.70 -19.79
C ASN H 108 4.43 5.66 -21.28
N VAL H 109 5.11 6.68 -21.76
CA VAL H 109 5.45 6.75 -23.17
C VAL H 109 6.63 5.88 -23.55
N VAL H 110 6.47 5.10 -24.60
CA VAL H 110 7.52 4.21 -25.09
C VAL H 110 8.06 4.69 -26.42
N PRO H 111 9.33 5.08 -26.45
CA PRO H 111 9.94 5.55 -27.69
C PRO H 111 10.34 4.43 -28.64
N HIS H 112 10.60 4.76 -29.89
CA HIS H 112 10.99 3.75 -30.86
C HIS H 112 11.86 4.43 -31.89
N PHE H 113 13.17 4.39 -31.66
CA PHE H 113 14.10 5.01 -32.57
C PHE H 113 14.07 4.25 -33.89
N ASN H 114 12.98 4.37 -34.64
CA ASN H 114 12.86 3.66 -35.90
C ASN H 114 12.14 4.49 -36.92
N LYS H 115 12.09 3.99 -38.15
CA LYS H 115 11.34 4.66 -39.18
C LYS H 115 10.17 3.70 -39.40
N ILE H 116 8.94 4.19 -39.24
CA ILE H 116 7.74 3.36 -39.36
C ILE H 116 7.83 2.12 -40.25
N GLN H 117 8.48 2.25 -41.40
CA GLN H 117 8.62 1.13 -42.32
C GLN H 117 9.50 -0.01 -41.77
N ASP H 118 9.85 0.05 -40.49
CA ASP H 118 10.66 -0.98 -39.88
C ASP H 118 9.75 -2.05 -39.32
N PHE H 119 8.56 -1.68 -38.90
CA PHE H 119 7.65 -2.67 -38.34
C PHE H 119 6.70 -3.28 -39.35
N ASN H 120 6.08 -4.40 -38.99
CA ASN H 120 5.13 -5.07 -39.86
C ASN H 120 3.83 -5.29 -39.11
N ASP H 121 2.73 -5.50 -39.84
CA ASP H 121 1.40 -5.69 -39.23
C ASP H 121 1.42 -6.10 -37.76
N THR H 122 2.11 -7.18 -37.46
CA THR H 122 2.22 -7.66 -36.10
C THR H 122 2.28 -6.51 -35.11
N PHE H 123 3.21 -5.59 -35.37
CA PHE H 123 3.45 -4.44 -34.51
C PHE H 123 2.30 -3.47 -34.39
N TYR H 124 1.79 -3.01 -35.52
CA TYR H 124 0.71 -2.04 -35.52
C TYR H 124 -0.63 -2.58 -35.03
N ARG H 125 -0.89 -3.88 -35.18
CA ARG H 125 -2.15 -4.41 -34.70
C ARG H 125 -2.33 -4.06 -33.22
N GLN H 126 -1.22 -3.84 -32.52
CA GLN H 126 -1.23 -3.52 -31.10
C GLN H 126 -2.13 -2.38 -30.70
N PHE H 127 -2.02 -1.27 -31.43
CA PHE H 127 -2.75 -0.04 -31.13
C PHE H 127 -4.20 0.11 -31.53
N HIS H 128 -4.93 0.92 -30.75
CA HIS H 128 -6.34 1.19 -30.99
C HIS H 128 -6.47 2.37 -31.92
N ILE H 129 -5.57 3.34 -31.79
CA ILE H 129 -5.59 4.54 -32.62
C ILE H 129 -4.19 4.93 -32.99
N ILE H 130 -4.04 5.62 -34.11
CA ILE H 130 -2.72 6.06 -34.54
C ILE H 130 -2.81 7.50 -35.05
N VAL H 131 -1.90 8.36 -34.63
CA VAL H 131 -1.91 9.73 -35.10
C VAL H 131 -0.62 10.07 -35.81
N CYS H 132 -0.72 10.66 -36.98
CA CYS H 132 0.49 11.01 -37.70
C CYS H 132 0.90 12.46 -37.62
N GLY H 133 2.18 12.68 -37.87
CA GLY H 133 2.74 14.00 -37.83
C GLY H 133 4.02 13.86 -38.59
N LEU H 134 3.89 13.24 -39.75
CA LEU H 134 5.02 12.99 -40.64
C LEU H 134 5.31 14.16 -41.57
N ASP H 135 6.56 14.26 -42.02
CA ASP H 135 6.91 15.36 -42.91
C ASP H 135 7.11 14.96 -44.38
N SER H 136 6.62 13.80 -44.75
CA SER H 136 6.74 13.36 -46.14
C SER H 136 5.39 12.83 -46.57
N ILE H 137 5.21 12.56 -47.86
CA ILE H 137 3.93 12.03 -48.29
C ILE H 137 4.00 10.52 -48.24
N ILE H 138 5.07 10.01 -48.86
CA ILE H 138 5.33 8.58 -48.93
C ILE H 138 4.96 7.96 -47.59
N ALA H 139 5.66 8.39 -46.55
CA ALA H 139 5.44 7.89 -45.21
C ALA H 139 3.94 7.80 -44.94
N ARG H 140 3.23 8.91 -45.13
CA ARG H 140 1.79 8.91 -44.90
C ARG H 140 1.18 7.80 -45.70
N ARG H 141 1.43 7.83 -47.00
CA ARG H 141 0.90 6.78 -47.87
C ARG H 141 1.23 5.39 -47.32
N TRP H 142 2.50 5.18 -46.98
CA TRP H 142 2.93 3.90 -46.45
C TRP H 142 2.12 3.46 -45.24
N ILE H 143 2.17 4.25 -44.16
CA ILE H 143 1.43 3.89 -42.98
C ILE H 143 -0.05 3.71 -43.30
N ASN H 144 -0.49 4.39 -44.37
CA ASN H 144 -1.89 4.31 -44.79
C ASN H 144 -2.16 2.91 -45.25
N GLY H 145 -1.20 2.32 -45.93
CA GLY H 145 -1.37 0.96 -46.37
C GLY H 145 -1.38 0.05 -45.16
N MET H 146 -0.23 -0.03 -44.50
CA MET H 146 -0.11 -0.87 -43.32
C MET H 146 -1.39 -0.93 -42.51
N LEU H 147 -2.04 0.22 -42.31
CA LEU H 147 -3.26 0.24 -41.51
C LEU H 147 -4.47 -0.38 -42.18
N ILE H 148 -4.36 -0.63 -43.48
CA ILE H 148 -5.46 -1.23 -44.21
C ILE H 148 -5.28 -2.74 -44.24
N SER H 149 -4.05 -3.17 -44.47
CA SER H 149 -3.75 -4.59 -44.52
C SER H 149 -4.28 -5.28 -43.27
N LEU H 150 -4.48 -4.51 -42.21
CA LEU H 150 -4.99 -5.07 -40.98
C LEU H 150 -6.46 -5.42 -41.12
N LEU H 151 -7.12 -4.74 -42.06
CA LEU H 151 -8.53 -4.97 -42.28
C LEU H 151 -8.80 -6.43 -42.54
N ASN H 152 -9.81 -6.97 -41.87
CA ASN H 152 -10.18 -8.36 -42.01
C ASN H 152 -11.55 -8.45 -42.68
N TYR H 153 -11.61 -9.11 -43.84
CA TYR H 153 -12.85 -9.25 -44.59
C TYR H 153 -13.54 -10.63 -44.52
N GLU H 154 -14.67 -10.66 -43.82
CA GLU H 154 -15.47 -11.88 -43.64
C GLU H 154 -16.40 -12.09 -44.85
N ASP H 155 -15.84 -12.62 -45.94
CA ASP H 155 -16.63 -12.86 -47.14
C ASP H 155 -17.33 -11.60 -47.62
N GLY H 156 -16.54 -10.59 -48.00
CA GLY H 156 -17.11 -9.35 -48.48
C GLY H 156 -17.48 -8.35 -47.39
N VAL H 157 -17.75 -8.85 -46.19
CA VAL H 157 -18.12 -8.01 -45.05
C VAL H 157 -16.89 -7.60 -44.21
N LEU H 158 -16.80 -6.32 -43.89
CA LEU H 158 -15.67 -5.82 -43.11
C LEU H 158 -15.89 -6.00 -41.61
N ASP H 159 -14.93 -6.62 -40.95
CA ASP H 159 -15.00 -6.84 -39.51
C ASP H 159 -14.68 -5.51 -38.83
N PRO H 160 -15.68 -4.89 -38.16
CA PRO H 160 -15.50 -3.61 -37.47
C PRO H 160 -14.25 -3.54 -36.61
N SER H 161 -14.00 -4.61 -35.85
CA SER H 161 -12.83 -4.64 -34.99
C SER H 161 -11.52 -4.98 -35.69
N SER H 162 -11.37 -4.56 -36.95
CA SER H 162 -10.15 -4.82 -37.69
C SER H 162 -9.73 -3.49 -38.30
N ILE H 163 -10.45 -2.45 -37.89
CA ILE H 163 -10.16 -1.11 -38.37
C ILE H 163 -9.47 -0.30 -37.29
N VAL H 164 -8.32 0.27 -37.63
CA VAL H 164 -7.56 1.07 -36.71
C VAL H 164 -7.63 2.51 -37.16
N PRO H 165 -8.35 3.36 -36.42
CA PRO H 165 -8.50 4.78 -36.76
C PRO H 165 -7.15 5.45 -36.93
N LEU H 166 -6.98 6.11 -38.06
CA LEU H 166 -5.73 6.79 -38.35
C LEU H 166 -5.99 8.27 -38.47
N ILE H 167 -5.55 9.08 -37.50
CA ILE H 167 -5.73 10.52 -37.61
C ILE H 167 -4.44 11.12 -38.16
N ASP H 168 -4.53 11.95 -39.19
CA ASP H 168 -3.34 12.56 -39.77
C ASP H 168 -3.29 14.09 -39.61
N GLY H 169 -2.06 14.59 -39.43
CA GLY H 169 -1.84 16.02 -39.27
C GLY H 169 -0.89 16.56 -40.33
N GLY H 170 -1.15 17.78 -40.78
CA GLY H 170 -0.30 18.36 -41.79
C GLY H 170 -0.06 19.81 -41.48
N THR H 171 1.15 20.26 -41.75
CA THR H 171 1.52 21.62 -41.49
C THR H 171 2.40 22.10 -42.61
N GLU H 172 2.53 23.41 -42.75
CA GLU H 172 3.36 23.97 -43.79
C GLU H 172 3.18 25.45 -43.69
N GLY H 173 4.07 26.10 -42.95
CA GLY H 173 3.95 27.53 -42.80
C GLY H 173 2.76 27.83 -41.92
N PHE H 174 1.90 28.73 -42.35
CA PHE H 174 0.73 29.08 -41.58
C PHE H 174 -0.49 28.27 -41.96
N LYS H 175 -0.34 27.40 -42.94
CA LYS H 175 -1.44 26.57 -43.39
C LYS H 175 -1.30 25.19 -42.75
N GLY H 176 -2.42 24.52 -42.52
CA GLY H 176 -2.34 23.20 -41.92
C GLY H 176 -3.60 22.44 -42.26
N ASN H 177 -3.58 21.12 -42.07
CA ASN H 177 -4.76 20.29 -42.33
C ASN H 177 -4.76 19.06 -41.44
N ALA H 178 -5.95 18.63 -41.02
CA ALA H 178 -6.11 17.48 -40.14
C ALA H 178 -7.25 16.67 -40.68
N ARG H 179 -7.11 15.34 -40.60
CA ARG H 179 -8.13 14.43 -41.11
C ARG H 179 -8.31 13.19 -40.26
N VAL H 180 -9.47 12.56 -40.37
CA VAL H 180 -9.78 11.33 -39.63
C VAL H 180 -9.99 10.24 -40.67
N ILE H 181 -9.46 9.06 -40.38
CA ILE H 181 -9.59 7.97 -41.32
C ILE H 181 -10.03 6.69 -40.66
N LEU H 182 -10.85 5.94 -41.36
CA LEU H 182 -11.29 4.67 -40.83
C LEU H 182 -11.14 3.71 -41.98
N PRO H 183 -9.89 3.42 -42.35
CA PRO H 183 -9.60 2.51 -43.47
C PRO H 183 -10.70 1.46 -43.69
N GLY H 184 -11.35 1.53 -44.86
CA GLY H 184 -12.39 0.58 -45.17
C GLY H 184 -13.77 1.13 -44.86
N MET H 185 -13.86 2.45 -44.80
CA MET H 185 -15.12 3.14 -44.55
C MET H 185 -14.97 4.59 -44.98
N THR H 186 -14.10 5.33 -44.30
CA THR H 186 -13.83 6.72 -44.65
C THR H 186 -12.74 6.78 -45.71
N ALA H 187 -12.67 7.89 -46.43
CA ALA H 187 -11.66 8.03 -47.47
C ALA H 187 -10.27 7.94 -46.86
N CYS H 188 -9.41 7.14 -47.49
CA CYS H 188 -8.04 6.96 -47.01
C CYS H 188 -7.12 8.08 -47.49
N ILE H 189 -5.82 7.87 -47.31
CA ILE H 189 -4.82 8.85 -47.73
C ILE H 189 -4.69 8.81 -49.23
N GLU H 190 -4.76 7.59 -49.77
CA GLU H 190 -4.64 7.33 -51.20
C GLU H 190 -5.85 7.84 -51.95
N CYS H 191 -6.97 7.95 -51.25
CA CYS H 191 -8.19 8.46 -51.86
C CYS H 191 -7.99 9.93 -52.23
N THR H 192 -7.85 10.78 -51.20
CA THR H 192 -7.63 12.22 -51.40
C THR H 192 -6.18 12.54 -51.67
N LEU H 193 -5.55 11.73 -52.51
CA LEU H 193 -4.15 11.89 -52.84
C LEU H 193 -3.85 13.11 -53.68
N GLU H 194 -4.83 13.58 -54.44
CA GLU H 194 -4.62 14.75 -55.29
C GLU H 194 -4.84 16.10 -54.62
N LEU H 195 -5.18 16.07 -53.34
CA LEU H 195 -5.37 17.33 -52.63
C LEU H 195 -4.02 17.95 -52.36
N TYR H 196 -2.94 17.20 -52.59
CA TYR H 196 -1.60 17.71 -52.37
C TYR H 196 -1.19 18.54 -53.59
N PRO H 197 -0.56 19.68 -53.35
CA PRO H 197 -0.11 20.58 -54.42
C PRO H 197 0.93 19.92 -55.32
N PRO H 198 1.25 20.56 -56.45
CA PRO H 198 2.24 20.01 -57.37
C PRO H 198 3.64 20.44 -56.94
N GLN H 199 4.52 19.46 -56.72
CA GLN H 199 5.88 19.78 -56.31
C GLN H 199 6.62 20.54 -57.41
N VAL H 200 7.05 21.75 -57.10
CA VAL H 200 7.76 22.57 -58.08
C VAL H 200 9.05 21.86 -58.52
N ASN H 201 9.05 21.39 -59.77
CA ASN H 201 10.21 20.68 -60.32
C ASN H 201 10.82 21.41 -61.52
N PHE H 202 12.06 21.86 -61.35
CA PHE H 202 12.80 22.59 -62.36
C PHE H 202 13.25 21.72 -63.54
N PRO H 203 12.95 22.16 -64.78
CA PRO H 203 13.36 21.39 -65.96
C PRO H 203 14.88 21.53 -66.08
N MET H 204 15.60 20.41 -65.97
CA MET H 204 17.06 20.46 -66.03
C MET H 204 17.60 21.40 -67.09
N ALA H 205 16.88 21.50 -68.20
CA ALA H 205 17.27 22.38 -69.30
C ALA H 205 17.70 23.75 -68.78
N THR H 206 16.74 24.47 -68.17
CA THR H 206 16.99 25.81 -67.64
C THR H 206 18.06 25.85 -66.57
N ILE H 207 18.16 24.79 -65.77
CA ILE H 207 19.13 24.72 -64.70
C ILE H 207 20.57 24.71 -65.18
N ALA H 208 20.78 24.23 -66.39
CA ALA H 208 22.13 24.16 -66.95
C ALA H 208 22.35 25.09 -68.14
N SER H 209 21.27 25.40 -68.84
CA SER H 209 21.34 26.26 -70.01
C SER H 209 20.87 27.70 -69.80
N MET H 210 19.72 27.88 -69.14
CA MET H 210 19.18 29.23 -68.92
C MET H 210 18.62 29.46 -67.51
N PRO H 211 19.50 29.80 -66.56
CA PRO H 211 19.09 30.06 -65.19
C PRO H 211 18.44 31.43 -65.18
N ARG H 212 17.58 31.69 -64.20
CA ARG H 212 16.92 32.99 -64.11
C ARG H 212 16.80 33.41 -62.65
N LEU H 213 16.52 32.44 -61.79
CA LEU H 213 16.34 32.69 -60.36
C LEU H 213 17.53 32.17 -59.55
N PRO H 214 17.79 32.80 -58.39
CA PRO H 214 18.91 32.35 -57.56
C PRO H 214 18.77 30.86 -57.29
N GLU H 215 17.52 30.41 -57.25
CA GLU H 215 17.21 29.01 -57.01
C GLU H 215 17.85 28.13 -58.10
N HIS H 216 17.70 28.55 -59.35
CA HIS H 216 18.26 27.82 -60.47
C HIS H 216 19.75 27.67 -60.41
N CYS H 217 20.43 28.59 -59.74
CA CYS H 217 21.86 28.49 -59.61
C CYS H 217 22.17 27.44 -58.58
N ILE H 218 21.61 27.62 -57.39
CA ILE H 218 21.84 26.65 -56.32
C ILE H 218 21.52 25.25 -56.82
N GLU H 219 20.27 25.04 -57.24
CA GLU H 219 19.82 23.74 -57.72
C GLU H 219 20.82 23.10 -58.70
N TYR H 220 21.60 23.94 -59.37
CA TYR H 220 22.60 23.46 -60.32
C TYR H 220 23.79 22.95 -59.51
N VAL H 221 24.39 23.86 -58.76
CA VAL H 221 25.54 23.51 -57.92
C VAL H 221 25.25 22.30 -57.03
N ARG H 222 23.99 21.87 -56.98
CA ARG H 222 23.66 20.72 -56.17
C ARG H 222 23.37 19.51 -57.04
N MET H 223 22.35 19.62 -57.88
CA MET H 223 21.92 18.55 -58.75
C MET H 223 22.96 18.09 -59.76
N LEU H 224 23.95 18.93 -60.03
CA LEU H 224 24.97 18.59 -61.02
C LEU H 224 26.43 18.82 -60.65
N GLN H 225 26.79 20.07 -60.33
CA GLN H 225 28.17 20.40 -60.01
C GLN H 225 28.84 19.58 -58.92
N TRP H 226 28.09 19.15 -57.92
CA TRP H 226 28.67 18.35 -56.85
C TRP H 226 28.95 16.94 -57.36
N PRO H 227 27.93 16.26 -57.91
CA PRO H 227 28.11 14.90 -58.43
C PRO H 227 29.23 14.84 -59.47
N LYS H 228 29.54 15.98 -60.07
CA LYS H 228 30.59 16.03 -61.07
C LYS H 228 31.97 16.05 -60.44
N GLU H 229 32.36 17.19 -59.86
CA GLU H 229 33.68 17.32 -59.25
C GLU H 229 33.76 16.93 -57.78
N GLN H 230 33.21 15.76 -57.43
CA GLN H 230 33.21 15.24 -56.05
C GLN H 230 33.91 16.18 -55.07
N PRO H 231 33.16 17.16 -54.54
CA PRO H 231 33.59 18.19 -53.59
C PRO H 231 34.47 17.74 -52.42
N PHE H 232 33.97 16.78 -51.65
CA PHE H 232 34.72 16.28 -50.51
C PHE H 232 35.05 14.81 -50.71
N GLY H 233 35.95 14.53 -51.65
CA GLY H 233 36.34 13.15 -51.92
C GLY H 233 35.33 12.46 -52.82
N GLU H 234 35.77 11.41 -53.49
CA GLU H 234 34.89 10.66 -54.39
C GLU H 234 33.87 9.84 -53.62
N GLY H 235 32.76 9.52 -54.29
CA GLY H 235 31.70 8.72 -53.69
C GLY H 235 30.93 9.41 -52.58
N VAL H 236 31.59 10.33 -51.87
CA VAL H 236 30.97 11.04 -50.76
C VAL H 236 29.72 11.84 -51.17
N PRO H 237 28.58 11.56 -50.51
CA PRO H 237 27.29 12.21 -50.76
C PRO H 237 27.23 13.63 -50.23
N LEU H 238 26.23 14.38 -50.67
CA LEU H 238 26.02 15.75 -50.23
C LEU H 238 25.16 15.79 -48.98
N ASP H 239 25.82 15.98 -47.83
CA ASP H 239 25.12 16.02 -46.55
C ASP H 239 24.52 17.39 -46.34
N GLY H 240 23.25 17.52 -46.73
CA GLY H 240 22.56 18.79 -46.59
C GLY H 240 22.73 19.51 -45.26
N ASP H 241 22.94 18.76 -44.19
CA ASP H 241 23.07 19.36 -42.88
C ASP H 241 24.49 19.81 -42.52
N ASP H 242 25.48 19.29 -43.26
CA ASP H 242 26.89 19.63 -43.00
C ASP H 242 27.28 21.02 -43.52
N PRO H 243 27.33 22.01 -42.62
CA PRO H 243 27.68 23.38 -42.96
C PRO H 243 28.69 23.51 -44.09
N GLU H 244 29.87 22.95 -43.88
CA GLU H 244 30.92 23.02 -44.89
C GLU H 244 30.43 22.65 -46.29
N HIS H 245 29.44 21.76 -46.37
CA HIS H 245 28.87 21.35 -47.65
C HIS H 245 28.02 22.48 -48.24
N ILE H 246 27.11 23.00 -47.43
CA ILE H 246 26.27 24.09 -47.86
C ILE H 246 27.15 25.28 -48.19
N GLN H 247 28.09 25.57 -47.28
CA GLN H 247 29.01 26.69 -47.47
C GLN H 247 29.63 26.60 -48.85
N TRP H 248 30.04 25.40 -49.23
CA TRP H 248 30.64 25.20 -50.53
C TRP H 248 29.57 25.45 -51.61
N ILE H 249 28.44 24.74 -51.51
CA ILE H 249 27.37 24.88 -52.48
C ILE H 249 26.96 26.35 -52.58
N PHE H 250 26.95 27.01 -51.44
CA PHE H 250 26.59 28.41 -51.40
C PHE H 250 27.59 29.14 -52.25
N GLN H 251 28.87 28.96 -51.92
CA GLN H 251 29.98 29.58 -52.62
C GLN H 251 29.90 29.36 -54.13
N LYS H 252 29.68 28.11 -54.52
CA LYS H 252 29.57 27.77 -55.93
C LYS H 252 28.31 28.30 -56.59
N SER H 253 27.21 28.37 -55.84
CA SER H 253 25.98 28.91 -56.42
C SER H 253 26.17 30.41 -56.53
N LEU H 254 27.00 30.94 -55.64
CA LEU H 254 27.28 32.36 -55.60
C LEU H 254 28.08 32.74 -56.85
N GLU H 255 28.99 31.85 -57.25
CA GLU H 255 29.81 32.09 -58.42
C GLU H 255 28.96 31.90 -59.66
N ARG H 256 28.12 30.87 -59.66
CA ARG H 256 27.25 30.60 -60.81
C ARG H 256 26.31 31.79 -61.04
N ALA H 257 25.71 32.26 -59.97
CA ALA H 257 24.81 33.39 -60.05
C ALA H 257 25.53 34.52 -60.77
N SER H 258 26.77 34.75 -60.36
CA SER H 258 27.59 35.81 -60.95
C SER H 258 27.76 35.64 -62.45
N GLN H 259 28.02 34.40 -62.90
CA GLN H 259 28.21 34.13 -64.32
C GLN H 259 27.05 34.68 -65.13
N TYR H 260 25.84 34.26 -64.79
CA TYR H 260 24.64 34.71 -65.49
C TYR H 260 24.09 35.93 -64.79
N ASN H 261 24.90 36.50 -63.91
CA ASN H 261 24.58 37.67 -63.09
C ASN H 261 23.13 37.74 -62.59
N ILE H 262 22.77 36.74 -61.79
CA ILE H 262 21.45 36.65 -61.17
C ILE H 262 21.69 36.97 -59.70
N ARG H 263 21.12 38.07 -59.22
CA ARG H 263 21.30 38.46 -57.83
C ARG H 263 20.27 37.76 -56.97
N GLY H 264 20.59 37.60 -55.70
CA GLY H 264 19.64 36.96 -54.80
C GLY H 264 20.07 35.68 -54.15
N VAL H 265 21.36 35.37 -54.15
CA VAL H 265 21.80 34.14 -53.53
C VAL H 265 22.28 34.38 -52.10
N THR H 266 21.49 33.90 -51.14
CA THR H 266 21.82 34.03 -49.73
C THR H 266 22.06 32.64 -49.15
N TYR H 267 22.94 32.54 -48.15
CA TYR H 267 23.22 31.25 -47.52
C TYR H 267 21.90 30.59 -47.15
N ARG H 268 21.05 31.35 -46.47
CA ARG H 268 19.74 30.85 -46.06
C ARG H 268 18.99 30.21 -47.21
N LEU H 269 19.11 30.79 -48.40
CA LEU H 269 18.42 30.24 -49.56
C LEU H 269 19.12 28.99 -50.06
N THR H 270 20.44 28.96 -49.97
CA THR H 270 21.18 27.80 -50.42
C THR H 270 20.68 26.62 -49.61
N GLN H 271 20.39 26.86 -48.34
CA GLN H 271 19.87 25.79 -47.48
C GLN H 271 18.48 25.42 -47.95
N GLY H 272 17.65 26.45 -48.15
CA GLY H 272 16.29 26.21 -48.59
C GLY H 272 16.25 25.27 -49.77
N VAL H 273 16.93 25.65 -50.85
CA VAL H 273 16.99 24.84 -52.07
C VAL H 273 17.53 23.45 -51.81
N VAL H 274 18.68 23.38 -51.14
CA VAL H 274 19.32 22.12 -50.83
C VAL H 274 18.51 21.19 -49.96
N LYS H 275 18.05 21.67 -48.81
CA LYS H 275 17.28 20.81 -47.94
C LYS H 275 15.81 20.74 -48.23
N ARG H 276 15.33 21.48 -49.24
CA ARG H 276 13.89 21.48 -49.53
C ARG H 276 13.16 21.75 -48.21
N ILE H 277 13.53 22.86 -47.57
CA ILE H 277 12.99 23.28 -46.28
C ILE H 277 11.57 23.83 -46.34
N ILE H 278 10.81 23.58 -45.28
CA ILE H 278 9.45 24.06 -45.19
C ILE H 278 9.38 24.96 -43.99
N PRO H 279 9.13 26.25 -44.19
CA PRO H 279 9.04 27.24 -43.12
C PRO H 279 8.03 26.77 -42.13
N ALA H 280 8.31 26.89 -40.84
CA ALA H 280 7.35 26.43 -39.85
C ALA H 280 7.55 27.14 -38.53
N VAL H 281 6.50 27.21 -37.72
CA VAL H 281 6.57 27.85 -36.41
C VAL H 281 5.62 27.13 -35.50
N ALA H 282 5.76 27.34 -34.19
CA ALA H 282 4.90 26.67 -33.20
C ALA H 282 3.41 26.84 -33.48
N SER H 283 2.99 28.12 -33.47
CA SER H 283 1.61 28.57 -33.71
C SER H 283 0.79 27.50 -34.38
N THR H 284 1.06 27.32 -35.67
CA THR H 284 0.38 26.34 -36.50
C THR H 284 0.32 24.92 -35.97
N ASN H 285 1.48 24.32 -35.78
CA ASN H 285 1.53 22.97 -35.29
C ASN H 285 0.60 22.84 -34.09
N ALA H 286 0.72 23.78 -33.16
CA ALA H 286 -0.10 23.74 -31.97
C ALA H 286 -1.54 23.45 -32.34
N VAL H 287 -2.06 24.28 -33.26
CA VAL H 287 -3.44 24.18 -33.75
C VAL H 287 -3.79 22.79 -34.30
N ILE H 288 -3.19 22.43 -35.42
CA ILE H 288 -3.44 21.14 -36.03
C ILE H 288 -3.35 20.01 -35.00
N ALA H 289 -2.21 19.90 -34.35
CA ALA H 289 -2.00 18.87 -33.36
C ALA H 289 -3.14 18.85 -32.35
N ALA H 290 -3.50 20.02 -31.83
CA ALA H 290 -4.58 20.14 -30.85
C ALA H 290 -5.91 19.64 -31.41
N VAL H 291 -6.03 19.65 -32.73
CA VAL H 291 -7.24 19.16 -33.35
C VAL H 291 -7.19 17.65 -33.35
N CYS H 292 -6.20 17.08 -34.03
CA CYS H 292 -6.05 15.63 -34.10
C CYS H 292 -6.20 15.05 -32.70
N ALA H 293 -5.56 15.71 -31.76
CA ALA H 293 -5.59 15.28 -30.37
C ALA H 293 -7.03 14.99 -29.98
N THR H 294 -7.84 16.04 -29.97
CA THR H 294 -9.25 15.93 -29.59
C THR H 294 -9.90 14.76 -30.29
N GLU H 295 -9.78 14.68 -31.61
CA GLU H 295 -10.37 13.61 -32.38
C GLU H 295 -10.07 12.23 -31.77
N VAL H 296 -8.79 11.99 -31.48
CA VAL H 296 -8.39 10.74 -30.87
C VAL H 296 -9.23 10.57 -29.63
N PHE H 297 -9.17 11.55 -28.74
CA PHE H 297 -9.94 11.50 -27.51
C PHE H 297 -11.41 11.20 -27.79
N LYS H 298 -11.92 11.76 -28.87
CA LYS H 298 -13.31 11.52 -29.22
C LYS H 298 -13.43 10.06 -29.60
N ILE H 299 -12.69 9.67 -30.64
CA ILE H 299 -12.71 8.30 -31.10
C ILE H 299 -12.57 7.31 -29.96
N ALA H 300 -11.57 7.51 -29.11
CA ALA H 300 -11.33 6.61 -28.00
C ALA H 300 -12.43 6.59 -26.94
N THR H 301 -12.96 7.73 -26.57
CA THR H 301 -14.01 7.74 -25.56
C THR H 301 -15.42 7.73 -26.14
N SER H 302 -15.56 8.19 -27.37
CA SER H 302 -16.89 8.24 -27.99
C SER H 302 -17.74 9.24 -27.23
N ALA H 303 -17.13 10.34 -26.79
CA ALA H 303 -17.83 11.37 -26.04
C ALA H 303 -18.38 12.43 -26.95
N TYR H 304 -18.09 12.29 -28.24
CA TYR H 304 -18.56 13.20 -29.28
C TYR H 304 -18.36 12.55 -30.64
N ILE H 305 -18.95 13.14 -31.67
CA ILE H 305 -18.83 12.58 -33.01
C ILE H 305 -17.52 12.99 -33.67
N PRO H 306 -16.75 11.99 -34.11
CA PRO H 306 -15.45 12.20 -34.77
C PRO H 306 -15.59 13.11 -35.97
N LEU H 307 -14.62 14.01 -36.13
CA LEU H 307 -14.62 14.95 -37.25
C LEU H 307 -14.88 14.18 -38.52
N ASN H 308 -15.43 14.84 -39.52
CA ASN H 308 -15.67 14.13 -40.77
C ASN H 308 -14.53 14.24 -41.76
N ASN H 309 -13.54 13.38 -41.52
CA ASN H 309 -12.34 13.26 -42.34
C ASN H 309 -11.66 14.45 -42.98
N TYR H 310 -11.82 15.66 -42.43
CA TYR H 310 -11.08 16.79 -42.99
C TYR H 310 -11.24 18.18 -42.42
N LEU H 311 -10.16 18.94 -42.52
CA LEU H 311 -10.12 20.31 -42.03
C LEU H 311 -8.87 21.01 -42.54
N VAL H 312 -9.04 22.22 -43.04
CA VAL H 312 -7.92 23.00 -43.53
C VAL H 312 -7.85 24.25 -42.67
N PHE H 313 -6.64 24.72 -42.41
CA PHE H 313 -6.46 25.86 -41.53
C PHE H 313 -5.56 26.90 -42.17
N ASN H 314 -5.80 28.19 -41.88
CA ASN H 314 -4.97 29.23 -42.45
C ASN H 314 -4.91 30.52 -41.64
N ASP H 315 -3.69 30.89 -41.25
CA ASP H 315 -3.42 32.06 -40.42
C ASP H 315 -3.07 33.36 -41.12
N VAL H 316 -2.63 33.31 -42.37
CA VAL H 316 -2.22 34.52 -43.09
C VAL H 316 -3.21 35.68 -43.08
N ASP H 317 -4.47 35.42 -43.39
CA ASP H 317 -5.46 36.48 -43.39
C ASP H 317 -6.51 36.12 -42.36
N GLY H 318 -6.36 36.61 -41.14
CA GLY H 318 -7.31 36.27 -40.10
C GLY H 318 -7.26 34.77 -39.82
N LEU H 319 -8.33 34.21 -39.27
CA LEU H 319 -8.36 32.79 -39.00
C LEU H 319 -9.41 32.17 -39.89
N TYR H 320 -9.08 31.07 -40.54
CA TYR H 320 -10.03 30.43 -41.43
C TYR H 320 -9.90 28.92 -41.34
N THR H 321 -11.02 28.22 -41.29
CA THR H 321 -10.96 26.76 -41.25
C THR H 321 -12.13 26.07 -41.90
N TYR H 322 -11.96 25.64 -43.15
CA TYR H 322 -13.01 24.93 -43.85
C TYR H 322 -12.98 23.50 -43.37
N THR H 323 -14.16 22.94 -43.06
CA THR H 323 -14.24 21.57 -42.57
C THR H 323 -15.19 20.79 -43.46
N PHE H 324 -14.68 19.82 -44.20
CA PHE H 324 -15.56 19.07 -45.09
C PHE H 324 -15.39 17.57 -45.02
N GLU H 325 -16.33 16.84 -45.62
CA GLU H 325 -16.31 15.37 -45.65
C GLU H 325 -15.88 14.80 -46.99
N ALA H 326 -14.58 14.68 -47.23
CA ALA H 326 -14.09 14.14 -48.50
C ALA H 326 -14.74 12.81 -48.85
N GLU H 327 -14.99 12.60 -50.14
CA GLU H 327 -15.63 11.38 -50.62
C GLU H 327 -14.60 10.28 -50.80
N ARG H 328 -14.98 9.05 -50.48
CA ARG H 328 -14.09 7.92 -50.64
C ARG H 328 -14.13 7.37 -52.06
N LYS H 329 -13.09 7.64 -52.85
CA LYS H 329 -13.05 7.14 -54.22
C LYS H 329 -13.36 5.65 -54.26
N GLU H 330 -14.43 5.28 -54.96
CA GLU H 330 -14.86 3.88 -55.06
C GLU H 330 -13.87 3.03 -55.83
N ASN H 331 -12.79 3.65 -56.29
CA ASN H 331 -11.77 2.94 -57.03
C ASN H 331 -10.38 3.22 -56.46
N CYS H 332 -10.32 3.54 -55.17
CA CYS H 332 -9.05 3.85 -54.52
C CYS H 332 -8.08 2.71 -54.73
N PRO H 333 -6.92 3.00 -55.35
CA PRO H 333 -5.90 1.98 -55.60
C PRO H 333 -5.64 1.20 -54.33
N ALA H 334 -5.91 1.85 -53.20
CA ALA H 334 -5.67 1.24 -51.89
C ALA H 334 -6.88 0.74 -51.11
N CYS H 335 -7.80 1.62 -50.72
CA CYS H 335 -8.93 1.14 -49.94
C CYS H 335 -10.04 0.46 -50.73
N SER H 336 -9.71 -0.07 -51.91
CA SER H 336 -10.68 -0.76 -52.77
C SER H 336 -10.88 -2.21 -52.37
N GLN H 337 -12.03 -2.52 -51.81
CA GLN H 337 -12.35 -3.87 -51.38
C GLN H 337 -11.82 -4.89 -52.39
N LEU H 338 -12.20 -4.72 -53.65
CA LEU H 338 -11.79 -5.61 -54.72
C LEU H 338 -10.61 -5.04 -55.47
N PRO H 339 -10.07 -5.80 -56.43
CA PRO H 339 -8.92 -5.32 -57.23
C PRO H 339 -9.28 -4.08 -58.04
N GLN H 340 -8.28 -3.53 -58.73
CA GLN H 340 -8.50 -2.35 -59.54
C GLN H 340 -8.82 -2.78 -60.96
N ASN H 341 -10.05 -3.23 -61.16
CA ASN H 341 -10.51 -3.69 -62.47
C ASN H 341 -10.40 -2.54 -63.45
N ILE H 342 -9.20 -2.38 -64.01
CA ILE H 342 -8.94 -1.30 -64.94
C ILE H 342 -7.92 -1.68 -66.01
N GLN H 343 -8.42 -1.90 -67.22
CA GLN H 343 -7.58 -2.28 -68.36
C GLN H 343 -7.05 -1.11 -69.11
N PHE H 344 -5.75 -0.94 -69.14
CA PHE H 344 -5.34 0.13 -69.98
C PHE H 344 -4.71 -0.35 -71.26
N SER H 345 -5.64 -0.84 -72.10
CA SER H 345 -5.43 -1.38 -73.45
C SER H 345 -5.71 -2.85 -73.76
N PRO H 346 -5.85 -3.15 -75.06
CA PRO H 346 -6.10 -4.40 -75.77
C PRO H 346 -5.33 -4.34 -77.12
N SER H 347 -4.06 -4.72 -77.13
CA SER H 347 -3.19 -4.70 -78.34
C SER H 347 -1.99 -3.85 -78.01
N ALA H 348 -2.28 -2.72 -77.37
CA ALA H 348 -1.26 -1.81 -76.92
C ALA H 348 -0.64 -2.55 -75.74
N LYS H 349 0.68 -2.55 -75.69
CA LYS H 349 1.43 -3.28 -74.70
C LYS H 349 1.51 -2.91 -73.23
N LEU H 350 2.67 -3.30 -72.68
CA LEU H 350 2.99 -3.20 -71.28
C LEU H 350 3.99 -2.15 -70.79
N GLN H 351 4.42 -1.29 -71.70
CA GLN H 351 5.33 -0.21 -71.40
C GLN H 351 4.28 0.85 -71.00
N GLU H 352 3.04 0.55 -71.40
CA GLU H 352 1.84 1.33 -71.19
C GLU H 352 1.13 0.97 -69.89
N VAL H 353 1.82 0.24 -69.02
CA VAL H 353 1.26 -0.13 -67.73
C VAL H 353 2.21 0.39 -66.67
N LEU H 354 3.46 0.61 -67.02
CA LEU H 354 4.38 1.14 -66.04
C LEU H 354 4.14 2.65 -66.01
N ASP H 355 4.25 3.27 -67.18
CA ASP H 355 4.06 4.71 -67.30
C ASP H 355 2.68 5.14 -66.79
N TYR H 356 1.72 4.20 -66.78
CA TYR H 356 0.40 4.52 -66.27
C TYR H 356 0.47 4.63 -64.76
N LEU H 357 0.96 3.55 -64.14
CA LEU H 357 1.10 3.51 -62.69
C LEU H 357 1.99 4.63 -62.18
N THR H 358 3.11 4.88 -62.87
CA THR H 358 4.04 5.91 -62.47
C THR H 358 3.58 7.33 -62.66
N ASN H 359 2.79 7.60 -63.69
CA ASN H 359 2.36 8.97 -63.94
C ASN H 359 0.91 9.33 -63.64
N SER H 360 -0.01 8.39 -63.87
CA SER H 360 -1.41 8.65 -63.60
C SER H 360 -1.56 9.38 -62.27
N ALA H 361 -1.96 10.63 -62.32
CA ALA H 361 -2.13 11.44 -61.12
C ALA H 361 -3.00 10.80 -60.05
N SER H 362 -3.41 9.56 -60.23
CA SER H 362 -4.23 8.88 -59.23
C SER H 362 -3.49 7.72 -58.53
N LEU H 363 -2.27 7.45 -58.96
CA LEU H 363 -1.46 6.38 -58.37
C LEU H 363 -0.12 6.97 -57.98
N GLN H 364 0.44 7.75 -58.89
CA GLN H 364 1.73 8.41 -58.66
C GLN H 364 2.82 7.54 -58.06
N MET H 365 2.69 6.23 -58.17
CA MET H 365 3.68 5.34 -57.60
C MET H 365 5.09 5.73 -58.04
N LYS H 366 6.07 5.36 -57.23
CA LYS H 366 7.46 5.66 -57.51
C LYS H 366 8.07 4.30 -57.81
N SER H 367 8.93 4.24 -58.83
CA SER H 367 9.59 3.00 -59.23
C SER H 367 8.88 1.71 -58.76
N PRO H 368 7.69 1.41 -59.34
CA PRO H 368 6.89 0.24 -59.00
C PRO H 368 7.51 -1.08 -59.48
N ALA H 369 6.70 -2.13 -59.43
CA ALA H 369 7.10 -3.47 -59.85
C ALA H 369 5.87 -4.29 -60.12
N ILE H 370 5.82 -4.93 -61.29
CA ILE H 370 4.66 -5.74 -61.63
C ILE H 370 4.96 -7.22 -61.54
N THR H 371 4.00 -7.94 -60.99
CA THR H 371 4.07 -9.38 -60.82
C THR H 371 2.90 -9.97 -61.59
N ALA H 372 3.05 -11.20 -62.05
CA ALA H 372 1.97 -11.85 -62.80
C ALA H 372 1.86 -13.32 -62.43
N THR H 373 0.88 -14.00 -63.05
CA THR H 373 0.66 -15.42 -62.78
C THR H 373 0.60 -16.21 -64.10
N ASN H 378 4.12 -17.45 -60.73
CA ASN H 378 4.38 -16.08 -60.30
C ASN H 378 5.71 -15.56 -60.86
N ARG H 379 5.64 -14.95 -62.04
CA ARG H 379 6.83 -14.42 -62.69
C ARG H 379 6.98 -12.91 -62.52
N THR H 380 8.22 -12.49 -62.31
CA THR H 380 8.55 -11.09 -62.10
C THR H 380 8.71 -10.27 -63.38
N LEU H 381 7.82 -9.32 -63.57
CA LEU H 381 7.92 -8.42 -64.72
C LEU H 381 8.68 -7.18 -64.25
N TYR H 382 9.99 -7.36 -64.12
CA TYR H 382 10.97 -6.37 -63.65
C TYR H 382 10.52 -5.33 -62.61
N LEU H 383 11.33 -5.23 -61.56
CA LEU H 383 11.15 -4.34 -60.42
C LEU H 383 12.45 -3.59 -60.23
N GLN H 384 12.39 -2.29 -60.44
CA GLN H 384 13.56 -1.42 -60.31
C GLN H 384 14.22 -1.49 -58.93
N SER H 385 13.62 -2.25 -58.02
CA SER H 385 14.15 -2.40 -56.66
C SER H 385 15.28 -3.42 -56.61
N VAL H 386 17.88 -4.42 -57.58
CA VAL H 386 18.79 -3.69 -58.46
C VAL H 386 19.23 -4.59 -59.60
N THR H 387 19.64 -5.81 -59.27
CA THR H 387 20.09 -6.79 -60.24
C THR H 387 18.93 -7.66 -60.70
N SER H 388 17.82 -7.61 -59.95
CA SER H 388 16.63 -8.39 -60.30
C SER H 388 15.80 -7.63 -61.33
N ILE H 389 16.22 -6.40 -61.61
CA ILE H 389 15.56 -5.54 -62.58
C ILE H 389 16.34 -5.59 -63.87
N GLU H 390 17.66 -5.57 -63.74
CA GLU H 390 18.55 -5.62 -64.90
C GLU H 390 18.27 -6.86 -65.75
N GLU H 391 17.85 -7.95 -65.10
CA GLU H 391 17.55 -9.20 -65.80
C GLU H 391 16.19 -9.07 -66.50
N ARG H 392 15.65 -7.85 -66.51
CA ARG H 392 14.37 -7.57 -67.15
C ARG H 392 14.30 -6.09 -67.57
N THR H 393 15.36 -5.33 -67.34
CA THR H 393 15.40 -3.97 -67.84
C THR H 393 15.58 -4.23 -69.32
N ARG H 394 14.34 -4.78 -69.71
CA ARG H 394 13.66 -5.26 -70.92
C ARG H 394 12.39 -6.05 -70.54
N LYS H 402 8.15 -4.49 -75.43
CA LYS H 402 7.97 -5.94 -75.49
C LYS H 402 6.49 -6.34 -75.52
N GLU H 403 6.08 -6.94 -76.65
CA GLU H 403 4.70 -7.39 -76.84
C GLU H 403 4.58 -8.90 -76.63
N LEU H 404 5.69 -9.52 -76.24
CA LEU H 404 5.73 -10.95 -75.98
C LEU H 404 4.74 -11.30 -74.88
N GLY H 405 5.05 -10.88 -73.65
CA GLY H 405 4.16 -11.13 -72.53
C GLY H 405 3.04 -10.08 -72.56
N LEU H 406 3.13 -9.16 -73.52
CA LEU H 406 2.14 -8.10 -73.67
C LEU H 406 0.82 -8.76 -74.05
N VAL H 407 0.91 -10.06 -74.29
CA VAL H 407 -0.23 -10.88 -74.65
C VAL H 407 -0.27 -12.05 -73.64
N ASP H 408 0.91 -12.46 -73.17
CA ASP H 408 1.03 -13.57 -72.22
C ASP H 408 0.11 -13.38 -71.02
N GLY H 409 -0.21 -12.13 -70.71
CA GLY H 409 -1.07 -11.80 -69.58
C GLY H 409 -2.52 -12.26 -69.77
N GLN H 410 -2.89 -12.55 -71.01
CA GLN H 410 -4.25 -13.00 -71.35
C GLN H 410 -5.27 -11.85 -71.32
N GLU H 411 -6.40 -12.07 -70.65
CA GLU H 411 -7.47 -11.07 -70.52
C GLU H 411 -8.71 -11.69 -69.88
N ALA H 413 -5.76 -12.24 -65.84
CA ALA H 413 -5.31 -10.95 -65.33
C ALA H 413 -5.21 -10.97 -63.81
N VAL H 414 -4.51 -9.94 -63.31
CA VAL H 414 -4.29 -9.66 -61.88
C VAL H 414 -2.84 -9.38 -61.67
N ALA H 415 -2.34 -8.71 -62.80
CA ALA H 415 -1.01 -8.10 -62.90
C ALA H 415 -0.97 -7.75 -61.45
N ASP H 416 0.13 -7.54 -60.79
CA ASP H 416 0.15 -7.20 -59.36
C ASP H 416 1.36 -6.29 -59.08
N VAL H 417 1.10 -5.12 -58.49
CA VAL H 417 2.15 -4.16 -58.22
C VAL H 417 2.52 -3.99 -56.75
N THR H 418 3.66 -3.33 -56.54
CA THR H 418 4.19 -3.03 -55.20
C THR H 418 5.28 -1.97 -55.39
N THR H 419 5.01 -0.76 -54.92
CA THR H 419 5.97 0.34 -55.05
C THR H 419 6.83 0.54 -53.83
N PRO H 420 8.06 0.97 -54.11
CA PRO H 420 9.07 1.22 -53.09
C PRO H 420 8.50 2.11 -52.00
N GLN H 421 8.06 1.47 -50.93
CA GLN H 421 7.52 2.19 -49.80
C GLN H 421 6.26 2.99 -50.13
N THR H 422 5.87 3.09 -51.39
CA THR H 422 4.66 3.85 -51.68
C THR H 422 3.62 3.31 -50.73
N VAL H 423 3.39 1.99 -50.74
CA VAL H 423 2.44 1.35 -49.82
C VAL H 423 3.07 0.08 -49.30
N LEU H 424 2.67 -0.30 -48.10
CA LEU H 424 3.19 -1.51 -47.46
C LEU H 424 2.49 -2.71 -48.11
N PHE H 425 1.30 -2.46 -48.65
CA PHE H 425 0.50 -3.50 -49.29
C PHE H 425 0.99 -3.90 -50.67
N LYS H 426 0.33 -4.91 -51.24
CA LYS H 426 0.64 -5.38 -52.60
C LYS H 426 -0.60 -4.99 -53.41
N LEU H 427 -0.46 -4.04 -54.34
CA LEU H 427 -1.59 -3.57 -55.15
C LEU H 427 -2.01 -4.56 -56.24
N HIS H 428 -3.30 -4.88 -56.25
CA HIS H 428 -3.85 -5.84 -57.21
C HIS H 428 -4.83 -5.23 -58.21
N PHE H 429 -4.34 -4.87 -59.40
CA PHE H 429 -5.17 -4.27 -60.44
C PHE H 429 -5.33 -5.26 -61.62
N THR H 430 -6.54 -5.36 -62.19
CA THR H 430 -6.83 -6.27 -63.32
C THR H 430 -7.01 -5.60 -64.69
N MET I 1 -25.31 31.76 -64.88
CA MET I 1 -25.33 31.36 -63.43
C MET I 1 -24.23 32.04 -62.63
N LEU I 2 -24.55 32.40 -61.39
CA LEU I 2 -23.60 33.10 -60.52
C LEU I 2 -23.19 32.32 -59.26
N ILE I 3 -22.01 31.70 -59.29
CA ILE I 3 -21.53 30.93 -58.14
C ILE I 3 -20.40 31.65 -57.40
N LYS I 4 -20.19 31.26 -56.15
CA LYS I 4 -19.16 31.85 -55.31
C LYS I 4 -18.18 30.77 -54.92
N VAL I 5 -16.88 31.03 -55.12
CA VAL I 5 -15.86 30.05 -54.78
C VAL I 5 -14.95 30.59 -53.68
N LYS I 6 -15.32 30.32 -52.43
CA LYS I 6 -14.57 30.76 -51.26
C LYS I 6 -13.12 30.30 -51.33
N THR I 7 -12.21 31.26 -51.37
CA THR I 7 -10.77 30.97 -51.44
C THR I 7 -10.27 30.23 -50.20
N LEU I 8 -8.95 30.05 -50.10
CA LEU I 8 -8.34 29.34 -48.97
C LEU I 8 -8.07 30.22 -47.76
N THR I 9 -8.69 31.39 -47.75
CA THR I 9 -8.57 32.33 -46.64
C THR I 9 -9.97 32.90 -46.48
N GLY I 10 -10.95 32.15 -46.99
CA GLY I 10 -12.34 32.53 -46.91
C GLY I 10 -12.75 33.86 -47.51
N LYS I 11 -12.01 34.34 -48.50
CA LYS I 11 -12.34 35.62 -49.13
C LYS I 11 -13.68 35.53 -49.86
N GLU I 12 -13.87 34.45 -50.62
CA GLU I 12 -15.12 34.22 -51.35
C GLU I 12 -15.31 35.18 -52.51
N ILE I 13 -14.93 34.73 -53.69
CA ILE I 13 -15.09 35.52 -54.90
C ILE I 13 -16.31 34.99 -55.64
N GLU I 14 -16.95 35.87 -56.41
CA GLU I 14 -18.15 35.51 -57.16
C GLU I 14 -17.78 35.29 -58.63
N ILE I 15 -18.41 34.28 -59.26
CA ILE I 15 -18.10 33.98 -60.66
C ILE I 15 -19.33 33.74 -61.53
N ASP I 16 -19.17 34.02 -62.83
CA ASP I 16 -20.23 33.81 -63.80
C ASP I 16 -19.88 32.52 -64.53
N ILE I 17 -20.69 31.49 -64.33
CA ILE I 17 -20.45 30.21 -64.97
C ILE I 17 -21.76 29.58 -65.43
N GLU I 18 -21.76 29.09 -66.67
CA GLU I 18 -22.94 28.45 -67.23
C GLU I 18 -22.73 26.94 -67.05
N PRO I 19 -23.78 26.21 -66.60
CA PRO I 19 -23.73 24.76 -66.39
C PRO I 19 -23.24 23.94 -67.57
N THR I 20 -22.14 24.37 -68.18
CA THR I 20 -21.56 23.66 -69.31
C THR I 20 -20.07 23.93 -69.34
N ASP I 21 -19.64 24.90 -68.53
CA ASP I 21 -18.24 25.26 -68.42
C ASP I 21 -17.50 24.14 -67.71
N LYS I 22 -16.47 23.59 -68.36
CA LYS I 22 -15.69 22.52 -67.73
C LYS I 22 -15.19 23.06 -66.39
N VAL I 23 -15.00 22.16 -65.42
CA VAL I 23 -14.50 22.59 -64.13
C VAL I 23 -13.23 23.40 -64.37
N GLU I 24 -12.40 22.86 -65.25
CA GLU I 24 -11.13 23.47 -65.64
C GLU I 24 -11.24 24.97 -65.86
N ARG I 25 -12.36 25.39 -66.45
CA ARG I 25 -12.61 26.80 -66.74
C ARG I 25 -12.97 27.52 -65.44
N ILE I 26 -13.71 26.83 -64.58
CA ILE I 26 -14.11 27.42 -63.33
C ILE I 26 -12.90 27.91 -62.59
N LYS I 27 -11.79 27.19 -62.75
CA LYS I 27 -10.54 27.55 -62.10
C LYS I 27 -9.91 28.79 -62.74
N GLU I 28 -9.91 28.84 -64.07
CA GLU I 28 -9.34 30.00 -64.77
C GLU I 28 -10.06 31.25 -64.30
N ARG I 29 -11.36 31.10 -64.02
CA ARG I 29 -12.17 32.23 -63.57
C ARG I 29 -11.66 32.72 -62.23
N VAL I 30 -11.27 31.79 -61.37
CA VAL I 30 -10.75 32.15 -60.07
C VAL I 30 -9.38 32.83 -60.29
N GLU I 31 -8.52 32.21 -61.09
CA GLU I 31 -7.20 32.78 -61.34
C GLU I 31 -7.28 34.16 -61.93
N GLU I 32 -8.31 34.40 -62.72
CA GLU I 32 -8.48 35.70 -63.32
C GLU I 32 -8.68 36.75 -62.23
N LYS I 33 -9.54 36.46 -61.27
CA LYS I 33 -9.81 37.39 -60.20
C LYS I 33 -8.82 37.38 -59.04
N GLU I 34 -8.19 36.24 -58.79
CA GLU I 34 -7.27 36.14 -57.66
C GLU I 34 -5.79 35.90 -57.93
N GLY I 35 -5.43 35.41 -59.11
CA GLY I 35 -4.02 35.16 -59.41
C GLY I 35 -3.51 33.88 -58.77
N ILE I 36 -4.44 32.95 -58.59
CA ILE I 36 -4.19 31.66 -58.00
C ILE I 36 -3.99 30.67 -59.13
N PRO I 37 -2.73 30.31 -59.43
CA PRO I 37 -2.45 29.36 -60.52
C PRO I 37 -3.43 28.18 -60.50
N PRO I 38 -4.11 27.92 -61.64
CA PRO I 38 -5.05 26.80 -61.66
C PRO I 38 -4.38 25.50 -61.23
N GLN I 39 -3.08 25.40 -61.52
CA GLN I 39 -2.29 24.22 -61.19
C GLN I 39 -2.47 23.79 -59.75
N GLN I 40 -2.41 24.76 -58.84
CA GLN I 40 -2.54 24.49 -57.42
C GLN I 40 -3.89 24.81 -56.79
N GLN I 41 -4.97 24.54 -57.50
CA GLN I 41 -6.28 24.81 -56.94
C GLN I 41 -6.95 23.46 -56.76
N ARG I 42 -7.66 23.27 -55.66
CA ARG I 42 -8.39 22.03 -55.42
C ARG I 42 -9.77 22.43 -54.95
N LEU I 43 -10.72 22.41 -55.86
CA LEU I 43 -12.08 22.81 -55.54
C LEU I 43 -12.84 21.70 -54.87
N ILE I 44 -13.76 22.08 -53.99
CA ILE I 44 -14.55 21.08 -53.30
C ILE I 44 -15.99 21.52 -53.13
N TYR I 45 -16.89 20.79 -53.78
CA TYR I 45 -18.31 21.08 -53.68
C TYR I 45 -18.95 19.93 -52.90
N SER I 46 -19.49 20.24 -51.73
CA SER I 46 -20.12 19.24 -50.88
C SER I 46 -19.41 17.89 -50.97
N GLY I 47 -18.24 17.80 -50.33
CA GLY I 47 -17.49 16.57 -50.35
C GLY I 47 -16.74 16.32 -51.63
N LYS I 48 -17.48 16.05 -52.71
CA LYS I 48 -16.86 15.79 -54.00
C LYS I 48 -15.80 16.84 -54.30
N GLN I 49 -14.68 16.41 -54.85
CA GLN I 49 -13.64 17.37 -55.22
C GLN I 49 -13.66 17.49 -56.73
N MET I 50 -14.00 18.68 -57.23
CA MET I 50 -14.08 18.94 -58.67
C MET I 50 -12.93 18.44 -59.53
N ASN I 51 -13.29 17.73 -60.59
CA ASN I 51 -12.32 17.22 -61.55
C ASN I 51 -12.35 18.25 -62.68
N ASP I 52 -11.22 18.91 -62.93
CA ASP I 52 -11.15 19.93 -63.96
C ASP I 52 -11.39 19.44 -65.39
N GLU I 53 -12.07 18.31 -65.53
CA GLU I 53 -12.35 17.75 -66.86
C GLU I 53 -13.86 17.64 -67.07
N LYS I 54 -14.62 17.66 -65.97
CA LYS I 54 -16.08 17.59 -66.01
C LYS I 54 -16.68 18.99 -66.12
N THR I 55 -17.99 19.09 -65.96
CA THR I 55 -18.66 20.38 -66.08
C THR I 55 -19.41 20.75 -64.82
N ALA I 56 -19.55 22.05 -64.59
CA ALA I 56 -20.25 22.56 -63.42
C ALA I 56 -21.54 21.80 -63.22
N ALA I 57 -22.20 21.46 -64.33
CA ALA I 57 -23.45 20.71 -64.28
C ALA I 57 -23.17 19.30 -63.78
N ASP I 58 -22.07 18.72 -64.27
CA ASP I 58 -21.70 17.38 -63.87
C ASP I 58 -21.74 17.19 -62.35
N TYR I 59 -21.45 18.26 -61.60
CA TYR I 59 -21.44 18.20 -60.13
C TYR I 59 -22.68 18.78 -59.46
N LYS I 60 -23.71 19.09 -60.25
CA LYS I 60 -24.97 19.64 -59.74
C LYS I 60 -24.82 21.05 -59.17
N ILE I 61 -23.85 21.80 -59.69
CA ILE I 61 -23.60 23.18 -59.26
C ILE I 61 -24.71 24.07 -59.78
N LEU I 62 -25.38 24.78 -58.87
CA LEU I 62 -26.50 25.63 -59.27
C LEU I 62 -26.60 26.93 -58.49
N GLY I 63 -27.08 27.97 -59.16
CA GLY I 63 -27.27 29.26 -58.53
C GLY I 63 -26.14 29.69 -57.60
N GLY I 64 -26.52 30.16 -56.42
CA GLY I 64 -25.55 30.62 -55.43
C GLY I 64 -24.89 29.54 -54.59
N SER I 65 -24.46 28.47 -55.24
CA SER I 65 -23.80 27.37 -54.56
C SER I 65 -22.36 27.78 -54.26
N VAL I 66 -21.87 27.40 -53.09
CA VAL I 66 -20.51 27.76 -52.67
C VAL I 66 -19.50 26.65 -52.87
N LEU I 67 -18.42 26.98 -53.57
CA LEU I 67 -17.33 26.04 -53.82
C LEU I 67 -16.18 26.44 -52.90
N HIS I 68 -15.39 25.47 -52.46
CA HIS I 68 -14.27 25.78 -51.59
C HIS I 68 -12.91 25.34 -52.10
N LEU I 69 -11.97 26.28 -52.09
CA LEU I 69 -10.62 25.98 -52.48
C LEU I 69 -10.10 25.30 -51.24
N VAL I 70 -9.30 24.26 -51.43
CA VAL I 70 -8.80 23.54 -50.29
C VAL I 70 -7.36 23.07 -50.52
N LEU I 71 -6.73 22.50 -49.50
CA LEU I 71 -5.36 22.05 -49.64
C LEU I 71 -4.92 20.99 -48.63
N ALA I 72 -3.95 20.19 -49.05
CA ALA I 72 -3.36 19.14 -48.21
C ALA I 72 -1.90 19.54 -48.06
N LEU I 73 -1.34 19.34 -46.87
CA LEU I 73 0.03 19.76 -46.62
C LEU I 73 1.01 18.66 -46.28
N ARG I 74 2.27 18.86 -46.68
CA ARG I 74 3.36 17.91 -46.49
C ARG I 74 4.08 17.90 -45.13
N GLY I 75 4.52 19.06 -44.67
CA GLY I 75 5.23 19.16 -43.42
C GLY I 75 4.56 18.63 -42.15
N GLY I 76 5.34 18.60 -41.08
CA GLY I 76 4.84 18.13 -39.81
C GLY I 76 5.83 18.31 -38.67
N LYS J 6 14.18 -9.78 3.91
CA LYS J 6 14.48 -11.17 4.39
C LYS J 6 14.02 -12.20 3.37
N LEU J 7 12.73 -12.14 3.05
CA LEU J 7 12.10 -13.04 2.09
C LEU J 7 12.25 -12.43 0.70
N LEU J 8 13.03 -11.35 0.63
CA LEU J 8 13.29 -10.65 -0.62
C LEU J 8 14.50 -11.32 -1.26
N LYS J 9 15.36 -11.91 -0.44
CA LYS J 9 16.54 -12.60 -0.94
C LYS J 9 16.15 -13.85 -1.73
N GLU J 10 15.24 -14.64 -1.18
CA GLU J 10 14.82 -15.84 -1.87
C GLU J 10 14.32 -15.47 -3.27
N GLN J 11 13.61 -14.35 -3.38
CA GLN J 11 13.07 -13.92 -4.66
C GLN J 11 14.21 -13.57 -5.59
N LYS J 12 15.27 -13.02 -5.02
CA LYS J 12 16.43 -12.61 -5.79
C LYS J 12 17.20 -13.81 -6.30
N TYR J 13 17.79 -14.59 -5.39
CA TYR J 13 18.57 -15.73 -5.83
C TYR J 13 17.76 -16.99 -6.13
N ASP J 14 16.56 -16.85 -6.68
CA ASP J 14 15.78 -18.05 -6.97
C ASP J 14 16.40 -18.90 -8.06
N ARG J 15 16.58 -18.32 -9.24
CA ARG J 15 17.14 -19.06 -10.34
C ARG J 15 18.44 -19.81 -10.06
N GLN J 16 19.13 -19.45 -8.98
CA GLN J 16 20.36 -20.14 -8.68
C GLN J 16 20.17 -21.06 -7.49
N LEU J 17 19.06 -20.88 -6.77
CA LEU J 17 18.78 -21.75 -5.63
C LEU J 17 18.31 -23.09 -6.18
N ARG J 18 17.81 -23.07 -7.41
CA ARG J 18 17.32 -24.28 -8.05
C ARG J 18 18.50 -25.09 -8.53
N LEU J 19 19.71 -24.61 -8.28
CA LEU J 19 20.88 -25.35 -8.69
C LEU J 19 21.58 -25.91 -7.49
N TRP J 20 21.89 -25.06 -6.53
CA TRP J 20 22.59 -25.53 -5.31
C TRP J 20 21.83 -25.37 -3.99
N GLY J 21 20.51 -25.43 -4.07
CA GLY J 21 19.67 -25.32 -2.89
C GLY J 21 19.97 -24.23 -1.90
N ASP J 22 19.13 -24.11 -0.87
CA ASP J 22 19.29 -23.09 0.15
C ASP J 22 20.59 -23.29 0.91
N HIS J 23 20.89 -24.56 1.23
CA HIS J 23 22.10 -24.88 1.97
C HIS J 23 23.35 -24.47 1.20
N GLY J 24 23.34 -24.65 -0.11
CA GLY J 24 24.49 -24.25 -0.90
C GLY J 24 24.63 -22.77 -0.66
N GLN J 25 23.55 -22.04 -0.94
CA GLN J 25 23.50 -20.60 -0.76
C GLN J 25 24.05 -20.26 0.60
N GLU J 26 23.55 -20.93 1.63
CA GLU J 26 24.00 -20.71 3.00
C GLU J 26 25.52 -20.70 3.07
N ALA J 27 26.14 -21.73 2.51
CA ALA J 27 27.60 -21.84 2.52
C ALA J 27 28.24 -20.71 1.74
N LEU J 28 27.70 -20.47 0.56
CA LEU J 28 28.21 -19.43 -0.29
C LEU J 28 28.12 -18.10 0.43
N GLU J 29 26.95 -17.76 0.96
CA GLU J 29 26.76 -16.50 1.67
C GLU J 29 27.63 -16.37 2.91
N SER J 30 28.37 -17.40 3.26
CA SER J 30 29.21 -17.34 4.45
C SER J 30 30.69 -17.48 4.15
N ALA J 31 31.05 -17.45 2.87
CA ALA J 31 32.45 -17.58 2.47
C ALA J 31 33.14 -16.24 2.51
N HIS J 32 34.34 -16.18 1.93
CA HIS J 32 35.09 -14.93 1.86
C HIS J 32 36.22 -15.14 0.86
N VAL J 33 36.07 -14.54 -0.31
CA VAL J 33 37.05 -14.71 -1.37
C VAL J 33 38.11 -13.65 -1.43
N CYS J 34 39.33 -14.09 -1.71
CA CYS J 34 40.42 -13.16 -1.83
C CYS J 34 40.87 -13.14 -3.26
N LEU J 35 40.62 -12.03 -3.95
CA LEU J 35 41.04 -11.90 -5.34
C LEU J 35 42.36 -11.16 -5.33
N ILE J 36 43.41 -11.79 -5.85
CA ILE J 36 44.70 -11.13 -5.86
C ILE J 36 44.72 -9.92 -6.78
N ASN J 37 45.11 -10.08 -8.04
CA ASN J 37 45.14 -8.93 -8.93
C ASN J 37 43.80 -8.61 -9.57
N ALA J 38 43.44 -7.34 -9.60
CA ALA J 38 42.15 -6.93 -10.15
C ALA J 38 42.19 -6.38 -11.56
N THR J 39 42.46 -7.27 -12.52
CA THR J 39 42.47 -6.88 -13.92
C THR J 39 41.13 -7.30 -14.49
N ALA J 40 41.07 -7.42 -15.80
CA ALA J 40 39.85 -7.84 -16.46
C ALA J 40 39.42 -9.19 -15.89
N THR J 41 40.34 -10.15 -15.97
CA THR J 41 40.11 -11.50 -15.50
C THR J 41 39.67 -11.54 -14.04
N GLY J 42 40.50 -10.98 -13.17
CA GLY J 42 40.16 -10.97 -11.77
C GLY J 42 38.78 -10.36 -11.55
N THR J 43 38.57 -9.20 -12.15
CA THR J 43 37.32 -8.48 -12.03
C THR J 43 36.15 -9.32 -12.48
N GLU J 44 36.26 -9.92 -13.65
CA GLU J 44 35.18 -10.74 -14.16
C GLU J 44 34.88 -11.90 -13.21
N ILE J 45 35.92 -12.53 -12.68
CA ILE J 45 35.72 -13.63 -11.76
C ILE J 45 34.89 -13.14 -10.57
N LEU J 46 35.41 -12.15 -9.86
CA LEU J 46 34.72 -11.60 -8.70
C LEU J 46 33.27 -11.22 -9.01
N LYS J 47 33.06 -10.65 -10.18
CA LYS J 47 31.73 -10.24 -10.60
C LYS J 47 30.77 -11.42 -10.59
N ASN J 48 31.20 -12.53 -11.17
CA ASN J 48 30.40 -13.74 -11.24
C ASN J 48 30.23 -14.38 -9.87
N LEU J 49 30.84 -13.79 -8.85
CA LEU J 49 30.69 -14.32 -7.50
C LEU J 49 29.85 -13.38 -6.68
N VAL J 50 30.12 -12.08 -6.81
CA VAL J 50 29.38 -11.08 -6.07
C VAL J 50 27.88 -11.14 -6.40
N LEU J 51 27.57 -11.31 -7.68
CA LEU J 51 26.19 -11.43 -8.08
C LEU J 51 25.51 -12.56 -7.35
N PRO J 52 26.08 -13.78 -7.40
CA PRO J 52 25.50 -14.94 -6.72
C PRO J 52 25.34 -14.71 -5.23
N GLY J 53 25.83 -13.58 -4.73
CA GLY J 53 25.65 -13.28 -3.33
C GLY J 53 26.73 -13.73 -2.37
N ILE J 54 27.86 -14.19 -2.92
CA ILE J 54 29.00 -14.62 -2.13
C ILE J 54 29.13 -13.77 -0.88
N GLY J 55 29.48 -14.42 0.22
CA GLY J 55 29.60 -13.70 1.47
C GLY J 55 30.32 -12.36 1.41
N SER J 56 31.62 -12.42 1.21
CA SER J 56 32.42 -11.20 1.17
C SER J 56 33.70 -11.40 0.39
N PHE J 57 34.31 -10.30 -0.01
CA PHE J 57 35.53 -10.40 -0.77
C PHE J 57 36.50 -9.31 -0.38
N THR J 58 37.78 -9.54 -0.66
CA THR J 58 38.84 -8.60 -0.36
C THR J 58 39.79 -8.58 -1.52
N ILE J 59 39.93 -7.43 -2.15
CA ILE J 59 40.81 -7.29 -3.30
C ILE J 59 42.19 -6.80 -2.88
N ILE J 60 43.21 -7.56 -3.19
CA ILE J 60 44.57 -7.20 -2.82
C ILE J 60 45.31 -6.78 -4.06
N ASP J 61 45.38 -5.50 -4.36
CA ASP J 61 46.14 -5.10 -5.54
C ASP J 61 47.05 -3.94 -5.20
N GLY J 62 48.29 -3.97 -5.70
CA GLY J 62 49.19 -2.88 -5.39
C GLY J 62 49.35 -1.88 -6.53
N ASN J 63 49.04 -2.32 -7.74
CA ASN J 63 49.17 -1.48 -8.92
C ASN J 63 48.26 -0.25 -8.97
N GLN J 64 48.50 0.58 -9.97
CA GLN J 64 47.73 1.79 -10.20
C GLN J 64 46.98 1.60 -11.51
N VAL J 65 45.79 2.18 -11.61
CA VAL J 65 45.00 2.04 -12.82
C VAL J 65 45.60 2.68 -14.06
N SER J 66 45.89 1.85 -15.05
CA SER J 66 46.46 2.30 -16.31
C SER J 66 45.35 2.62 -17.30
N GLY J 67 45.68 3.41 -18.31
CA GLY J 67 44.67 3.73 -19.31
C GLY J 67 44.19 2.43 -19.91
N GLU J 68 45.14 1.58 -20.31
CA GLU J 68 44.75 0.32 -20.92
C GLU J 68 43.97 -0.55 -19.95
N ASP J 69 43.97 -0.19 -18.68
CA ASP J 69 43.21 -0.98 -17.72
C ASP J 69 41.76 -0.56 -17.86
N ALA J 70 41.50 0.73 -17.71
CA ALA J 70 40.15 1.26 -17.83
C ALA J 70 39.59 0.87 -19.17
N GLY J 71 40.47 0.46 -20.08
CA GLY J 71 40.03 0.10 -21.41
C GLY J 71 39.47 -1.30 -21.59
N ASN J 72 39.83 -2.23 -20.71
CA ASN J 72 39.33 -3.58 -20.87
C ASN J 72 38.65 -4.07 -19.61
N ASN J 73 38.28 -3.14 -18.75
CA ASN J 73 37.63 -3.50 -17.50
C ASN J 73 36.25 -2.88 -17.38
N PHE J 74 35.24 -3.71 -17.12
CA PHE J 74 33.88 -3.19 -17.02
C PHE J 74 33.63 -2.65 -15.63
N PHE J 75 34.70 -2.62 -14.83
CA PHE J 75 34.59 -2.11 -13.48
C PHE J 75 35.71 -1.12 -13.16
N LEU J 76 36.01 -0.30 -14.14
CA LEU J 76 37.01 0.72 -13.99
C LEU J 76 36.77 1.77 -15.05
N GLN J 77 36.43 2.98 -14.63
CA GLN J 77 36.20 4.02 -15.62
C GLN J 77 37.47 4.84 -15.78
N ARG J 78 37.46 5.69 -16.80
CA ARG J 78 38.57 6.57 -17.06
C ARG J 78 38.82 7.31 -15.76
N SER J 79 37.74 7.85 -15.21
CA SER J 79 37.79 8.61 -13.97
C SER J 79 38.64 7.97 -12.88
N SER J 80 38.83 6.67 -12.98
CA SER J 80 39.60 5.96 -11.96
C SER J 80 41.05 5.76 -12.33
N ILE J 81 41.45 6.24 -13.50
CA ILE J 81 42.84 6.09 -13.92
C ILE J 81 43.75 6.80 -12.95
N GLY J 82 44.81 6.12 -12.53
CA GLY J 82 45.74 6.73 -11.59
C GLY J 82 45.56 6.28 -10.15
N LYS J 83 44.31 6.05 -9.74
CA LYS J 83 44.04 5.61 -8.39
C LYS J 83 44.50 4.17 -8.21
N ASN J 84 44.13 3.55 -7.09
CA ASN J 84 44.54 2.18 -6.85
C ASN J 84 43.60 1.15 -7.44
N ARG J 85 44.04 0.50 -8.51
CA ARG J 85 43.24 -0.53 -9.17
C ARG J 85 42.42 -1.31 -8.18
N ALA J 86 43.05 -1.74 -7.10
CA ALA J 86 42.34 -2.50 -6.08
C ALA J 86 41.16 -1.73 -5.56
N GLU J 87 41.40 -0.58 -4.95
CA GLU J 87 40.31 0.21 -4.40
C GLU J 87 39.28 0.52 -5.46
N ALA J 88 39.73 1.14 -6.55
CA ALA J 88 38.85 1.51 -7.65
C ALA J 88 37.90 0.39 -8.04
N ALA J 89 38.45 -0.77 -8.36
CA ALA J 89 37.63 -1.91 -8.76
C ALA J 89 36.59 -2.24 -7.70
N MET J 90 37.04 -2.36 -6.46
CA MET J 90 36.17 -2.68 -5.35
C MET J 90 34.87 -1.87 -5.38
N GLU J 91 35.01 -0.55 -5.39
CA GLU J 91 33.85 0.34 -5.39
C GLU J 91 32.79 0.03 -6.43
N PHE J 92 33.21 -0.50 -7.58
CA PHE J 92 32.26 -0.83 -8.65
C PHE J 92 31.58 -2.17 -8.49
N LEU J 93 32.37 -3.20 -8.21
CA LEU J 93 31.81 -4.52 -8.00
C LEU J 93 30.90 -4.36 -6.80
N GLN J 94 31.39 -3.62 -5.81
CA GLN J 94 30.63 -3.37 -4.58
C GLN J 94 29.18 -3.07 -4.92
N GLU J 95 28.98 -2.32 -6.01
CA GLU J 95 27.66 -1.93 -6.44
C GLU J 95 26.78 -3.05 -6.93
N LEU J 96 27.40 -4.10 -7.48
CA LEU J 96 26.65 -5.21 -8.02
C LEU J 96 25.66 -5.85 -7.04
N ASN J 97 26.05 -5.97 -5.79
CA ASN J 97 25.16 -6.58 -4.81
C ASN J 97 25.31 -6.01 -3.41
N SER J 98 24.28 -5.31 -2.95
CA SER J 98 24.29 -4.68 -1.63
C SER J 98 24.34 -5.65 -0.47
N ASP J 99 24.39 -6.94 -0.76
CA ASP J 99 24.42 -7.94 0.30
C ASP J 99 25.80 -8.58 0.42
N VAL J 100 26.75 -8.01 -0.30
CA VAL J 100 28.13 -8.52 -0.29
C VAL J 100 28.99 -7.46 0.38
N SER J 101 29.94 -7.88 1.20
CA SER J 101 30.83 -6.93 1.89
C SER J 101 32.22 -6.86 1.24
N GLY J 102 32.53 -5.71 0.65
CA GLY J 102 33.80 -5.55 -0.01
C GLY J 102 34.86 -4.84 0.80
N SER J 103 36.10 -5.24 0.59
CA SER J 103 37.23 -4.66 1.30
C SER J 103 38.40 -4.71 0.33
N PHE J 104 39.46 -3.94 0.62
CA PHE J 104 40.62 -3.95 -0.25
C PHE J 104 41.93 -3.70 0.48
N VAL J 105 43.02 -4.00 -0.20
CA VAL J 105 44.36 -3.83 0.33
C VAL J 105 45.26 -3.13 -0.68
N GLU J 106 45.65 -1.88 -0.38
CA GLU J 106 46.49 -1.12 -1.29
C GLU J 106 47.91 -1.62 -1.40
N GLU J 107 48.16 -2.89 -1.13
CA GLU J 107 49.52 -3.41 -1.24
C GLU J 107 49.66 -4.63 -2.14
N SER J 108 50.87 -4.90 -2.64
CA SER J 108 51.08 -6.04 -3.54
C SER J 108 51.06 -7.41 -2.87
N PRO J 109 50.98 -8.48 -3.66
CA PRO J 109 50.95 -9.83 -3.10
C PRO J 109 52.32 -10.10 -2.52
N GLU J 110 53.34 -9.77 -3.31
CA GLU J 110 54.70 -9.96 -2.86
C GLU J 110 54.84 -9.27 -1.50
N ASN J 111 54.51 -7.98 -1.46
CA ASN J 111 54.56 -7.19 -0.23
C ASN J 111 53.87 -7.88 0.95
N LEU J 112 52.95 -8.80 0.68
CA LEU J 112 52.25 -9.51 1.74
C LEU J 112 52.98 -10.78 2.07
N LEU J 113 53.26 -11.58 1.06
CA LEU J 113 53.98 -12.82 1.27
C LEU J 113 55.29 -12.55 2.00
N ASP J 114 55.62 -11.26 2.14
CA ASP J 114 56.83 -10.85 2.83
C ASP J 114 56.50 -10.49 4.26
N ASN J 115 55.88 -9.32 4.40
CA ASN J 115 55.53 -8.79 5.69
C ASN J 115 54.42 -9.46 6.50
N ASP J 116 53.67 -10.39 5.91
CA ASP J 116 52.59 -11.02 6.68
C ASP J 116 51.87 -12.15 5.97
N PRO J 117 52.55 -13.27 5.73
CA PRO J 117 51.94 -14.42 5.04
C PRO J 117 50.69 -14.97 5.71
N SER J 118 50.71 -15.03 7.03
CA SER J 118 49.58 -15.54 7.78
C SER J 118 48.27 -14.82 7.50
N PHE J 119 48.30 -13.88 6.56
CA PHE J 119 47.14 -13.11 6.20
C PHE J 119 46.07 -13.94 5.53
N PHE J 120 46.46 -14.63 4.46
CA PHE J 120 45.55 -15.46 3.68
C PHE J 120 44.83 -16.56 4.43
N CYS J 121 45.13 -16.74 5.71
CA CYS J 121 44.48 -17.78 6.49
C CYS J 121 43.03 -17.38 6.78
N ARG J 122 42.74 -16.09 6.65
CA ARG J 122 41.41 -15.56 6.90
C ARG J 122 40.44 -15.90 5.79
N PHE J 123 40.97 -16.23 4.60
CA PHE J 123 40.17 -16.55 3.42
C PHE J 123 39.69 -17.99 3.22
N THR J 124 38.58 -18.10 2.49
CA THR J 124 37.97 -19.39 2.16
C THR J 124 38.65 -19.96 0.94
N VAL J 125 38.99 -19.06 0.03
CA VAL J 125 39.65 -19.43 -1.21
C VAL J 125 40.38 -18.21 -1.73
N VAL J 126 41.59 -18.38 -2.23
CA VAL J 126 42.30 -17.24 -2.78
C VAL J 126 42.37 -17.43 -4.28
N VAL J 127 41.91 -16.41 -4.99
CA VAL J 127 41.92 -16.44 -6.44
C VAL J 127 42.95 -15.45 -6.94
N ALA J 128 44.04 -15.99 -7.48
CA ALA J 128 45.11 -15.15 -7.99
C ALA J 128 44.99 -15.04 -9.49
N THR J 129 45.15 -13.82 -10.01
CA THR J 129 45.05 -13.58 -11.44
C THR J 129 46.22 -12.78 -12.00
N GLN J 130 46.71 -13.21 -13.15
CA GLN J 130 47.81 -12.53 -13.82
C GLN J 130 49.04 -12.38 -12.93
N LEU J 131 49.67 -13.50 -12.62
CA LEU J 131 50.85 -13.48 -11.77
C LEU J 131 52.08 -13.99 -12.50
N PRO J 132 53.25 -13.46 -12.13
CA PRO J 132 54.52 -13.88 -12.74
C PRO J 132 55.00 -15.12 -12.01
N GLU J 133 55.78 -15.98 -12.66
CA GLU J 133 56.26 -17.19 -11.99
C GLU J 133 56.69 -16.93 -10.55
N SER J 134 57.77 -16.18 -10.39
CA SER J 134 58.28 -15.87 -9.06
C SER J 134 57.17 -15.82 -8.02
N THR J 135 56.18 -14.96 -8.23
CA THR J 135 55.09 -14.83 -7.27
C THR J 135 54.15 -16.03 -7.22
N SER J 136 53.79 -16.60 -8.36
CA SER J 136 52.90 -17.76 -8.37
C SER J 136 53.45 -18.85 -7.48
N LEU J 137 54.64 -19.33 -7.80
CA LEU J 137 55.25 -20.39 -7.03
C LEU J 137 55.29 -20.02 -5.57
N ARG J 138 55.81 -18.84 -5.29
CA ARG J 138 55.92 -18.41 -3.91
C ARG J 138 54.59 -18.40 -3.15
N LEU J 139 53.52 -18.00 -3.82
CA LEU J 139 52.21 -17.96 -3.18
C LEU J 139 51.60 -19.36 -3.05
N ALA J 140 51.57 -20.09 -4.16
CA ALA J 140 51.00 -21.43 -4.21
C ALA J 140 51.60 -22.33 -3.16
N ASP J 141 52.67 -21.85 -2.54
CA ASP J 141 53.37 -22.56 -1.51
C ASP J 141 52.82 -22.11 -0.16
N VAL J 142 53.04 -20.85 0.18
CA VAL J 142 52.56 -20.33 1.45
C VAL J 142 51.14 -20.77 1.68
N LEU J 143 50.31 -20.64 0.64
CA LEU J 143 48.91 -21.04 0.75
C LEU J 143 48.76 -22.53 0.97
N TRP J 144 49.58 -23.31 0.28
CA TRP J 144 49.52 -24.76 0.42
C TRP J 144 49.79 -25.21 1.85
N ASN J 145 50.86 -24.68 2.46
CA ASN J 145 51.17 -25.01 3.83
C ASN J 145 50.05 -24.54 4.75
N SER J 146 49.53 -23.34 4.49
CA SER J 146 48.46 -22.81 5.31
C SER J 146 47.12 -23.54 5.12
N GLN J 147 47.08 -24.48 4.18
CA GLN J 147 45.87 -25.26 3.91
C GLN J 147 44.77 -24.46 3.20
N ILE J 148 45.17 -23.43 2.45
CA ILE J 148 44.24 -22.59 1.73
C ILE J 148 44.11 -22.98 0.27
N PRO J 149 42.89 -22.99 -0.27
CA PRO J 149 42.65 -23.35 -1.67
C PRO J 149 43.09 -22.21 -2.56
N LEU J 150 43.92 -22.51 -3.54
CA LEU J 150 44.40 -21.47 -4.43
C LEU J 150 43.90 -21.72 -5.84
N LEU J 151 43.51 -20.65 -6.51
CA LEU J 151 43.05 -20.77 -7.89
C LEU J 151 43.78 -19.72 -8.71
N ILE J 152 44.76 -20.18 -9.47
CA ILE J 152 45.53 -19.27 -10.30
C ILE J 152 44.95 -19.21 -11.69
N CYS J 153 44.46 -18.02 -12.05
CA CYS J 153 43.87 -17.80 -13.35
C CYS J 153 44.77 -16.84 -14.09
N ARG J 154 44.79 -16.98 -15.41
CA ARG J 154 45.62 -16.13 -16.22
C ARG J 154 45.12 -15.99 -17.65
N THR J 155 45.06 -14.74 -18.11
CA THR J 155 44.63 -14.43 -19.46
C THR J 155 45.82 -13.89 -20.21
N TYR J 156 46.14 -14.54 -21.32
CA TYR J 156 47.26 -14.12 -22.16
C TYR J 156 46.77 -14.26 -23.61
N GLY J 157 46.73 -13.16 -24.33
CA GLY J 157 46.27 -13.20 -25.69
C GLY J 157 44.92 -13.91 -25.77
N LEU J 158 44.84 -14.97 -26.55
CA LEU J 158 43.59 -15.69 -26.65
C LEU J 158 43.66 -17.00 -25.90
N VAL J 159 44.59 -17.07 -24.95
CA VAL J 159 44.73 -18.29 -24.17
C VAL J 159 44.25 -18.06 -22.74
N GLY J 160 43.38 -18.96 -22.28
CA GLY J 160 42.87 -18.85 -20.93
C GLY J 160 43.52 -19.94 -20.11
N TYR J 161 44.35 -19.54 -19.14
CA TYR J 161 45.04 -20.51 -18.28
C TYR J 161 44.41 -20.49 -16.92
N MET J 162 44.27 -21.67 -16.31
CA MET J 162 43.62 -21.75 -15.02
C MET J 162 43.97 -23.04 -14.27
N ARG J 163 44.79 -22.91 -13.21
CA ARG J 163 45.18 -24.08 -12.41
C ARG J 163 44.65 -23.99 -10.98
N ILE J 164 44.09 -25.09 -10.50
CA ILE J 164 43.52 -25.14 -9.15
C ILE J 164 44.44 -25.90 -8.18
N ILE J 165 44.55 -25.44 -6.94
CA ILE J 165 45.44 -26.10 -5.99
C ILE J 165 44.85 -26.36 -4.61
N ILE J 166 44.25 -27.54 -4.44
CA ILE J 166 43.67 -27.96 -3.18
C ILE J 166 44.19 -29.35 -2.84
N LYS J 167 44.91 -29.48 -1.72
CA LYS J 167 45.49 -30.77 -1.34
C LYS J 167 44.47 -31.91 -1.51
N GLU J 168 43.34 -31.79 -0.83
CA GLU J 168 42.29 -32.79 -0.92
C GLU J 168 40.94 -32.09 -0.81
N HIS J 169 40.00 -32.50 -1.66
CA HIS J 169 38.66 -31.93 -1.72
C HIS J 169 37.61 -33.02 -1.92
N PRO J 170 37.02 -33.49 -0.83
CA PRO J 170 36.01 -34.53 -0.90
C PRO J 170 34.63 -33.93 -1.05
N VAL J 171 33.78 -34.56 -1.84
CA VAL J 171 32.44 -34.04 -2.04
C VAL J 171 31.39 -35.11 -1.94
N ILE J 172 30.33 -34.82 -1.20
CA ILE J 172 29.29 -35.80 -1.06
C ILE J 172 28.24 -35.58 -2.11
N GLU J 173 27.58 -34.41 -2.09
CA GLU J 173 26.53 -34.11 -3.07
C GLU J 173 27.32 -33.89 -4.34
N SER J 174 27.28 -34.86 -5.23
CA SER J 174 28.05 -34.75 -6.44
C SER J 174 27.29 -34.10 -7.57
N HIS J 175 25.97 -34.33 -7.61
CA HIS J 175 25.12 -33.80 -8.67
C HIS J 175 25.56 -34.37 -9.99
N PRO J 176 25.15 -35.60 -10.29
CA PRO J 176 25.59 -36.11 -11.58
C PRO J 176 24.50 -36.12 -12.68
N ASP J 177 24.90 -35.74 -13.89
CA ASP J 177 23.95 -35.72 -15.01
C ASP J 177 23.72 -37.14 -15.54
N ASN J 178 22.62 -37.77 -15.14
CA ASN J 178 22.32 -39.13 -15.62
C ASN J 178 23.12 -40.22 -14.91
N ALA J 179 22.41 -41.03 -14.12
CA ALA J 179 23.02 -42.13 -13.43
C ALA J 179 22.00 -43.26 -13.50
N LEU J 180 22.44 -44.48 -13.21
CA LEU J 180 21.57 -45.65 -13.23
C LEU J 180 20.76 -45.80 -11.95
N GLU J 181 19.45 -45.99 -12.08
CA GLU J 181 18.59 -46.11 -10.92
C GLU J 181 19.02 -47.27 -10.04
N ASP J 182 18.71 -47.16 -8.76
CA ASP J 182 19.05 -48.21 -7.83
C ASP J 182 17.77 -48.96 -7.50
N LEU J 183 17.20 -49.62 -8.52
CA LEU J 183 15.97 -50.38 -8.35
C LEU J 183 16.33 -51.69 -7.69
N ARG J 184 17.53 -52.16 -8.04
CA ARG J 184 18.07 -53.41 -7.53
C ARG J 184 17.08 -54.57 -7.57
N LEU J 185 16.84 -55.03 -8.79
CA LEU J 185 15.96 -56.15 -9.03
C LEU J 185 16.86 -57.36 -9.03
N ASP J 186 18.13 -57.13 -9.34
CA ASP J 186 19.11 -58.21 -9.39
C ASP J 186 19.35 -58.77 -8.00
N LYS J 187 19.57 -57.89 -7.03
CA LYS J 187 19.79 -58.33 -5.65
C LYS J 187 18.77 -57.66 -4.73
N PRO J 188 17.47 -57.92 -4.99
CA PRO J 188 16.33 -57.39 -4.23
C PRO J 188 16.39 -57.63 -2.75
N PHE J 189 15.75 -56.74 -2.00
CA PHE J 189 15.74 -56.87 -0.56
C PHE J 189 14.38 -57.40 -0.14
N PRO J 190 14.28 -57.98 1.08
CA PRO J 190 13.04 -58.53 1.63
C PRO J 190 11.79 -57.71 1.31
N GLU J 191 11.60 -56.63 2.05
CA GLU J 191 10.43 -55.75 1.85
C GLU J 191 10.04 -55.62 0.37
N LEU J 192 11.00 -55.31 -0.50
CA LEU J 192 10.74 -55.18 -1.92
C LEU J 192 10.17 -56.50 -2.41
N ARG J 193 10.92 -57.56 -2.17
CA ARG J 193 10.52 -58.91 -2.56
C ARG J 193 9.10 -59.17 -2.06
N GLU J 194 8.88 -58.94 -0.76
CA GLU J 194 7.57 -59.14 -0.17
C GLU J 194 6.52 -58.31 -0.88
N HIS J 195 6.92 -57.13 -1.35
CA HIS J 195 6.01 -56.25 -2.07
C HIS J 195 5.60 -56.94 -3.36
N PHE J 196 6.58 -57.36 -4.14
CA PHE J 196 6.31 -58.05 -5.40
C PHE J 196 5.38 -59.26 -5.21
N GLN J 197 5.67 -60.08 -4.19
CA GLN J 197 4.85 -61.27 -3.91
C GLN J 197 3.38 -60.88 -3.77
N SER J 198 3.13 -59.66 -3.30
CA SER J 198 1.78 -59.18 -3.09
C SER J 198 0.92 -59.03 -4.36
N TYR J 199 1.53 -59.16 -5.53
CA TYR J 199 0.79 -59.06 -6.79
C TYR J 199 0.46 -60.44 -7.35
N ASP J 208 -7.83 -52.76 -15.15
CA ASP J 208 -6.68 -52.22 -14.43
C ASP J 208 -5.43 -53.09 -14.63
N HIS J 209 -4.77 -52.90 -15.76
CA HIS J 209 -3.57 -53.66 -16.07
C HIS J 209 -2.44 -52.69 -16.42
N SER J 210 -2.80 -51.57 -17.03
CA SER J 210 -1.81 -50.56 -17.40
C SER J 210 -1.41 -49.82 -16.12
N HIS J 211 -2.31 -49.85 -15.14
CA HIS J 211 -2.08 -49.20 -13.86
C HIS J 211 -1.14 -50.03 -12.98
N THR J 212 -0.10 -50.59 -13.59
CA THR J 212 0.87 -51.39 -12.84
C THR J 212 2.29 -50.96 -13.11
N PRO J 213 3.00 -50.53 -12.06
CA PRO J 213 4.40 -50.09 -12.17
C PRO J 213 5.15 -51.01 -13.11
N TRP J 214 6.01 -50.46 -13.96
CA TRP J 214 6.75 -51.30 -14.88
C TRP J 214 7.69 -52.24 -14.15
N ILE J 215 8.20 -51.83 -12.99
CA ILE J 215 9.11 -52.70 -12.24
C ILE J 215 8.39 -54.00 -11.95
N VAL J 216 7.31 -53.90 -11.19
CA VAL J 216 6.53 -55.07 -10.83
C VAL J 216 6.39 -55.96 -12.06
N ILE J 217 5.97 -55.36 -13.17
CA ILE J 217 5.82 -56.10 -14.43
C ILE J 217 7.07 -56.91 -14.77
N ILE J 218 8.24 -56.28 -14.68
CA ILE J 218 9.49 -56.96 -14.97
C ILE J 218 9.87 -57.88 -13.81
N ALA J 219 9.52 -57.48 -12.60
CA ALA J 219 9.84 -58.28 -11.42
C ALA J 219 9.11 -59.61 -11.47
N LYS J 220 7.85 -59.57 -11.89
CA LYS J 220 7.01 -60.75 -11.99
C LYS J 220 7.54 -61.67 -13.08
N TYR J 221 7.63 -61.15 -14.30
CA TYR J 221 8.13 -61.92 -15.43
C TYR J 221 9.58 -62.29 -15.25
N LEU J 222 10.21 -61.75 -14.22
CA LEU J 222 11.60 -62.08 -13.94
C LEU J 222 11.54 -63.28 -13.01
N ALA J 223 10.66 -63.18 -12.01
CA ALA J 223 10.47 -64.23 -11.03
C ALA J 223 10.10 -65.52 -11.74
N GLN J 224 9.32 -65.41 -12.80
CA GLN J 224 8.93 -66.58 -13.56
C GLN J 224 10.15 -67.17 -14.24
N TRP J 225 10.90 -66.32 -14.95
CA TRP J 225 12.10 -66.76 -15.66
C TRP J 225 13.07 -67.43 -14.70
N TYR J 226 12.90 -67.19 -13.40
CA TYR J 226 13.77 -67.79 -12.41
C TYR J 226 13.47 -69.28 -12.29
N SER J 227 12.18 -69.64 -12.31
CA SER J 227 11.78 -71.06 -12.20
C SER J 227 12.16 -71.86 -13.45
N GLU J 228 11.68 -71.42 -14.61
CA GLU J 228 11.96 -72.12 -15.87
C GLU J 228 13.45 -72.13 -16.21
N THR J 229 14.31 -71.77 -15.25
CA THR J 229 15.74 -71.77 -15.54
C THR J 229 16.68 -71.77 -14.33
N ASN J 230 16.49 -70.81 -13.43
CA ASN J 230 17.32 -70.60 -12.24
C ASN J 230 18.27 -69.51 -12.72
N GLY J 231 18.12 -69.17 -13.99
CA GLY J 231 18.93 -68.15 -14.63
C GLY J 231 18.78 -66.78 -14.01
N ARG J 232 19.37 -65.79 -14.68
CA ARG J 232 19.35 -64.43 -14.16
C ARG J 232 19.17 -63.43 -15.30
N ILE J 233 19.33 -63.91 -16.53
CA ILE J 233 19.23 -63.09 -17.73
C ILE J 233 20.47 -62.17 -17.89
N PRO J 234 21.57 -62.48 -17.18
CA PRO J 234 22.82 -61.71 -17.22
C PRO J 234 23.60 -61.89 -18.51
N LYS J 235 23.28 -62.96 -19.23
CA LYS J 235 23.87 -63.19 -20.53
C LYS J 235 23.32 -62.03 -21.27
N THR J 236 23.92 -61.71 -22.40
CA THR J 236 23.44 -60.46 -22.91
C THR J 236 23.26 -60.18 -24.36
N TYR J 237 22.07 -60.47 -24.86
CA TYR J 237 21.88 -60.24 -26.25
C TYR J 237 20.86 -61.22 -26.64
N LYS J 238 21.19 -62.41 -26.20
CA LYS J 238 20.43 -63.59 -26.49
C LYS J 238 19.35 -63.76 -25.46
N GLU J 239 19.71 -63.41 -24.23
CA GLU J 239 18.76 -63.53 -23.14
C GLU J 239 17.85 -62.34 -22.96
N LYS J 240 18.45 -61.22 -22.60
CA LYS J 240 17.66 -60.03 -22.37
C LYS J 240 16.59 -59.88 -23.44
N GLU J 241 16.99 -60.04 -24.70
CA GLU J 241 16.03 -59.92 -25.80
C GLU J 241 14.86 -60.87 -25.61
N ASP J 242 15.18 -62.15 -25.44
CA ASP J 242 14.15 -63.16 -25.27
C ASP J 242 13.28 -62.89 -24.03
N PHE J 243 13.87 -62.28 -23.02
CA PHE J 243 13.11 -61.97 -21.82
C PHE J 243 11.98 -61.05 -22.24
N ARG J 244 12.30 -60.07 -23.08
CA ARG J 244 11.31 -59.12 -23.56
C ARG J 244 10.16 -59.87 -24.22
N ASP J 245 10.49 -60.67 -25.22
CA ASP J 245 9.50 -61.46 -25.94
C ASP J 245 8.60 -62.16 -24.96
N LEU J 246 9.16 -62.54 -23.81
CA LEU J 246 8.39 -63.21 -22.77
C LEU J 246 7.38 -62.26 -22.15
N ILE J 247 7.78 -60.99 -22.05
CA ILE J 247 6.91 -59.97 -21.48
C ILE J 247 5.77 -59.62 -22.41
N ARG J 248 5.95 -59.84 -23.71
CA ARG J 248 4.88 -59.55 -24.67
C ARG J 248 3.81 -60.62 -24.56
N GLN J 249 4.23 -61.86 -24.32
CA GLN J 249 3.32 -62.99 -24.17
C GLN J 249 2.49 -62.86 -22.89
N GLY J 250 2.32 -61.62 -22.43
CA GLY J 250 1.55 -61.38 -21.23
C GLY J 250 0.50 -60.30 -21.45
N ILE J 251 0.41 -59.83 -22.70
CA ILE J 251 -0.53 -58.79 -23.08
C ILE J 251 -1.97 -59.32 -23.16
N LEU J 252 -2.86 -58.66 -22.41
CA LEU J 252 -4.27 -59.02 -22.28
C LEU J 252 -5.19 -59.20 -23.50
N LYS J 253 -6.17 -59.82 -23.30
CA LYS J 253 -6.74 -59.83 -24.59
C LYS J 253 -6.81 -58.26 -25.30
N PRO J 254 -6.13 -57.68 -26.48
CA PRO J 254 -5.81 -56.40 -27.50
C PRO J 254 -5.91 -54.86 -27.28
N GLU J 255 -5.22 -54.30 -26.44
CA GLU J 255 -5.87 -53.22 -25.77
C GLU J 255 -5.01 -52.01 -25.56
N ASP J 256 -3.98 -52.20 -24.78
CA ASP J 256 -3.09 -51.13 -24.43
C ASP J 256 -1.88 -51.93 -24.04
N GLU J 257 -1.22 -51.49 -22.99
CA GLU J 257 -0.01 -52.10 -22.47
C GLU J 257 1.08 -51.15 -22.92
N GLU J 258 0.97 -49.91 -22.48
CA GLU J 258 1.96 -48.92 -22.80
C GLU J 258 3.02 -49.18 -21.75
N ASN J 259 2.58 -49.40 -20.51
CA ASN J 259 3.52 -49.68 -19.43
C ASN J 259 4.28 -50.95 -19.73
N PHE J 260 3.59 -51.95 -20.28
CA PHE J 260 4.23 -53.21 -20.63
C PHE J 260 5.36 -52.93 -21.62
N GLU J 261 5.04 -52.17 -22.66
CA GLU J 261 6.03 -51.81 -23.66
C GLU J 261 7.14 -51.03 -22.97
N GLU J 262 6.75 -50.20 -21.99
CA GLU J 262 7.72 -49.40 -21.25
C GLU J 262 8.63 -50.39 -20.51
N ALA J 263 8.02 -51.33 -19.82
CA ALA J 263 8.75 -52.35 -19.08
C ALA J 263 9.81 -52.91 -20.01
N ILE J 264 9.36 -53.34 -21.19
CA ILE J 264 10.24 -53.91 -22.19
C ILE J 264 11.46 -53.01 -22.42
N LYS J 265 11.22 -51.80 -22.89
CA LYS J 265 12.31 -50.86 -23.14
C LYS J 265 13.24 -50.79 -21.94
N ASN J 266 12.66 -50.86 -20.74
CA ASN J 266 13.42 -50.79 -19.49
C ASN J 266 14.31 -52.00 -19.22
N VAL J 267 13.95 -53.14 -19.78
CA VAL J 267 14.73 -54.34 -19.57
C VAL J 267 16.19 -54.16 -19.98
N ASN J 268 16.47 -53.15 -20.79
CA ASN J 268 17.85 -52.91 -21.21
C ASN J 268 18.70 -52.41 -20.04
N THR J 269 18.02 -51.88 -19.03
CA THR J 269 18.68 -51.35 -17.82
C THR J 269 18.35 -52.23 -16.60
N ALA J 270 17.10 -52.09 -16.16
CA ALA J 270 16.49 -52.80 -15.02
C ALA J 270 17.18 -54.04 -14.42
N LEU J 271 17.75 -54.88 -15.27
CA LEU J 271 18.41 -56.09 -14.79
C LEU J 271 19.55 -55.83 -13.82
N ASN J 272 20.76 -55.54 -14.31
CA ASN J 272 21.84 -55.27 -13.37
C ASN J 272 21.98 -53.77 -13.10
N THR J 273 21.51 -53.34 -11.92
CA THR J 273 21.59 -51.94 -11.50
C THR J 273 22.37 -51.86 -10.19
N THR J 274 22.63 -53.02 -9.58
CA THR J 274 23.34 -53.05 -8.32
C THR J 274 24.76 -53.58 -8.40
N GLN J 275 25.67 -52.76 -7.87
CA GLN J 275 27.09 -53.04 -7.83
C GLN J 275 27.76 -51.78 -7.31
N ILE J 276 28.81 -51.94 -6.53
CA ILE J 276 29.49 -50.78 -5.98
C ILE J 276 30.40 -50.14 -7.01
N PRO J 277 30.18 -48.85 -7.29
CA PRO J 277 30.93 -48.04 -8.25
C PRO J 277 32.43 -47.98 -7.98
N SER J 278 33.20 -48.28 -9.03
CA SER J 278 34.67 -48.26 -8.97
C SER J 278 35.21 -47.11 -8.13
N SER J 279 34.77 -45.90 -8.47
CA SER J 279 35.19 -44.70 -7.76
C SER J 279 35.09 -44.84 -6.25
N ILE J 280 34.00 -45.43 -5.78
CA ILE J 280 33.81 -45.60 -4.35
C ILE J 280 34.78 -46.59 -3.76
N GLU J 281 34.95 -47.73 -4.44
CA GLU J 281 35.88 -48.73 -3.95
C GLU J 281 37.19 -48.02 -3.64
N ASP J 282 37.69 -47.27 -4.62
CA ASP J 282 38.94 -46.55 -4.44
C ASP J 282 38.95 -45.67 -3.18
N ILE J 283 37.80 -45.15 -2.80
CA ILE J 283 37.71 -44.32 -1.60
C ILE J 283 37.87 -45.25 -0.42
N PHE J 284 37.01 -46.27 -0.40
CA PHE J 284 37.03 -47.29 0.63
C PHE J 284 38.44 -47.75 0.90
N ASN J 285 39.18 -48.06 -0.18
CA ASN J 285 40.55 -48.54 -0.09
C ASN J 285 41.60 -47.48 0.21
N ASP J 286 41.20 -46.22 0.36
CA ASP J 286 42.15 -45.16 0.66
C ASP J 286 42.64 -45.19 2.11
N ASP J 287 43.92 -44.89 2.30
CA ASP J 287 44.54 -44.88 3.62
C ASP J 287 43.76 -44.02 4.63
N ARG J 288 43.27 -42.88 4.16
CA ARG J 288 42.51 -41.96 5.02
C ARG J 288 41.25 -42.63 5.53
N CYS J 289 40.70 -43.52 4.71
CA CYS J 289 39.48 -44.25 5.03
C CYS J 289 39.70 -45.43 5.95
N ILE J 290 40.88 -46.03 5.85
CA ILE J 290 41.26 -47.20 6.66
C ILE J 290 41.85 -46.91 8.03
N ASN J 291 42.86 -46.05 8.08
CA ASN J 291 43.48 -45.68 9.35
C ASN J 291 42.87 -44.35 9.82
N ILE J 292 41.93 -44.44 10.75
CA ILE J 292 41.24 -43.27 11.28
C ILE J 292 41.86 -42.75 12.57
N THR J 293 41.72 -41.47 12.83
CA THR J 293 42.26 -40.86 14.04
C THR J 293 41.43 -39.67 14.47
N LYS J 294 41.75 -39.08 15.62
CA LYS J 294 41.02 -37.92 16.10
C LYS J 294 41.21 -36.83 15.06
N GLN J 295 42.25 -37.01 14.24
CA GLN J 295 42.57 -36.08 13.17
C GLN J 295 41.59 -36.20 12.01
N THR J 296 41.29 -37.44 11.62
CA THR J 296 40.37 -37.71 10.51
C THR J 296 39.13 -36.82 10.49
N PRO J 297 38.88 -36.17 9.35
CA PRO J 297 37.77 -35.27 9.08
C PRO J 297 36.43 -35.95 8.92
N SER J 298 35.39 -35.14 9.07
CA SER J 298 34.00 -35.58 8.95
C SER J 298 33.78 -36.55 7.81
N PHE J 299 34.06 -36.11 6.58
CA PHE J 299 33.86 -36.95 5.40
C PHE J 299 34.33 -38.40 5.54
N TRP J 300 35.64 -38.57 5.62
CA TRP J 300 36.23 -39.89 5.72
C TRP J 300 35.59 -40.83 6.71
N ILE J 301 35.22 -40.33 7.88
CA ILE J 301 34.56 -41.19 8.85
C ILE J 301 33.32 -41.78 8.19
N LEU J 302 32.52 -40.93 7.58
CA LEU J 302 31.32 -41.38 6.90
C LEU J 302 31.69 -42.40 5.84
N ALA J 303 32.85 -42.22 5.23
CA ALA J 303 33.30 -43.15 4.20
C ALA J 303 33.45 -44.52 4.84
N ARG J 304 34.28 -44.60 5.88
CA ARG J 304 34.48 -45.85 6.58
C ARG J 304 33.10 -46.30 7.06
N ALA J 305 32.38 -45.40 7.72
CA ALA J 305 31.05 -45.73 8.21
C ALA J 305 30.19 -46.42 7.15
N LEU J 306 30.54 -46.19 5.89
CA LEU J 306 29.80 -46.76 4.78
C LEU J 306 30.39 -48.13 4.52
N LYS J 307 31.70 -48.18 4.35
CA LYS J 307 32.40 -49.43 4.10
C LYS J 307 31.91 -50.44 5.11
N GLU J 308 31.90 -50.05 6.39
CA GLU J 308 31.48 -50.92 7.48
C GLU J 308 30.06 -51.41 7.25
N PHE J 309 29.23 -50.56 6.68
CA PHE J 309 27.85 -50.93 6.39
C PHE J 309 27.87 -51.98 5.31
N VAL J 310 28.63 -51.72 4.26
CA VAL J 310 28.73 -52.65 3.15
C VAL J 310 29.10 -54.03 3.70
N ALA J 311 30.20 -54.10 4.43
CA ALA J 311 30.66 -55.36 4.99
C ALA J 311 29.59 -56.05 5.83
N LYS J 312 29.03 -55.34 6.82
CA LYS J 312 28.02 -55.92 7.68
C LYS J 312 26.63 -55.92 7.03
N GLU J 313 25.64 -55.33 7.70
CA GLU J 313 24.26 -55.34 7.19
C GLU J 313 23.98 -54.79 5.78
N GLY J 314 25.03 -54.38 5.08
CA GLY J 314 24.82 -53.88 3.72
C GLY J 314 24.83 -55.06 2.78
N GLN J 315 25.19 -56.21 3.32
CA GLN J 315 25.29 -57.45 2.58
C GLN J 315 25.99 -57.29 1.24
N GLY J 316 27.18 -56.69 1.28
CA GLY J 316 27.95 -56.51 0.07
C GLY J 316 27.82 -55.19 -0.67
N ASN J 317 26.65 -54.57 -0.63
CA ASN J 317 26.46 -53.31 -1.34
C ASN J 317 26.08 -52.11 -0.49
N LEU J 318 26.22 -50.93 -1.10
CA LEU J 318 25.91 -49.66 -0.45
C LEU J 318 24.47 -49.60 0.01
N PRO J 319 24.11 -48.53 0.73
CA PRO J 319 22.73 -48.41 1.20
C PRO J 319 21.82 -48.21 0.00
N VAL J 320 20.53 -48.51 0.19
CA VAL J 320 19.57 -48.34 -0.89
C VAL J 320 19.30 -46.86 -1.05
N ARG J 321 19.35 -46.38 -2.30
CA ARG J 321 19.12 -44.96 -2.57
C ARG J 321 17.70 -44.57 -2.12
N GLY J 322 16.69 -45.30 -2.61
CA GLY J 322 15.34 -45.02 -2.21
C GLY J 322 14.55 -44.09 -3.11
N THR J 323 15.05 -43.85 -4.31
CA THR J 323 14.34 -42.99 -5.25
C THR J 323 14.09 -43.84 -6.48
N ILE J 324 12.89 -43.76 -7.03
CA ILE J 324 12.55 -44.54 -8.21
C ILE J 324 11.98 -43.64 -9.28
N PRO J 325 12.37 -43.88 -10.53
CA PRO J 325 11.89 -43.08 -11.65
C PRO J 325 10.37 -43.10 -11.75
N ASP J 326 9.80 -42.10 -12.42
CA ASP J 326 8.36 -42.05 -12.59
C ASP J 326 8.03 -43.18 -13.55
N MET J 327 6.79 -43.63 -13.51
CA MET J 327 6.37 -44.71 -14.39
C MET J 327 4.86 -44.86 -14.42
N ILE J 328 4.33 -45.01 -15.62
CA ILE J 328 2.89 -45.17 -15.80
C ILE J 328 2.36 -46.17 -14.79
N ALA J 329 1.58 -45.70 -13.84
CA ALA J 329 1.05 -46.58 -12.82
C ALA J 329 -0.08 -45.95 -12.03
N ASP J 330 -0.89 -46.79 -11.41
CA ASP J 330 -2.02 -46.33 -10.61
C ASP J 330 -1.45 -45.36 -9.60
N SER J 331 -2.27 -44.41 -9.15
CA SER J 331 -1.83 -43.42 -8.17
C SER J 331 -1.26 -44.09 -6.90
N GLY J 332 -2.13 -44.71 -6.11
CA GLY J 332 -1.68 -45.37 -4.89
C GLY J 332 -0.67 -46.49 -5.08
N LYS J 333 -0.74 -47.19 -6.21
CA LYS J 333 0.18 -48.29 -6.48
C LYS J 333 1.64 -47.83 -6.63
N TYR J 334 1.83 -46.75 -7.40
CA TYR J 334 3.18 -46.22 -7.61
C TYR J 334 3.75 -45.76 -6.29
N ILE J 335 2.95 -45.02 -5.54
CA ILE J 335 3.39 -44.55 -4.24
C ILE J 335 3.82 -45.71 -3.33
N LYS J 336 2.92 -46.65 -3.07
CA LYS J 336 3.25 -47.79 -2.23
C LYS J 336 4.63 -48.32 -2.61
N LEU J 337 4.85 -48.52 -3.91
CA LEU J 337 6.15 -49.00 -4.39
C LEU J 337 7.25 -48.04 -4.00
N GLN J 338 6.98 -46.75 -4.17
CA GLN J 338 7.95 -45.73 -3.81
C GLN J 338 8.32 -45.92 -2.35
N ASN J 339 7.32 -45.90 -1.48
CA ASN J 339 7.55 -46.08 -0.04
C ASN J 339 8.41 -47.29 0.32
N VAL J 340 8.15 -48.40 -0.35
CA VAL J 340 8.91 -49.63 -0.10
C VAL J 340 10.38 -49.28 -0.09
N TYR J 341 10.80 -48.60 -1.16
CA TYR J 341 12.18 -48.17 -1.31
C TYR J 341 12.55 -47.10 -0.29
N ARG J 342 11.69 -46.10 -0.16
CA ARG J 342 11.93 -45.02 0.78
C ARG J 342 12.24 -45.60 2.15
N GLU J 343 11.34 -46.44 2.66
CA GLU J 343 11.52 -47.06 3.96
C GLU J 343 12.82 -47.84 4.06
N LYS J 344 13.07 -48.73 3.11
CA LYS J 344 14.30 -49.51 3.12
C LYS J 344 15.48 -48.55 3.26
N ALA J 345 15.52 -47.55 2.39
CA ALA J 345 16.59 -46.56 2.39
C ALA J 345 16.75 -45.90 3.75
N LYS J 346 15.64 -45.58 4.40
CA LYS J 346 15.69 -44.96 5.70
C LYS J 346 16.30 -45.91 6.73
N LYS J 347 16.06 -47.21 6.56
CA LYS J 347 16.60 -48.20 7.49
C LYS J 347 18.11 -48.26 7.28
N ASP J 348 18.52 -48.62 6.06
CA ASP J 348 19.94 -48.69 5.74
C ASP J 348 20.58 -47.41 6.24
N ALA J 349 19.79 -46.33 6.18
CA ALA J 349 20.23 -45.03 6.61
C ALA J 349 20.75 -45.10 8.03
N ALA J 350 19.88 -45.51 8.96
CA ALA J 350 20.26 -45.63 10.36
C ALA J 350 21.44 -46.56 10.52
N ALA J 351 21.37 -47.70 9.84
CA ALA J 351 22.45 -48.70 9.88
C ALA J 351 23.79 -47.99 9.74
N VAL J 352 23.94 -47.26 8.65
CA VAL J 352 25.16 -46.50 8.39
C VAL J 352 25.34 -45.51 9.53
N GLY J 353 24.22 -45.03 10.05
CA GLY J 353 24.23 -44.08 11.13
C GLY J 353 24.86 -44.65 12.39
N ASN J 354 24.64 -45.94 12.62
CA ASN J 354 25.21 -46.57 13.80
C ASN J 354 26.71 -46.64 13.64
N HIS J 355 27.15 -47.27 12.56
CA HIS J 355 28.58 -47.38 12.32
C HIS J 355 29.28 -46.06 12.53
N VAL J 356 28.63 -44.98 12.10
CA VAL J 356 29.20 -43.67 12.29
C VAL J 356 29.47 -43.44 13.77
N ALA J 357 28.40 -43.46 14.56
CA ALA J 357 28.52 -43.26 16.00
C ALA J 357 29.64 -44.12 16.57
N LYS J 358 29.53 -45.43 16.36
CA LYS J 358 30.55 -46.34 16.86
C LYS J 358 31.93 -45.78 16.53
N LEU J 359 32.14 -45.37 15.28
CA LEU J 359 33.43 -44.81 14.88
C LEU J 359 33.75 -43.56 15.69
N LEU J 360 32.86 -42.59 15.63
CA LEU J 360 33.06 -41.36 16.36
C LEU J 360 33.47 -41.68 17.80
N GLN J 361 32.88 -42.73 18.36
CA GLN J 361 33.21 -43.12 19.73
C GLN J 361 34.65 -43.57 19.84
N SER J 362 35.03 -44.55 19.03
CA SER J 362 36.38 -45.08 19.08
C SER J 362 37.41 -44.02 18.72
N ILE J 363 37.02 -42.77 18.87
CA ILE J 363 37.92 -41.68 18.57
C ILE J 363 37.79 -40.57 19.62
N GLY J 364 36.61 -40.43 20.20
CA GLY J 364 36.43 -39.39 21.19
C GLY J 364 35.27 -38.48 20.86
N GLN J 365 35.35 -37.80 19.73
CA GLN J 365 34.28 -36.90 19.31
C GLN J 365 32.91 -37.52 19.62
N ALA J 366 32.01 -36.72 20.16
CA ALA J 366 30.67 -37.20 20.54
C ALA J 366 29.83 -37.63 19.33
N PRO J 367 29.11 -38.76 19.46
CA PRO J 367 28.26 -39.31 18.40
C PRO J 367 27.29 -38.31 17.80
N GLU J 368 27.22 -37.12 18.39
CA GLU J 368 26.35 -36.07 17.89
C GLU J 368 27.21 -35.02 17.16
N SER J 369 28.47 -35.39 16.90
CA SER J 369 29.40 -34.51 16.21
C SER J 369 29.00 -34.41 14.73
N ILE J 370 28.20 -35.37 14.28
CA ILE J 370 27.71 -35.42 12.92
C ILE J 370 26.19 -35.40 12.87
N SER J 371 25.66 -34.41 12.13
CA SER J 371 24.21 -34.24 12.01
C SER J 371 23.49 -35.30 11.21
N GLU J 372 22.22 -35.51 11.57
CA GLU J 372 21.39 -36.49 10.89
C GLU J 372 21.27 -36.08 9.44
N LYS J 373 21.24 -34.77 9.21
CA LYS J 373 21.12 -34.24 7.85
C LYS J 373 22.31 -34.70 7.02
N GLU J 374 23.52 -34.54 7.56
CA GLU J 374 24.72 -34.96 6.85
C GLU J 374 24.62 -36.42 6.49
N LEU J 375 24.14 -37.21 7.43
CA LEU J 375 24.00 -38.64 7.24
C LEU J 375 23.02 -38.98 6.14
N LYS J 376 21.77 -38.59 6.33
CA LYS J 376 20.73 -38.88 5.34
C LYS J 376 21.08 -38.41 3.95
N LEU J 377 22.04 -37.50 3.85
CA LEU J 377 22.47 -36.99 2.56
C LEU J 377 23.54 -37.91 2.01
N LEU J 378 24.58 -38.10 2.84
CA LEU J 378 25.72 -38.95 2.53
C LEU J 378 25.24 -40.28 1.97
N CYS J 379 24.17 -40.80 2.54
CA CYS J 379 23.62 -42.06 2.09
C CYS J 379 23.04 -41.92 0.68
N SER J 380 22.09 -41.02 0.51
CA SER J 380 21.49 -40.84 -0.80
C SER J 380 22.55 -40.72 -1.89
N ASN J 381 23.63 -40.00 -1.60
CA ASN J 381 24.69 -39.85 -2.59
C ASN J 381 25.82 -40.84 -2.40
N SER J 382 25.53 -41.91 -1.67
CA SER J 382 26.55 -42.92 -1.41
C SER J 382 27.32 -43.25 -2.67
N ALA J 383 26.59 -43.65 -3.70
CA ALA J 383 27.21 -44.05 -4.96
C ALA J 383 27.82 -42.93 -5.80
N PHE J 384 27.71 -41.69 -5.33
CA PHE J 384 28.23 -40.57 -6.09
C PHE J 384 29.32 -39.81 -5.39
N LEU J 385 29.86 -40.39 -4.33
CA LEU J 385 30.93 -39.71 -3.60
C LEU J 385 32.08 -39.50 -4.56
N ARG J 386 32.85 -38.45 -4.35
CA ARG J 386 34.00 -38.18 -5.20
C ARG J 386 35.01 -37.33 -4.49
N VAL J 387 36.28 -37.72 -4.62
CA VAL J 387 37.36 -37.01 -3.95
C VAL J 387 38.37 -36.53 -4.95
N VAL J 388 38.91 -35.33 -4.72
CA VAL J 388 39.88 -34.75 -5.63
C VAL J 388 41.14 -34.25 -4.94
N ARG J 389 42.29 -34.72 -5.37
CA ARG J 389 43.54 -34.27 -4.79
C ARG J 389 44.37 -33.62 -5.88
N CYS J 390 44.87 -32.42 -5.61
CA CYS J 390 45.68 -31.71 -6.59
C CYS J 390 47.16 -31.76 -6.24
N ARG J 391 48.00 -31.92 -7.26
CA ARG J 391 49.43 -31.94 -7.02
C ARG J 391 49.81 -30.52 -6.66
N SER J 392 50.61 -30.35 -5.60
CA SER J 392 51.03 -29.01 -5.20
C SER J 392 51.62 -28.32 -6.43
N LEU J 393 51.64 -26.99 -6.43
CA LEU J 393 52.19 -26.33 -7.60
C LEU J 393 53.66 -26.73 -7.71
N ALA J 394 54.36 -26.63 -6.59
CA ALA J 394 55.77 -26.99 -6.55
C ALA J 394 56.07 -28.31 -7.27
N GLU J 395 55.27 -29.34 -6.99
CA GLU J 395 55.48 -30.65 -7.61
C GLU J 395 55.43 -30.59 -9.14
N GLU J 396 54.62 -29.70 -9.68
CA GLU J 396 54.47 -29.58 -11.13
C GLU J 396 55.65 -28.83 -11.72
N TYR J 397 56.28 -28.03 -10.88
CA TYR J 397 57.42 -27.25 -11.32
C TYR J 397 58.71 -27.89 -10.84
N GLY J 398 58.57 -29.01 -10.13
CA GLY J 398 59.73 -29.71 -9.64
C GLY J 398 60.42 -30.39 -10.81
N LEU J 399 61.74 -30.46 -10.78
CA LEU J 399 62.50 -31.08 -11.86
C LEU J 399 62.36 -32.60 -11.96
N ASP J 400 62.33 -33.26 -10.82
CA ASP J 400 62.20 -34.71 -10.80
C ASP J 400 60.73 -35.10 -10.85
N THR J 401 59.86 -34.23 -10.34
CA THR J 401 58.43 -34.49 -10.27
C THR J 401 57.54 -34.07 -11.45
N ILE J 402 58.04 -33.21 -12.32
CA ILE J 402 57.25 -32.74 -13.47
C ILE J 402 56.59 -33.91 -14.23
N ASN J 403 55.26 -33.98 -14.15
CA ASN J 403 54.50 -35.03 -14.83
C ASN J 403 54.72 -34.91 -16.33
N LYS J 404 55.94 -35.20 -16.79
CA LYS J 404 56.27 -35.09 -18.20
C LYS J 404 55.77 -36.23 -19.08
N ASP J 405 55.10 -37.21 -18.48
CA ASP J 405 54.55 -38.30 -19.27
C ASP J 405 53.33 -37.72 -20.01
N GLU J 406 52.46 -37.08 -19.23
CA GLU J 406 51.24 -36.45 -19.74
C GLU J 406 51.51 -35.36 -20.78
N ILE J 407 52.53 -34.54 -20.55
CA ILE J 407 52.87 -33.47 -21.49
C ILE J 407 53.14 -34.02 -22.88
N ILE J 408 54.09 -34.96 -22.94
CA ILE J 408 54.47 -35.57 -24.19
C ILE J 408 53.32 -36.35 -24.79
N SER J 409 52.64 -37.11 -23.94
CA SER J 409 51.50 -37.91 -24.38
C SER J 409 50.52 -37.07 -25.20
N SER J 410 50.28 -35.84 -24.76
CA SER J 410 49.35 -34.96 -25.44
C SER J 410 49.95 -34.40 -26.70
N MET J 411 51.17 -33.91 -26.60
CA MET J 411 51.86 -33.31 -27.72
C MET J 411 51.91 -34.10 -29.02
N ASP J 412 51.23 -35.25 -29.05
CA ASP J 412 51.20 -36.08 -30.25
C ASP J 412 50.24 -35.49 -31.28
N ASN J 413 49.97 -34.19 -31.12
CA ASN J 413 49.12 -33.39 -31.98
C ASN J 413 49.55 -31.96 -31.72
N PRO J 414 50.44 -31.43 -32.56
CA PRO J 414 50.95 -30.06 -32.43
C PRO J 414 49.90 -28.98 -32.22
N ASP J 415 48.63 -29.35 -32.32
CA ASP J 415 47.55 -28.39 -32.13
C ASP J 415 46.77 -28.69 -30.85
N ASN J 416 47.45 -29.30 -29.87
CA ASN J 416 46.81 -29.64 -28.61
C ASN J 416 47.04 -28.53 -27.59
N GLU J 417 45.95 -28.05 -27.01
CA GLU J 417 45.97 -26.99 -26.02
C GLU J 417 47.23 -26.94 -25.13
N ILE J 418 47.82 -28.10 -24.86
CA ILE J 418 49.00 -28.18 -24.00
C ILE J 418 50.17 -27.39 -24.56
N VAL J 419 50.18 -27.21 -25.88
CA VAL J 419 51.22 -26.43 -26.53
C VAL J 419 51.26 -25.11 -25.79
N LEU J 420 50.07 -24.50 -25.75
CA LEU J 420 49.85 -23.22 -25.10
C LEU J 420 50.43 -23.21 -23.70
N TYR J 421 50.30 -24.33 -22.99
CA TYR J 421 50.84 -24.39 -21.65
C TYR J 421 52.33 -24.13 -21.74
N LEU J 422 53.01 -24.97 -22.50
CA LEU J 422 54.44 -24.85 -22.69
C LEU J 422 54.77 -23.42 -23.04
N MET J 423 54.09 -22.90 -24.06
CA MET J 423 54.32 -21.52 -24.48
C MET J 423 54.32 -20.54 -23.31
N LEU J 424 53.32 -20.67 -22.45
CA LEU J 424 53.25 -19.79 -21.31
C LEU J 424 54.50 -19.96 -20.50
N ARG J 425 54.83 -21.20 -20.18
CA ARG J 425 56.04 -21.51 -19.39
C ARG J 425 57.18 -20.79 -20.07
N ALA J 426 57.21 -20.91 -21.39
CA ALA J 426 58.22 -20.26 -22.22
C ALA J 426 58.22 -18.78 -21.93
N VAL J 427 57.09 -18.14 -22.24
CA VAL J 427 56.92 -16.72 -22.02
C VAL J 427 57.37 -16.36 -20.61
N ASP J 428 56.81 -17.04 -19.62
CA ASP J 428 57.17 -16.78 -18.24
C ASP J 428 58.68 -16.79 -18.08
N ARG J 429 59.35 -17.74 -18.74
CA ARG J 429 60.80 -17.83 -18.66
C ARG J 429 61.33 -16.53 -19.26
N PHE J 430 60.93 -16.31 -20.51
CA PHE J 430 61.32 -15.14 -21.25
C PHE J 430 61.18 -13.91 -20.39
N HIS J 431 60.18 -13.89 -19.53
CA HIS J 431 59.98 -12.72 -18.67
C HIS J 431 61.02 -12.64 -17.58
N LYS J 432 61.11 -13.68 -16.76
CA LYS J 432 62.07 -13.64 -15.68
C LYS J 432 63.39 -13.22 -16.28
N GLN J 433 63.71 -13.82 -17.42
CA GLN J 433 64.95 -13.55 -18.12
C GLN J 433 65.09 -12.12 -18.66
N GLN J 434 64.08 -11.66 -19.39
CA GLN J 434 64.10 -10.33 -20.00
C GLN J 434 63.70 -9.15 -19.13
N GLY J 435 62.56 -9.25 -18.47
CA GLY J 435 62.10 -8.15 -17.65
C GLY J 435 60.82 -7.59 -18.23
N ARG J 436 60.42 -8.15 -19.37
CA ARG J 436 59.21 -7.75 -20.07
C ARG J 436 58.70 -8.97 -20.82
N TYR J 437 57.47 -8.89 -21.31
CA TYR J 437 56.91 -10.03 -22.04
C TYR J 437 57.17 -9.96 -23.53
N PRO J 438 57.06 -11.10 -24.21
CA PRO J 438 57.28 -11.18 -25.65
C PRO J 438 56.49 -10.18 -26.48
N GLY J 439 57.20 -9.15 -26.94
CA GLY J 439 56.61 -8.12 -27.79
C GLY J 439 55.43 -7.31 -27.31
N VAL J 440 55.59 -6.61 -26.19
CA VAL J 440 54.51 -5.77 -25.68
C VAL J 440 54.32 -4.61 -26.64
N SER J 441 55.41 -3.96 -27.01
CA SER J 441 55.36 -2.83 -27.94
C SER J 441 55.30 -3.37 -29.36
N ASN J 442 54.86 -2.55 -30.30
CA ASN J 442 54.73 -2.99 -31.69
C ASN J 442 56.01 -3.27 -32.47
N TYR J 443 57.16 -2.83 -31.97
CA TYR J 443 58.41 -3.08 -32.68
C TYR J 443 59.14 -4.27 -32.10
N GLN J 444 58.97 -4.46 -30.79
CA GLN J 444 59.62 -5.57 -30.11
C GLN J 444 59.24 -6.91 -30.72
N VAL J 445 58.18 -6.95 -31.53
CA VAL J 445 57.74 -8.21 -32.15
C VAL J 445 58.89 -8.96 -32.82
N GLU J 446 59.34 -8.45 -33.96
CA GLU J 446 60.44 -9.04 -34.72
C GLU J 446 61.54 -9.55 -33.80
N GLU J 447 62.25 -8.60 -33.20
CA GLU J 447 63.35 -8.86 -32.27
C GLU J 447 63.06 -10.04 -31.32
N ASP J 448 61.99 -9.90 -30.54
CA ASP J 448 61.57 -10.90 -29.56
C ASP J 448 61.25 -12.30 -30.06
N ILE J 449 60.65 -12.42 -31.24
CA ILE J 449 60.29 -13.74 -31.76
C ILE J 449 61.45 -14.73 -31.63
N GLY J 450 62.64 -14.31 -32.05
CA GLY J 450 63.78 -15.19 -31.92
C GLY J 450 64.09 -15.41 -30.45
N LYS J 451 64.27 -14.30 -29.73
CA LYS J 451 64.56 -14.34 -28.30
C LYS J 451 63.64 -15.26 -27.54
N LEU J 452 62.35 -15.24 -27.89
CA LEU J 452 61.37 -16.08 -27.22
C LEU J 452 61.67 -17.55 -27.46
N LYS J 453 61.79 -17.95 -28.72
CA LYS J 453 62.06 -19.35 -29.02
C LYS J 453 63.27 -19.85 -28.25
N SER J 454 64.30 -19.02 -28.13
CA SER J 454 65.50 -19.40 -27.40
C SER J 454 65.15 -19.79 -25.97
N CYS J 455 64.01 -19.31 -25.50
CA CYS J 455 63.56 -19.61 -24.16
C CYS J 455 62.62 -20.80 -24.15
N LEU J 456 61.83 -20.96 -25.21
CA LEU J 456 60.93 -22.11 -25.29
C LEU J 456 61.83 -23.34 -25.17
N THR J 457 62.89 -23.33 -25.97
CA THR J 457 63.85 -24.41 -25.98
C THR J 457 64.53 -24.49 -24.62
N GLY J 458 65.18 -23.41 -24.20
CA GLY J 458 65.83 -23.40 -22.91
C GLY J 458 64.97 -24.11 -21.87
N PHE J 459 63.68 -23.80 -21.90
CA PHE J 459 62.73 -24.40 -20.98
C PHE J 459 62.64 -25.89 -21.25
N LEU J 460 62.27 -26.25 -22.46
CA LEU J 460 62.13 -27.65 -22.84
C LEU J 460 63.32 -28.54 -22.47
N GLN J 461 64.52 -27.96 -22.43
CA GLN J 461 65.69 -28.74 -22.08
C GLN J 461 65.80 -28.87 -20.57
N GLU J 462 65.70 -27.75 -19.85
CA GLU J 462 65.80 -27.81 -18.40
C GLU J 462 64.99 -28.97 -17.86
N TYR J 463 63.86 -29.28 -18.50
CA TYR J 463 63.01 -30.37 -18.06
C TYR J 463 63.21 -31.62 -18.89
N GLY J 464 63.86 -31.46 -20.03
CA GLY J 464 64.11 -32.61 -20.88
C GLY J 464 62.83 -33.11 -21.51
N LEU J 465 62.25 -32.26 -22.33
CA LEU J 465 61.02 -32.59 -23.02
C LEU J 465 61.29 -32.58 -24.52
N SER J 466 61.31 -33.76 -25.13
CA SER J 466 61.55 -33.88 -26.56
C SER J 466 60.23 -33.75 -27.32
N VAL J 467 59.78 -32.50 -27.53
CA VAL J 467 58.54 -32.23 -28.24
C VAL J 467 58.69 -31.16 -29.32
N MET J 468 57.83 -31.23 -30.32
CA MET J 468 57.88 -30.29 -31.44
C MET J 468 56.79 -29.22 -31.33
N VAL J 469 57.23 -27.97 -31.17
CA VAL J 469 56.34 -26.81 -31.04
C VAL J 469 56.36 -25.96 -32.31
N LYS J 470 55.34 -26.12 -33.18
CA LYS J 470 55.28 -25.35 -34.43
C LYS J 470 55.80 -23.94 -34.18
N ASP J 471 56.67 -23.46 -35.05
CA ASP J 471 57.21 -22.11 -34.87
C ASP J 471 56.09 -21.07 -34.78
N ASP J 472 54.97 -21.37 -35.43
CA ASP J 472 53.83 -20.47 -35.42
C ASP J 472 53.45 -20.03 -34.01
N TYR J 473 53.33 -20.99 -33.09
CA TYR J 473 52.97 -20.63 -31.74
C TYR J 473 53.91 -19.65 -31.11
N VAL J 474 55.10 -19.49 -31.67
CA VAL J 474 56.05 -18.54 -31.09
C VAL J 474 55.71 -17.15 -31.60
N HIS J 475 55.45 -17.04 -32.91
CA HIS J 475 55.08 -15.75 -33.48
C HIS J 475 53.83 -15.31 -32.75
N GLU J 476 52.83 -16.18 -32.78
CA GLU J 476 51.56 -15.91 -32.17
C GLU J 476 51.71 -15.23 -30.83
N PHE J 477 52.24 -15.94 -29.83
CA PHE J 477 52.39 -15.35 -28.52
C PHE J 477 53.10 -14.01 -28.51
N CYS J 478 54.00 -13.78 -29.44
CA CYS J 478 54.68 -12.50 -29.49
C CYS J 478 53.65 -11.48 -29.95
N ARG J 479 52.74 -11.93 -30.80
CA ARG J 479 51.69 -11.07 -31.32
C ARG J 479 50.80 -10.63 -30.17
N TYR J 480 50.39 -11.60 -29.35
CA TYR J 480 49.53 -11.35 -28.18
C TYR J 480 50.05 -10.18 -27.37
N GLY J 481 51.37 -10.05 -27.30
CA GLY J 481 51.95 -8.95 -26.56
C GLY J 481 51.38 -8.87 -25.17
N ALA J 482 51.22 -10.03 -24.54
CA ALA J 482 50.69 -10.08 -23.18
C ALA J 482 49.38 -9.29 -23.02
N ALA J 483 48.61 -9.19 -24.10
CA ALA J 483 47.35 -8.49 -24.06
C ALA J 483 46.30 -9.34 -23.34
N GLU J 484 45.45 -8.69 -22.56
CA GLU J 484 44.38 -9.35 -21.83
C GLU J 484 43.03 -9.01 -22.47
N PRO J 485 42.74 -9.61 -23.62
CA PRO J 485 41.48 -9.37 -24.32
C PRO J 485 40.34 -9.63 -23.37
N HIS J 486 39.35 -8.75 -23.35
CA HIS J 486 38.22 -8.92 -22.45
C HIS J 486 37.40 -10.18 -22.71
N THR J 487 36.99 -10.43 -23.95
CA THR J 487 36.18 -11.62 -24.25
C THR J 487 36.86 -12.89 -23.75
N ILE J 488 38.17 -12.83 -23.56
CA ILE J 488 38.89 -13.98 -23.07
C ILE J 488 38.78 -13.95 -21.55
N ALA J 489 39.25 -12.87 -20.95
CA ALA J 489 39.19 -12.73 -19.51
C ALA J 489 37.78 -13.07 -19.05
N ALA J 490 36.78 -12.71 -19.85
CA ALA J 490 35.38 -12.97 -19.49
C ALA J 490 35.15 -14.46 -19.39
N PHE J 491 35.46 -15.18 -20.46
CA PHE J 491 35.27 -16.64 -20.49
C PHE J 491 35.88 -17.26 -19.24
N LEU J 492 37.15 -16.95 -19.04
CA LEU J 492 37.91 -17.46 -17.93
C LEU J 492 37.24 -17.09 -16.62
N GLY J 493 36.86 -15.83 -16.49
CA GLY J 493 36.20 -15.40 -15.27
C GLY J 493 34.92 -16.15 -15.01
N GLY J 494 34.32 -16.66 -16.07
CA GLY J 494 33.08 -17.39 -15.92
C GLY J 494 33.30 -18.78 -15.38
N ALA J 495 34.18 -19.53 -16.03
CA ALA J 495 34.47 -20.90 -15.62
C ALA J 495 35.11 -20.93 -14.25
N ALA J 496 36.00 -19.97 -14.01
CA ALA J 496 36.71 -19.86 -12.76
C ALA J 496 35.76 -19.61 -11.61
N ALA J 497 34.89 -18.64 -11.81
CA ALA J 497 33.92 -18.27 -10.79
C ALA J 497 33.17 -19.48 -10.29
N GLN J 498 32.80 -20.34 -11.21
CA GLN J 498 32.05 -21.51 -10.86
C GLN J 498 32.87 -22.45 -10.03
N GLU J 499 34.14 -22.64 -10.39
CA GLU J 499 34.98 -23.54 -9.62
C GLU J 499 35.04 -23.03 -8.21
N VAL J 500 35.32 -21.74 -8.04
CA VAL J 500 35.35 -21.16 -6.70
C VAL J 500 34.10 -21.53 -5.89
N ILE J 501 32.94 -21.53 -6.53
CA ILE J 501 31.71 -21.92 -5.86
C ILE J 501 31.75 -23.39 -5.51
N LYS J 502 32.06 -24.20 -6.52
CA LYS J 502 32.14 -25.64 -6.33
C LYS J 502 32.95 -25.91 -5.09
N ILE J 503 33.96 -25.08 -4.88
CA ILE J 503 34.85 -25.20 -3.75
C ILE J 503 34.17 -24.76 -2.48
N ILE J 504 33.53 -23.60 -2.53
CA ILE J 504 32.86 -23.05 -1.36
C ILE J 504 31.69 -23.89 -0.93
N THR J 505 30.89 -24.33 -1.88
CA THR J 505 29.73 -25.12 -1.54
C THR J 505 30.05 -26.59 -1.36
N LYS J 506 31.22 -26.99 -1.83
CA LYS J 506 31.62 -28.40 -1.75
C LYS J 506 30.46 -29.11 -2.38
N GLN J 507 29.90 -28.50 -3.43
CA GLN J 507 28.74 -29.06 -4.06
C GLN J 507 28.86 -29.70 -5.43
N PHE J 508 29.99 -29.58 -6.10
CA PHE J 508 30.07 -30.25 -7.38
C PHE J 508 31.47 -30.77 -7.49
N VAL J 509 31.86 -31.21 -8.69
CA VAL J 509 33.21 -31.73 -8.85
C VAL J 509 34.13 -30.75 -9.53
N ILE J 510 35.15 -30.32 -8.82
CA ILE J 510 36.10 -29.36 -9.35
C ILE J 510 36.95 -30.01 -10.43
N PHE J 511 37.36 -29.22 -11.42
CA PHE J 511 38.18 -29.78 -12.48
C PHE J 511 39.47 -30.17 -11.83
N ASN J 512 40.20 -31.11 -12.42
CA ASN J 512 41.43 -31.50 -11.78
C ASN J 512 42.75 -31.08 -12.45
N ASN J 513 43.50 -30.25 -11.74
CA ASN J 513 44.76 -29.71 -12.21
C ASN J 513 44.49 -28.77 -13.37
N THR J 514 45.51 -28.12 -13.90
CA THR J 514 45.37 -27.18 -15.03
C THR J 514 44.28 -27.31 -16.11
N TYR J 515 43.66 -26.17 -16.43
CA TYR J 515 42.63 -26.05 -17.47
C TYR J 515 43.12 -25.06 -18.52
N ILE J 516 42.93 -25.38 -19.79
CA ILE J 516 43.40 -24.48 -20.84
C ILE J 516 42.40 -24.18 -21.95
N TYR J 517 42.12 -22.90 -22.13
CA TYR J 517 41.17 -22.43 -23.13
C TYR J 517 41.86 -21.66 -24.26
N SER J 518 41.51 -22.02 -25.49
CA SER J 518 42.08 -21.38 -26.67
C SER J 518 41.02 -20.59 -27.40
N GLY J 519 41.28 -19.30 -27.54
CA GLY J 519 40.34 -18.44 -28.20
C GLY J 519 40.29 -18.78 -29.68
N MET J 520 41.47 -18.84 -30.30
CA MET J 520 41.57 -19.14 -31.71
C MET J 520 40.69 -20.30 -32.15
N SER J 521 40.89 -21.45 -31.53
CA SER J 521 40.13 -22.62 -31.90
C SER J 521 38.81 -22.71 -31.15
N GLN J 522 38.66 -21.90 -30.10
CA GLN J 522 37.44 -21.96 -29.30
C GLN J 522 37.31 -23.40 -28.81
N THR J 523 38.34 -23.86 -28.10
CA THR J 523 38.38 -25.21 -27.56
C THR J 523 39.13 -25.21 -26.22
N SER J 524 38.90 -26.23 -25.40
CA SER J 524 39.55 -26.30 -24.11
C SER J 524 39.94 -27.72 -23.73
N ALA J 525 40.73 -27.86 -22.67
CA ALA J 525 41.15 -29.17 -22.18
C ALA J 525 41.70 -29.06 -20.76
N THR J 526 41.36 -30.04 -19.93
CA THR J 526 41.81 -30.08 -18.54
C THR J 526 43.05 -30.95 -18.57
N PHE J 527 43.93 -30.87 -17.57
CA PHE J 527 45.09 -31.76 -17.66
C PHE J 527 45.49 -32.72 -16.55
N GLN J 528 46.79 -32.99 -16.53
CA GLN J 528 47.51 -33.89 -15.63
C GLN J 528 47.03 -34.30 -14.24
N LEU J 529 46.19 -35.32 -14.14
CA LEU J 529 45.66 -35.87 -12.87
C LEU J 529 44.17 -36.17 -12.99
N ASP K 1 39.11 6.48 -27.18
CA ASP K 1 39.10 7.97 -27.11
C ASP K 1 40.16 8.61 -26.18
N TRP K 2 40.95 7.80 -25.47
CA TRP K 2 42.00 8.32 -24.57
C TRP K 2 43.23 7.44 -24.65
N GLU K 3 44.33 7.89 -24.06
CA GLU K 3 45.58 7.14 -24.15
C GLU K 3 45.66 5.75 -23.56
N GLY K 4 45.93 4.77 -24.43
CA GLY K 4 46.06 3.40 -24.02
C GLY K 4 44.79 2.59 -23.92
N ARG K 5 43.65 3.24 -24.06
CA ARG K 5 42.38 2.56 -23.95
C ARG K 5 42.25 1.27 -24.74
N TRP K 6 42.33 1.35 -26.06
CA TRP K 6 42.13 0.15 -26.86
C TRP K 6 43.35 -0.71 -27.14
N ASN K 7 44.37 -0.66 -26.28
CA ASN K 7 45.56 -1.48 -26.51
C ASN K 7 45.28 -2.98 -26.57
N HIS K 8 44.33 -3.43 -25.78
CA HIS K 8 43.99 -4.85 -25.74
C HIS K 8 43.22 -5.29 -26.97
N VAL K 9 43.25 -4.47 -28.00
CA VAL K 9 42.54 -4.79 -29.22
C VAL K 9 43.43 -4.44 -30.41
N LYS K 10 44.14 -3.32 -30.30
CA LYS K 10 45.03 -2.92 -31.37
C LYS K 10 45.96 -4.07 -31.72
N LYS K 11 46.55 -4.69 -30.70
CA LYS K 11 47.47 -5.78 -30.91
C LYS K 11 46.98 -6.89 -31.81
N PHE K 12 45.66 -7.00 -31.99
CA PHE K 12 45.14 -8.05 -32.87
C PHE K 12 44.73 -7.50 -34.22
N LEU K 13 44.64 -6.18 -34.31
CA LEU K 13 44.26 -5.55 -35.55
C LEU K 13 45.44 -4.88 -36.23
N GLU K 14 46.36 -4.35 -35.43
CA GLU K 14 47.53 -3.67 -35.96
C GLU K 14 48.63 -4.64 -36.35
N ARG K 15 48.69 -5.78 -35.67
CA ARG K 15 49.73 -6.76 -35.94
C ARG K 15 49.26 -7.94 -36.79
N SER K 16 50.15 -8.41 -37.68
CA SER K 16 49.84 -9.55 -38.53
C SER K 16 50.02 -10.81 -37.71
N GLY K 17 49.68 -11.96 -38.27
CA GLY K 17 49.82 -13.17 -37.47
C GLY K 17 49.81 -14.49 -38.22
N PRO K 18 50.12 -15.58 -37.52
CA PRO K 18 50.17 -16.93 -38.06
C PRO K 18 48.79 -17.53 -38.31
N PHE K 19 47.94 -17.50 -37.30
CA PHE K 19 46.61 -18.07 -37.42
C PHE K 19 45.62 -17.07 -37.97
N THR K 20 46.14 -15.91 -38.35
CA THR K 20 45.32 -14.85 -38.91
C THR K 20 44.48 -15.34 -40.09
N HIS K 21 43.22 -14.92 -40.17
CA HIS K 21 42.34 -15.31 -41.27
C HIS K 21 42.91 -14.75 -42.58
N PRO K 22 42.79 -15.50 -43.68
CA PRO K 22 43.29 -15.05 -44.98
C PRO K 22 43.04 -13.59 -45.34
N ASP K 23 41.78 -13.23 -45.48
CA ASP K 23 41.40 -11.86 -45.84
C ASP K 23 41.84 -10.81 -44.84
N PHE K 24 42.80 -11.13 -43.98
CA PHE K 24 43.26 -10.16 -42.97
C PHE K 24 44.29 -9.15 -43.42
N GLU K 25 44.01 -7.88 -43.16
CA GLU K 25 44.92 -6.81 -43.51
C GLU K 25 45.26 -6.07 -42.22
N PRO K 26 46.52 -6.17 -41.78
CA PRO K 26 47.03 -5.54 -40.56
C PRO K 26 47.11 -4.03 -40.72
N SER K 27 46.14 -3.29 -40.19
CA SER K 27 46.15 -1.84 -40.30
C SER K 27 45.94 -1.07 -39.01
N THR K 28 46.43 0.17 -38.99
CA THR K 28 46.30 1.05 -37.85
C THR K 28 44.92 1.71 -37.88
N GLU K 29 44.28 1.64 -39.04
CA GLU K 29 42.96 2.22 -39.23
C GLU K 29 41.89 1.22 -38.79
N SER K 30 42.14 -0.06 -39.03
CA SER K 30 41.20 -1.14 -38.69
C SER K 30 40.28 -0.87 -37.50
N LEU K 31 40.86 -0.43 -36.39
CA LEU K 31 40.11 -0.14 -35.17
C LEU K 31 39.03 0.92 -35.30
N GLN K 32 39.47 2.17 -35.53
CA GLN K 32 38.56 3.29 -35.67
C GLN K 32 37.39 2.88 -36.56
N PHE K 33 37.68 2.21 -37.67
CA PHE K 33 36.67 1.75 -38.60
C PHE K 33 35.61 0.97 -37.82
N LEU K 34 36.04 -0.13 -37.20
CA LEU K 34 35.16 -0.98 -36.40
C LEU K 34 34.26 -0.12 -35.49
N LEU K 35 34.89 0.77 -34.76
CA LEU K 35 34.21 1.67 -33.84
C LEU K 35 33.19 2.59 -34.48
N ASP K 36 33.41 2.96 -35.72
CA ASP K 36 32.49 3.87 -36.37
C ASP K 36 31.48 3.22 -37.29
N THR K 37 31.94 2.30 -38.15
CA THR K 37 31.04 1.69 -39.10
C THR K 37 30.31 0.41 -38.77
N CYS K 38 30.92 -0.47 -37.97
CA CYS K 38 30.30 -1.77 -37.67
C CYS K 38 29.04 -1.80 -36.79
N LYS K 39 27.89 -2.04 -37.43
CA LYS K 39 26.60 -2.10 -36.76
C LYS K 39 26.31 -3.52 -36.34
N VAL K 40 26.04 -3.73 -35.04
CA VAL K 40 25.76 -5.05 -34.48
C VAL K 40 24.50 -5.11 -33.63
N LEU K 41 23.59 -5.99 -33.99
CA LEU K 41 22.35 -6.13 -33.26
C LEU K 41 22.51 -7.25 -32.24
N VAL K 42 22.01 -7.03 -31.03
CA VAL K 42 22.11 -8.01 -29.97
C VAL K 42 20.72 -8.37 -29.53
N ILE K 43 20.23 -9.50 -29.99
CA ILE K 43 18.88 -9.91 -29.61
C ILE K 43 18.81 -10.49 -28.21
N GLY K 44 17.99 -9.88 -27.36
CA GLY K 44 17.85 -10.36 -25.99
C GLY K 44 18.70 -9.53 -25.06
N ALA K 45 18.24 -9.36 -23.84
CA ALA K 45 18.98 -8.57 -22.88
C ALA K 45 18.69 -9.05 -21.48
N GLY K 46 19.25 -10.20 -21.17
CA GLY K 46 19.09 -10.81 -19.88
C GLY K 46 20.06 -11.95 -19.91
N GLY K 47 20.85 -12.07 -18.86
CA GLY K 47 21.84 -13.13 -18.83
C GLY K 47 22.78 -12.86 -19.97
N LEU K 48 22.61 -13.62 -21.06
CA LEU K 48 23.43 -13.46 -22.24
C LEU K 48 23.52 -12.02 -22.72
N GLY K 49 22.37 -11.44 -23.00
CA GLY K 49 22.33 -10.07 -23.48
C GLY K 49 23.30 -9.18 -22.74
N CYS K 50 23.05 -8.99 -21.44
CA CYS K 50 23.89 -8.14 -20.63
C CYS K 50 25.33 -8.46 -20.89
N GLU K 51 25.74 -9.68 -20.59
CA GLU K 51 27.11 -10.11 -20.78
C GLU K 51 27.57 -9.80 -22.21
N LEU K 52 26.72 -10.11 -23.19
CA LEU K 52 27.08 -9.83 -24.58
C LEU K 52 27.40 -8.36 -24.81
N LEU K 53 26.51 -7.48 -24.38
CA LEU K 53 26.69 -6.06 -24.53
C LEU K 53 28.02 -5.62 -23.94
N LYS K 54 28.30 -6.07 -22.74
CA LYS K 54 29.54 -5.71 -22.10
C LYS K 54 30.70 -6.12 -23.00
N ASN K 55 30.80 -7.42 -23.27
CA ASN K 55 31.87 -7.93 -24.11
C ASN K 55 32.03 -7.13 -25.39
N LEU K 56 30.95 -7.00 -26.14
CA LEU K 56 31.03 -6.25 -27.39
C LEU K 56 31.56 -4.84 -27.20
N ALA K 57 31.06 -4.16 -26.18
CA ALA K 57 31.44 -2.79 -25.91
C ALA K 57 32.93 -2.58 -25.72
N LEU K 58 33.54 -3.49 -24.98
CA LEU K 58 34.96 -3.41 -24.68
C LEU K 58 35.84 -4.08 -25.72
N SER K 59 35.22 -4.68 -26.73
CA SER K 59 35.98 -5.33 -27.77
C SER K 59 36.30 -4.34 -28.86
N GLY K 60 35.58 -3.23 -28.87
CA GLY K 60 35.80 -2.23 -29.88
C GLY K 60 34.58 -1.93 -30.73
N PHE K 61 33.40 -2.20 -30.18
CA PHE K 61 32.19 -1.94 -30.92
C PHE K 61 31.45 -0.76 -30.32
N ARG K 62 30.98 0.15 -31.17
CA ARG K 62 30.26 1.31 -30.68
C ARG K 62 28.82 1.28 -31.11
N GLN K 63 28.58 0.98 -32.38
CA GLN K 63 27.22 0.94 -32.91
C GLN K 63 26.51 -0.37 -32.58
N ILE K 64 25.79 -0.38 -31.46
CA ILE K 64 25.12 -1.59 -31.01
C ILE K 64 23.65 -1.38 -30.72
N HIS K 65 22.82 -2.30 -31.17
CA HIS K 65 21.41 -2.16 -30.90
C HIS K 65 20.98 -3.33 -30.06
N VAL K 66 20.08 -3.11 -29.12
CA VAL K 66 19.61 -4.21 -28.29
C VAL K 66 18.12 -4.35 -28.39
N ILE K 67 17.64 -5.55 -28.68
CA ILE K 67 16.19 -5.76 -28.76
C ILE K 67 15.78 -6.57 -27.56
N ASP K 68 14.58 -6.34 -27.04
CA ASP K 68 14.12 -7.14 -25.92
C ASP K 68 12.75 -6.76 -25.43
N MET K 69 11.86 -7.72 -25.51
CA MET K 69 10.47 -7.56 -25.15
C MET K 69 10.15 -7.51 -23.69
N ASP K 70 11.03 -8.00 -22.82
CA ASP K 70 10.65 -7.98 -21.43
C ASP K 70 11.03 -6.78 -20.62
N THR K 71 10.45 -6.76 -19.42
CA THR K 71 10.63 -5.71 -18.44
C THR K 71 11.33 -6.33 -17.24
N ILE K 72 12.35 -5.68 -16.71
CA ILE K 72 13.10 -6.18 -15.56
C ILE K 72 12.28 -6.73 -14.39
N ASP K 73 12.71 -7.87 -13.89
CA ASP K 73 12.05 -8.52 -12.76
C ASP K 73 13.11 -8.88 -11.74
N VAL K 74 12.82 -8.65 -10.47
CA VAL K 74 13.76 -8.94 -9.39
C VAL K 74 14.59 -10.21 -9.59
N SER K 75 13.94 -11.29 -10.00
CA SER K 75 14.61 -12.57 -10.22
C SER K 75 15.62 -12.58 -11.38
N ASN K 76 16.06 -11.41 -11.83
CA ASN K 76 17.02 -11.37 -12.89
C ASN K 76 18.27 -10.86 -12.27
N LEU K 77 18.09 -10.13 -11.18
CA LEU K 77 19.19 -9.47 -10.49
C LEU K 77 20.28 -10.37 -9.96
N ASN K 78 20.15 -11.66 -10.22
CA ASN K 78 21.18 -12.56 -9.74
C ASN K 78 22.15 -12.95 -10.83
N ARG K 79 22.03 -12.37 -12.02
CA ARG K 79 22.92 -12.72 -13.11
C ARG K 79 22.93 -11.69 -14.25
N GLN K 80 21.95 -10.80 -14.25
CA GLN K 80 21.80 -9.76 -15.26
C GLN K 80 22.29 -8.50 -14.64
N PHE K 81 23.60 -8.41 -14.46
CA PHE K 81 24.23 -7.29 -13.80
C PHE K 81 23.88 -5.86 -14.21
N LEU K 82 23.35 -5.67 -15.42
CA LEU K 82 23.01 -4.33 -15.85
C LEU K 82 21.76 -3.78 -15.19
N PHE K 83 21.11 -4.57 -14.36
CA PHE K 83 19.90 -4.12 -13.69
C PHE K 83 20.05 -4.04 -12.18
N ARG K 84 19.45 -3.02 -11.59
CA ARG K 84 19.47 -2.86 -10.14
C ARG K 84 18.03 -2.91 -9.68
N PRO K 85 17.79 -3.16 -8.38
CA PRO K 85 16.42 -3.23 -7.86
C PRO K 85 15.58 -2.02 -8.21
N LYS K 86 16.20 -0.85 -8.16
CA LYS K 86 15.50 0.39 -8.48
C LYS K 86 14.97 0.34 -9.91
N ASP K 87 15.72 -0.33 -10.78
CA ASP K 87 15.35 -0.45 -12.18
C ASP K 87 14.21 -1.44 -12.42
N ILE K 88 13.85 -2.21 -11.41
CA ILE K 88 12.77 -3.18 -11.57
C ILE K 88 11.53 -2.54 -12.17
N GLY K 89 10.85 -3.27 -13.03
CA GLY K 89 9.65 -2.76 -13.68
C GLY K 89 9.95 -1.99 -14.95
N ARG K 90 11.21 -1.64 -15.19
CA ARG K 90 11.57 -0.88 -16.38
C ARG K 90 11.85 -1.77 -17.55
N PRO K 91 12.01 -1.18 -18.73
CA PRO K 91 12.29 -1.96 -19.94
C PRO K 91 13.71 -2.51 -19.93
N LYS K 92 13.86 -3.83 -19.96
CA LYS K 92 15.19 -4.41 -19.96
C LYS K 92 16.04 -3.74 -21.01
N ALA K 93 15.56 -3.76 -22.23
CA ALA K 93 16.32 -3.16 -23.31
C ALA K 93 16.77 -1.76 -22.98
N GLU K 94 15.85 -0.98 -22.40
CA GLU K 94 16.12 0.42 -22.05
C GLU K 94 17.27 0.55 -21.07
N VAL K 95 17.04 0.00 -19.89
CA VAL K 95 18.05 0.04 -18.84
C VAL K 95 19.36 -0.50 -19.34
N ALA K 96 19.30 -1.64 -20.03
CA ALA K 96 20.51 -2.24 -20.54
C ALA K 96 21.34 -1.17 -21.21
N ALA K 97 20.75 -0.54 -22.22
CA ALA K 97 21.47 0.49 -22.95
C ALA K 97 21.86 1.65 -22.05
N GLU K 98 20.91 2.10 -21.24
CA GLU K 98 21.14 3.20 -20.33
C GLU K 98 22.44 2.98 -19.59
N PHE K 99 22.51 1.88 -18.87
CA PHE K 99 23.69 1.54 -18.10
C PHE K 99 24.93 1.45 -18.97
N LEU K 100 24.91 0.57 -19.95
CA LEU K 100 26.10 0.40 -20.77
C LEU K 100 26.65 1.67 -21.43
N ASN K 101 25.75 2.50 -21.97
CA ASN K 101 26.17 3.75 -22.62
C ASN K 101 26.80 4.68 -21.62
N ASP K 102 26.70 4.32 -20.34
CA ASP K 102 27.24 5.13 -19.29
C ASP K 102 28.56 4.57 -18.80
N ARG K 103 28.57 3.28 -18.44
CA ARG K 103 29.77 2.64 -17.93
C ARG K 103 30.92 2.66 -18.91
N VAL K 104 30.58 2.55 -20.19
CA VAL K 104 31.61 2.54 -21.23
C VAL K 104 31.63 3.83 -22.04
N PRO K 105 32.46 4.80 -21.62
CA PRO K 105 32.65 6.11 -22.22
C PRO K 105 31.87 6.49 -23.46
N ASN K 106 32.39 6.16 -24.63
CA ASN K 106 31.67 6.58 -25.82
C ASN K 106 30.81 5.59 -26.58
N CYS K 107 30.31 4.59 -25.87
CA CYS K 107 29.48 3.59 -26.51
C CYS K 107 28.21 4.27 -26.99
N ASN K 108 27.52 3.65 -27.96
CA ASN K 108 26.30 4.20 -28.50
C ASN K 108 25.23 3.11 -28.69
N VAL K 109 24.83 2.51 -27.58
CA VAL K 109 23.83 1.46 -27.64
C VAL K 109 22.40 1.97 -27.81
N VAL K 110 21.67 1.40 -28.76
CA VAL K 110 20.30 1.80 -29.02
C VAL K 110 19.35 0.71 -28.62
N PRO K 111 18.49 0.96 -27.63
CA PRO K 111 17.54 -0.06 -27.18
C PRO K 111 16.33 -0.15 -28.08
N HIS K 112 15.56 -1.23 -27.96
CA HIS K 112 14.38 -1.44 -28.76
C HIS K 112 13.41 -2.26 -27.96
N PHE K 113 12.52 -1.58 -27.26
CA PHE K 113 11.54 -2.28 -26.44
C PHE K 113 10.58 -3.02 -27.37
N ASN K 114 11.04 -4.09 -28.00
CA ASN K 114 10.20 -4.84 -28.92
C ASN K 114 10.49 -6.30 -28.86
N LYS K 115 9.70 -7.09 -29.57
CA LYS K 115 9.97 -8.50 -29.64
C LYS K 115 10.39 -8.67 -31.09
N ILE K 116 11.59 -9.20 -31.31
CA ILE K 116 12.14 -9.37 -32.65
C ILE K 116 11.15 -9.50 -33.80
N GLN K 117 10.08 -10.28 -33.60
CA GLN K 117 9.08 -10.46 -34.64
C GLN K 117 8.28 -9.16 -34.96
N ASP K 118 8.73 -8.03 -34.45
CA ASP K 118 8.05 -6.79 -34.73
C ASP K 118 8.66 -6.17 -35.96
N PHE K 119 9.92 -6.43 -36.22
CA PHE K 119 10.59 -5.86 -37.39
C PHE K 119 10.56 -6.76 -38.61
N ASN K 120 10.79 -6.18 -39.78
CA ASN K 120 10.81 -6.92 -41.05
C ASN K 120 12.14 -6.65 -41.77
N ASP K 121 12.49 -7.55 -42.69
CA ASP K 121 13.75 -7.45 -43.42
C ASP K 121 14.38 -6.07 -43.41
N THR K 122 13.62 -5.08 -43.87
CA THR K 122 14.10 -3.71 -43.92
C THR K 122 15.01 -3.41 -42.73
N PHE K 123 14.50 -3.71 -41.53
CA PHE K 123 15.20 -3.45 -40.27
C PHE K 123 16.50 -4.20 -40.05
N TYR K 124 16.44 -5.52 -40.21
CA TYR K 124 17.62 -6.33 -40.01
C TYR K 124 18.71 -6.17 -41.05
N ARG K 125 18.36 -5.79 -42.28
CA ARG K 125 19.37 -5.60 -43.30
C ARG K 125 20.43 -4.64 -42.79
N GLN K 126 20.03 -3.78 -41.87
CA GLN K 126 20.93 -2.76 -41.31
C GLN K 126 22.26 -3.27 -40.79
N PHE K 127 22.18 -4.30 -39.97
CA PHE K 127 23.36 -4.86 -39.31
C PHE K 127 24.30 -5.77 -40.07
N HIS K 128 25.54 -5.80 -39.62
CA HIS K 128 26.57 -6.64 -40.21
C HIS K 128 26.59 -7.99 -39.51
N ILE K 129 26.36 -7.98 -38.20
CA ILE K 129 26.35 -9.21 -37.41
C ILE K 129 25.21 -9.19 -36.41
N ILE K 130 24.76 -10.36 -36.01
CA ILE K 130 23.68 -10.45 -35.05
C ILE K 130 23.98 -11.56 -34.04
N VAL K 131 23.84 -11.27 -32.75
CA VAL K 131 24.09 -12.28 -31.73
C VAL K 131 22.85 -12.51 -30.91
N CYS K 132 22.50 -13.78 -30.72
CA CYS K 132 21.31 -14.09 -29.96
C CYS K 132 21.57 -14.54 -28.56
N GLY K 133 20.54 -14.38 -27.74
CA GLY K 133 20.63 -14.76 -26.36
C GLY K 133 19.21 -14.88 -25.93
N LEU K 134 18.44 -15.57 -26.77
CA LEU K 134 17.02 -15.77 -26.55
C LEU K 134 16.70 -16.95 -25.64
N ASP K 135 15.55 -16.92 -24.98
CA ASP K 135 15.21 -17.99 -24.08
C ASP K 135 14.14 -18.93 -24.61
N SER K 136 13.89 -18.89 -25.90
CA SER K 136 12.90 -19.77 -26.50
C SER K 136 13.51 -20.38 -27.76
N ILE K 137 12.85 -21.37 -28.35
CA ILE K 137 13.40 -21.94 -29.56
C ILE K 137 12.80 -21.20 -30.75
N ILE K 138 11.48 -21.10 -30.72
CA ILE K 138 10.73 -20.42 -31.75
C ILE K 138 11.50 -19.19 -32.16
N ALA K 139 11.69 -18.28 -31.20
CA ALA K 139 12.41 -17.04 -31.44
C ALA K 139 13.66 -17.31 -32.28
N ARG K 140 14.50 -18.21 -31.78
CA ARG K 140 15.72 -18.53 -32.53
C ARG K 140 15.32 -18.90 -33.93
N ARG K 141 14.45 -19.89 -34.05
CA ARG K 141 14.01 -20.33 -35.37
C ARG K 141 13.55 -19.15 -36.20
N TRP K 142 12.70 -18.32 -35.62
CA TRP K 142 12.19 -17.14 -36.34
C TRP K 142 13.30 -16.24 -36.85
N ILE K 143 14.12 -15.72 -35.97
CA ILE K 143 15.21 -14.84 -36.39
C ILE K 143 16.11 -15.58 -37.40
N ASN K 144 16.12 -16.90 -37.30
CA ASN K 144 16.93 -17.71 -38.21
C ASN K 144 16.38 -17.51 -39.62
N GLY K 145 15.05 -17.49 -39.72
CA GLY K 145 14.42 -17.30 -41.01
C GLY K 145 14.77 -15.90 -41.50
N MET K 146 14.24 -14.91 -40.80
CA MET K 146 14.49 -13.52 -41.15
C MET K 146 15.89 -13.29 -41.71
N LEU K 147 16.89 -13.90 -41.09
CA LEU K 147 18.25 -13.68 -41.57
C LEU K 147 18.58 -14.37 -42.88
N ILE K 148 17.71 -15.28 -43.29
CA ILE K 148 17.93 -16.00 -44.53
C ILE K 148 17.23 -15.28 -45.67
N SER K 149 16.01 -14.83 -45.42
CA SER K 149 15.25 -14.13 -46.42
C SER K 149 16.06 -12.99 -47.01
N LEU K 150 17.07 -12.55 -46.26
CA LEU K 150 17.92 -11.46 -46.73
C LEU K 150 18.84 -11.95 -47.84
N LEU K 151 19.10 -13.25 -47.83
CA LEU K 151 19.97 -13.85 -48.83
C LEU K 151 19.49 -13.49 -50.21
N ASN K 152 20.43 -13.07 -51.06
CA ASN K 152 20.12 -12.69 -52.42
C ASN K 152 20.77 -13.69 -53.39
N TYR K 153 19.95 -14.35 -54.20
CA TYR K 153 20.46 -15.35 -55.14
C TYR K 153 20.52 -14.92 -56.61
N GLU K 154 21.75 -14.74 -57.11
CA GLU K 154 22.02 -14.33 -58.49
C GLU K 154 21.99 -15.55 -59.41
N ASP K 155 20.79 -16.01 -59.78
CA ASP K 155 20.66 -17.17 -60.66
C ASP K 155 21.39 -18.38 -60.10
N GLY K 156 20.95 -18.87 -58.95
CA GLY K 156 21.58 -20.02 -58.35
C GLY K 156 22.81 -19.71 -57.49
N VAL K 157 23.48 -18.60 -57.79
CA VAL K 157 24.68 -18.19 -57.05
C VAL K 157 24.34 -17.26 -55.89
N LEU K 158 24.90 -17.54 -54.71
CA LEU K 158 24.64 -16.72 -53.53
C LEU K 158 25.55 -15.50 -53.47
N ASP K 159 24.95 -14.33 -53.33
CA ASP K 159 25.70 -13.09 -53.24
C ASP K 159 26.30 -13.02 -51.85
N PRO K 160 27.64 -13.10 -51.75
CA PRO K 160 28.33 -13.05 -50.45
C PRO K 160 27.88 -11.92 -49.53
N SER K 161 27.69 -10.74 -50.10
CA SER K 161 27.28 -9.60 -49.31
C SER K 161 25.76 -9.54 -49.05
N SER K 162 25.15 -10.71 -48.89
CA SER K 162 23.71 -10.76 -48.61
C SER K 162 23.55 -11.70 -47.42
N ILE K 163 24.69 -12.09 -46.86
CA ILE K 163 24.70 -13.00 -45.72
C ILE K 163 25.05 -12.21 -44.46
N VAL K 164 24.19 -12.35 -43.46
CA VAL K 164 24.38 -11.69 -42.18
C VAL K 164 24.73 -12.76 -41.14
N PRO K 165 25.99 -12.77 -40.67
CA PRO K 165 26.43 -13.73 -39.67
C PRO K 165 25.54 -13.70 -38.44
N LEU K 166 25.03 -14.86 -38.04
CA LEU K 166 24.19 -14.95 -36.89
C LEU K 166 24.86 -15.81 -35.85
N ILE K 167 25.33 -15.24 -34.75
CA ILE K 167 25.94 -16.05 -33.69
C ILE K 167 24.90 -16.31 -32.61
N ASP K 168 24.69 -17.57 -32.25
CA ASP K 168 23.70 -17.88 -31.22
C ASP K 168 24.27 -18.41 -29.91
N GLY K 169 23.63 -18.05 -28.80
CA GLY K 169 24.07 -18.48 -27.48
C GLY K 169 22.96 -19.25 -26.79
N GLY K 170 23.35 -20.25 -26.00
CA GLY K 170 22.37 -21.05 -25.29
C GLY K 170 22.88 -21.34 -23.90
N THR K 171 21.96 -21.39 -22.95
CA THR K 171 22.32 -21.64 -21.58
C THR K 171 21.22 -22.46 -20.96
N GLU K 172 21.53 -23.11 -19.86
CA GLU K 172 20.55 -23.92 -19.17
C GLU K 172 21.29 -24.58 -18.03
N GLY K 173 21.23 -23.96 -16.87
CA GLY K 173 21.92 -24.50 -15.73
C GLY K 173 23.41 -24.33 -15.95
N PHE K 174 24.16 -25.41 -15.78
CA PHE K 174 25.59 -25.33 -15.95
C PHE K 174 26.01 -25.71 -17.34
N LYS K 175 25.05 -26.09 -18.17
CA LYS K 175 25.35 -26.47 -19.54
C LYS K 175 25.10 -25.29 -20.44
N GLY K 176 25.83 -25.20 -21.54
CA GLY K 176 25.65 -24.10 -22.46
C GLY K 176 26.14 -24.49 -23.82
N ASN K 177 25.78 -23.74 -24.86
CA ASN K 177 26.24 -23.99 -26.22
C ASN K 177 26.29 -22.69 -27.01
N ALA K 178 27.25 -22.60 -27.92
CA ALA K 178 27.42 -21.41 -28.74
C ALA K 178 27.68 -21.87 -30.16
N ARG K 179 27.14 -21.16 -31.15
CA ARG K 179 27.31 -21.53 -32.55
C ARG K 179 27.47 -20.34 -33.48
N VAL K 180 28.05 -20.58 -34.64
CA VAL K 180 28.23 -19.54 -35.64
C VAL K 180 27.44 -19.95 -36.86
N ILE K 181 26.77 -18.99 -37.48
CA ILE K 181 25.97 -19.31 -38.64
C ILE K 181 26.21 -18.34 -39.79
N LEU K 182 26.15 -18.84 -41.00
CA LEU K 182 26.33 -17.99 -42.15
C LEU K 182 25.25 -18.47 -43.08
N PRO K 183 23.98 -18.18 -42.75
CA PRO K 183 22.82 -18.60 -43.56
C PRO K 183 23.15 -18.69 -45.04
N GLY K 184 23.05 -19.91 -45.58
CA GLY K 184 23.34 -20.11 -46.99
C GLY K 184 24.76 -20.61 -47.23
N MET K 185 25.35 -21.21 -46.19
CA MET K 185 26.69 -21.76 -46.25
C MET K 185 26.86 -22.70 -45.08
N THR K 186 26.84 -22.17 -43.86
CA THR K 186 26.96 -22.99 -42.67
C THR K 186 25.57 -23.50 -42.27
N ALA K 187 25.51 -24.55 -41.48
CA ALA K 187 24.23 -25.10 -41.03
C ALA K 187 23.47 -24.06 -40.23
N CYS K 188 22.20 -23.87 -40.55
CA CYS K 188 21.36 -22.90 -39.86
C CYS K 188 20.82 -23.47 -38.55
N ILE K 189 19.83 -22.78 -38.00
CA ILE K 189 19.19 -23.21 -36.74
C ILE K 189 18.26 -24.38 -37.02
N GLU K 190 17.57 -24.29 -38.16
CA GLU K 190 16.63 -25.30 -38.60
C GLU K 190 17.34 -26.59 -39.01
N CYS K 191 18.61 -26.47 -39.39
CA CYS K 191 19.40 -27.63 -39.76
C CYS K 191 19.57 -28.50 -38.51
N THR K 192 20.35 -28.01 -37.55
CA THR K 192 20.59 -28.74 -36.30
C THR K 192 19.45 -28.59 -35.31
N LEU K 193 18.23 -28.67 -35.82
CA LEU K 193 17.05 -28.51 -34.99
C LEU K 193 16.82 -29.65 -34.01
N GLU K 194 17.32 -30.84 -34.32
CA GLU K 194 17.11 -31.98 -33.44
C GLU K 194 18.12 -32.11 -32.31
N LEU K 195 19.07 -31.18 -32.24
CA LEU K 195 20.05 -31.24 -31.17
C LEU K 195 19.38 -30.83 -29.86
N TYR K 196 18.18 -30.29 -29.96
CA TYR K 196 17.46 -29.86 -28.77
C TYR K 196 16.80 -31.09 -28.15
N PRO K 197 16.85 -31.18 -26.81
CA PRO K 197 16.25 -32.29 -26.07
C PRO K 197 14.74 -32.35 -26.25
N PRO K 198 14.12 -33.44 -25.79
CA PRO K 198 12.67 -33.59 -25.91
C PRO K 198 12.00 -32.92 -24.71
N GLN K 199 11.08 -31.99 -24.98
CA GLN K 199 10.38 -31.30 -23.91
C GLN K 199 9.51 -32.28 -23.13
N VAL K 200 9.78 -32.42 -21.83
CA VAL K 200 9.01 -33.33 -21.00
C VAL K 200 7.54 -32.90 -20.97
N ASN K 201 6.69 -33.70 -21.63
CA ASN K 201 5.26 -33.41 -21.69
C ASN K 201 4.41 -34.49 -21.02
N PHE K 202 3.73 -34.11 -19.95
CA PHE K 202 2.88 -35.01 -19.17
C PHE K 202 1.60 -35.43 -19.88
N PRO K 203 1.31 -36.74 -19.95
CA PRO K 203 0.08 -37.21 -20.62
C PRO K 203 -1.08 -36.81 -19.71
N MET K 204 -1.98 -35.97 -20.20
CA MET K 204 -3.11 -35.49 -19.40
C MET K 204 -3.74 -36.60 -18.56
N ALA K 205 -3.76 -37.81 -19.11
CA ALA K 205 -4.35 -38.96 -18.42
C ALA K 205 -3.89 -39.00 -16.96
N THR K 206 -2.59 -39.17 -16.77
CA THR K 206 -1.98 -39.26 -15.44
C THR K 206 -2.22 -38.02 -14.59
N ILE K 207 -2.25 -36.86 -15.24
CA ILE K 207 -2.44 -35.59 -14.53
C ILE K 207 -3.80 -35.45 -13.87
N ALA K 208 -4.79 -36.16 -14.40
CA ALA K 208 -6.13 -36.09 -13.86
C ALA K 208 -6.59 -37.41 -13.24
N SER K 209 -6.03 -38.51 -13.72
CA SER K 209 -6.40 -39.84 -13.23
C SER K 209 -5.41 -40.48 -12.27
N MET K 210 -4.13 -40.44 -12.61
CA MET K 210 -3.10 -41.07 -11.76
C MET K 210 -1.84 -40.23 -11.56
N PRO K 211 -1.88 -39.30 -10.59
CA PRO K 211 -0.73 -38.44 -10.31
C PRO K 211 0.26 -39.28 -9.54
N ARG K 212 1.54 -38.91 -9.57
CA ARG K 212 2.56 -39.66 -8.85
C ARG K 212 3.60 -38.71 -8.27
N LEU K 213 3.90 -37.66 -9.01
CA LEU K 213 4.90 -36.69 -8.60
C LEU K 213 4.24 -35.36 -8.20
N PRO K 214 4.89 -34.60 -7.31
CA PRO K 214 4.31 -33.32 -6.89
C PRO K 214 4.05 -32.49 -8.14
N GLU K 215 4.86 -32.70 -9.17
CA GLU K 215 4.72 -31.99 -10.42
C GLU K 215 3.35 -32.24 -11.01
N HIS K 216 2.93 -33.50 -11.02
CA HIS K 216 1.64 -33.87 -11.57
C HIS K 216 0.46 -33.22 -10.88
N CYS K 217 0.64 -32.83 -9.63
CA CYS K 217 -0.43 -32.17 -8.89
C CYS K 217 -0.50 -30.73 -9.36
N ILE K 218 0.63 -30.04 -9.28
CA ILE K 218 0.70 -28.66 -9.71
C ILE K 218 0.16 -28.56 -11.13
N GLU K 219 0.83 -29.22 -12.06
CA GLU K 219 0.43 -29.20 -13.47
C GLU K 219 -1.07 -29.37 -13.65
N TYR K 220 -1.72 -30.01 -12.69
CA TYR K 220 -3.15 -30.19 -12.75
C TYR K 220 -3.82 -28.88 -12.35
N VAL K 221 -3.53 -28.45 -11.13
CA VAL K 221 -4.08 -27.19 -10.61
C VAL K 221 -3.83 -26.03 -11.56
N ARG K 222 -3.00 -26.25 -12.57
CA ARG K 222 -2.73 -25.18 -13.53
C ARG K 222 -3.41 -25.47 -14.85
N MET K 223 -3.03 -26.57 -15.49
CA MET K 223 -3.57 -26.96 -16.79
C MET K 223 -5.08 -27.20 -16.80
N LEU K 224 -5.68 -27.45 -15.64
CA LEU K 224 -7.10 -27.74 -15.59
C LEU K 224 -7.93 -27.01 -14.54
N GLN K 225 -7.58 -27.19 -13.27
CA GLN K 225 -8.34 -26.57 -12.17
C GLN K 225 -8.58 -25.06 -12.25
N TRP K 226 -7.63 -24.31 -12.79
CA TRP K 226 -7.79 -22.86 -12.92
C TRP K 226 -8.79 -22.55 -14.03
N PRO K 227 -8.53 -23.06 -15.25
CA PRO K 227 -9.45 -22.81 -16.36
C PRO K 227 -10.87 -23.22 -16.03
N LYS K 228 -11.02 -24.11 -15.06
CA LYS K 228 -12.34 -24.57 -14.67
C LYS K 228 -13.05 -23.57 -13.77
N GLU K 229 -12.63 -23.48 -12.52
CA GLU K 229 -13.26 -22.56 -11.58
C GLU K 229 -12.66 -21.16 -11.53
N GLN K 230 -12.49 -20.55 -12.70
CA GLN K 230 -11.93 -19.19 -12.83
C GLN K 230 -11.60 -18.57 -11.48
N PRO K 231 -10.39 -18.85 -10.97
CA PRO K 231 -9.84 -18.39 -9.68
C PRO K 231 -10.05 -16.93 -9.34
N PHE K 232 -9.60 -16.02 -10.20
CA PHE K 232 -9.74 -14.59 -9.98
C PHE K 232 -10.62 -13.97 -11.05
N GLY K 233 -11.91 -14.28 -10.98
CA GLY K 233 -12.85 -13.74 -11.97
C GLY K 233 -12.82 -14.52 -13.27
N GLU K 234 -13.89 -14.43 -14.04
CA GLU K 234 -13.99 -15.14 -15.30
C GLU K 234 -13.08 -14.52 -16.36
N GLY K 235 -12.72 -15.33 -17.37
CA GLY K 235 -11.88 -14.87 -18.45
C GLY K 235 -10.44 -14.55 -18.07
N VAL K 236 -10.23 -14.14 -16.82
CA VAL K 236 -8.90 -13.78 -16.33
C VAL K 236 -7.89 -14.92 -16.46
N PRO K 237 -6.76 -14.66 -17.15
CA PRO K 237 -5.67 -15.63 -17.37
C PRO K 237 -4.83 -15.86 -16.12
N LEU K 238 -4.03 -16.92 -16.15
CA LEU K 238 -3.15 -17.27 -15.04
C LEU K 238 -1.82 -16.55 -15.20
N ASP K 239 -1.64 -15.48 -14.44
CA ASP K 239 -0.41 -14.71 -14.52
C ASP K 239 0.66 -15.38 -13.69
N GLY K 240 1.49 -16.19 -14.35
CA GLY K 240 2.55 -16.90 -13.66
C GLY K 240 3.39 -16.11 -12.69
N ASP K 241 3.55 -14.81 -12.96
CA ASP K 241 4.37 -13.96 -12.11
C ASP K 241 3.63 -13.35 -10.90
N ASP K 242 2.30 -13.36 -10.93
CA ASP K 242 1.49 -12.80 -9.85
C ASP K 242 1.41 -13.70 -8.62
N PRO K 243 2.22 -13.41 -7.60
CA PRO K 243 2.26 -14.18 -6.37
C PRO K 243 0.93 -14.80 -5.95
N GLU K 244 -0.06 -13.95 -5.72
CA GLU K 244 -1.37 -14.43 -5.32
C GLU K 244 -1.89 -15.57 -6.20
N HIS K 245 -1.50 -15.58 -7.47
CA HIS K 245 -1.91 -16.66 -8.39
C HIS K 245 -1.17 -17.95 -8.04
N ILE K 246 0.14 -17.86 -7.94
CA ILE K 246 0.95 -19.00 -7.60
C ILE K 246 0.55 -19.49 -6.22
N GLN K 247 0.45 -18.55 -5.28
CA GLN K 247 0.04 -18.89 -3.92
C GLN K 247 -1.21 -19.74 -3.95
N TRP K 248 -2.17 -19.35 -4.79
CA TRP K 248 -3.40 -20.12 -4.92
C TRP K 248 -3.08 -21.48 -5.52
N ILE K 249 -2.42 -21.49 -6.67
CA ILE K 249 -2.07 -22.74 -7.35
C ILE K 249 -1.29 -23.63 -6.42
N PHE K 250 -0.42 -23.01 -5.63
CA PHE K 250 0.37 -23.74 -4.67
C PHE K 250 -0.60 -24.40 -3.72
N GLN K 251 -1.43 -23.59 -3.09
CA GLN K 251 -2.43 -24.03 -2.13
C GLN K 251 -3.26 -25.20 -2.69
N LYS K 252 -3.76 -25.05 -3.91
CA LYS K 252 -4.57 -26.06 -4.55
C LYS K 252 -3.77 -27.29 -4.93
N SER K 253 -2.50 -27.11 -5.31
CA SER K 253 -1.68 -28.26 -5.66
C SER K 253 -1.35 -28.96 -4.36
N LEU K 254 -1.30 -28.18 -3.29
CA LEU K 254 -1.00 -28.70 -1.96
C LEU K 254 -2.14 -29.60 -1.50
N GLU K 255 -3.37 -29.19 -1.81
CA GLU K 255 -4.53 -29.97 -1.43
C GLU K 255 -4.62 -31.21 -2.32
N ARG K 256 -4.35 -31.05 -3.61
CA ARG K 256 -4.41 -32.17 -4.54
C ARG K 256 -3.40 -33.22 -4.13
N ALA K 257 -2.18 -32.78 -3.84
CA ALA K 257 -1.13 -33.69 -3.43
C ALA K 257 -1.65 -34.52 -2.26
N SER K 258 -2.29 -33.85 -1.31
CA SER K 258 -2.84 -34.52 -0.14
C SER K 258 -3.86 -35.61 -0.51
N GLN K 259 -4.74 -35.32 -1.47
CA GLN K 259 -5.75 -36.28 -1.91
C GLN K 259 -5.09 -37.60 -2.25
N TYR K 260 -4.15 -37.56 -3.19
CA TYR K 260 -3.44 -38.77 -3.60
C TYR K 260 -2.18 -38.95 -2.76
N ASN K 261 -2.15 -38.21 -1.65
CA ASN K 261 -1.03 -38.19 -0.71
C ASN K 261 0.36 -38.34 -1.32
N ILE K 262 0.72 -37.36 -2.15
CA ILE K 262 2.02 -37.30 -2.81
C ILE K 262 2.74 -36.15 -2.09
N ARG K 263 3.83 -36.46 -1.42
CA ARG K 263 4.58 -35.43 -0.70
C ARG K 263 5.57 -34.79 -1.64
N GLY K 264 5.97 -33.55 -1.32
CA GLY K 264 6.94 -32.88 -2.14
C GLY K 264 6.50 -31.61 -2.83
N VAL K 265 5.41 -31.01 -2.38
CA VAL K 265 4.96 -29.78 -3.01
C VAL K 265 5.44 -28.56 -2.25
N THR K 266 6.38 -27.84 -2.86
CA THR K 266 6.93 -26.63 -2.27
C THR K 266 6.59 -25.44 -3.16
N TYR K 267 6.41 -24.28 -2.55
CA TYR K 267 6.07 -23.08 -3.32
C TYR K 267 7.03 -22.98 -4.51
N ARG K 268 8.31 -23.06 -4.20
CA ARG K 268 9.35 -22.97 -5.21
C ARG K 268 9.08 -23.89 -6.38
N LEU K 269 8.53 -25.07 -6.10
CA LEU K 269 8.24 -26.01 -7.16
C LEU K 269 7.00 -25.58 -7.92
N THR K 270 6.03 -25.02 -7.21
CA THR K 270 4.80 -24.58 -7.86
C THR K 270 5.18 -23.57 -8.92
N GLN K 271 6.17 -22.75 -8.61
CA GLN K 271 6.64 -21.77 -9.58
C GLN K 271 7.32 -22.49 -10.73
N GLY K 272 8.22 -23.41 -10.39
CA GLY K 272 8.93 -24.16 -11.41
C GLY K 272 7.98 -24.71 -12.45
N VAL K 273 7.03 -25.51 -12.00
CA VAL K 273 6.05 -26.13 -12.87
C VAL K 273 5.28 -25.09 -13.67
N VAL K 274 4.73 -24.10 -12.96
CA VAL K 274 3.93 -23.04 -13.58
C VAL K 274 4.67 -22.19 -14.60
N LYS K 275 5.84 -21.67 -14.22
CA LYS K 275 6.59 -20.82 -15.13
C LYS K 275 7.54 -21.58 -16.06
N ARG K 276 7.63 -22.90 -15.91
CA ARG K 276 8.55 -23.67 -16.74
C ARG K 276 9.91 -22.98 -16.63
N ILE K 277 10.38 -22.85 -15.38
CA ILE K 277 11.63 -22.18 -15.06
C ILE K 277 12.87 -22.94 -15.41
N ILE K 278 13.93 -22.24 -15.79
CA ILE K 278 15.19 -22.88 -16.11
C ILE K 278 16.23 -22.34 -15.17
N PRO K 279 16.76 -23.19 -14.28
CA PRO K 279 17.77 -22.79 -13.31
C PRO K 279 18.91 -22.13 -14.03
N ALA K 280 19.42 -21.02 -13.51
CA ALA K 280 20.52 -20.36 -14.18
C ALA K 280 21.31 -19.52 -13.21
N VAL K 281 22.58 -19.28 -13.55
CA VAL K 281 23.47 -18.48 -12.71
C VAL K 281 24.42 -17.73 -13.60
N ALA K 282 25.11 -16.73 -13.05
CA ALA K 282 26.04 -15.93 -13.85
C ALA K 282 27.08 -16.78 -14.56
N SER K 283 27.89 -17.48 -13.75
CA SER K 283 28.95 -18.39 -14.18
C SER K 283 28.85 -18.76 -15.64
N THR K 284 27.88 -19.62 -15.93
CA THR K 284 27.60 -20.11 -17.26
C THR K 284 27.42 -19.06 -18.33
N ASN K 285 26.41 -18.21 -18.16
CA ASN K 285 26.15 -17.16 -19.14
C ASN K 285 27.44 -16.44 -19.51
N ALA K 286 28.20 -16.07 -18.49
CA ALA K 286 29.46 -15.38 -18.70
C ALA K 286 30.26 -16.10 -19.77
N VAL K 287 30.45 -17.40 -19.58
CA VAL K 287 31.19 -18.25 -20.50
C VAL K 287 30.66 -18.19 -21.92
N ILE K 288 29.47 -18.74 -22.12
CA ILE K 288 28.85 -18.73 -23.44
C ILE K 288 28.96 -17.37 -24.10
N ALA K 289 28.38 -16.37 -23.44
CA ALA K 289 28.41 -15.01 -23.97
C ALA K 289 29.81 -14.59 -24.38
N ALA K 290 30.78 -14.82 -23.50
CA ALA K 290 32.16 -14.46 -23.78
C ALA K 290 32.67 -15.17 -25.03
N VAL K 291 32.07 -16.30 -25.37
CA VAL K 291 32.47 -17.02 -26.56
C VAL K 291 31.90 -16.32 -27.76
N CYS K 292 30.57 -16.28 -27.86
CA CYS K 292 29.91 -15.63 -28.98
C CYS K 292 30.55 -14.27 -29.22
N ALA K 293 30.80 -13.55 -28.14
CA ALA K 293 31.42 -12.25 -28.19
C ALA K 293 32.64 -12.30 -29.11
N THR K 294 33.63 -13.08 -28.69
CA THR K 294 34.87 -13.22 -29.44
C THR K 294 34.57 -13.49 -30.92
N GLU K 295 33.73 -14.49 -31.19
CA GLU K 295 33.39 -14.85 -32.56
C GLU K 295 32.99 -13.63 -33.37
N VAL K 296 32.07 -12.84 -32.84
CA VAL K 296 31.66 -11.63 -33.51
C VAL K 296 32.90 -10.83 -33.82
N PHE K 297 33.69 -10.51 -32.80
CA PHE K 297 34.92 -9.74 -33.01
C PHE K 297 35.79 -10.37 -34.09
N LYS K 298 35.80 -11.69 -34.14
CA LYS K 298 36.58 -12.38 -35.15
C LYS K 298 35.95 -12.07 -36.50
N ILE K 299 34.69 -12.46 -36.63
CA ILE K 299 33.95 -12.24 -37.87
C ILE K 299 34.10 -10.82 -38.34
N ALA K 300 33.87 -9.86 -37.46
CA ALA K 300 33.97 -8.46 -37.83
C ALA K 300 35.36 -7.98 -38.23
N THR K 301 36.39 -8.42 -37.51
CA THR K 301 37.73 -7.96 -37.84
C THR K 301 38.49 -8.93 -38.72
N SER K 302 38.10 -10.19 -38.70
CA SER K 302 38.77 -11.21 -39.49
C SER K 302 40.20 -11.32 -38.98
N ALA K 303 40.37 -11.25 -37.66
CA ALA K 303 41.69 -11.35 -37.03
C ALA K 303 42.00 -12.78 -36.64
N TYR K 304 41.02 -13.66 -36.87
CA TYR K 304 41.14 -15.08 -36.60
C TYR K 304 40.03 -15.82 -37.33
N ILE K 305 40.13 -17.15 -37.39
CA ILE K 305 39.12 -17.95 -38.06
C ILE K 305 37.93 -18.20 -37.18
N PRO K 306 36.74 -17.83 -37.67
CA PRO K 306 35.48 -18.00 -36.96
C PRO K 306 35.27 -19.43 -36.53
N LEU K 307 34.80 -19.63 -35.30
CA LEU K 307 34.53 -20.96 -34.79
C LEU K 307 33.75 -21.74 -35.84
N ASN K 308 33.85 -23.06 -35.81
CA ASN K 308 33.11 -23.84 -36.78
C ASN K 308 31.75 -24.27 -36.30
N ASN K 309 30.81 -23.33 -36.41
CA ASN K 309 29.43 -23.52 -36.05
C ASN K 309 29.01 -24.34 -34.83
N TYR K 310 29.86 -24.50 -33.82
CA TYR K 310 29.40 -25.20 -32.62
C TYR K 310 30.33 -25.42 -31.45
N LEU K 311 29.72 -25.49 -30.27
CA LEU K 311 30.45 -25.69 -29.02
C LEU K 311 29.48 -25.96 -27.89
N VAL K 312 29.79 -26.98 -27.11
CA VAL K 312 28.95 -27.31 -25.98
C VAL K 312 29.82 -27.14 -24.75
N PHE K 313 29.21 -26.71 -23.66
CA PHE K 313 29.94 -26.44 -22.42
C PHE K 313 29.29 -27.12 -21.24
N ASN K 314 30.08 -27.56 -20.26
CA ASN K 314 29.51 -28.19 -19.08
C ASN K 314 30.36 -28.09 -17.82
N ASP K 315 29.78 -27.47 -16.79
CA ASP K 315 30.43 -27.24 -15.52
C ASP K 315 30.27 -28.30 -14.42
N VAL K 316 29.24 -29.12 -14.49
CA VAL K 316 29.00 -30.11 -13.43
C VAL K 316 30.17 -30.98 -13.02
N ASP K 317 30.88 -31.54 -13.98
CA ASP K 317 32.02 -32.39 -13.65
C ASP K 317 33.24 -31.76 -14.32
N GLY K 318 33.96 -30.96 -13.55
CA GLY K 318 35.12 -30.28 -14.10
C GLY K 318 34.68 -29.37 -15.23
N LEU K 319 35.59 -29.04 -16.13
CA LEU K 319 35.26 -28.19 -17.26
C LEU K 319 35.35 -29.02 -18.53
N TYR K 320 34.34 -28.92 -19.38
CA TYR K 320 34.34 -29.70 -20.61
C TYR K 320 33.73 -28.90 -21.74
N THR K 321 34.37 -28.93 -22.91
CA THR K 321 33.81 -28.23 -24.05
C THR K 321 34.09 -28.86 -25.39
N TYR K 322 33.13 -29.65 -25.90
CA TYR K 322 33.32 -30.27 -27.20
C TYR K 322 33.05 -29.21 -28.26
N THR K 323 33.91 -29.14 -29.27
CA THR K 323 33.75 -28.16 -30.34
C THR K 323 33.70 -28.87 -31.67
N PHE K 324 32.55 -28.88 -32.34
CA PHE K 324 32.50 -29.57 -33.61
C PHE K 324 31.86 -28.77 -34.74
N GLU K 325 32.00 -29.28 -35.97
CA GLU K 325 31.45 -28.62 -37.13
C GLU K 325 30.19 -29.31 -37.66
N ALA K 326 29.01 -28.98 -37.12
CA ALA K 326 27.75 -29.58 -37.57
C ALA K 326 27.56 -29.51 -39.09
N GLU K 327 26.99 -30.56 -39.66
CA GLU K 327 26.78 -30.62 -41.10
C GLU K 327 25.52 -29.91 -41.49
N ARG K 328 25.54 -29.21 -42.63
CA ARG K 328 24.35 -28.50 -43.11
C ARG K 328 23.43 -29.42 -43.88
N LYS K 329 22.30 -29.81 -43.27
CA LYS K 329 21.34 -30.69 -43.95
C LYS K 329 21.02 -30.16 -45.34
N GLU K 330 21.34 -30.95 -46.37
CA GLU K 330 21.11 -30.55 -47.76
C GLU K 330 19.63 -30.44 -48.08
N ASN K 331 18.79 -30.71 -47.09
CA ASN K 331 17.35 -30.62 -47.27
C ASN K 331 16.71 -29.80 -46.16
N CYS K 332 17.47 -28.86 -45.61
CA CYS K 332 16.97 -28.00 -44.53
C CYS K 332 15.70 -27.30 -44.97
N PRO K 333 14.59 -27.54 -44.25
CA PRO K 333 13.32 -26.91 -44.60
C PRO K 333 13.52 -25.43 -44.81
N ALA K 334 14.58 -24.90 -44.20
CA ALA K 334 14.87 -23.47 -44.27
C ALA K 334 16.03 -23.05 -45.16
N CYS K 335 17.25 -23.46 -44.86
CA CYS K 335 18.37 -23.02 -45.69
C CYS K 335 18.55 -23.76 -47.03
N SER K 336 17.47 -24.36 -47.53
CA SER K 336 17.48 -25.09 -48.80
C SER K 336 17.32 -24.17 -50.01
N GLN K 337 18.39 -24.01 -50.77
CA GLN K 337 18.38 -23.15 -51.96
C GLN K 337 17.06 -23.32 -52.71
N LEU K 338 16.73 -24.56 -53.03
CA LEU K 338 15.51 -24.88 -53.77
C LEU K 338 14.41 -25.32 -52.82
N PRO K 339 13.20 -25.57 -53.35
CA PRO K 339 12.08 -26.01 -52.52
C PRO K 339 12.35 -27.36 -51.88
N GLN K 340 11.43 -27.82 -51.04
CA GLN K 340 11.60 -29.10 -50.37
C GLN K 340 10.93 -30.18 -51.20
N ASN K 341 11.60 -30.58 -52.28
CA ASN K 341 11.07 -31.61 -53.17
C ASN K 341 10.88 -32.89 -52.39
N ILE K 342 9.73 -33.00 -51.74
CA ILE K 342 9.42 -34.16 -50.93
C ILE K 342 7.91 -34.47 -50.92
N GLN K 343 7.56 -35.54 -51.63
CA GLN K 343 6.19 -35.99 -51.75
C GLN K 343 5.78 -36.92 -50.64
N PHE K 344 4.82 -36.55 -49.80
CA PHE K 344 4.44 -37.58 -48.87
C PHE K 344 3.10 -38.21 -49.18
N SER K 345 3.20 -38.97 -50.28
CA SER K 345 2.18 -39.80 -50.89
C SER K 345 1.70 -39.51 -52.33
N PRO K 346 0.95 -40.45 -52.91
CA PRO K 346 0.29 -40.56 -54.22
C PRO K 346 -0.99 -41.42 -54.06
N SER K 347 -2.11 -40.78 -53.70
CA SER K 347 -3.40 -41.45 -53.45
C SER K 347 -3.84 -41.13 -52.04
N ALA K 348 -2.87 -41.21 -51.14
CA ALA K 348 -3.07 -40.91 -49.75
C ALA K 348 -3.15 -39.40 -49.78
N LYS K 349 -4.14 -38.89 -49.06
CA LYS K 349 -4.44 -37.48 -49.02
C LYS K 349 -3.59 -36.42 -48.38
N LEU K 350 -4.33 -35.39 -47.94
CA LEU K 350 -3.80 -34.16 -47.37
C LEU K 350 -3.90 -33.86 -45.89
N GLN K 351 -4.38 -34.85 -45.16
CA GLN K 351 -4.50 -34.76 -43.73
C GLN K 351 -3.10 -35.26 -43.35
N GLU K 352 -2.52 -35.89 -44.36
CA GLU K 352 -1.23 -36.52 -44.29
C GLU K 352 -0.11 -35.55 -44.70
N VAL K 353 -0.46 -34.27 -44.79
CA VAL K 353 0.53 -33.24 -45.09
C VAL K 353 0.62 -32.27 -43.93
N LEU K 354 -0.42 -32.26 -43.09
CA LEU K 354 -0.43 -31.36 -41.96
C LEU K 354 0.30 -32.08 -40.87
N ASP K 355 -0.17 -33.30 -40.57
CA ASP K 355 0.43 -34.11 -39.53
C ASP K 355 1.91 -34.38 -39.81
N TYR K 356 2.30 -34.32 -41.08
CA TYR K 356 3.69 -34.51 -41.43
C TYR K 356 4.49 -33.30 -40.98
N LEU K 357 4.06 -32.12 -41.45
CA LEU K 357 4.70 -30.85 -41.11
C LEU K 357 4.71 -30.64 -39.60
N THR K 358 3.58 -30.90 -38.96
CA THR K 358 3.45 -30.71 -37.53
C THR K 358 4.22 -31.68 -36.65
N ASN K 359 4.36 -32.93 -37.08
CA ASN K 359 5.05 -33.91 -36.24
C ASN K 359 6.45 -34.35 -36.67
N SER K 360 6.69 -34.42 -37.98
CA SER K 360 8.00 -34.84 -38.47
C SER K 360 9.09 -34.14 -37.69
N ALA K 361 9.83 -34.90 -36.88
CA ALA K 361 10.88 -34.34 -36.05
C ALA K 361 11.89 -33.47 -36.79
N SER K 362 11.65 -33.21 -38.07
CA SER K 362 12.56 -32.40 -38.85
C SER K 362 11.94 -31.03 -39.25
N LEU K 363 10.68 -30.82 -38.91
CA LEU K 363 10.00 -29.57 -39.22
C LEU K 363 9.40 -29.02 -37.94
N GLN K 364 8.77 -29.92 -37.19
CA GLN K 364 8.14 -29.60 -35.92
C GLN K 364 7.33 -28.31 -35.91
N MET K 365 6.91 -27.84 -37.08
CA MET K 365 6.14 -26.61 -37.14
C MET K 365 4.96 -26.64 -36.17
N LYS K 366 4.53 -25.45 -35.77
CA LYS K 366 3.44 -25.32 -34.83
C LYS K 366 2.30 -24.74 -35.67
N SER K 367 1.09 -25.22 -35.48
CA SER K 367 -0.08 -24.75 -36.21
C SER K 367 0.25 -24.05 -37.55
N PRO K 368 0.73 -24.81 -38.54
CA PRO K 368 1.10 -24.28 -39.86
C PRO K 368 -0.10 -23.86 -40.69
N ALA K 369 0.15 -23.63 -41.98
CA ALA K 369 -0.86 -23.23 -42.94
C ALA K 369 -0.37 -23.52 -44.35
N ILE K 370 -1.18 -24.21 -45.15
CA ILE K 370 -0.77 -24.53 -46.49
C ILE K 370 -1.49 -23.68 -47.52
N THR K 371 -0.71 -23.25 -48.52
CA THR K 371 -1.21 -22.43 -49.60
C THR K 371 -0.93 -23.22 -50.89
N ALA K 372 -1.74 -22.98 -51.91
CA ALA K 372 -1.56 -23.69 -53.18
C ALA K 372 -1.81 -22.77 -54.36
N THR K 373 -1.65 -23.31 -55.58
CA THR K 373 -1.85 -22.54 -56.80
C THR K 373 -2.78 -23.28 -57.76
N ASN K 378 -4.12 -18.68 -56.13
CA ASN K 378 -3.59 -18.86 -54.79
C ASN K 378 -4.71 -19.08 -53.78
N ARG K 379 -5.07 -20.34 -53.57
CA ARG K 379 -6.14 -20.68 -52.64
C ARG K 379 -5.63 -21.17 -51.28
N THR K 380 -6.31 -20.74 -50.24
CA THR K 380 -5.93 -21.07 -48.87
C THR K 380 -6.46 -22.43 -48.39
N LEU K 381 -5.53 -23.34 -48.10
CA LEU K 381 -5.88 -24.67 -47.59
C LEU K 381 -5.75 -24.55 -46.07
N TYR K 382 -6.77 -23.92 -45.48
CA TYR K 382 -6.89 -23.62 -44.05
C TYR K 382 -5.63 -23.40 -43.22
N LEU K 383 -5.67 -22.29 -42.49
CA LEU K 383 -4.59 -21.85 -41.61
C LEU K 383 -5.19 -21.56 -40.25
N GLN K 384 -4.78 -22.33 -39.27
CA GLN K 384 -5.29 -22.20 -37.90
C GLN K 384 -5.05 -20.81 -37.29
N SER K 385 -4.40 -19.93 -38.05
CA SER K 385 -4.12 -18.57 -37.61
C SER K 385 -5.32 -17.66 -37.81
N VAL K 386 -8.19 -17.03 -37.45
CA VAL K 386 -9.09 -17.75 -36.54
C VAL K 386 -10.37 -18.12 -37.28
N THR K 387 -10.93 -17.15 -37.98
CA THR K 387 -12.16 -17.35 -38.75
C THR K 387 -11.83 -17.75 -40.18
N SER K 388 -10.57 -17.57 -40.58
CA SER K 388 -10.13 -17.93 -41.93
C SER K 388 -9.79 -19.41 -41.99
N ILE K 389 -9.80 -20.05 -40.82
CA ILE K 389 -9.51 -21.48 -40.69
C ILE K 389 -10.82 -22.22 -40.58
N GLU K 390 -11.75 -21.65 -39.82
CA GLU K 390 -13.07 -22.25 -39.63
C GLU K 390 -13.76 -22.47 -40.98
N GLU K 391 -13.48 -21.60 -41.95
CA GLU K 391 -14.08 -21.72 -43.28
C GLU K 391 -13.38 -22.84 -44.04
N ARG K 392 -12.52 -23.58 -43.34
CA ARG K 392 -11.80 -24.68 -43.94
C ARG K 392 -11.45 -25.73 -42.87
N THR K 393 -11.91 -25.49 -41.66
CA THR K 393 -11.69 -26.44 -40.60
C THR K 393 -12.59 -27.52 -41.08
N ARG K 394 -12.01 -28.00 -42.23
CA ARG K 394 -12.36 -29.03 -43.19
C ARG K 394 -11.73 -28.65 -44.52
N LYS K 402 -10.41 -35.10 -46.56
CA LYS K 402 -10.81 -34.54 -47.85
C LYS K 402 -9.85 -34.91 -48.98
N GLU K 403 -10.36 -35.72 -49.93
CA GLU K 403 -9.58 -36.17 -51.08
C GLU K 403 -9.92 -35.36 -52.33
N LEU K 404 -10.78 -34.35 -52.15
CA LEU K 404 -11.20 -33.48 -53.25
C LEU K 404 -9.98 -32.79 -53.83
N GLY K 405 -9.40 -31.87 -53.06
CA GLY K 405 -8.20 -31.16 -53.50
C GLY K 405 -7.00 -32.06 -53.26
N LEU K 406 -7.24 -33.23 -52.65
CA LEU K 406 -6.17 -34.19 -52.37
C LEU K 406 -5.60 -34.68 -53.70
N VAL K 407 -6.28 -34.26 -54.76
CA VAL K 407 -5.90 -34.57 -56.13
C VAL K 407 -5.76 -33.25 -56.88
N ASP K 408 -6.55 -32.25 -56.48
CA ASP K 408 -6.53 -30.93 -57.10
C ASP K 408 -5.11 -30.37 -57.19
N GLY K 409 -4.25 -30.79 -56.28
CA GLY K 409 -2.88 -30.33 -56.24
C GLY K 409 -2.03 -30.81 -57.43
N GLN K 410 -2.53 -31.81 -58.15
CA GLN K 410 -1.83 -32.38 -59.30
C GLN K 410 -0.63 -33.23 -58.91
N GLU K 411 0.52 -33.00 -59.55
CA GLU K 411 1.75 -33.73 -59.29
C GLU K 411 2.83 -33.39 -60.33
N ALA K 413 2.54 -28.79 -58.30
CA ALA K 413 2.95 -28.79 -56.90
C ALA K 413 3.68 -27.49 -56.54
N VAL K 414 3.82 -27.30 -55.21
CA VAL K 414 4.55 -26.18 -54.56
C VAL K 414 3.64 -25.59 -53.50
N ALA K 415 2.83 -26.60 -52.96
CA ALA K 415 2.01 -26.42 -51.80
C ALA K 415 2.90 -25.48 -51.10
N ASP K 416 2.46 -24.65 -50.23
CA ASP K 416 3.34 -23.63 -49.63
C ASP K 416 2.91 -23.38 -48.19
N VAL K 417 3.84 -23.51 -47.26
CA VAL K 417 3.54 -23.35 -45.84
C VAL K 417 4.12 -22.10 -45.19
N THR K 418 3.60 -21.81 -43.99
CA THR K 418 4.02 -20.67 -43.18
C THR K 418 3.48 -20.90 -41.76
N THR K 419 4.38 -21.18 -40.82
CA THR K 419 3.98 -21.45 -39.44
C THR K 419 4.05 -20.24 -38.53
N PRO K 420 3.11 -20.21 -37.59
CA PRO K 420 2.98 -19.14 -36.62
C PRO K 420 4.31 -18.85 -35.97
N GLN K 421 4.99 -17.84 -36.50
CA GLN K 421 6.28 -17.43 -35.97
C GLN K 421 7.35 -18.51 -36.07
N THR K 422 6.98 -19.72 -36.48
CA THR K 422 8.02 -20.74 -36.57
C THR K 422 9.15 -20.08 -37.36
N VAL K 423 8.83 -19.58 -38.55
CA VAL K 423 9.81 -18.88 -39.38
C VAL K 423 9.15 -17.66 -39.97
N LEU K 424 9.96 -16.66 -40.24
CA LEU K 424 9.46 -15.41 -40.82
C LEU K 424 9.21 -15.65 -42.30
N PHE K 425 9.92 -16.62 -42.86
CA PHE K 425 9.83 -16.97 -44.27
C PHE K 425 8.56 -17.76 -44.63
N LYS K 426 8.39 -18.01 -45.92
CA LYS K 426 7.26 -18.78 -46.44
C LYS K 426 7.92 -20.06 -46.96
N LEU K 427 7.65 -21.20 -46.31
CA LEU K 427 8.25 -22.47 -46.71
C LEU K 427 7.62 -23.05 -47.97
N HIS K 428 8.48 -23.40 -48.93
CA HIS K 428 8.03 -23.94 -50.21
C HIS K 428 8.47 -25.39 -50.46
N PHE K 429 7.59 -26.35 -50.16
CA PHE K 429 7.88 -27.77 -50.34
C PHE K 429 7.01 -28.35 -51.49
N THR K 430 7.61 -29.20 -52.35
CA THR K 430 6.89 -29.81 -53.50
C THR K 430 6.52 -31.30 -53.32
N MET L 1 33.63 -55.05 -33.01
CA MET L 1 34.30 -53.70 -33.03
C MET L 1 34.14 -52.95 -31.70
N LEU L 2 35.20 -52.25 -31.31
CA LEU L 2 35.22 -51.52 -30.04
C LEU L 2 35.32 -50.00 -30.16
N ILE L 3 34.19 -49.30 -30.05
CA ILE L 3 34.16 -47.85 -30.13
C ILE L 3 33.97 -47.16 -28.78
N LYS L 4 34.37 -45.90 -28.71
CA LYS L 4 34.25 -45.10 -27.49
C LYS L 4 33.32 -43.92 -27.76
N VAL L 5 32.32 -43.74 -26.90
CA VAL L 5 31.37 -42.65 -27.05
C VAL L 5 31.46 -41.69 -25.86
N LYS L 6 32.34 -40.69 -26.01
CA LYS L 6 32.56 -39.67 -24.99
C LYS L 6 31.26 -38.99 -24.59
N THR L 7 30.90 -39.14 -23.32
CA THR L 7 29.67 -38.54 -22.80
C THR L 7 29.70 -37.02 -22.85
N LEU L 8 28.68 -36.38 -22.25
CA LEU L 8 28.60 -34.91 -22.26
C LEU L 8 29.37 -34.23 -21.13
N THR L 9 30.27 -34.98 -20.51
CA THR L 9 31.11 -34.48 -19.44
C THR L 9 32.46 -35.12 -19.70
N GLY L 10 32.65 -35.54 -20.96
CA GLY L 10 33.89 -36.16 -21.39
C GLY L 10 34.35 -37.42 -20.67
N LYS L 11 33.42 -38.18 -20.09
CA LYS L 11 33.79 -39.40 -19.38
C LYS L 11 34.38 -40.42 -20.33
N GLU L 12 33.72 -40.61 -21.48
CA GLU L 12 34.19 -41.54 -22.50
C GLU L 12 34.05 -43.01 -22.10
N ILE L 13 32.94 -43.62 -22.50
CA ILE L 13 32.70 -45.01 -22.21
C ILE L 13 33.04 -45.81 -23.46
N GLU L 14 33.42 -47.06 -23.28
CA GLU L 14 33.79 -47.93 -24.39
C GLU L 14 32.61 -48.88 -24.68
N ILE L 15 32.39 -49.17 -25.97
CA ILE L 15 31.28 -50.05 -26.35
C ILE L 15 31.65 -51.10 -27.42
N ASP L 16 30.93 -52.21 -27.39
CA ASP L 16 31.11 -53.30 -28.35
C ASP L 16 29.99 -53.17 -29.38
N ILE L 17 30.36 -52.81 -30.60
CA ILE L 17 29.35 -52.66 -31.65
C ILE L 17 29.87 -53.21 -32.96
N GLU L 18 29.03 -53.99 -33.64
CA GLU L 18 29.38 -54.56 -34.93
C GLU L 18 28.79 -53.64 -36.00
N PRO L 19 29.56 -53.33 -37.06
CA PRO L 19 29.11 -52.46 -38.15
C PRO L 19 27.80 -52.86 -38.82
N THR L 20 26.78 -53.16 -38.01
CA THR L 20 25.47 -53.53 -38.52
C THR L 20 24.42 -53.13 -37.50
N ASP L 21 24.89 -52.77 -36.30
CA ASP L 21 24.01 -52.34 -35.21
C ASP L 21 23.44 -50.98 -35.56
N LYS L 22 22.11 -50.87 -35.60
CA LYS L 22 21.49 -49.59 -35.90
C LYS L 22 22.03 -48.57 -34.90
N VAL L 23 22.10 -47.31 -35.30
CA VAL L 23 22.59 -46.27 -34.40
C VAL L 23 21.78 -46.38 -33.11
N GLU L 24 20.47 -46.55 -33.28
CA GLU L 24 19.50 -46.69 -32.18
C GLU L 24 20.01 -47.61 -31.08
N ARG L 25 20.69 -48.68 -31.48
CA ARG L 25 21.23 -49.65 -30.54
C ARG L 25 22.46 -49.07 -29.87
N ILE L 26 23.26 -48.34 -30.65
CA ILE L 26 24.46 -47.74 -30.11
C ILE L 26 24.11 -46.93 -28.88
N LYS L 27 22.93 -46.31 -28.90
CA LYS L 27 22.46 -45.50 -27.79
C LYS L 27 22.08 -46.38 -26.59
N GLU L 28 21.37 -47.47 -26.84
CA GLU L 28 20.97 -48.36 -25.76
C GLU L 28 22.22 -48.82 -25.03
N ARG L 29 23.30 -49.00 -25.79
CA ARG L 29 24.56 -49.45 -25.21
C ARG L 29 25.07 -48.41 -24.22
N VAL L 30 24.92 -47.15 -24.59
CA VAL L 30 25.36 -46.07 -23.73
C VAL L 30 24.47 -46.05 -22.49
N GLU L 31 23.16 -46.11 -22.68
CA GLU L 31 22.22 -46.08 -21.58
C GLU L 31 22.47 -47.23 -20.62
N GLU L 32 22.90 -48.36 -21.16
CA GLU L 32 23.17 -49.52 -20.32
C GLU L 32 24.29 -49.19 -19.35
N LYS L 33 25.37 -48.60 -19.86
CA LYS L 33 26.49 -48.26 -19.01
C LYS L 33 26.37 -46.95 -18.22
N GLU L 34 25.62 -45.98 -18.75
CA GLU L 34 25.48 -44.69 -18.08
C GLU L 34 24.12 -44.25 -17.53
N GLY L 35 23.03 -44.86 -17.99
CA GLY L 35 21.72 -44.47 -17.49
C GLY L 35 21.22 -43.19 -18.09
N ILE L 36 21.69 -42.95 -19.31
CA ILE L 36 21.35 -41.77 -20.10
C ILE L 36 20.22 -42.15 -21.05
N PRO L 37 18.97 -41.79 -20.72
CA PRO L 37 17.84 -42.12 -21.58
C PRO L 37 18.18 -41.92 -23.07
N PRO L 38 17.96 -42.95 -23.90
CA PRO L 38 18.27 -42.79 -25.33
C PRO L 38 17.54 -41.61 -25.92
N GLN L 39 16.35 -41.34 -25.36
CA GLN L 39 15.51 -40.24 -25.81
C GLN L 39 16.29 -38.95 -25.95
N GLN L 40 17.08 -38.64 -24.93
CA GLN L 40 17.84 -37.41 -24.91
C GLN L 40 19.33 -37.55 -25.23
N GLN L 41 19.66 -38.39 -26.19
CA GLN L 41 21.05 -38.52 -26.56
C GLN L 41 21.17 -38.00 -27.99
N ARG L 42 22.25 -37.28 -28.27
CA ARG L 42 22.48 -36.77 -29.62
C ARG L 42 23.94 -37.08 -29.93
N LEU L 43 24.15 -38.14 -30.67
CA LEU L 43 25.49 -38.57 -31.01
C LEU L 43 26.04 -37.77 -32.17
N ILE L 44 27.35 -37.59 -32.18
CA ILE L 44 27.97 -36.85 -33.25
C ILE L 44 29.31 -37.43 -33.64
N TYR L 45 29.38 -37.95 -34.86
CA TYR L 45 30.61 -38.50 -35.39
C TYR L 45 31.09 -37.57 -36.50
N SER L 46 32.25 -36.97 -36.29
CA SER L 46 32.84 -36.04 -37.26
C SER L 46 31.76 -35.24 -37.99
N GLY L 47 31.20 -34.27 -37.28
CA GLY L 47 30.18 -33.43 -37.87
C GLY L 47 28.82 -34.08 -37.96
N LYS L 48 28.70 -35.10 -38.81
CA LYS L 48 27.43 -35.79 -38.97
C LYS L 48 26.85 -36.14 -37.61
N GLN L 49 25.55 -35.98 -37.46
CA GLN L 49 24.90 -36.34 -36.21
C GLN L 49 24.13 -37.63 -36.46
N MET L 50 24.54 -38.71 -35.78
CA MET L 50 23.91 -40.02 -35.92
C MET L 50 22.39 -40.08 -35.89
N ASN L 51 21.83 -40.72 -36.90
CA ASN L 51 20.39 -40.91 -37.00
C ASN L 51 20.17 -42.30 -36.43
N ASP L 52 19.40 -42.39 -35.35
CA ASP L 52 19.16 -43.68 -34.71
C ASP L 52 18.37 -44.70 -35.55
N GLU L 53 18.40 -44.54 -36.87
CA GLU L 53 17.72 -45.46 -37.77
C GLU L 53 18.70 -46.14 -38.72
N LYS L 54 19.88 -45.54 -38.89
CA LYS L 54 20.93 -46.07 -39.75
C LYS L 54 21.83 -47.03 -38.97
N THR L 55 22.95 -47.40 -39.57
CA THR L 55 23.86 -48.33 -38.90
C THR L 55 25.26 -47.76 -38.72
N ALA L 56 25.95 -48.23 -37.69
CA ALA L 56 27.30 -47.78 -37.40
C ALA L 56 28.12 -47.73 -38.69
N ALA L 57 27.90 -48.70 -39.56
CA ALA L 57 28.61 -48.77 -40.83
C ALA L 57 28.15 -47.61 -41.70
N ASP L 58 26.84 -47.35 -41.69
CA ASP L 58 26.29 -46.26 -42.48
C ASP L 58 27.07 -44.96 -42.30
N TYR L 59 27.67 -44.75 -41.12
CA TYR L 59 28.44 -43.54 -40.84
C TYR L 59 29.96 -43.72 -40.91
N LYS L 60 30.40 -44.87 -41.39
CA LYS L 60 31.83 -45.17 -41.51
C LYS L 60 32.53 -45.29 -40.16
N ILE L 61 31.77 -45.72 -39.14
CA ILE L 61 32.32 -45.89 -37.80
C ILE L 61 33.21 -47.13 -37.79
N LEU L 62 34.47 -46.96 -37.41
CA LEU L 62 35.40 -48.09 -37.40
C LEU L 62 36.38 -48.09 -36.23
N GLY L 63 36.75 -49.30 -35.79
CA GLY L 63 37.70 -49.46 -34.70
C GLY L 63 37.52 -48.50 -33.53
N GLY L 64 38.62 -47.89 -33.10
CA GLY L 64 38.57 -46.96 -31.97
C GLY L 64 38.14 -45.55 -32.31
N SER L 65 37.08 -45.42 -33.10
CA SER L 65 36.55 -44.11 -33.48
C SER L 65 35.77 -43.54 -32.30
N VAL L 66 35.90 -42.24 -32.08
CA VAL L 66 35.22 -41.59 -30.96
C VAL L 66 33.94 -40.87 -31.35
N LEU L 67 32.86 -41.20 -30.65
CA LEU L 67 31.57 -40.57 -30.88
C LEU L 67 31.34 -39.59 -29.74
N HIS L 68 30.64 -38.49 -29.99
CA HIS L 68 30.37 -37.51 -28.94
C HIS L 68 28.91 -37.25 -28.65
N LEU L 69 28.55 -37.34 -27.38
CA LEU L 69 27.20 -37.03 -26.99
C LEU L 69 27.24 -35.52 -26.99
N VAL L 70 26.15 -34.89 -27.42
CA VAL L 70 26.15 -33.45 -27.48
C VAL L 70 24.77 -32.92 -27.14
N LEU L 71 24.64 -31.58 -27.03
CA LEU L 71 23.36 -30.99 -26.69
C LEU L 71 23.20 -29.54 -27.10
N ALA L 72 21.94 -29.14 -27.31
CA ALA L 72 21.59 -27.76 -27.67
C ALA L 72 20.71 -27.29 -26.51
N LEU L 73 20.85 -26.04 -26.10
CA LEU L 73 20.10 -25.54 -24.95
C LEU L 73 19.12 -24.39 -25.22
N ARG L 74 18.03 -24.37 -24.46
CA ARG L 74 16.97 -23.38 -24.61
C ARG L 74 17.15 -22.02 -23.94
N GLY L 75 17.51 -22.02 -22.66
CA GLY L 75 17.68 -20.78 -21.92
C GLY L 75 18.70 -19.77 -22.42
N GLY L 76 18.68 -18.59 -21.78
CA GLY L 76 19.59 -17.53 -22.16
C GLY L 76 19.51 -16.33 -21.22
#